data_9GBV
#
_entry.id   9GBV
#
_cell.length_a   1.00
_cell.length_b   1.00
_cell.length_c   1.00
_cell.angle_alpha   90.00
_cell.angle_beta   90.00
_cell.angle_gamma   90.00
#
_symmetry.space_group_name_H-M   'P 1'
#
loop_
_entity.id
_entity.type
_entity.pdbx_description
1 polymer 'DNA gyrase subunit A'
2 polymer 'DNA gyrase subunit B'
3 polymer 'Mu217 DNA (159-MER)'
4 polymer 'Mu217 DNA (159-MER)'
5 non-polymer 'MAGNESIUM ION'
#
loop_
_entity_poly.entity_id
_entity_poly.type
_entity_poly.pdbx_seq_one_letter_code
_entity_poly.pdbx_strand_id
1 'polypeptide(L)'
;SSDLAREITPVNIEEELKSSYLDYAMSVIVGRALPDVRDGLKPVHRRVLYAMNVLGNDWNKAYKKSARVVGDVIGKYHPH
GDSAVYDTIVRMAQPFSLRYMLVDGQGNFGSIDGDSAAAMRYTEIRLAKIAHELMADLEKETVDFVDNYDGTEKIPDVMP
TKIPNLLVNGSSGIAVGMATNIPPHNLTEVINGCLAYIDDEDISIEGLMEHIPGPDFPTAAIINGRRGIEEAYRTGRGKV
YIRARAEVEVDAKTGRETIIVHEIPYQVNKARLIEKIAELVKEKRVEGISALRDESDKDGMRIVIEVKRDAVGEVVLNNL
YSQTQLQVSFGINMVALHHGQPKIMNLKDIIAAFVRHRREVVTRRTIFELRKARDRAHILEALAVALANIDPIIELIRHA
PTPAEAKTALVANPWQLGNVAAMLERAGDDAARPEWLEPEFGVRDGLYYLTEQQAQAILDLRLQKLTGLEHEKLLDEYKE
LLDQIAELLRILGSADRLMEVIREELELVREQFGDKRRTEITANSADINLEDLITQEDVVVTLSHQGYVKYQPLSEYEAQ
RRGGKGKSAARIKEEDFIDRLLVANTHDHILCFSSRGRVYSMKVYQLPEATRGARGRPIVNLLPLEQDERITAILPVTEF
EEGVKVFMATANGTVKKTVLTEFNRLRTAGKVAIKLVDGDELIGVDLTSGEDEVMLFSAEGKVVRFKESSVRAMGCNTTG
VRGIRLGEGDKVVSLIVPRGDGAILTATQNGYGKRTAVAEYPTKSRATKGVISIKVTERNGLVVGAVQVDDCDQIMMITD
AGTLVRTRVSEISIVGRNTQGVILIRTAEDENVVGLQRVAEPVDEEDLDTIDGSAAEGDDEIAPEVDVDDEPEEELEVLF
;
A,C
2 'polypeptide(L)'
;GPSNSYDSSSIKVLKGLDAVRKRPGMYIGDTDDGTGLHHMVFEVVDNAIDEALAGHCKEIIVTIHADNSVSVQDDGRGIP
TGIHPEEGVSAAEVIMTVLHAGGKFDDNSYKVSGGLHGVGVSVVNALSQKLELVIQREGKIHRQIYEHGVPQAPLAVTGE
TEKTGTMVRFWPSLETFTNVTEFEYEILAKRLRELSFLNSGVSIRLRDKRDGKEDHFHYEGGIKAFVEYLNKNKTPIHPN
IFYFSTEKDGIGVEVALQWNDGFQENIYCFTNNIPQRDGGTHLAGFRAAMTRTLNAYMDKEGYSKKAKVSATGDDAREGL
IAVVSVKVPDPKFSSQTKDKLVSSEVKSAVEQQMNELLAEYLLENPTDAKIVVGKIIDAARAREAARRAREMTRRKGALD
LAGLPGKLADCQERDPALSELYLVEGDSAGGSAKQGRNRKNQAILPLKGKILNVEKARFDKMLSSQEVATLITALGCGIG
RDEYNPDKLRYHSIIIMTDADVDGSHIRTLLLTFFYRQMPEIVERGHVYIAQPPLYKVKKGKQEQYIKDDEAMDQYQISI
ALDGATLHTNASAPALAGEALEKLVSEYNATQKMINRMERRYPKAMLKELIYQPTLTEADLSDEQTVTRWVNALVSELND
KEQHGSQWKFDVHTNAEQNLFEPIVRVRTHGVDTDYPLDHEFITGGEYRRICTLGEKLRGLLEEDAFIERGERRQPVASF
EQALDWLVKESRRGLSIQRYKGLGEMNPEQLWETTMDPESRRMLRVTVKDAIAADQLFTTLMGDAVEPRRAFIEENALKA
ANIDIENLYFQ
;
B,D
3 'polydeoxyribonucleotide'
;(DT)(DT)(DC)(DC)(DT)(DG)(DC)(DG)(DC)(DG)(DT)(DC)(DC)(DT)(DT)(DA)(DT)(DA)(DT)(DG)
(DG)(DG)(DG)(DC)(DT)(DG)(DG)(DA)(DT)(DA)(DA)(DG)(DA)(DC)(DC)(DG)(DG)(DG)(DG)(DA)
(DA)(DC)(DA)(DG)(DG)(DA)(DA)(DA)(DT)(DT)(DT)(DT)(DT)(DG)(DA)(DT)(DG)(DC)(DC)(DA)
(DT)(DC)(DA)(DG)(DA)(DA)(DA)(DA)(DC)(DG)(DC)(DG)(DT)(DC)(DA)(DG)(DC)(DG)(DC)(DC)
(DG)(DC)(DT)(DC)(DT)(DG)(DA)(DG)(DG)(DC)(DA)(DA)(DT)(DA)(DA)(DA)(DC)(DA)(DG)(DA)
(DA)(DT)(DC)(DA)(DG)(DG)(DC)(DA)(DT)(DA)(DA)(DA)(DA)(DT)(DC)(DA)(DC)(DC)(DC)(DG)
(DC)(DA)(DC)(DA)(DG)(DA)(DT)(DT)(DT)(DT)(DT)(DT)(DA)(DA)(DA)(DA)(DC)(DG)(DC)(DG)
(DC)(DC)(DA)(DC)(DG)(DG)(DG)(DA)(DT)(DT)(DT)(DT)(DT)(DA)(DA)(DA)(DC)(DC)(DG)(DG)
(DT)(DA)(DT)(DT)(DT)(DA)(DA)(DC)(DG)(DG)(DT)(DG)(DT)(DA)(DT)(DG)(DA)(DA)(DT)(DC)
(DC)(DC)(DG)(DT)(DT)(DT)(DT)(DA)(DT)(DC)(DT)(DT)(DC)(DC)(DT)(DT)(DT)(DC)(DA)(DC)
(DT)(DT)(DT)(DC)(DT)(DT)(DT)(DC)(DT)(DC)(DC)(DA)(DG)(DT)
;
E
4 'polydeoxyribonucleotide'
;(DA)(DC)(DT)(DG)(DG)(DA)(DG)(DA)(DA)(DA)(DG)(DA)(DA)(DA)(DG)(DT)(DG)(DA)(DA)(DA)
(DG)(DG)(DA)(DA)(DG)(DA)(DT)(DA)(DA)(DA)(DA)(DC)(DG)(DG)(DG)(DA)(DT)(DT)(DC)(DA)
(DT)(DA)(DC)(DA)(DC)(DC)(DG)(DT)(DT)(DA)(DA)(DA)(DT)(DA)(DC)(DC)(DG)(DG)(DT)(DT)
(DT)(DA)(DA)(DA)(DA)(DA)(DT)(DC)(DC)(DC)(DG)(DT)(DG)(DG)(DC)(DG)(DC)(DG)(DT)(DT)
(DT)(DT)(DA)(DA)(DA)(DA)(DA)(DA)(DT)(DC)(DT)(DG)(DT)(DG)(DC)(DG)(DG)(DG)(DT)(DG)
(DA)(DT)(DT)(DT)(DT)(DA)(DT)(DG)(DC)(DC)(DT)(DG)(DA)(DT)(DT)(DC)(DT)(DG)(DT)(DT)
(DT)(DA)(DT)(DT)(DG)(DC)(DC)(DT)(DC)(DA)(DG)(DA)(DG)(DC)(DG)(DG)(DC)(DG)(DC)(DT)
(DG)(DA)(DC)(DG)(DC)(DG)(DT)(DT)(DT)(DT)(DC)(DT)(DG)(DA)(DT)(DG)(DG)(DC)(DA)(DT)
(DC)(DA)(DA)(DA)(DA)(DA)(DT)(DT)(DT)(DC)(DC)(DT)(DG)(DT)(DT)(DC)(DC)(DC)(DC)(DG)
(DG)(DT)(DC)(DT)(DT)(DA)(DT)(DC)(DC)(DA)(DG)(DC)(DC)(DC)(DC)(DA)(DT)(DA)(DT)(DA)
(DA)(DG)(DG)(DA)(DC)(DG)(DC)(DG)(DC)(DA)(DG)(DG)(DA)(DA)
;
F
#
loop_
_chem_comp.id
_chem_comp.type
_chem_comp.name
_chem_comp.formula
DA DNA linking 2'-DEOXYADENOSINE-5'-MONOPHOSPHATE 'C10 H14 N5 O6 P'
DC DNA linking 2'-DEOXYCYTIDINE-5'-MONOPHOSPHATE 'C9 H14 N3 O7 P'
DG DNA linking 2'-DEOXYGUANOSINE-5'-MONOPHOSPHATE 'C10 H14 N5 O7 P'
DT DNA linking THYMIDINE-5'-MONOPHOSPHATE 'C10 H15 N2 O8 P'
MG non-polymer 'MAGNESIUM ION' 'Mg 2'
#
# COMPACT_ATOMS: atom_id res chain seq x y z
N ARG A 6 -43.51 0.75 -4.70
CA ARG A 6 -43.72 0.06 -3.44
C ARG A 6 -42.39 -0.19 -2.72
N GLU A 7 -42.43 -0.14 -1.38
CA GLU A 7 -41.23 -0.37 -0.61
C GLU A 7 -40.84 -1.85 -0.60
N ILE A 8 -41.82 -2.74 -0.57
CA ILE A 8 -41.60 -4.17 -0.45
C ILE A 8 -42.16 -4.85 -1.70
N THR A 9 -41.38 -5.77 -2.27
CA THR A 9 -41.80 -6.53 -3.44
C THR A 9 -41.35 -7.98 -3.26
N PRO A 10 -42.27 -8.93 -3.37
CA PRO A 10 -41.88 -10.34 -3.20
C PRO A 10 -41.01 -10.84 -4.35
N VAL A 11 -40.19 -11.84 -4.04
CA VAL A 11 -39.31 -12.44 -5.03
C VAL A 11 -39.04 -13.89 -4.63
N ASN A 12 -39.02 -14.78 -5.61
CA ASN A 12 -38.71 -16.18 -5.36
C ASN A 12 -37.21 -16.38 -5.21
N ILE A 13 -36.85 -17.36 -4.37
CA ILE A 13 -35.44 -17.57 -4.05
C ILE A 13 -34.69 -18.17 -5.24
N GLU A 14 -35.35 -19.03 -6.01
CA GLU A 14 -34.67 -19.74 -7.09
C GLU A 14 -34.15 -18.78 -8.15
N GLU A 15 -34.97 -17.81 -8.55
CA GLU A 15 -34.55 -16.86 -9.58
C GLU A 15 -33.37 -16.02 -9.10
N GLU A 16 -33.44 -15.54 -7.87
CA GLU A 16 -32.35 -14.73 -7.32
C GLU A 16 -31.05 -15.52 -7.28
N LEU A 17 -31.11 -16.74 -6.75
CA LEU A 17 -29.92 -17.58 -6.67
C LEU A 17 -29.34 -17.84 -8.05
N LYS A 18 -30.20 -18.23 -8.99
CA LYS A 18 -29.73 -18.55 -10.33
C LYS A 18 -29.08 -17.35 -11.00
N SER A 19 -29.75 -16.19 -10.94
CA SER A 19 -29.21 -14.99 -11.60
C SER A 19 -27.89 -14.58 -10.99
N SER A 20 -27.81 -14.52 -9.65
CA SER A 20 -26.58 -14.08 -9.01
C SER A 20 -25.43 -15.03 -9.30
N TYR A 21 -25.67 -16.34 -9.19
CA TYR A 21 -24.59 -17.29 -9.40
C TYR A 21 -24.14 -17.32 -10.85
N LEU A 22 -25.09 -17.22 -11.80
CA LEU A 22 -24.71 -17.17 -13.20
C LEU A 22 -23.90 -15.92 -13.52
N ASP A 23 -24.29 -14.77 -12.97
CA ASP A 23 -23.54 -13.54 -13.19
C ASP A 23 -22.12 -13.68 -12.66
N TYR A 24 -21.97 -14.18 -11.43
CA TYR A 24 -20.63 -14.34 -10.86
C TYR A 24 -19.79 -15.31 -11.67
N ALA A 25 -20.39 -16.45 -12.06
CA ALA A 25 -19.64 -17.45 -12.80
C ALA A 25 -19.17 -16.91 -14.15
N MET A 26 -20.05 -16.20 -14.86
CA MET A 26 -19.66 -15.64 -16.16
C MET A 26 -18.57 -14.60 -15.99
N SER A 27 -18.68 -13.74 -14.97
CA SER A 27 -17.65 -12.73 -14.74
C SER A 27 -16.31 -13.40 -14.48
N VAL A 28 -16.28 -14.43 -13.63
CA VAL A 28 -15.03 -15.10 -13.32
C VAL A 28 -14.46 -15.80 -14.56
N ILE A 29 -15.32 -16.48 -15.32
CA ILE A 29 -14.84 -17.24 -16.46
C ILE A 29 -14.26 -16.32 -17.54
N VAL A 30 -14.95 -15.22 -17.84
CA VAL A 30 -14.56 -14.39 -18.98
C VAL A 30 -13.60 -13.26 -18.62
N GLY A 31 -13.43 -12.95 -17.33
CA GLY A 31 -12.63 -11.78 -17.02
C GLY A 31 -11.49 -11.94 -16.03
N ARG A 32 -11.33 -13.11 -15.42
CA ARG A 32 -10.31 -13.16 -14.38
C ARG A 32 -9.31 -14.30 -14.54
N ALA A 33 -9.75 -15.48 -14.97
CA ALA A 33 -8.94 -16.68 -14.80
C ALA A 33 -8.41 -17.28 -16.10
N LEU A 34 -9.02 -17.00 -17.24
CA LEU A 34 -8.54 -17.74 -18.40
C LEU A 34 -7.77 -16.84 -19.35
N PRO A 35 -6.72 -17.35 -19.99
CA PRO A 35 -5.93 -16.55 -20.91
C PRO A 35 -6.52 -16.54 -22.33
N ASP A 36 -6.12 -15.53 -23.09
CA ASP A 36 -6.51 -15.42 -24.48
C ASP A 36 -5.57 -16.24 -25.36
N VAL A 37 -6.13 -16.80 -26.44
CA VAL A 37 -5.33 -17.68 -27.28
C VAL A 37 -4.37 -16.91 -28.19
N ARG A 38 -4.64 -15.63 -28.43
CA ARG A 38 -3.81 -14.87 -29.37
C ARG A 38 -2.53 -14.35 -28.73
N ASP A 39 -2.57 -13.99 -27.45
CA ASP A 39 -1.38 -13.48 -26.78
C ASP A 39 -1.04 -14.21 -25.48
N GLY A 40 -1.90 -15.08 -24.98
CA GLY A 40 -1.60 -15.83 -23.77
C GLY A 40 -1.47 -14.99 -22.52
N LEU A 41 -2.35 -14.00 -22.34
CA LEU A 41 -2.27 -13.11 -21.19
C LEU A 41 -3.64 -12.98 -20.54
N LYS A 42 -3.63 -12.87 -19.23
CA LYS A 42 -4.80 -12.50 -18.44
C LYS A 42 -4.94 -10.99 -18.40
N PRO A 43 -6.13 -10.47 -18.08
CA PRO A 43 -6.31 -9.01 -18.11
C PRO A 43 -5.35 -8.25 -17.19
N VAL A 44 -5.01 -8.82 -16.03
CA VAL A 44 -4.14 -8.12 -15.09
C VAL A 44 -2.74 -7.97 -15.68
N HIS A 45 -2.21 -9.02 -16.32
CA HIS A 45 -0.89 -8.92 -16.94
C HIS A 45 -0.87 -7.86 -18.03
N ARG A 46 -1.89 -7.85 -18.88
CA ARG A 46 -1.95 -6.87 -19.96
C ARG A 46 -2.04 -5.45 -19.42
N ARG A 47 -2.85 -5.24 -18.38
CA ARG A 47 -2.98 -3.91 -17.80
C ARG A 47 -1.67 -3.46 -17.15
N VAL A 48 -0.98 -4.36 -16.45
CA VAL A 48 0.30 -4.01 -15.83
C VAL A 48 1.31 -3.63 -16.91
N LEU A 49 1.39 -4.43 -17.97
CA LEU A 49 2.34 -4.14 -19.05
C LEU A 49 2.02 -2.82 -19.72
N TYR A 50 0.73 -2.55 -19.96
CA TYR A 50 0.35 -1.30 -20.59
C TYR A 50 0.68 -0.10 -19.72
N ALA A 51 0.44 -0.23 -18.40
CA ALA A 51 0.77 0.87 -17.50
C ALA A 51 2.28 1.12 -17.47
N MET A 52 3.08 0.06 -17.43
CA MET A 52 4.52 0.22 -17.44
C MET A 52 5.01 0.84 -18.74
N ASN A 53 4.39 0.47 -19.86
CA ASN A 53 4.74 1.09 -21.14
C ASN A 53 4.37 2.57 -21.16
N VAL A 54 3.21 2.92 -20.62
CA VAL A 54 2.77 4.31 -20.59
C VAL A 54 3.70 5.14 -19.72
N LEU A 55 4.17 4.57 -18.60
CA LEU A 55 5.09 5.29 -17.73
C LEU A 55 6.45 5.53 -18.36
N GLY A 56 6.75 4.90 -19.49
CA GLY A 56 8.07 5.02 -20.10
C GLY A 56 9.16 4.35 -19.29
N ASN A 57 8.88 3.19 -18.73
CA ASN A 57 9.85 2.44 -17.92
C ASN A 57 10.50 1.40 -18.83
N ASP A 58 11.44 1.87 -19.64
CA ASP A 58 12.06 1.04 -20.67
C ASP A 58 13.15 0.15 -20.06
N TRP A 59 13.70 -0.73 -20.89
CA TRP A 59 14.68 -1.71 -20.44
C TRP A 59 16.09 -1.15 -20.30
N ASN A 60 16.37 0.03 -20.83
CA ASN A 60 17.70 0.62 -20.77
C ASN A 60 17.70 1.96 -20.04
N LYS A 61 16.85 2.09 -19.04
CA LYS A 61 16.77 3.30 -18.22
C LYS A 61 16.80 2.91 -16.75
N ALA A 62 16.65 3.91 -15.89
CA ALA A 62 16.74 3.68 -14.45
C ALA A 62 15.50 2.94 -13.93
N TYR A 63 15.68 2.25 -12.81
CA TYR A 63 14.59 1.54 -12.17
C TYR A 63 13.61 2.51 -11.53
N LYS A 64 12.41 2.00 -11.22
CA LYS A 64 11.38 2.76 -10.54
C LYS A 64 10.85 1.96 -9.37
N LYS A 65 10.36 2.68 -8.36
CA LYS A 65 9.77 2.03 -7.19
C LYS A 65 8.52 1.25 -7.57
N SER A 66 8.33 0.09 -6.93
CA SER A 66 7.18 -0.73 -7.22
C SER A 66 5.88 -0.09 -6.76
N ALA A 67 5.92 0.66 -5.66
CA ALA A 67 4.71 1.28 -5.13
C ALA A 67 4.09 2.25 -6.13
N ARG A 68 4.93 2.98 -6.87
CA ARG A 68 4.43 3.92 -7.87
C ARG A 68 3.66 3.19 -8.97
N VAL A 69 4.22 2.09 -9.47
CA VAL A 69 3.56 1.32 -10.52
C VAL A 69 2.27 0.72 -10.01
N VAL A 70 2.29 0.16 -8.80
CA VAL A 70 1.08 -0.43 -8.22
C VAL A 70 0.00 0.64 -8.07
N GLY A 71 0.38 1.82 -7.58
CA GLY A 71 -0.58 2.90 -7.44
C GLY A 71 -1.18 3.33 -8.75
N ASP A 72 -0.36 3.45 -9.79
CA ASP A 72 -0.87 3.82 -11.11
C ASP A 72 -1.86 2.77 -11.62
N VAL A 73 -1.49 1.49 -11.51
CA VAL A 73 -2.35 0.42 -12.01
C VAL A 73 -3.68 0.41 -11.27
N ILE A 74 -3.64 0.57 -9.94
CA ILE A 74 -4.87 0.53 -9.15
C ILE A 74 -5.72 1.75 -9.44
N GLY A 75 -5.11 2.93 -9.54
CA GLY A 75 -5.87 4.15 -9.69
C GLY A 75 -6.41 4.40 -11.09
N LYS A 76 -5.84 3.76 -12.11
CA LYS A 76 -6.29 4.04 -13.47
C LYS A 76 -6.92 2.86 -14.20
N TYR A 77 -6.53 1.63 -13.90
CA TYR A 77 -7.04 0.54 -14.75
C TYR A 77 -7.68 -0.60 -13.97
N HIS A 78 -7.14 -0.96 -12.82
CA HIS A 78 -7.60 -2.16 -12.11
C HIS A 78 -8.37 -1.79 -10.86
N PRO A 79 -9.68 -2.01 -10.82
CA PRO A 79 -10.49 -1.65 -9.63
C PRO A 79 -10.53 -2.79 -8.60
N HIS A 80 -9.38 -3.15 -8.06
CA HIS A 80 -9.27 -4.24 -7.10
C HIS A 80 -8.20 -3.87 -6.09
N GLY A 81 -7.79 -4.87 -5.29
CA GLY A 81 -6.77 -4.64 -4.28
C GLY A 81 -5.38 -4.54 -4.86
N ASP A 82 -4.44 -4.13 -3.99
CA ASP A 82 -3.07 -3.86 -4.40
C ASP A 82 -2.10 -4.99 -4.07
N SER A 83 -2.34 -5.73 -2.99
CA SER A 83 -1.46 -6.83 -2.62
C SER A 83 -1.45 -7.91 -3.70
N ALA A 84 -2.61 -8.24 -4.25
CA ALA A 84 -2.67 -9.22 -5.33
C ALA A 84 -1.92 -8.73 -6.56
N VAL A 85 -2.02 -7.43 -6.87
CA VAL A 85 -1.30 -6.88 -8.01
C VAL A 85 0.20 -6.99 -7.78
N TYR A 86 0.67 -6.67 -6.58
CA TYR A 86 2.10 -6.78 -6.29
C TYR A 86 2.56 -8.22 -6.38
N ASP A 87 1.77 -9.16 -5.87
CA ASP A 87 2.13 -10.57 -5.97
C ASP A 87 2.20 -11.02 -7.42
N THR A 88 1.28 -10.54 -8.26
CA THR A 88 1.33 -10.85 -9.68
C THR A 88 2.59 -10.30 -10.33
N ILE A 89 2.97 -9.07 -9.94
CA ILE A 89 4.18 -8.47 -10.49
C ILE A 89 5.42 -9.27 -10.08
N VAL A 90 5.43 -9.77 -8.84
CA VAL A 90 6.60 -10.50 -8.34
C VAL A 90 6.83 -11.76 -9.15
N ARG A 91 5.76 -12.49 -9.47
CA ARG A 91 5.92 -13.79 -10.14
C ARG A 91 6.52 -13.65 -11.53
N MET A 92 6.26 -12.53 -12.21
CA MET A 92 6.76 -12.32 -13.56
C MET A 92 8.25 -11.97 -13.60
N ALA A 93 8.94 -11.99 -12.47
CA ALA A 93 10.36 -11.68 -12.42
C ALA A 93 11.22 -12.81 -11.88
N GLN A 94 10.63 -13.90 -11.43
CA GLN A 94 11.39 -14.99 -10.85
C GLN A 94 11.90 -15.92 -11.94
N PRO A 95 13.21 -16.18 -12.03
CA PRO A 95 13.72 -17.05 -13.11
C PRO A 95 13.26 -18.49 -13.01
N PHE A 96 12.82 -18.95 -11.84
CA PHE A 96 12.38 -20.32 -11.65
C PHE A 96 10.88 -20.49 -11.82
N SER A 97 10.18 -19.44 -12.26
CA SER A 97 8.75 -19.50 -12.52
C SER A 97 8.38 -19.33 -13.98
N LEU A 98 9.12 -18.52 -14.73
CA LEU A 98 8.86 -18.27 -16.13
C LEU A 98 10.07 -18.70 -16.96
N ARG A 99 9.80 -19.33 -18.10
CA ARG A 99 10.87 -19.72 -19.00
C ARG A 99 11.56 -18.49 -19.61
N TYR A 100 10.80 -17.42 -19.86
CA TYR A 100 11.34 -16.16 -20.35
C TYR A 100 10.72 -15.03 -19.53
N MET A 101 11.50 -14.45 -18.64
CA MET A 101 10.98 -13.42 -17.74
C MET A 101 10.59 -12.16 -18.51
N LEU A 102 9.53 -11.51 -18.05
CA LEU A 102 9.03 -10.29 -18.67
C LEU A 102 9.35 -9.03 -17.87
N VAL A 103 9.81 -9.17 -16.63
CA VAL A 103 10.10 -8.04 -15.76
C VAL A 103 11.50 -8.21 -15.19
N ASP A 104 12.28 -7.12 -15.18
CA ASP A 104 13.61 -7.12 -14.58
C ASP A 104 13.53 -6.48 -13.20
N GLY A 105 14.05 -7.18 -12.20
CA GLY A 105 13.93 -6.74 -10.83
C GLY A 105 15.22 -6.35 -10.15
N GLN A 106 15.12 -5.60 -9.06
CA GLN A 106 16.29 -5.16 -8.29
C GLN A 106 15.97 -5.35 -6.81
N GLY A 107 16.68 -6.28 -6.17
CA GLY A 107 16.46 -6.54 -4.76
C GLY A 107 16.14 -7.98 -4.45
N ASN A 108 15.46 -8.22 -3.34
CA ASN A 108 15.09 -9.57 -2.91
C ASN A 108 13.72 -9.93 -3.46
N PHE A 109 13.67 -10.94 -4.33
CA PHE A 109 12.44 -11.40 -4.94
C PHE A 109 12.14 -12.86 -4.60
N GLY A 110 12.67 -13.33 -3.47
CA GLY A 110 12.45 -14.70 -3.04
C GLY A 110 13.43 -15.67 -3.66
N SER A 111 13.31 -16.92 -3.23
CA SER A 111 14.19 -17.99 -3.68
C SER A 111 13.38 -19.27 -3.80
N ILE A 112 14.04 -20.32 -4.29
CA ILE A 112 13.38 -21.63 -4.45
C ILE A 112 13.32 -22.41 -3.15
N ASP A 113 13.96 -21.91 -2.09
CA ASP A 113 13.91 -22.57 -0.79
C ASP A 113 12.68 -22.20 0.02
N GLY A 114 11.82 -21.34 -0.50
CA GLY A 114 10.62 -20.92 0.20
C GLY A 114 10.69 -19.54 0.80
N ASP A 115 11.77 -18.79 0.57
CA ASP A 115 11.86 -17.43 1.08
C ASP A 115 10.84 -16.53 0.38
N SER A 116 10.27 -15.61 1.14
CA SER A 116 9.29 -14.67 0.61
C SER A 116 9.98 -13.40 0.12
N ALA A 117 9.36 -12.75 -0.86
CA ALA A 117 9.91 -11.52 -1.40
C ALA A 117 9.77 -10.39 -0.38
N ALA A 118 10.59 -9.35 -0.57
CA ALA A 118 10.55 -8.20 0.31
C ALA A 118 9.28 -7.39 0.06
N ALA A 119 9.00 -6.47 0.99
CA ALA A 119 7.84 -5.61 0.86
C ALA A 119 8.02 -4.66 -0.32
N MET A 120 6.89 -4.15 -0.82
CA MET A 120 6.92 -3.33 -2.03
C MET A 120 7.54 -1.96 -1.82
N ARG A 121 7.91 -1.61 -0.59
CA ARG A 121 8.60 -0.36 -0.32
C ARG A 121 10.11 -0.48 -0.43
N TYR A 122 10.62 -1.65 -0.82
CA TYR A 122 12.06 -1.87 -0.97
C TYR A 122 12.51 -2.11 -2.40
N THR A 123 11.69 -2.76 -3.23
CA THR A 123 12.14 -3.27 -4.51
C THR A 123 11.92 -2.25 -5.63
N GLU A 124 12.60 -2.49 -6.75
CA GLU A 124 12.49 -1.67 -7.95
C GLU A 124 12.42 -2.57 -9.17
N ILE A 125 11.69 -2.12 -10.19
CA ILE A 125 11.42 -2.93 -11.37
C ILE A 125 11.57 -2.08 -12.64
N ARG A 126 11.71 -2.78 -13.77
CA ARG A 126 11.67 -2.17 -15.08
C ARG A 126 11.37 -3.26 -16.11
N LEU A 127 10.99 -2.83 -17.31
CA LEU A 127 10.61 -3.77 -18.36
C LEU A 127 11.82 -4.57 -18.83
N ALA A 128 11.56 -5.80 -19.27
CA ALA A 128 12.57 -6.65 -19.87
C ALA A 128 12.68 -6.38 -21.36
N LYS A 129 13.80 -6.80 -21.94
CA LYS A 129 14.05 -6.52 -23.35
C LYS A 129 13.06 -7.24 -24.26
N ILE A 130 12.74 -8.50 -23.94
CA ILE A 130 11.82 -9.26 -24.78
C ILE A 130 10.39 -8.75 -24.65
N ALA A 131 10.08 -8.01 -23.58
CA ALA A 131 8.73 -7.49 -23.40
C ALA A 131 8.37 -6.43 -24.42
N HIS A 132 9.36 -5.75 -25.00
CA HIS A 132 9.06 -4.76 -26.03
C HIS A 132 8.58 -5.38 -27.32
N GLU A 133 8.85 -6.67 -27.54
CA GLU A 133 8.37 -7.34 -28.74
C GLU A 133 6.87 -7.66 -28.67
N LEU A 134 6.30 -7.73 -27.47
CA LEU A 134 4.89 -8.00 -27.31
C LEU A 134 4.02 -6.77 -27.59
N MET A 135 4.58 -5.57 -27.53
CA MET A 135 3.83 -4.34 -27.72
C MET A 135 4.37 -3.51 -28.88
N ALA A 136 4.94 -4.18 -29.88
CA ALA A 136 5.44 -3.47 -31.05
C ALA A 136 4.30 -2.98 -31.93
N ASP A 137 4.49 -1.80 -32.53
CA ASP A 137 3.52 -1.21 -33.44
C ASP A 137 2.16 -1.00 -32.77
N LEU A 138 2.19 -0.61 -31.49
CA LEU A 138 0.97 -0.37 -30.74
C LEU A 138 0.30 0.95 -31.11
N GLU A 139 1.05 1.89 -31.68
CA GLU A 139 0.53 3.22 -31.97
C GLU A 139 0.14 3.40 -33.43
N LYS A 140 0.07 2.31 -34.20
CA LYS A 140 -0.24 2.38 -35.62
C LYS A 140 -1.61 1.78 -35.94
N GLU A 141 -2.50 1.79 -34.96
CA GLU A 141 -3.88 1.31 -35.13
C GLU A 141 -3.92 -0.14 -35.61
N THR A 142 -3.35 -1.03 -34.80
CA THR A 142 -3.35 -2.45 -35.11
C THR A 142 -4.32 -3.26 -34.25
N VAL A 143 -4.79 -2.71 -33.13
CA VAL A 143 -5.73 -3.38 -32.25
C VAL A 143 -6.82 -2.39 -31.85
N ASP A 144 -7.82 -2.91 -31.14
CA ASP A 144 -8.95 -2.11 -30.67
C ASP A 144 -8.73 -1.65 -29.23
N PHE A 145 -9.47 -0.61 -28.84
CA PHE A 145 -9.38 -0.03 -27.52
C PHE A 145 -10.76 0.01 -26.88
N VAL A 146 -10.79 -0.15 -25.56
CA VAL A 146 -12.01 -0.13 -24.77
C VAL A 146 -11.84 0.84 -23.62
N ASP A 147 -12.96 1.17 -22.98
CA ASP A 147 -12.96 2.10 -21.85
C ASP A 147 -12.62 1.37 -20.56
N ASN A 148 -12.28 2.16 -19.54
CA ASN A 148 -12.03 1.63 -18.21
C ASN A 148 -13.33 1.66 -17.41
N TYR A 149 -13.25 1.44 -16.10
CA TYR A 149 -14.46 1.36 -15.29
C TYR A 149 -15.14 2.72 -15.15
N ASP A 150 -14.38 3.80 -15.09
CA ASP A 150 -14.95 5.13 -14.99
C ASP A 150 -15.21 5.79 -16.34
N GLY A 151 -14.80 5.16 -17.44
CA GLY A 151 -14.98 5.74 -18.76
C GLY A 151 -14.17 7.00 -19.00
N THR A 152 -12.94 7.05 -18.48
CA THR A 152 -12.06 8.19 -18.69
C THR A 152 -10.71 7.81 -19.27
N GLU A 153 -10.48 6.54 -19.61
CA GLU A 153 -9.21 6.07 -20.14
C GLU A 153 -9.49 5.11 -21.29
N LYS A 154 -8.42 4.64 -21.91
CA LYS A 154 -8.48 3.66 -22.99
C LYS A 154 -7.49 2.54 -22.72
N ILE A 155 -7.92 1.31 -22.95
CA ILE A 155 -7.09 0.13 -22.68
C ILE A 155 -7.09 -0.75 -23.93
N PRO A 156 -5.94 -1.25 -24.36
CA PRO A 156 -5.92 -2.14 -25.53
C PRO A 156 -6.71 -3.41 -25.27
N ASP A 157 -7.40 -3.89 -26.31
CA ASP A 157 -8.15 -5.13 -26.20
C ASP A 157 -7.26 -6.35 -26.25
N VAL A 158 -6.16 -6.28 -27.02
CA VAL A 158 -5.23 -7.40 -27.15
C VAL A 158 -3.89 -6.83 -27.61
N MET A 159 -2.81 -7.54 -27.33
CA MET A 159 -1.52 -7.00 -27.73
C MET A 159 -1.12 -7.51 -29.10
N PRO A 160 -0.46 -6.66 -29.91
CA PRO A 160 0.06 -7.10 -31.22
C PRO A 160 1.43 -7.76 -31.09
N THR A 161 1.44 -8.94 -30.47
CA THR A 161 2.69 -9.61 -30.13
C THR A 161 3.34 -10.24 -31.35
N LYS A 162 4.68 -10.28 -31.33
CA LYS A 162 5.46 -11.03 -32.29
C LYS A 162 5.92 -12.38 -31.76
N ILE A 163 5.54 -12.72 -30.53
CA ILE A 163 6.05 -13.90 -29.84
C ILE A 163 4.85 -14.81 -29.54
N PRO A 164 4.92 -16.10 -29.83
CA PRO A 164 3.88 -17.01 -29.36
C PRO A 164 4.00 -17.26 -27.86
N ASN A 165 3.49 -16.31 -27.06
CA ASN A 165 3.74 -16.31 -25.63
C ASN A 165 3.07 -17.50 -24.94
N LEU A 166 1.90 -17.90 -25.41
CA LEU A 166 1.13 -18.92 -24.71
C LEU A 166 1.88 -20.25 -24.65
N LEU A 167 2.51 -20.66 -25.75
CA LEU A 167 3.23 -21.92 -25.77
C LEU A 167 4.55 -21.82 -25.01
N VAL A 168 5.26 -20.70 -25.14
CA VAL A 168 6.60 -20.60 -24.57
C VAL A 168 6.59 -20.33 -23.07
N ASN A 169 5.50 -19.77 -22.52
CA ASN A 169 5.43 -19.50 -21.09
C ASN A 169 4.38 -20.29 -20.34
N GLY A 170 3.36 -20.80 -21.02
CA GLY A 170 2.34 -21.59 -20.35
C GLY A 170 1.38 -20.74 -19.55
N SER A 171 0.47 -21.43 -18.85
CA SER A 171 -0.53 -20.76 -18.05
C SER A 171 -1.09 -21.74 -17.02
N SER A 172 -1.73 -21.19 -16.00
CA SER A 172 -2.36 -21.99 -14.96
C SER A 172 -3.39 -21.13 -14.23
N GLY A 173 -4.62 -21.61 -14.16
CA GLY A 173 -5.68 -20.86 -13.50
C GLY A 173 -6.83 -21.75 -13.10
N ILE A 174 -7.59 -21.29 -12.12
CA ILE A 174 -8.75 -22.00 -11.59
C ILE A 174 -9.98 -21.12 -11.82
N ALA A 175 -11.03 -21.71 -12.40
CA ALA A 175 -12.27 -20.99 -12.64
C ALA A 175 -13.45 -21.77 -12.07
N VAL A 176 -14.67 -21.33 -12.37
CA VAL A 176 -15.87 -22.00 -11.88
C VAL A 176 -16.31 -23.01 -12.93
N GLY A 177 -16.19 -24.29 -12.60
CA GLY A 177 -16.55 -25.36 -13.50
C GLY A 177 -15.48 -25.82 -14.45
N MET A 178 -14.32 -25.17 -14.47
CA MET A 178 -13.25 -25.55 -15.39
C MET A 178 -11.93 -24.98 -14.89
N ALA A 179 -10.84 -25.47 -15.48
CA ALA A 179 -9.49 -25.05 -15.13
C ALA A 179 -8.58 -25.30 -16.31
N THR A 180 -7.38 -24.71 -16.25
CA THR A 180 -6.39 -24.83 -17.31
C THR A 180 -5.03 -25.14 -16.73
N ASN A 181 -4.20 -25.83 -17.52
CA ASN A 181 -2.85 -26.18 -17.09
C ASN A 181 -2.01 -26.45 -18.34
N ILE A 182 -1.09 -25.55 -18.64
CA ILE A 182 -0.27 -25.65 -19.86
C ILE A 182 1.20 -25.54 -19.50
N PRO A 183 2.05 -26.43 -20.00
CA PRO A 183 3.49 -26.37 -19.68
C PRO A 183 4.23 -25.45 -20.64
N PRO A 184 5.40 -24.97 -20.25
CA PRO A 184 6.20 -24.13 -21.16
C PRO A 184 6.92 -24.96 -22.21
N HIS A 185 7.49 -24.25 -23.18
CA HIS A 185 8.17 -24.89 -24.31
C HIS A 185 9.43 -24.08 -24.64
N ASN A 186 10.10 -24.48 -25.73
CA ASN A 186 11.33 -23.84 -26.18
C ASN A 186 11.03 -22.99 -27.43
N LEU A 187 11.60 -21.78 -27.45
CA LEU A 187 11.23 -20.80 -28.47
C LEU A 187 11.64 -21.24 -29.87
N THR A 188 12.85 -21.78 -30.03
CA THR A 188 13.35 -22.14 -31.36
C THR A 188 12.49 -23.21 -32.00
N GLU A 189 12.11 -24.23 -31.22
CA GLU A 189 11.27 -25.30 -31.76
C GLU A 189 9.91 -24.77 -32.19
N VAL A 190 9.33 -23.86 -31.41
CA VAL A 190 8.04 -23.28 -31.77
C VAL A 190 8.16 -22.46 -33.06
N ILE A 191 9.25 -21.70 -33.20
CA ILE A 191 9.45 -20.93 -34.42
C ILE A 191 9.59 -21.85 -35.63
N ASN A 192 10.35 -22.94 -35.48
CA ASN A 192 10.50 -23.90 -36.57
C ASN A 192 9.15 -24.53 -36.94
N GLY A 193 8.35 -24.87 -35.93
CA GLY A 193 7.03 -25.41 -36.21
C GLY A 193 6.12 -24.42 -36.92
N CYS A 194 6.18 -23.15 -36.52
CA CYS A 194 5.39 -22.12 -37.19
C CYS A 194 5.82 -21.96 -38.64
N LEU A 195 7.12 -21.98 -38.90
CA LEU A 195 7.61 -21.90 -40.28
C LEU A 195 7.15 -23.10 -41.09
N ALA A 196 7.20 -24.30 -40.50
CA ALA A 196 6.73 -25.49 -41.20
C ALA A 196 5.26 -25.39 -41.53
N TYR A 197 4.45 -24.91 -40.58
CA TYR A 197 3.02 -24.75 -40.84
C TYR A 197 2.78 -23.74 -41.95
N ILE A 198 3.52 -22.63 -41.93
CA ILE A 198 3.37 -21.63 -43.00
C ILE A 198 3.72 -22.26 -44.34
N ASP A 199 4.76 -23.09 -44.39
CA ASP A 199 5.13 -23.73 -45.65
C ASP A 199 4.06 -24.71 -46.12
N ASP A 200 3.49 -25.50 -45.21
CA ASP A 200 2.57 -26.57 -45.59
C ASP A 200 1.11 -26.20 -45.43
N GLU A 201 0.70 -25.81 -44.22
CA GLU A 201 -0.69 -25.52 -43.86
C GLU A 201 -1.59 -26.75 -44.01
N ASP A 202 -0.99 -27.91 -44.29
CA ASP A 202 -1.70 -29.18 -44.27
C ASP A 202 -0.93 -30.25 -43.49
N ILE A 203 0.08 -29.84 -42.71
CA ILE A 203 0.90 -30.80 -41.98
C ILE A 203 0.08 -31.47 -40.88
N SER A 204 0.43 -32.72 -40.58
CA SER A 204 -0.26 -33.49 -39.55
C SER A 204 0.43 -33.27 -38.20
N ILE A 205 -0.10 -33.94 -37.17
CA ILE A 205 0.48 -33.84 -35.84
C ILE A 205 1.87 -34.48 -35.82
N GLU A 206 2.04 -35.59 -36.54
CA GLU A 206 3.33 -36.26 -36.57
C GLU A 206 4.41 -35.37 -37.19
N GLY A 207 4.06 -34.62 -38.24
CA GLY A 207 5.01 -33.70 -38.82
C GLY A 207 5.41 -32.59 -37.87
N LEU A 208 4.44 -32.05 -37.13
CA LEU A 208 4.74 -30.98 -36.18
C LEU A 208 5.65 -31.48 -35.06
N MET A 209 5.42 -32.70 -34.58
CA MET A 209 6.21 -33.24 -33.47
C MET A 209 7.64 -33.52 -33.87
N GLU A 210 7.97 -33.52 -35.17
CA GLU A 210 9.36 -33.61 -35.58
C GLU A 210 10.14 -32.36 -35.22
N HIS A 211 9.45 -31.24 -35.00
CA HIS A 211 10.10 -30.00 -34.58
C HIS A 211 9.88 -29.68 -33.11
N ILE A 212 8.82 -30.21 -32.50
CA ILE A 212 8.51 -29.93 -31.10
C ILE A 212 8.39 -31.25 -30.35
N PRO A 213 9.49 -31.84 -29.90
CA PRO A 213 9.40 -33.13 -29.19
C PRO A 213 8.58 -33.08 -27.91
N GLY A 214 8.60 -31.97 -27.18
CA GLY A 214 7.88 -31.88 -25.93
C GLY A 214 8.17 -30.62 -25.15
N PRO A 215 7.71 -30.57 -23.90
CA PRO A 215 7.88 -29.36 -23.08
C PRO A 215 9.32 -29.11 -22.67
N ASP A 216 9.56 -27.98 -22.01
CA ASP A 216 10.91 -27.62 -21.55
C ASP A 216 10.74 -26.74 -20.31
N PHE A 217 11.01 -27.32 -19.14
CA PHE A 217 10.80 -26.62 -17.88
C PHE A 217 12.01 -25.76 -17.52
N PRO A 218 11.78 -24.65 -16.80
CA PRO A 218 12.92 -23.80 -16.38
C PRO A 218 13.88 -24.49 -15.43
N THR A 219 13.45 -25.56 -14.75
CA THR A 219 14.27 -26.24 -13.75
C THR A 219 14.84 -27.55 -14.26
N ALA A 220 14.90 -27.74 -15.58
CA ALA A 220 15.53 -28.90 -16.19
C ALA A 220 14.83 -30.20 -15.78
N ALA A 221 15.52 -31.03 -14.99
CA ALA A 221 15.03 -32.33 -14.55
C ALA A 221 14.83 -33.28 -15.72
N ILE A 222 14.10 -34.38 -15.52
CA ILE A 222 13.94 -35.43 -16.50
C ILE A 222 12.46 -35.77 -16.62
N ILE A 223 12.00 -35.96 -17.86
CA ILE A 223 10.65 -36.43 -18.14
C ILE A 223 10.71 -37.93 -18.38
N ASN A 224 9.99 -38.70 -17.57
CA ASN A 224 10.00 -40.15 -17.63
C ASN A 224 8.81 -40.62 -18.46
N GLY A 225 9.10 -41.34 -19.54
CA GLY A 225 8.04 -41.82 -20.41
C GLY A 225 7.75 -40.86 -21.55
N ARG A 226 7.28 -41.42 -22.66
CA ARG A 226 6.95 -40.63 -23.85
C ARG A 226 5.47 -40.65 -24.18
N ARG A 227 4.75 -41.73 -23.87
CA ARG A 227 3.30 -41.74 -24.04
C ARG A 227 2.66 -40.77 -23.06
N GLY A 228 1.68 -40.02 -23.56
CA GLY A 228 1.05 -38.98 -22.77
C GLY A 228 1.27 -37.62 -23.41
N ILE A 229 2.47 -37.40 -23.93
CA ILE A 229 2.74 -36.19 -24.71
C ILE A 229 1.97 -36.21 -26.02
N GLU A 230 2.00 -37.36 -26.71
CA GLU A 230 1.27 -37.47 -27.97
C GLU A 230 -0.24 -37.36 -27.74
N GLU A 231 -0.75 -37.97 -26.68
CA GLU A 231 -2.17 -37.88 -26.37
C GLU A 231 -2.58 -36.45 -26.07
N ALA A 232 -1.74 -35.72 -25.32
CA ALA A 232 -2.05 -34.32 -25.02
C ALA A 232 -2.00 -33.47 -26.27
N TYR A 233 -1.00 -33.67 -27.13
CA TYR A 233 -0.89 -32.88 -28.35
C TYR A 233 -1.94 -33.24 -29.38
N ARG A 234 -2.56 -34.42 -29.28
CA ARG A 234 -3.52 -34.87 -30.27
C ARG A 234 -4.96 -34.55 -29.88
N THR A 235 -5.28 -34.59 -28.59
CA THR A 235 -6.64 -34.33 -28.12
C THR A 235 -6.74 -33.14 -27.19
N GLY A 236 -5.73 -32.88 -26.36
CA GLY A 236 -5.75 -31.76 -25.44
C GLY A 236 -5.59 -32.13 -23.98
N ARG A 237 -5.72 -33.40 -23.61
CA ARG A 237 -5.59 -33.84 -22.24
C ARG A 237 -4.65 -35.03 -22.15
N GLY A 238 -3.77 -35.02 -21.15
CA GLY A 238 -2.82 -36.09 -20.95
C GLY A 238 -2.09 -35.90 -19.64
N LYS A 239 -1.32 -36.92 -19.28
CA LYS A 239 -0.58 -36.93 -18.02
C LYS A 239 0.84 -37.38 -18.25
N VAL A 240 1.80 -36.70 -17.62
CA VAL A 240 3.22 -36.98 -17.75
C VAL A 240 3.83 -37.06 -16.35
N TYR A 241 5.04 -37.62 -16.30
CA TYR A 241 5.77 -37.79 -15.05
C TYR A 241 7.09 -37.03 -15.13
N ILE A 242 7.44 -36.35 -14.04
CA ILE A 242 8.68 -35.61 -13.92
C ILE A 242 9.50 -36.23 -12.81
N ARG A 243 10.76 -36.55 -13.10
CA ARG A 243 11.65 -37.21 -12.15
C ARG A 243 12.91 -36.39 -11.96
N ALA A 244 13.35 -36.29 -10.70
CA ALA A 244 14.56 -35.56 -10.36
C ALA A 244 15.80 -36.30 -10.86
N ARG A 245 16.91 -35.58 -10.89
CA ARG A 245 18.19 -36.13 -11.34
C ARG A 245 19.04 -36.44 -10.11
N ALA A 246 19.29 -37.72 -9.86
CA ALA A 246 20.08 -38.15 -8.72
C ALA A 246 20.95 -39.33 -9.13
N GLU A 247 21.97 -39.59 -8.32
CA GLU A 247 22.90 -40.68 -8.59
C GLU A 247 23.47 -41.18 -7.27
N VAL A 248 24.27 -42.25 -7.36
CA VAL A 248 24.90 -42.88 -6.21
C VAL A 248 26.40 -42.89 -6.42
N GLU A 249 27.14 -42.44 -5.41
CA GLU A 249 28.60 -42.44 -5.43
C GLU A 249 29.12 -43.39 -4.36
N VAL A 250 30.15 -44.16 -4.71
CA VAL A 250 30.70 -45.19 -3.83
C VAL A 250 32.11 -44.78 -3.44
N ASP A 251 32.40 -44.82 -2.13
CA ASP A 251 33.74 -44.52 -1.65
C ASP A 251 34.72 -45.58 -2.10
N ALA A 252 35.91 -45.15 -2.50
CA ALA A 252 36.91 -46.09 -3.01
C ALA A 252 37.42 -47.01 -1.91
N LYS A 253 37.68 -46.48 -0.72
CA LYS A 253 38.32 -47.26 0.34
C LYS A 253 37.31 -47.92 1.27
N THR A 254 36.47 -47.11 1.94
CA THR A 254 35.55 -47.66 2.92
C THR A 254 34.40 -48.41 2.28
N GLY A 255 34.06 -48.07 1.03
CA GLY A 255 32.94 -48.68 0.36
C GLY A 255 31.58 -48.08 0.70
N ARG A 256 31.53 -47.05 1.54
CA ARG A 256 30.28 -46.38 1.85
C ARG A 256 29.76 -45.64 0.62
N GLU A 257 28.44 -45.60 0.49
CA GLU A 257 27.80 -44.99 -0.67
C GLU A 257 26.81 -43.92 -0.22
N THR A 258 26.71 -42.85 -1.00
CA THR A 258 25.84 -41.73 -0.71
C THR A 258 25.04 -41.38 -1.97
N ILE A 259 23.99 -40.59 -1.78
CA ILE A 259 23.11 -40.16 -2.85
C ILE A 259 23.20 -38.65 -2.97
N ILE A 260 23.44 -38.17 -4.18
CA ILE A 260 23.57 -36.74 -4.47
C ILE A 260 22.47 -36.33 -5.44
N VAL A 261 21.75 -35.28 -5.08
CA VAL A 261 20.65 -34.76 -5.88
C VAL A 261 21.08 -33.43 -6.49
N HIS A 262 20.91 -33.30 -7.80
CA HIS A 262 21.29 -32.10 -8.53
C HIS A 262 20.12 -31.22 -8.94
N GLU A 263 18.98 -31.81 -9.30
CA GLU A 263 17.85 -31.05 -9.79
C GLU A 263 16.57 -31.61 -9.17
N ILE A 264 15.53 -30.79 -9.15
CA ILE A 264 14.25 -31.17 -8.56
C ILE A 264 13.15 -30.83 -9.57
N PRO A 265 12.00 -31.50 -9.46
CA PRO A 265 10.92 -31.27 -10.42
C PRO A 265 10.37 -29.86 -10.35
N TYR A 266 9.55 -29.54 -11.35
CA TYR A 266 8.96 -28.22 -11.49
C TYR A 266 7.94 -27.95 -10.38
N GLN A 267 7.96 -26.74 -9.84
CA GLN A 267 7.02 -26.29 -8.81
C GLN A 267 7.09 -27.16 -7.56
N VAL A 268 8.31 -27.32 -7.04
CA VAL A 268 8.55 -28.10 -5.83
C VAL A 268 9.39 -27.25 -4.88
N ASN A 269 8.98 -27.20 -3.62
CA ASN A 269 9.73 -26.49 -2.59
C ASN A 269 10.76 -27.41 -1.97
N LYS A 270 12.00 -26.93 -1.87
CA LYS A 270 13.09 -27.77 -1.38
C LYS A 270 13.00 -27.98 0.14
N ALA A 271 12.67 -26.91 0.88
CA ALA A 271 12.59 -27.02 2.32
C ALA A 271 11.50 -28.00 2.75
N ARG A 272 10.33 -27.93 2.10
CA ARG A 272 9.27 -28.87 2.43
C ARG A 272 9.66 -30.29 2.08
N LEU A 273 10.39 -30.49 0.98
CA LEU A 273 10.87 -31.82 0.63
C LEU A 273 11.81 -32.36 1.70
N ILE A 274 12.74 -31.53 2.18
CA ILE A 274 13.67 -31.98 3.22
C ILE A 274 12.92 -32.30 4.51
N GLU A 275 11.94 -31.47 4.87
CA GLU A 275 11.15 -31.73 6.08
C GLU A 275 10.36 -33.02 5.94
N LYS A 276 9.79 -33.28 4.76
CA LYS A 276 9.05 -34.51 4.55
C LYS A 276 9.96 -35.73 4.66
N ILE A 277 11.15 -35.66 4.09
CA ILE A 277 12.10 -36.78 4.20
C ILE A 277 12.48 -37.01 5.65
N ALA A 278 12.76 -35.93 6.39
CA ALA A 278 13.11 -36.07 7.80
C ALA A 278 11.97 -36.67 8.60
N GLU A 279 10.73 -36.25 8.32
CA GLU A 279 9.58 -36.79 9.02
C GLU A 279 9.39 -38.28 8.71
N LEU A 280 9.59 -38.67 7.46
CA LEU A 280 9.51 -40.08 7.10
C LEU A 280 10.58 -40.90 7.82
N VAL A 281 11.80 -40.36 7.90
CA VAL A 281 12.86 -41.09 8.59
C VAL A 281 12.56 -41.20 10.08
N LYS A 282 11.99 -40.15 10.67
CA LYS A 282 11.74 -40.14 12.11
C LYS A 282 10.75 -41.22 12.51
N GLU A 283 9.68 -41.39 11.74
CA GLU A 283 8.64 -42.35 12.07
C GLU A 283 8.95 -43.77 11.61
N LYS A 284 10.17 -44.00 11.11
CA LYS A 284 10.64 -45.33 10.72
C LYS A 284 9.76 -45.94 9.64
N ARG A 285 9.41 -45.13 8.63
CA ARG A 285 8.71 -45.63 7.45
C ARG A 285 9.63 -45.95 6.30
N VAL A 286 10.83 -45.36 6.28
CA VAL A 286 11.86 -45.66 5.29
C VAL A 286 13.13 -46.01 6.05
N GLU A 287 13.75 -47.13 5.67
CA GLU A 287 14.90 -47.66 6.38
C GLU A 287 16.15 -47.58 5.51
N GLY A 288 17.27 -47.23 6.14
CA GLY A 288 18.54 -47.18 5.44
C GLY A 288 19.11 -45.78 5.27
N ILE A 289 18.73 -44.86 6.14
CA ILE A 289 19.20 -43.48 6.08
C ILE A 289 19.85 -43.12 7.41
N SER A 290 21.06 -42.58 7.35
CA SER A 290 21.81 -42.21 8.54
C SER A 290 22.03 -40.71 8.68
N ALA A 291 22.30 -40.01 7.59
CA ALA A 291 22.57 -38.58 7.63
C ALA A 291 21.83 -37.87 6.52
N LEU A 292 21.58 -36.58 6.72
CA LEU A 292 20.83 -35.78 5.76
C LEU A 292 21.19 -34.31 5.98
N ARG A 293 21.68 -33.65 4.94
CA ARG A 293 22.03 -32.24 5.05
C ARG A 293 22.01 -31.61 3.67
N ASP A 294 21.97 -30.28 3.65
CA ASP A 294 21.95 -29.50 2.42
C ASP A 294 23.25 -28.71 2.29
N GLU A 295 23.84 -28.73 1.09
CA GLU A 295 25.11 -28.06 0.83
C GLU A 295 25.04 -27.23 -0.45
N SER A 296 23.87 -26.71 -0.78
CA SER A 296 23.73 -25.87 -1.97
C SER A 296 24.48 -24.56 -1.79
N ASP A 297 25.18 -24.13 -2.83
CA ASP A 297 25.96 -22.91 -2.79
C ASP A 297 25.80 -22.20 -4.13
N LYS A 298 26.68 -21.21 -4.37
CA LYS A 298 26.61 -20.44 -5.62
C LYS A 298 26.86 -21.31 -6.84
N ASP A 299 27.54 -22.45 -6.69
CA ASP A 299 27.78 -23.32 -7.83
C ASP A 299 26.49 -23.98 -8.31
N GLY A 300 25.71 -24.52 -7.39
CA GLY A 300 24.47 -25.16 -7.76
C GLY A 300 23.88 -25.94 -6.60
N MET A 301 22.75 -26.58 -6.89
CA MET A 301 22.06 -27.37 -5.88
C MET A 301 22.86 -28.62 -5.54
N ARG A 302 22.84 -28.99 -4.25
CA ARG A 302 23.55 -30.18 -3.81
C ARG A 302 22.91 -30.66 -2.51
N ILE A 303 22.29 -31.83 -2.56
CA ILE A 303 21.67 -32.46 -1.40
C ILE A 303 22.35 -33.80 -1.18
N VAL A 304 22.77 -34.07 0.05
CA VAL A 304 23.56 -35.25 0.39
C VAL A 304 22.74 -36.14 1.31
N ILE A 305 22.61 -37.41 0.94
CA ILE A 305 21.94 -38.42 1.76
C ILE A 305 22.90 -39.59 1.93
N GLU A 306 23.07 -40.04 3.16
CA GLU A 306 23.99 -41.13 3.49
C GLU A 306 23.21 -42.36 3.94
N VAL A 307 23.64 -43.53 3.49
CA VAL A 307 22.98 -44.77 3.79
C VAL A 307 23.72 -45.48 4.92
N LYS A 308 23.09 -46.51 5.48
CA LYS A 308 23.68 -47.27 6.58
C LYS A 308 24.62 -48.33 6.03
N ARG A 309 25.15 -49.17 6.92
CA ARG A 309 26.12 -50.18 6.52
C ARG A 309 25.48 -51.36 5.79
N ASP A 310 24.24 -51.69 6.12
CA ASP A 310 23.57 -52.88 5.60
C ASP A 310 22.37 -52.52 4.73
N ALA A 311 22.55 -51.54 3.85
CA ALA A 311 21.48 -51.09 2.97
C ALA A 311 22.02 -50.94 1.55
N VAL A 312 21.11 -50.98 0.58
CA VAL A 312 21.43 -50.81 -0.82
C VAL A 312 20.89 -49.46 -1.27
N GLY A 313 21.74 -48.67 -1.93
CA GLY A 313 21.36 -47.32 -2.30
C GLY A 313 20.22 -47.28 -3.29
N GLU A 314 20.19 -48.22 -4.25
CA GLU A 314 19.17 -48.20 -5.28
C GLU A 314 17.78 -48.44 -4.70
N VAL A 315 17.67 -49.35 -3.72
CA VAL A 315 16.38 -49.61 -3.10
C VAL A 315 15.87 -48.37 -2.38
N VAL A 316 16.75 -47.69 -1.65
CA VAL A 316 16.36 -46.46 -0.96
C VAL A 316 15.95 -45.38 -1.96
N LEU A 317 16.68 -45.27 -3.07
CA LEU A 317 16.33 -44.30 -4.09
C LEU A 317 14.97 -44.59 -4.70
N ASN A 318 14.68 -45.86 -4.97
CA ASN A 318 13.36 -46.22 -5.50
C ASN A 318 12.26 -45.92 -4.50
N ASN A 319 12.51 -46.20 -3.22
CA ASN A 319 11.50 -45.89 -2.20
C ASN A 319 11.27 -44.39 -2.10
N LEU A 320 12.33 -43.59 -2.20
CA LEU A 320 12.17 -42.14 -2.19
C LEU A 320 11.39 -41.67 -3.40
N TYR A 321 11.65 -42.27 -4.57
CA TYR A 321 10.85 -41.96 -5.76
C TYR A 321 9.38 -42.28 -5.53
N SER A 322 9.09 -43.42 -4.90
CA SER A 322 7.70 -43.85 -4.74
C SER A 322 6.96 -43.04 -3.69
N GLN A 323 7.63 -42.61 -2.63
CA GLN A 323 6.94 -42.03 -1.48
C GLN A 323 7.05 -40.52 -1.38
N THR A 324 8.17 -39.93 -1.82
CA THR A 324 8.39 -38.49 -1.68
C THR A 324 8.05 -37.78 -2.98
N GLN A 325 8.31 -36.47 -3.01
CA GLN A 325 8.05 -35.63 -4.17
C GLN A 325 9.22 -35.57 -5.12
N LEU A 326 10.13 -36.54 -5.07
CA LEU A 326 11.18 -36.62 -6.09
C LEU A 326 10.62 -36.96 -7.46
N GLN A 327 9.40 -37.49 -7.52
CA GLN A 327 8.69 -37.70 -8.77
C GLN A 327 7.25 -37.24 -8.58
N VAL A 328 6.76 -36.43 -9.52
CA VAL A 328 5.42 -35.88 -9.45
C VAL A 328 4.72 -36.09 -10.78
N SER A 329 3.39 -35.94 -10.76
CA SER A 329 2.55 -36.06 -11.93
C SER A 329 2.08 -34.69 -12.39
N PHE A 330 2.07 -34.47 -13.70
CA PHE A 330 1.62 -33.22 -14.29
C PHE A 330 0.48 -33.53 -15.24
N GLY A 331 -0.67 -32.91 -14.98
CA GLY A 331 -1.85 -33.12 -15.80
C GLY A 331 -2.02 -31.97 -16.78
N ILE A 332 -1.95 -32.29 -18.07
CA ILE A 332 -2.07 -31.29 -19.12
C ILE A 332 -3.55 -31.09 -19.45
N ASN A 333 -3.99 -29.84 -19.44
CA ASN A 333 -5.37 -29.49 -19.75
C ASN A 333 -5.36 -28.12 -20.42
N MET A 334 -5.42 -28.12 -21.74
CA MET A 334 -5.27 -26.89 -22.53
C MET A 334 -6.64 -26.29 -22.82
N VAL A 335 -6.97 -25.21 -22.12
CA VAL A 335 -8.21 -24.48 -22.30
C VAL A 335 -7.89 -23.01 -22.47
N ALA A 336 -8.48 -22.38 -23.49
CA ALA A 336 -8.24 -20.98 -23.76
C ALA A 336 -9.49 -20.35 -24.37
N LEU A 337 -9.53 -19.02 -24.37
CA LEU A 337 -10.67 -18.28 -24.88
C LEU A 337 -10.48 -18.05 -26.38
N HIS A 338 -11.46 -18.45 -27.18
CA HIS A 338 -11.45 -18.25 -28.61
C HIS A 338 -12.74 -17.56 -29.01
N HIS A 339 -12.62 -16.36 -29.59
CA HIS A 339 -13.77 -15.52 -29.93
C HIS A 339 -14.64 -15.27 -28.70
N GLY A 340 -14.01 -15.13 -27.54
CA GLY A 340 -14.74 -14.94 -26.31
C GLY A 340 -15.45 -16.16 -25.77
N GLN A 341 -15.02 -17.36 -26.18
CA GLN A 341 -15.64 -18.59 -25.74
C GLN A 341 -14.59 -19.58 -25.25
N PRO A 342 -14.86 -20.30 -24.16
CA PRO A 342 -13.94 -21.36 -23.73
C PRO A 342 -13.91 -22.50 -24.73
N LYS A 343 -12.75 -23.12 -24.86
CA LYS A 343 -12.56 -24.22 -25.81
C LYS A 343 -11.42 -25.10 -25.34
N ILE A 344 -11.37 -26.31 -25.91
CA ILE A 344 -10.27 -27.24 -25.72
C ILE A 344 -9.59 -27.40 -27.06
N MET A 345 -8.28 -27.12 -27.11
CA MET A 345 -7.54 -27.03 -28.36
C MET A 345 -6.32 -27.92 -28.32
N ASN A 346 -5.80 -28.21 -29.51
CA ASN A 346 -4.52 -28.87 -29.70
C ASN A 346 -3.52 -27.89 -30.31
N LEU A 347 -2.34 -28.41 -30.67
CA LEU A 347 -1.24 -27.56 -31.11
C LEU A 347 -1.57 -26.82 -32.40
N LYS A 348 -2.18 -27.51 -33.36
CA LYS A 348 -2.39 -26.93 -34.68
C LYS A 348 -3.32 -25.73 -34.62
N ASP A 349 -4.35 -25.80 -33.79
CA ASP A 349 -5.26 -24.67 -33.65
C ASP A 349 -4.54 -23.43 -33.14
N ILE A 350 -3.68 -23.61 -32.13
CA ILE A 350 -2.94 -22.47 -31.58
C ILE A 350 -2.02 -21.88 -32.64
N ILE A 351 -1.33 -22.73 -33.40
CA ILE A 351 -0.42 -22.22 -34.43
C ILE A 351 -1.19 -21.44 -35.49
N ALA A 352 -2.34 -21.99 -35.93
CA ALA A 352 -3.13 -21.31 -36.95
C ALA A 352 -3.65 -19.97 -36.45
N ALA A 353 -4.09 -19.92 -35.19
CA ALA A 353 -4.57 -18.66 -34.63
C ALA A 353 -3.46 -17.62 -34.59
N PHE A 354 -2.25 -18.02 -34.19
CA PHE A 354 -1.13 -17.09 -34.17
C PHE A 354 -0.84 -16.55 -35.58
N VAL A 355 -0.86 -17.43 -36.58
CA VAL A 355 -0.58 -16.98 -37.94
C VAL A 355 -1.65 -15.99 -38.41
N ARG A 356 -2.92 -16.29 -38.13
CA ARG A 356 -4.00 -15.39 -38.54
C ARG A 356 -3.86 -14.02 -37.88
N HIS A 357 -3.52 -14.01 -36.58
CA HIS A 357 -3.31 -12.74 -35.88
C HIS A 357 -2.20 -11.93 -36.53
N ARG A 358 -1.08 -12.60 -36.88
CA ARG A 358 0.01 -11.89 -37.53
C ARG A 358 -0.43 -11.27 -38.85
N ARG A 359 -1.17 -12.04 -39.66
CA ARG A 359 -1.63 -11.53 -40.96
C ARG A 359 -2.46 -10.25 -40.77
N GLU A 360 -3.43 -10.31 -39.84
CA GLU A 360 -4.29 -9.15 -39.61
C GLU A 360 -3.50 -7.93 -39.16
N VAL A 361 -2.56 -8.14 -38.23
CA VAL A 361 -1.78 -7.01 -37.72
C VAL A 361 -0.98 -6.35 -38.83
N VAL A 362 -0.32 -7.16 -39.66
CA VAL A 362 0.51 -6.60 -40.72
C VAL A 362 -0.35 -5.82 -41.72
N THR A 363 -1.52 -6.36 -42.08
CA THR A 363 -2.38 -5.65 -43.02
C THR A 363 -2.81 -4.29 -42.48
N ARG A 364 -3.25 -4.25 -41.21
CA ARG A 364 -3.69 -2.98 -40.63
C ARG A 364 -2.55 -1.97 -40.58
N ARG A 365 -1.35 -2.41 -40.19
CA ARG A 365 -0.20 -1.51 -40.14
C ARG A 365 0.10 -0.93 -41.51
N THR A 366 0.06 -1.77 -42.55
CA THR A 366 0.33 -1.28 -43.90
C THR A 366 -0.68 -0.22 -44.32
N ILE A 367 -1.96 -0.45 -44.02
CA ILE A 367 -2.98 0.54 -44.38
C ILE A 367 -2.71 1.87 -43.70
N PHE A 368 -2.41 1.82 -42.40
CA PHE A 368 -2.15 3.06 -41.66
C PHE A 368 -0.98 3.82 -42.26
N GLU A 369 0.11 3.12 -42.56
CA GLU A 369 1.29 3.79 -43.11
C GLU A 369 1.00 4.42 -44.46
N LEU A 370 0.25 3.72 -45.31
CA LEU A 370 -0.08 4.28 -46.62
C LEU A 370 -0.88 5.56 -46.49
N ARG A 371 -1.88 5.56 -45.59
CA ARG A 371 -2.69 6.75 -45.39
C ARG A 371 -1.83 7.93 -44.94
N LYS A 372 -0.93 7.69 -43.97
CA LYS A 372 -0.08 8.77 -43.48
C LYS A 372 0.82 9.32 -44.58
N ALA A 373 1.38 8.43 -45.40
CA ALA A 373 2.27 8.86 -46.47
C ALA A 373 1.54 9.76 -47.47
N ARG A 374 0.34 9.36 -47.88
CA ARG A 374 -0.42 10.17 -48.82
C ARG A 374 -0.77 11.53 -48.22
N ASP A 375 -1.16 11.54 -46.94
CA ASP A 375 -1.48 12.82 -46.30
C ASP A 375 -0.28 13.74 -46.27
N ARG A 376 0.92 13.21 -46.00
CA ARG A 376 2.12 14.05 -46.02
C ARG A 376 2.41 14.57 -47.43
N ALA A 377 2.25 13.71 -48.44
CA ALA A 377 2.56 14.12 -49.81
C ALA A 377 1.66 15.26 -50.28
N HIS A 378 0.40 15.25 -49.85
CA HIS A 378 -0.50 16.35 -50.23
C HIS A 378 0.04 17.70 -49.77
N ILE A 379 0.41 17.82 -48.50
CA ILE A 379 0.93 19.08 -47.97
C ILE A 379 2.27 19.42 -48.61
N LEU A 380 3.10 18.41 -48.90
CA LEU A 380 4.37 18.70 -49.57
C LEU A 380 4.13 19.33 -50.93
N GLU A 381 3.19 18.81 -51.70
CA GLU A 381 2.85 19.43 -52.99
C GLU A 381 2.34 20.85 -52.79
N ALA A 382 1.47 21.05 -51.80
CA ALA A 382 0.92 22.38 -51.56
C ALA A 382 2.01 23.39 -51.25
N LEU A 383 2.96 23.02 -50.40
CA LEU A 383 4.06 23.92 -50.07
C LEU A 383 4.97 24.15 -51.29
N ALA A 384 5.21 23.11 -52.08
CA ALA A 384 6.11 23.25 -53.22
C ALA A 384 5.54 24.21 -54.26
N VAL A 385 4.22 24.17 -54.48
CA VAL A 385 3.63 25.03 -55.50
C VAL A 385 3.80 26.51 -55.14
N ALA A 386 3.56 26.86 -53.87
CA ALA A 386 3.52 28.26 -53.48
C ALA A 386 4.90 28.91 -53.53
N LEU A 387 5.97 28.13 -53.39
CA LEU A 387 7.31 28.71 -53.31
C LEU A 387 7.77 29.29 -54.64
N ALA A 388 7.10 28.94 -55.75
CA ALA A 388 7.47 29.46 -57.06
C ALA A 388 6.76 30.76 -57.42
N ASN A 389 5.73 31.13 -56.67
CA ASN A 389 4.99 32.37 -56.92
C ASN A 389 5.04 33.26 -55.69
N ILE A 390 6.24 33.41 -55.12
CA ILE A 390 6.37 34.05 -53.81
C ILE A 390 5.96 35.53 -53.87
N ASP A 391 6.38 36.24 -54.91
CA ASP A 391 6.10 37.67 -54.98
C ASP A 391 4.61 37.99 -55.07
N PRO A 392 3.83 37.37 -55.96
CA PRO A 392 2.37 37.63 -55.94
C PRO A 392 1.71 37.23 -54.63
N ILE A 393 2.19 36.16 -53.99
CA ILE A 393 1.64 35.75 -52.71
C ILE A 393 1.87 36.83 -51.66
N ILE A 394 3.09 37.37 -51.61
CA ILE A 394 3.40 38.43 -50.66
C ILE A 394 2.57 39.67 -50.94
N GLU A 395 2.42 40.03 -52.22
CA GLU A 395 1.62 41.20 -52.56
C GLU A 395 0.17 41.01 -52.15
N LEU A 396 -0.38 39.81 -52.36
CA LEU A 396 -1.75 39.54 -51.95
C LEU A 396 -1.90 39.59 -50.44
N ILE A 397 -0.92 39.06 -49.71
CA ILE A 397 -1.03 38.99 -48.25
C ILE A 397 -0.91 40.37 -47.64
N ARG A 398 0.00 41.21 -48.16
CA ARG A 398 0.25 42.50 -47.53
C ARG A 398 -0.98 43.41 -47.54
N HIS A 399 -1.88 43.23 -48.51
CA HIS A 399 -3.06 44.07 -48.62
C HIS A 399 -4.26 43.51 -47.86
N ALA A 400 -4.14 42.32 -47.27
CA ALA A 400 -5.26 41.72 -46.55
C ALA A 400 -5.43 42.39 -45.20
N PRO A 401 -6.65 42.82 -44.84
CA PRO A 401 -6.85 43.43 -43.51
C PRO A 401 -6.97 42.42 -42.38
N THR A 402 -7.31 41.17 -42.68
CA THR A 402 -7.42 40.12 -41.68
C THR A 402 -6.83 38.84 -42.25
N PRO A 403 -6.29 37.97 -41.39
CA PRO A 403 -5.80 36.67 -41.89
C PRO A 403 -6.88 35.81 -42.53
N ALA A 404 -8.12 35.89 -42.03
CA ALA A 404 -9.21 35.13 -42.66
C ALA A 404 -9.48 35.62 -44.07
N GLU A 405 -9.42 36.93 -44.29
CA GLU A 405 -9.60 37.46 -45.64
C GLU A 405 -8.47 37.01 -46.57
N ALA A 406 -7.24 36.96 -46.05
CA ALA A 406 -6.13 36.44 -46.85
C ALA A 406 -6.36 34.98 -47.20
N LYS A 407 -6.84 34.19 -46.24
CA LYS A 407 -7.10 32.77 -46.50
C LYS A 407 -8.19 32.59 -47.55
N THR A 408 -9.27 33.37 -47.46
CA THR A 408 -10.36 33.24 -48.42
C THR A 408 -10.02 33.84 -49.77
N ALA A 409 -9.02 34.73 -49.83
CA ALA A 409 -8.56 35.26 -51.11
C ALA A 409 -7.46 34.40 -51.74
N LEU A 410 -6.81 33.54 -50.96
CA LEU A 410 -5.84 32.62 -51.53
C LEU A 410 -6.50 31.64 -52.48
N VAL A 411 -7.59 31.01 -52.03
CA VAL A 411 -8.34 30.09 -52.90
C VAL A 411 -9.40 30.93 -53.61
N ALA A 412 -8.96 31.63 -54.63
CA ALA A 412 -9.86 32.34 -55.54
C ALA A 412 -9.56 32.06 -57.01
N ASN A 413 -8.28 31.95 -57.37
CA ASN A 413 -7.85 31.76 -58.74
C ASN A 413 -6.80 30.67 -58.80
N PRO A 414 -6.69 29.97 -59.94
CA PRO A 414 -5.62 28.98 -60.09
C PRO A 414 -4.26 29.63 -60.15
N TRP A 415 -3.24 28.86 -59.76
CA TRP A 415 -1.86 29.32 -59.78
C TRP A 415 -1.06 28.51 -60.80
N GLN A 416 -0.28 29.21 -61.63
CA GLN A 416 0.52 28.53 -62.64
C GLN A 416 1.61 27.69 -61.97
N LEU A 417 1.88 26.52 -62.56
CA LEU A 417 2.81 25.59 -61.95
C LEU A 417 4.24 26.12 -61.98
N GLY A 418 4.68 26.59 -63.13
CA GLY A 418 6.05 27.08 -63.25
C GLY A 418 7.03 25.92 -63.33
N ASN A 419 8.12 26.03 -62.55
CA ASN A 419 9.18 25.04 -62.61
C ASN A 419 8.81 23.72 -61.94
N VAL A 420 7.79 23.72 -61.07
CA VAL A 420 7.43 22.50 -60.34
C VAL A 420 6.64 21.51 -61.19
N ALA A 421 6.33 21.86 -62.44
CA ALA A 421 5.56 20.96 -63.29
C ALA A 421 6.32 19.68 -63.62
N ALA A 422 7.65 19.73 -63.57
CA ALA A 422 8.45 18.55 -63.90
C ALA A 422 8.24 17.43 -62.90
N MET A 423 8.20 17.76 -61.60
CA MET A 423 8.07 16.73 -60.58
C MET A 423 6.64 16.23 -60.42
N LEU A 424 5.65 16.97 -60.91
CA LEU A 424 4.26 16.53 -60.85
C LEU A 424 3.92 15.51 -61.93
N GLU A 425 4.76 15.35 -62.94
CA GLU A 425 4.50 14.37 -63.99
C GLU A 425 4.80 12.94 -63.54
N ARG A 426 5.80 12.77 -62.66
CA ARG A 426 6.15 11.43 -62.19
C ARG A 426 5.06 10.80 -61.34
N ALA A 427 4.17 11.60 -60.77
CA ALA A 427 3.07 11.05 -59.98
C ALA A 427 2.10 10.30 -60.88
N GLY A 428 1.77 9.07 -60.50
CA GLY A 428 0.87 8.26 -61.28
C GLY A 428 -0.59 8.53 -60.99
N ASP A 429 -1.04 9.75 -61.28
CA ASP A 429 -2.42 10.16 -61.05
C ASP A 429 -2.80 9.98 -59.59
N ASP A 430 -3.66 9.01 -59.31
CA ASP A 430 -4.14 8.75 -57.96
C ASP A 430 -3.14 7.98 -57.10
N ALA A 431 -1.89 7.85 -57.56
CA ALA A 431 -0.89 7.14 -56.77
C ALA A 431 -0.60 7.86 -55.46
N ALA A 432 -0.48 9.19 -55.50
CA ALA A 432 -0.19 9.99 -54.32
C ALA A 432 -1.35 10.92 -53.97
N ARG A 433 -2.57 10.58 -54.36
CA ARG A 433 -3.73 11.42 -54.14
C ARG A 433 -4.59 10.85 -53.03
N PRO A 434 -4.94 11.64 -52.02
CA PRO A 434 -5.79 11.13 -50.94
C PRO A 434 -7.15 10.68 -51.47
N GLU A 435 -7.71 9.67 -50.82
CA GLU A 435 -8.95 9.06 -51.29
C GLU A 435 -10.17 9.93 -51.02
N TRP A 436 -10.07 10.91 -50.13
CA TRP A 436 -11.19 11.79 -49.81
C TRP A 436 -11.14 13.11 -50.57
N LEU A 437 -10.24 13.24 -51.54
CA LEU A 437 -10.07 14.48 -52.28
C LEU A 437 -11.02 14.52 -53.47
N GLU A 438 -11.76 15.62 -53.59
CA GLU A 438 -12.69 15.78 -54.69
C GLU A 438 -11.94 15.97 -56.01
N PRO A 439 -12.56 15.60 -57.14
CA PRO A 439 -11.83 15.67 -58.42
C PRO A 439 -11.58 17.08 -58.93
N GLU A 440 -12.26 18.09 -58.41
CA GLU A 440 -12.07 19.45 -58.92
C GLU A 440 -10.84 20.13 -58.34
N PHE A 441 -10.20 19.55 -57.34
CA PHE A 441 -8.99 20.12 -56.77
C PHE A 441 -7.75 19.52 -57.44
N GLY A 442 -6.59 20.05 -57.08
CA GLY A 442 -5.35 19.59 -57.65
C GLY A 442 -5.12 20.12 -59.05
N VAL A 443 -4.16 19.51 -59.74
CA VAL A 443 -3.82 19.91 -61.09
C VAL A 443 -4.94 19.51 -62.04
N ARG A 444 -5.43 20.46 -62.83
CA ARG A 444 -6.46 20.18 -63.82
C ARG A 444 -5.94 20.36 -65.24
N ASP A 445 -5.48 21.56 -65.59
CA ASP A 445 -4.85 21.77 -66.90
C ASP A 445 -3.86 22.93 -66.75
N GLY A 446 -2.59 22.61 -66.51
CA GLY A 446 -1.55 23.60 -66.38
C GLY A 446 -1.78 24.57 -65.23
N LEU A 447 -2.69 24.23 -64.32
CA LEU A 447 -3.05 25.09 -63.22
C LEU A 447 -3.28 24.25 -61.97
N TYR A 448 -3.14 24.89 -60.81
CA TYR A 448 -3.31 24.22 -59.53
C TYR A 448 -4.42 24.88 -58.73
N TYR A 449 -5.26 24.06 -58.12
CA TYR A 449 -6.34 24.53 -57.26
C TYR A 449 -6.08 24.09 -55.84
N LEU A 450 -6.12 25.03 -54.91
CA LEU A 450 -5.80 24.77 -53.51
C LEU A 450 -7.07 24.52 -52.70
N THR A 451 -6.88 23.92 -51.54
CA THR A 451 -7.94 23.69 -50.57
C THR A 451 -7.75 24.63 -49.37
N GLU A 452 -8.67 24.54 -48.41
CA GLU A 452 -8.60 25.40 -47.24
C GLU A 452 -7.38 25.06 -46.38
N GLN A 453 -7.15 23.78 -46.13
CA GLN A 453 -6.02 23.39 -45.29
C GLN A 453 -4.68 23.69 -45.98
N GLN A 454 -4.63 23.53 -47.30
CA GLN A 454 -3.40 23.88 -48.02
C GLN A 454 -3.11 25.37 -47.92
N ALA A 455 -4.16 26.20 -48.03
CA ALA A 455 -3.98 27.64 -47.85
C ALA A 455 -3.54 27.96 -46.43
N GLN A 456 -4.10 27.27 -45.44
CA GLN A 456 -3.71 27.49 -44.06
C GLN A 456 -2.24 27.13 -43.84
N ALA A 457 -1.77 26.06 -44.46
CA ALA A 457 -0.38 25.66 -44.30
C ALA A 457 0.58 26.69 -44.89
N ILE A 458 0.14 27.44 -45.91
CA ILE A 458 0.99 28.45 -46.51
C ILE A 458 1.20 29.62 -45.56
N LEU A 459 0.13 30.03 -44.86
CA LEU A 459 0.24 31.17 -43.95
C LEU A 459 1.14 30.87 -42.76
N ASP A 460 1.43 29.61 -42.47
CA ASP A 460 2.29 29.23 -41.36
C ASP A 460 3.71 28.89 -41.80
N LEU A 461 4.22 29.59 -42.81
CA LEU A 461 5.53 29.32 -43.37
C LEU A 461 6.54 30.31 -42.81
N ARG A 462 7.65 29.78 -42.28
CA ARG A 462 8.69 30.64 -41.72
C ARG A 462 9.47 31.35 -42.83
N LEU A 463 10.08 32.47 -42.46
CA LEU A 463 10.88 33.23 -43.42
C LEU A 463 12.15 32.49 -43.81
N GLN A 464 12.70 31.68 -42.91
CA GLN A 464 13.91 30.92 -43.22
C GLN A 464 13.68 29.83 -44.26
N LYS A 465 12.41 29.49 -44.55
CA LYS A 465 12.12 28.52 -45.60
C LYS A 465 12.39 29.06 -47.00
N LEU A 466 12.63 30.37 -47.14
CA LEU A 466 12.96 30.96 -48.43
C LEU A 466 14.42 30.80 -48.79
N THR A 467 15.24 30.23 -47.91
CA THR A 467 16.64 30.02 -48.19
C THR A 467 16.81 28.99 -49.31
N GLY A 468 17.91 29.12 -50.04
CA GLY A 468 18.14 28.23 -51.18
C GLY A 468 18.29 26.77 -50.77
N LEU A 469 19.00 26.52 -49.66
CA LEU A 469 19.21 25.14 -49.23
C LEU A 469 17.90 24.48 -48.80
N GLU A 470 17.03 25.23 -48.12
CA GLU A 470 15.77 24.67 -47.64
C GLU A 470 14.86 24.24 -48.77
N HIS A 471 14.98 24.88 -49.94
CA HIS A 471 14.11 24.55 -51.07
C HIS A 471 14.36 23.14 -51.57
N GLU A 472 15.62 22.70 -51.62
CA GLU A 472 15.96 21.42 -52.22
C GLU A 472 15.55 20.22 -51.36
N LYS A 473 15.25 20.43 -50.08
CA LYS A 473 14.90 19.31 -49.21
C LYS A 473 13.55 18.71 -49.57
N LEU A 474 12.61 19.53 -50.03
CA LEU A 474 11.28 19.03 -50.37
C LEU A 474 11.34 18.03 -51.51
N LEU A 475 12.12 18.33 -52.55
CA LEU A 475 12.23 17.43 -53.69
C LEU A 475 12.84 16.10 -53.29
N ASP A 476 13.73 16.11 -52.30
CA ASP A 476 14.30 14.85 -51.80
C ASP A 476 13.23 14.01 -51.10
N GLU A 477 12.36 14.65 -50.32
CA GLU A 477 11.32 13.90 -49.61
C GLU A 477 10.26 13.38 -50.57
N TYR A 478 9.99 14.11 -51.65
CA TYR A 478 8.94 13.69 -52.57
C TYR A 478 9.23 12.32 -53.18
N LYS A 479 10.47 12.12 -53.62
CA LYS A 479 10.85 10.85 -54.23
C LYS A 479 10.74 9.70 -53.23
N GLU A 480 11.20 9.94 -51.99
CA GLU A 480 11.11 8.90 -50.97
C GLU A 480 9.66 8.55 -50.67
N LEU A 481 8.79 9.56 -50.59
CA LEU A 481 7.37 9.29 -50.37
C LEU A 481 6.78 8.48 -51.50
N LEU A 482 7.13 8.81 -52.75
CA LEU A 482 6.61 8.05 -53.88
C LEU A 482 7.08 6.60 -53.84
N ASP A 483 8.36 6.38 -53.52
CA ASP A 483 8.88 5.02 -53.42
C ASP A 483 8.19 4.23 -52.32
N GLN A 484 7.98 4.86 -51.16
CA GLN A 484 7.30 4.18 -50.07
C GLN A 484 5.86 3.84 -50.44
N ILE A 485 5.17 4.75 -51.12
CA ILE A 485 3.81 4.47 -51.57
C ILE A 485 3.79 3.29 -52.52
N ALA A 486 4.74 3.26 -53.46
CA ALA A 486 4.81 2.14 -54.40
C ALA A 486 5.05 0.83 -53.68
N GLU A 487 5.97 0.81 -52.72
CA GLU A 487 6.25 -0.41 -51.97
C GLU A 487 5.03 -0.87 -51.17
N LEU A 488 4.33 0.06 -50.53
CA LEU A 488 3.15 -0.30 -49.75
C LEU A 488 2.05 -0.84 -50.65
N LEU A 489 1.85 -0.24 -51.81
CA LEU A 489 0.85 -0.76 -52.74
C LEU A 489 1.23 -2.16 -53.22
N ARG A 490 2.51 -2.38 -53.50
CA ARG A 490 2.96 -3.72 -53.90
C ARG A 490 2.71 -4.74 -52.80
N ILE A 491 2.96 -4.35 -51.55
CA ILE A 491 2.70 -5.26 -50.43
C ILE A 491 1.21 -5.59 -50.34
N LEU A 492 0.36 -4.56 -50.46
CA LEU A 492 -1.08 -4.78 -50.36
C LEU A 492 -1.64 -5.53 -51.56
N GLY A 493 -0.91 -5.57 -52.68
CA GLY A 493 -1.45 -6.19 -53.89
C GLY A 493 -1.45 -7.70 -53.88
N SER A 494 -0.55 -8.32 -53.12
CA SER A 494 -0.37 -9.77 -53.19
C SER A 494 -0.24 -10.35 -51.79
N ALA A 495 -0.54 -11.64 -51.68
CA ALA A 495 -0.42 -12.37 -50.42
C ALA A 495 0.95 -12.99 -50.22
N ASP A 496 1.63 -13.35 -51.31
CA ASP A 496 2.96 -13.94 -51.19
C ASP A 496 3.93 -12.97 -50.52
N ARG A 497 3.83 -11.68 -50.87
CA ARG A 497 4.65 -10.67 -50.23
C ARG A 497 4.36 -10.59 -48.73
N LEU A 498 3.08 -10.69 -48.36
CA LEU A 498 2.71 -10.69 -46.95
C LEU A 498 3.34 -11.88 -46.21
N MET A 499 3.26 -13.06 -46.82
CA MET A 499 3.84 -14.24 -46.20
C MET A 499 5.36 -14.12 -46.09
N GLU A 500 6.00 -13.54 -47.09
CA GLU A 500 7.43 -13.32 -47.03
C GLU A 500 7.81 -12.38 -45.88
N VAL A 501 7.03 -11.31 -45.70
CA VAL A 501 7.30 -10.38 -44.61
C VAL A 501 7.16 -11.09 -43.26
N ILE A 502 6.09 -11.87 -43.11
CA ILE A 502 5.88 -12.58 -41.85
C ILE A 502 7.01 -13.57 -41.59
N ARG A 503 7.43 -14.29 -42.63
CA ARG A 503 8.52 -15.26 -42.48
C ARG A 503 9.82 -14.57 -42.09
N GLU A 504 10.13 -13.42 -42.71
CA GLU A 504 11.34 -12.69 -42.35
C GLU A 504 11.29 -12.21 -40.91
N GLU A 505 10.14 -11.71 -40.46
CA GLU A 505 10.02 -11.28 -39.07
C GLU A 505 10.23 -12.46 -38.11
N LEU A 506 9.63 -13.61 -38.41
CA LEU A 506 9.80 -14.78 -37.56
C LEU A 506 11.25 -15.22 -37.51
N GLU A 507 11.93 -15.24 -38.66
CA GLU A 507 13.34 -15.63 -38.68
C GLU A 507 14.20 -14.68 -37.88
N LEU A 508 13.94 -13.37 -38.00
CA LEU A 508 14.71 -12.41 -37.21
C LEU A 508 14.48 -12.61 -35.72
N VAL A 509 13.23 -12.84 -35.32
CA VAL A 509 12.94 -13.08 -33.91
C VAL A 509 13.67 -14.32 -33.41
N ARG A 510 13.65 -15.39 -34.19
CA ARG A 510 14.34 -16.61 -33.79
C ARG A 510 15.84 -16.38 -33.66
N GLU A 511 16.44 -15.68 -34.63
CA GLU A 511 17.87 -15.43 -34.56
C GLU A 511 18.24 -14.47 -33.43
N GLN A 512 17.30 -13.67 -32.95
CA GLN A 512 17.62 -12.71 -31.91
C GLN A 512 17.36 -13.23 -30.49
N PHE A 513 16.41 -14.16 -30.30
CA PHE A 513 16.05 -14.58 -28.95
C PHE A 513 16.12 -16.09 -28.75
N GLY A 514 16.93 -16.80 -29.54
CA GLY A 514 17.04 -18.24 -29.38
C GLY A 514 17.95 -18.64 -28.22
N ASP A 515 17.71 -19.85 -27.72
CA ASP A 515 18.53 -20.43 -26.66
C ASP A 515 18.49 -21.95 -26.79
N LYS A 516 18.96 -22.65 -25.75
CA LYS A 516 19.10 -24.09 -25.76
C LYS A 516 17.98 -24.76 -24.96
N ARG A 517 18.06 -26.09 -24.87
CA ARG A 517 17.09 -26.90 -24.16
C ARG A 517 17.69 -27.40 -22.85
N ARG A 518 16.88 -27.40 -21.79
CA ARG A 518 17.32 -27.78 -20.46
C ARG A 518 16.79 -29.12 -19.99
N THR A 519 15.61 -29.53 -20.44
CA THR A 519 14.97 -30.75 -19.96
C THR A 519 15.25 -31.91 -20.91
N GLU A 520 15.53 -33.07 -20.33
CA GLU A 520 15.80 -34.28 -21.10
C GLU A 520 14.57 -35.18 -21.12
N ILE A 521 14.34 -35.84 -22.24
CA ILE A 521 13.19 -36.72 -22.44
C ILE A 521 13.72 -38.14 -22.63
N THR A 522 13.20 -39.06 -21.84
CA THR A 522 13.56 -40.47 -21.91
C THR A 522 12.34 -41.29 -22.29
N ALA A 523 12.48 -42.63 -22.26
CA ALA A 523 11.43 -43.54 -22.70
C ALA A 523 11.17 -44.61 -21.65
N ASN A 524 10.31 -44.29 -20.68
CA ASN A 524 9.66 -45.26 -19.81
C ASN A 524 10.66 -46.19 -19.12
N SER A 525 11.45 -45.57 -18.24
CA SER A 525 12.42 -46.33 -17.45
C SER A 525 11.72 -47.44 -16.67
N ALA A 526 12.32 -48.63 -16.69
CA ALA A 526 11.72 -49.82 -16.11
C ALA A 526 11.85 -49.80 -14.58
N ASP A 527 11.27 -50.81 -13.94
CA ASP A 527 11.29 -50.95 -12.50
C ASP A 527 12.32 -51.98 -12.07
N ILE A 528 12.49 -52.12 -10.76
CA ILE A 528 13.45 -53.04 -10.16
C ILE A 528 12.69 -54.01 -9.26
N ASN A 529 12.98 -55.30 -9.41
CA ASN A 529 12.31 -56.35 -8.65
C ASN A 529 12.94 -56.60 -7.29
N LEU A 530 14.01 -55.87 -6.95
CA LEU A 530 14.75 -55.95 -5.70
C LEU A 530 15.53 -57.25 -5.54
N GLU A 531 15.44 -58.18 -6.51
CA GLU A 531 16.23 -59.39 -6.48
C GLU A 531 17.44 -59.35 -7.39
N ASP A 532 17.40 -58.54 -8.46
CA ASP A 532 18.54 -58.42 -9.35
C ASP A 532 19.65 -57.56 -8.77
N LEU A 533 19.40 -56.85 -7.68
CA LEU A 533 20.40 -56.02 -7.02
C LEU A 533 21.20 -56.79 -5.98
N ILE A 534 20.87 -58.06 -5.73
CA ILE A 534 21.58 -58.88 -4.76
C ILE A 534 22.23 -60.04 -5.53
N THR A 535 23.54 -60.18 -5.36
CA THR A 535 24.27 -61.23 -6.06
C THR A 535 23.88 -62.60 -5.52
N GLN A 536 23.72 -63.56 -6.43
CA GLN A 536 23.34 -64.91 -6.07
C GLN A 536 24.60 -65.75 -5.84
N GLU A 537 24.66 -66.40 -4.68
CA GLU A 537 25.82 -67.19 -4.29
C GLU A 537 25.40 -68.17 -3.21
N ASP A 538 26.39 -68.83 -2.61
CA ASP A 538 26.16 -69.82 -1.56
C ASP A 538 26.71 -69.28 -0.23
N VAL A 539 25.94 -69.46 0.84
CA VAL A 539 26.29 -68.94 2.16
C VAL A 539 26.07 -70.03 3.20
N VAL A 540 26.50 -69.74 4.42
CA VAL A 540 26.35 -70.63 5.56
C VAL A 540 25.64 -69.87 6.67
N VAL A 541 24.67 -70.53 7.31
CA VAL A 541 23.82 -69.91 8.32
C VAL A 541 24.05 -70.59 9.65
N THR A 542 24.19 -69.80 10.71
CA THR A 542 24.39 -70.30 12.07
C THR A 542 23.33 -69.72 12.99
N LEU A 543 22.98 -70.49 14.03
CA LEU A 543 21.98 -70.09 14.99
C LEU A 543 22.42 -70.51 16.39
N SER A 544 22.23 -69.62 17.36
CA SER A 544 22.61 -69.87 18.74
C SER A 544 21.40 -70.34 19.54
N HIS A 545 21.65 -70.72 20.80
CA HIS A 545 20.59 -71.25 21.64
C HIS A 545 19.57 -70.17 22.02
N GLN A 546 20.05 -68.97 22.36
CA GLN A 546 19.15 -67.89 22.72
C GLN A 546 18.54 -67.20 21.52
N GLY A 547 19.02 -67.49 20.31
CA GLY A 547 18.46 -66.95 19.09
C GLY A 547 19.25 -65.80 18.52
N TYR A 548 20.10 -66.11 17.53
CA TYR A 548 20.91 -65.10 16.86
C TYR A 548 21.27 -65.65 15.50
N VAL A 549 20.93 -64.93 14.43
CA VAL A 549 21.11 -65.42 13.08
C VAL A 549 22.11 -64.53 12.35
N LYS A 550 22.81 -65.13 11.38
CA LYS A 550 23.81 -64.46 10.56
C LYS A 550 24.25 -65.43 9.48
N TYR A 551 24.67 -64.88 8.35
CA TYR A 551 25.21 -65.71 7.27
C TYR A 551 26.44 -65.04 6.68
N GLN A 552 27.36 -65.88 6.20
CA GLN A 552 28.64 -65.44 5.67
C GLN A 552 28.88 -66.07 4.31
N PRO A 553 29.66 -65.42 3.45
CA PRO A 553 30.04 -66.04 2.18
C PRO A 553 30.83 -67.32 2.41
N LEU A 554 30.60 -68.30 1.53
CA LEU A 554 31.27 -69.59 1.65
C LEU A 554 32.73 -69.54 1.23
N SER A 555 33.13 -68.53 0.46
CA SER A 555 34.49 -68.42 -0.05
C SER A 555 35.48 -67.90 0.98
N GLU A 556 35.11 -67.84 2.26
CA GLU A 556 36.00 -67.36 3.30
C GLU A 556 36.77 -68.49 3.98
N TYR A 557 36.26 -69.72 3.94
CA TYR A 557 36.89 -70.86 4.58
C TYR A 557 37.47 -71.78 3.52
N GLU A 558 38.72 -72.18 3.71
CA GLU A 558 39.46 -72.98 2.73
C GLU A 558 39.65 -74.39 3.24
N ALA A 559 39.57 -75.35 2.32
CA ALA A 559 39.68 -76.76 2.69
C ALA A 559 41.10 -77.09 3.16
N GLN A 560 41.18 -78.10 4.01
CA GLN A 560 42.46 -78.56 4.56
C GLN A 560 42.38 -80.07 4.74
N ARG A 561 43.36 -80.62 5.44
CA ARG A 561 43.41 -82.06 5.72
C ARG A 561 42.82 -82.35 7.09
N ARG A 562 42.29 -83.56 7.24
CA ARG A 562 41.62 -83.94 8.48
C ARG A 562 42.62 -84.00 9.63
N GLY A 563 42.15 -83.63 10.82
CA GLY A 563 42.95 -83.63 12.02
C GLY A 563 43.33 -82.25 12.54
N GLY A 564 42.84 -81.19 11.91
CA GLY A 564 43.13 -79.84 12.36
C GLY A 564 42.19 -79.36 13.44
N LYS A 565 42.45 -78.16 13.93
CA LYS A 565 41.62 -77.53 14.95
C LYS A 565 40.59 -76.56 14.37
N GLY A 566 40.93 -75.87 13.29
CA GLY A 566 40.01 -74.94 12.65
C GLY A 566 40.07 -73.54 13.26
N LYS A 567 39.31 -72.65 12.63
CA LYS A 567 39.23 -71.25 13.03
C LYS A 567 37.82 -70.93 13.52
N SER A 568 37.73 -69.95 14.41
CA SER A 568 36.45 -69.56 14.98
C SER A 568 35.56 -68.94 13.91
N ALA A 569 34.29 -69.34 13.89
CA ALA A 569 33.34 -68.84 12.91
C ALA A 569 32.41 -67.76 13.45
N ALA A 570 32.27 -67.66 14.77
CA ALA A 570 31.40 -66.65 15.36
C ALA A 570 31.82 -66.43 16.80
N ARG A 571 31.38 -65.31 17.36
CA ARG A 571 31.69 -64.94 18.74
C ARG A 571 30.51 -65.30 19.63
N ILE A 572 30.76 -66.10 20.66
CA ILE A 572 29.73 -66.55 21.57
C ILE A 572 29.75 -65.66 22.81
N LYS A 573 28.61 -65.58 23.48
CA LYS A 573 28.48 -64.73 24.65
C LYS A 573 28.97 -65.49 25.89
N GLU A 574 28.68 -64.95 27.08
CA GLU A 574 29.15 -65.56 28.31
C GLU A 574 28.56 -66.94 28.52
N GLU A 575 27.27 -67.11 28.24
CA GLU A 575 26.60 -68.41 28.40
C GLU A 575 25.68 -68.62 27.20
N ASP A 576 26.20 -69.29 26.17
CA ASP A 576 25.45 -69.62 24.98
C ASP A 576 26.26 -70.63 24.18
N PHE A 577 25.62 -71.22 23.17
CA PHE A 577 26.31 -72.19 22.31
C PHE A 577 25.56 -72.30 20.99
N ILE A 578 26.25 -72.82 20.00
CA ILE A 578 25.72 -72.99 18.65
C ILE A 578 25.01 -74.33 18.58
N ASP A 579 23.79 -74.34 18.02
CA ASP A 579 22.99 -75.54 17.94
C ASP A 579 22.72 -76.03 16.52
N ARG A 580 22.70 -75.13 15.53
CA ARG A 580 22.35 -75.53 14.17
C ARG A 580 23.33 -74.91 13.19
N LEU A 581 23.46 -75.55 12.02
CA LEU A 581 24.29 -75.07 10.94
C LEU A 581 23.63 -75.46 9.62
N LEU A 582 23.52 -74.49 8.71
CA LEU A 582 22.85 -74.72 7.44
C LEU A 582 23.65 -74.11 6.30
N VAL A 583 23.62 -74.79 5.16
CA VAL A 583 24.21 -74.30 3.92
C VAL A 583 23.11 -74.21 2.87
N ALA A 584 22.96 -73.03 2.28
CA ALA A 584 21.90 -72.80 1.31
C ALA A 584 22.29 -71.64 0.40
N ASN A 585 21.44 -71.33 -0.57
CA ASN A 585 21.66 -70.26 -1.52
C ASN A 585 20.85 -69.03 -1.12
N THR A 586 21.31 -67.86 -1.60
CA THR A 586 20.67 -66.61 -1.24
C THR A 586 19.23 -66.54 -1.76
N HIS A 587 19.01 -67.02 -2.98
CA HIS A 587 17.69 -66.95 -3.61
C HIS A 587 16.98 -68.29 -3.41
N ASP A 588 16.46 -68.48 -2.21
CA ASP A 588 15.74 -69.70 -1.87
C ASP A 588 14.71 -69.40 -0.79
N HIS A 589 13.73 -70.27 -0.67
CA HIS A 589 12.72 -70.18 0.37
C HIS A 589 13.18 -70.98 1.60
N ILE A 590 12.71 -70.55 2.76
CA ILE A 590 13.06 -71.17 4.03
C ILE A 590 11.79 -71.42 4.82
N LEU A 591 11.61 -72.66 5.29
CA LEU A 591 10.49 -73.03 6.14
C LEU A 591 11.03 -73.28 7.55
N CYS A 592 10.54 -72.51 8.51
CA CYS A 592 11.00 -72.58 9.89
C CYS A 592 9.94 -73.28 10.74
N PHE A 593 10.36 -74.31 11.46
CA PHE A 593 9.49 -75.06 12.36
C PHE A 593 9.84 -74.71 13.78
N SER A 594 8.84 -74.30 14.56
CA SER A 594 9.05 -73.84 15.92
C SER A 594 8.89 -75.00 16.89
N SER A 595 8.84 -74.70 18.18
CA SER A 595 8.70 -75.70 19.23
C SER A 595 7.24 -76.01 19.55
N ARG A 596 6.29 -75.40 18.85
CA ARG A 596 4.87 -75.63 19.08
C ARG A 596 4.15 -76.07 17.81
N GLY A 597 4.89 -76.56 16.82
CA GLY A 597 4.28 -77.03 15.59
C GLY A 597 3.94 -75.96 14.58
N ARG A 598 4.42 -74.74 14.75
CA ARG A 598 4.14 -73.66 13.82
C ARG A 598 5.13 -73.68 12.66
N VAL A 599 4.73 -73.07 11.55
CA VAL A 599 5.54 -73.00 10.34
C VAL A 599 5.57 -71.55 9.86
N TYR A 600 6.73 -71.10 9.42
CA TYR A 600 6.88 -69.75 8.88
C TYR A 600 7.71 -69.81 7.61
N SER A 601 7.49 -68.82 6.73
CA SER A 601 8.19 -68.73 5.46
C SER A 601 8.97 -67.42 5.39
N MET A 602 10.14 -67.47 4.75
CA MET A 602 11.03 -66.31 4.72
C MET A 602 12.11 -66.55 3.68
N LYS A 603 12.48 -65.48 2.96
CA LYS A 603 13.59 -65.55 2.02
C LYS A 603 14.92 -65.59 2.76
N VAL A 604 15.93 -66.13 2.08
CA VAL A 604 17.25 -66.26 2.70
C VAL A 604 17.91 -64.89 2.83
N TYR A 605 17.81 -64.04 1.81
CA TYR A 605 18.51 -62.77 1.82
C TYR A 605 17.88 -61.75 2.75
N GLN A 606 16.84 -62.10 3.50
CA GLN A 606 16.29 -61.20 4.50
C GLN A 606 16.94 -61.35 5.86
N LEU A 607 17.85 -62.32 6.01
CA LEU A 607 18.59 -62.50 7.25
C LEU A 607 19.74 -61.50 7.34
N PRO A 608 20.16 -61.15 8.56
CA PRO A 608 21.29 -60.23 8.71
C PRO A 608 22.58 -60.78 8.12
N GLU A 609 23.37 -59.88 7.54
CA GLU A 609 24.68 -60.21 7.00
C GLU A 609 25.75 -59.58 7.87
N ALA A 610 26.71 -60.38 8.33
CA ALA A 610 27.72 -59.92 9.25
C ALA A 610 29.07 -60.53 8.85
N THR A 611 30.06 -60.34 9.71
CA THR A 611 31.42 -60.82 9.48
C THR A 611 31.71 -61.99 10.42
N ARG A 612 32.96 -62.46 10.36
CA ARG A 612 33.36 -63.62 11.16
C ARG A 612 33.37 -63.29 12.65
N GLY A 613 33.81 -62.09 13.01
CA GLY A 613 33.90 -61.70 14.40
C GLY A 613 32.66 -61.15 15.03
N ALA A 614 31.56 -61.05 14.28
CA ALA A 614 30.32 -60.49 14.81
C ALA A 614 29.58 -61.52 15.65
N ARG A 615 28.40 -61.13 16.11
CA ARG A 615 27.56 -61.99 16.95
C ARG A 615 26.25 -62.37 16.26
N GLY A 616 25.49 -61.39 15.78
CA GLY A 616 24.26 -61.62 15.08
C GLY A 616 23.16 -60.74 15.60
N ARG A 617 21.93 -61.02 15.17
CA ARG A 617 20.75 -60.30 15.60
C ARG A 617 19.71 -61.29 16.10
N PRO A 618 18.94 -60.92 17.12
CA PRO A 618 17.89 -61.82 17.62
C PRO A 618 16.85 -62.08 16.54
N ILE A 619 16.35 -63.33 16.51
CA ILE A 619 15.40 -63.74 15.50
C ILE A 619 13.97 -63.31 15.82
N VAL A 620 13.73 -62.81 17.03
CA VAL A 620 12.39 -62.36 17.40
C VAL A 620 11.96 -61.18 16.55
N ASN A 621 12.91 -60.37 16.10
CA ASN A 621 12.58 -59.20 15.28
C ASN A 621 12.16 -59.57 13.87
N LEU A 622 12.34 -60.82 13.45
CA LEU A 622 11.99 -61.24 12.09
C LEU A 622 10.75 -62.10 12.02
N LEU A 623 10.40 -62.80 13.10
CA LEU A 623 9.23 -63.66 13.13
C LEU A 623 8.41 -63.38 14.39
N PRO A 624 7.09 -63.50 14.31
CA PRO A 624 6.23 -63.23 15.49
C PRO A 624 6.18 -64.40 16.46
N LEU A 625 7.32 -64.67 17.10
CA LEU A 625 7.40 -65.76 18.05
C LEU A 625 6.88 -65.33 19.42
N GLU A 626 6.69 -66.31 20.30
CA GLU A 626 6.25 -66.06 21.65
C GLU A 626 7.46 -65.89 22.57
N GLN A 627 7.22 -65.88 23.89
CA GLN A 627 8.29 -65.62 24.83
C GLN A 627 9.26 -66.80 24.96
N ASP A 628 8.79 -68.02 24.71
CA ASP A 628 9.62 -69.21 24.85
C ASP A 628 9.42 -70.15 23.68
N GLU A 629 9.39 -69.59 22.47
CA GLU A 629 9.24 -70.36 21.25
C GLU A 629 10.52 -70.25 20.43
N ARG A 630 11.10 -71.40 20.08
CA ARG A 630 12.38 -71.44 19.38
C ARG A 630 12.25 -72.25 18.10
N ILE A 631 13.05 -71.86 17.11
CA ILE A 631 13.12 -72.59 15.84
C ILE A 631 14.01 -73.81 16.03
N THR A 632 13.55 -74.96 15.52
CA THR A 632 14.27 -76.22 15.69
C THR A 632 14.47 -77.00 14.39
N ALA A 633 14.00 -76.49 13.26
CA ALA A 633 14.18 -77.19 12.00
C ALA A 633 14.02 -76.20 10.86
N ILE A 634 14.85 -76.36 9.83
CA ILE A 634 14.83 -75.49 8.65
C ILE A 634 14.90 -76.36 7.41
N LEU A 635 14.06 -76.07 6.42
CA LEU A 635 14.02 -76.83 5.17
C LEU A 635 14.11 -75.87 3.99
N PRO A 636 15.19 -75.89 3.23
CA PRO A 636 15.28 -75.03 2.04
C PRO A 636 14.48 -75.62 0.88
N VAL A 637 13.61 -74.80 0.30
CA VAL A 637 12.77 -75.19 -0.83
C VAL A 637 13.04 -74.23 -1.97
N THR A 638 13.41 -74.77 -3.13
CA THR A 638 13.65 -73.93 -4.31
C THR A 638 12.33 -73.38 -4.85
N GLU A 639 11.33 -74.25 -5.01
CA GLU A 639 10.01 -73.83 -5.46
C GLU A 639 9.01 -74.91 -5.11
N PHE A 640 7.73 -74.54 -5.16
CA PHE A 640 6.63 -75.45 -4.89
C PHE A 640 6.03 -75.89 -6.22
N GLU A 641 5.97 -77.21 -6.43
CA GLU A 641 5.46 -77.72 -7.69
C GLU A 641 5.00 -79.17 -7.51
N GLU A 642 4.16 -79.61 -8.44
CA GLU A 642 3.68 -81.00 -8.55
C GLU A 642 2.95 -81.36 -7.25
N GLY A 643 2.93 -82.65 -6.91
CA GLY A 643 2.25 -83.12 -5.72
C GLY A 643 3.16 -83.89 -4.79
N VAL A 644 4.41 -83.44 -4.66
CA VAL A 644 5.35 -84.10 -3.76
C VAL A 644 4.91 -83.87 -2.31
N LYS A 645 5.40 -84.74 -1.43
CA LYS A 645 5.03 -84.73 -0.03
C LYS A 645 6.20 -84.28 0.84
N VAL A 646 5.90 -83.99 2.09
CA VAL A 646 6.88 -83.57 3.08
C VAL A 646 6.91 -84.61 4.19
N PHE A 647 8.09 -85.13 4.49
CA PHE A 647 8.26 -86.14 5.52
C PHE A 647 8.82 -85.50 6.78
N MET A 648 8.12 -85.71 7.90
CA MET A 648 8.48 -85.12 9.17
C MET A 648 8.76 -86.22 10.18
N ALA A 649 9.93 -86.15 10.81
CA ALA A 649 10.34 -87.11 11.83
C ALA A 649 10.75 -86.37 13.08
N THR A 650 10.21 -86.77 14.22
CA THR A 650 10.47 -86.14 15.50
C THR A 650 11.29 -87.07 16.39
N ALA A 651 11.52 -86.62 17.62
CA ALA A 651 12.10 -87.49 18.63
C ALA A 651 11.07 -88.53 19.07
N ASN A 652 11.55 -89.54 19.79
CA ASN A 652 10.76 -90.68 20.27
C ASN A 652 10.23 -91.55 19.14
N GLY A 653 10.69 -91.34 17.91
CA GLY A 653 10.32 -92.18 16.79
C GLY A 653 8.87 -92.07 16.36
N THR A 654 8.49 -90.90 15.86
CA THR A 654 7.16 -90.68 15.30
C THR A 654 7.31 -90.00 13.94
N VAL A 655 6.62 -90.53 12.94
CA VAL A 655 6.73 -90.05 11.57
C VAL A 655 5.37 -89.55 11.09
N LYS A 656 5.40 -88.71 10.07
CA LYS A 656 4.20 -88.07 9.55
C LYS A 656 4.48 -87.57 8.15
N LYS A 657 3.48 -87.65 7.27
CA LYS A 657 3.60 -87.23 5.89
C LYS A 657 2.48 -86.26 5.55
N THR A 658 2.80 -85.20 4.83
CA THR A 658 1.82 -84.21 4.42
C THR A 658 2.16 -83.70 3.03
N VAL A 659 1.15 -83.21 2.32
CA VAL A 659 1.34 -82.71 0.96
C VAL A 659 1.98 -81.34 1.01
N LEU A 660 2.84 -81.05 0.03
CA LEU A 660 3.57 -79.79 0.02
C LEU A 660 2.67 -78.62 -0.34
N THR A 661 1.64 -78.85 -1.15
CA THR A 661 0.80 -77.75 -1.63
C THR A 661 0.06 -77.05 -0.49
N GLU A 662 -0.03 -77.69 0.69
CA GLU A 662 -0.63 -77.02 1.84
C GLU A 662 0.20 -75.81 2.27
N PHE A 663 1.52 -75.95 2.24
CA PHE A 663 2.43 -74.88 2.63
C PHE A 663 2.80 -73.96 1.46
N ASN A 664 1.99 -73.95 0.40
CA ASN A 664 2.31 -73.14 -0.77
C ASN A 664 2.33 -71.65 -0.43
N ARG A 665 1.34 -71.19 0.33
CA ARG A 665 1.24 -69.78 0.71
C ARG A 665 0.94 -69.68 2.19
N LEU A 666 1.68 -68.80 2.88
CA LEU A 666 1.51 -68.60 4.31
C LEU A 666 1.41 -67.11 4.61
N ARG A 667 0.70 -66.78 5.67
CA ARG A 667 0.55 -65.40 6.11
C ARG A 667 1.70 -65.03 7.04
N THR A 668 1.59 -63.87 7.69
CA THR A 668 2.62 -63.47 8.64
C THR A 668 2.69 -64.43 9.82
N ALA A 669 1.54 -64.85 10.34
CA ALA A 669 1.47 -65.85 11.38
C ALA A 669 1.11 -67.19 10.75
N GLY A 670 1.93 -68.21 11.00
CA GLY A 670 1.78 -69.48 10.33
C GLY A 670 0.68 -70.34 10.90
N LYS A 671 0.56 -71.53 10.32
CA LYS A 671 -0.45 -72.50 10.69
C LYS A 671 0.18 -73.71 11.38
N VAL A 672 -0.65 -74.42 12.14
CA VAL A 672 -0.18 -75.60 12.86
C VAL A 672 0.04 -76.74 11.87
N ALA A 673 1.20 -77.40 11.98
CA ALA A 673 1.54 -78.50 11.07
C ALA A 673 1.70 -79.85 11.76
N ILE A 674 1.87 -79.89 13.08
CA ILE A 674 2.03 -81.15 13.79
C ILE A 674 1.57 -80.95 15.23
N LYS A 675 0.94 -81.98 15.78
CA LYS A 675 0.44 -81.95 17.17
C LYS A 675 1.47 -82.67 18.05
N LEU A 676 2.44 -81.92 18.56
CA LEU A 676 3.45 -82.50 19.43
C LEU A 676 2.84 -82.81 20.79
N VAL A 677 3.41 -83.80 21.47
CA VAL A 677 2.97 -84.23 22.80
C VAL A 677 4.16 -84.18 23.74
N ASP A 678 3.97 -83.55 24.89
CA ASP A 678 4.99 -83.44 25.93
C ASP A 678 6.28 -82.86 25.38
N GLY A 679 7.42 -83.38 25.82
CA GLY A 679 8.71 -82.90 25.36
C GLY A 679 9.20 -83.57 24.10
N ASP A 680 8.55 -83.29 22.98
CA ASP A 680 8.93 -83.85 21.68
C ASP A 680 9.22 -82.70 20.71
N GLU A 681 10.26 -82.86 19.90
CA GLU A 681 10.69 -81.82 18.98
C GLU A 681 10.99 -82.42 17.61
N LEU A 682 10.76 -81.63 16.58
CA LEU A 682 11.14 -82.02 15.22
C LEU A 682 12.65 -82.06 15.09
N ILE A 683 13.16 -83.09 14.43
CA ILE A 683 14.61 -83.26 14.27
C ILE A 683 14.97 -83.28 12.79
N GLY A 684 14.04 -83.73 11.95
CA GLY A 684 14.33 -83.86 10.53
C GLY A 684 13.15 -83.62 9.62
N VAL A 685 13.33 -82.81 8.59
CA VAL A 685 12.32 -82.54 7.57
C VAL A 685 12.96 -82.68 6.21
N ASP A 686 12.28 -83.37 5.30
CA ASP A 686 12.81 -83.58 3.95
C ASP A 686 11.65 -83.75 2.98
N LEU A 687 11.93 -83.49 1.71
CA LEU A 687 10.95 -83.64 0.64
C LEU A 687 11.02 -85.03 0.05
N THR A 688 9.86 -85.61 -0.23
CA THR A 688 9.77 -86.98 -0.72
C THR A 688 8.81 -87.06 -1.89
N SER A 689 9.13 -87.95 -2.83
CA SER A 689 8.28 -88.22 -3.98
C SER A 689 7.25 -89.28 -3.58
N GLY A 690 6.56 -89.83 -4.59
CA GLY A 690 5.55 -90.85 -4.30
C GLY A 690 6.13 -92.10 -3.67
N GLU A 691 7.23 -92.61 -4.22
CA GLU A 691 7.88 -93.81 -3.72
C GLU A 691 9.35 -93.52 -3.48
N ASP A 692 9.81 -93.76 -2.26
CA ASP A 692 11.21 -93.55 -1.88
C ASP A 692 11.52 -94.45 -0.70
N GLU A 693 12.68 -94.23 -0.07
CA GLU A 693 13.10 -94.98 1.09
C GLU A 693 13.47 -94.02 2.21
N VAL A 694 13.29 -94.47 3.45
CA VAL A 694 13.50 -93.63 4.63
C VAL A 694 14.44 -94.37 5.59
N MET A 695 15.43 -93.66 6.12
CA MET A 695 16.35 -94.19 7.10
C MET A 695 16.34 -93.30 8.34
N LEU A 696 16.37 -93.92 9.51
CA LEU A 696 16.37 -93.22 10.78
C LEU A 696 17.60 -93.64 11.60
N PHE A 697 18.25 -92.66 12.22
CA PHE A 697 19.47 -92.89 12.99
C PHE A 697 19.22 -92.57 14.45
N SER A 698 19.80 -93.37 15.34
CA SER A 698 19.69 -93.18 16.77
C SER A 698 21.03 -92.72 17.32
N ALA A 699 21.01 -92.36 18.61
CA ALA A 699 22.20 -91.87 19.29
C ALA A 699 23.07 -93.00 19.85
N GLU A 700 22.65 -94.25 19.74
CA GLU A 700 23.41 -95.39 20.23
C GLU A 700 23.77 -96.36 19.10
N GLY A 701 23.66 -95.93 17.85
CA GLY A 701 24.05 -96.76 16.73
C GLY A 701 23.00 -97.73 16.26
N LYS A 702 21.79 -97.22 15.98
CA LYS A 702 20.70 -98.03 15.46
C LYS A 702 20.17 -97.37 14.19
N VAL A 703 19.91 -98.19 13.17
CA VAL A 703 19.41 -97.70 11.90
C VAL A 703 18.26 -98.60 11.45
N VAL A 704 17.23 -97.99 10.87
CA VAL A 704 16.04 -98.69 10.39
C VAL A 704 15.73 -98.21 8.97
N ARG A 705 15.45 -99.15 8.08
CA ARG A 705 15.03 -98.84 6.72
C ARG A 705 13.67 -99.48 6.45
N PHE A 706 12.80 -98.72 5.80
CA PHE A 706 11.47 -99.24 5.46
C PHE A 706 10.91 -98.41 4.31
N LYS A 707 9.95 -99.01 3.60
CA LYS A 707 9.26 -98.30 2.54
C LYS A 707 8.35 -97.22 3.10
N GLU A 708 8.24 -96.12 2.37
CA GLU A 708 7.36 -95.04 2.79
C GLU A 708 5.90 -95.31 2.46
N SER A 709 5.61 -96.37 1.71
CA SER A 709 4.24 -96.72 1.41
C SER A 709 3.46 -97.16 2.65
N SER A 710 4.15 -97.58 3.71
CA SER A 710 3.48 -97.96 4.94
C SER A 710 2.92 -96.76 5.68
N VAL A 711 3.34 -95.55 5.32
CA VAL A 711 2.85 -94.32 5.94
C VAL A 711 1.98 -93.60 4.91
N ARG A 712 0.75 -93.31 5.29
CA ARG A 712 -0.21 -92.64 4.41
C ARG A 712 -0.23 -91.14 4.69
N ALA A 713 -0.65 -90.38 3.67
CA ALA A 713 -0.77 -88.94 3.82
C ALA A 713 -1.88 -88.60 4.79
N MET A 714 -1.62 -87.62 5.66
CA MET A 714 -2.59 -87.22 6.68
C MET A 714 -2.83 -85.72 6.65
N GLY A 715 -3.55 -85.21 7.63
CA GLY A 715 -3.84 -83.79 7.73
C GLY A 715 -2.72 -83.04 8.42
N CYS A 716 -3.04 -81.82 8.85
CA CYS A 716 -2.07 -80.96 9.52
C CYS A 716 -2.09 -81.15 11.03
N ASN A 717 -3.27 -81.07 11.65
CA ASN A 717 -3.39 -81.17 13.10
C ASN A 717 -3.50 -82.64 13.51
N THR A 718 -2.41 -83.37 13.28
CA THR A 718 -2.33 -84.78 13.61
C THR A 718 -1.00 -85.06 14.28
N THR A 719 -0.92 -86.19 14.97
CA THR A 719 0.29 -86.57 15.69
C THR A 719 1.24 -87.38 14.82
N GLY A 720 0.79 -88.52 14.30
CA GLY A 720 1.60 -89.35 13.44
C GLY A 720 1.50 -90.81 13.86
N VAL A 721 2.46 -91.60 13.37
CA VAL A 721 2.51 -93.03 13.64
C VAL A 721 3.93 -93.38 14.07
N ARG A 722 4.06 -94.51 14.77
CA ARG A 722 5.36 -94.94 15.27
C ARG A 722 6.24 -95.44 14.13
N GLY A 723 7.48 -94.96 14.09
CA GLY A 723 8.40 -95.34 13.04
C GLY A 723 9.47 -96.32 13.47
N ILE A 724 10.02 -96.13 14.67
CA ILE A 724 11.10 -96.97 15.17
C ILE A 724 10.84 -97.29 16.64
N ARG A 725 11.03 -98.55 17.01
CA ARG A 725 10.90 -98.96 18.41
C ARG A 725 12.12 -98.47 19.19
N LEU A 726 11.99 -97.31 19.82
CA LEU A 726 13.11 -96.71 20.52
C LEU A 726 13.38 -97.45 21.83
N GLY A 727 14.63 -97.37 22.29
CA GLY A 727 15.02 -98.01 23.53
C GLY A 727 14.61 -97.21 24.75
N GLU A 728 15.50 -97.17 25.75
CA GLU A 728 15.25 -96.43 26.99
C GLU A 728 16.37 -95.43 27.18
N GLY A 729 16.07 -94.15 26.98
CA GLY A 729 17.04 -93.09 27.15
C GLY A 729 17.74 -92.63 25.89
N ASP A 730 17.30 -93.08 24.72
CA ASP A 730 17.91 -92.70 23.45
C ASP A 730 16.99 -91.74 22.69
N LYS A 731 17.54 -91.14 21.64
CA LYS A 731 16.82 -90.16 20.83
C LYS A 731 17.18 -90.36 19.37
N VAL A 732 16.34 -89.84 18.50
CA VAL A 732 16.58 -89.84 17.05
C VAL A 732 17.31 -88.56 16.69
N VAL A 733 18.37 -88.68 15.90
CA VAL A 733 19.26 -87.56 15.63
C VAL A 733 19.35 -87.19 14.15
N SER A 734 18.91 -88.04 13.23
CA SER A 734 19.11 -87.76 11.82
C SER A 734 18.03 -88.43 10.98
N LEU A 735 17.90 -87.95 9.75
CA LEU A 735 16.97 -88.50 8.78
C LEU A 735 17.58 -88.39 7.39
N ILE A 736 17.58 -89.49 6.65
CA ILE A 736 18.19 -89.54 5.32
C ILE A 736 17.22 -90.20 4.36
N VAL A 737 17.06 -89.61 3.19
CA VAL A 737 16.29 -90.21 2.10
C VAL A 737 17.26 -90.58 0.99
N PRO A 738 17.68 -91.83 0.90
CA PRO A 738 18.75 -92.18 -0.06
C PRO A 738 18.31 -92.04 -1.50
N ARG A 739 19.27 -91.65 -2.34
CA ARG A 739 19.07 -91.56 -3.78
C ARG A 739 20.41 -91.86 -4.46
N GLY A 740 20.34 -92.49 -5.63
CA GLY A 740 21.57 -92.82 -6.33
C GLY A 740 22.38 -93.86 -5.59
N ASP A 741 23.71 -93.76 -5.73
CA ASP A 741 24.65 -94.68 -5.08
C ASP A 741 25.76 -93.84 -4.47
N GLY A 742 25.62 -93.51 -3.20
CA GLY A 742 26.63 -92.75 -2.49
C GLY A 742 26.85 -93.32 -1.10
N ALA A 743 28.10 -93.20 -0.64
CA ALA A 743 28.45 -93.71 0.67
C ALA A 743 27.80 -92.88 1.77
N ILE A 744 27.60 -93.50 2.92
CA ILE A 744 27.01 -92.85 4.08
C ILE A 744 28.14 -92.52 5.06
N LEU A 745 28.20 -91.26 5.48
CA LEU A 745 29.24 -90.77 6.38
C LEU A 745 28.62 -90.40 7.73
N THR A 746 29.19 -90.96 8.79
CA THR A 746 28.71 -90.71 10.15
C THR A 746 29.73 -89.91 10.93
N ALA A 747 29.33 -89.48 12.13
CA ALA A 747 30.20 -88.68 12.98
C ALA A 747 29.84 -88.94 14.43
N THR A 748 30.78 -88.60 15.31
CA THR A 748 30.62 -88.76 16.76
C THR A 748 30.91 -87.44 17.44
N GLN A 749 30.70 -87.40 18.75
CA GLN A 749 30.95 -86.18 19.52
C GLN A 749 32.42 -85.79 19.51
N ASN A 750 33.30 -86.77 19.66
CA ASN A 750 34.73 -86.51 19.76
C ASN A 750 35.43 -86.36 18.42
N GLY A 751 34.69 -86.50 17.31
CA GLY A 751 35.28 -86.26 16.00
C GLY A 751 35.82 -87.49 15.32
N TYR A 752 35.00 -88.54 15.24
CA TYR A 752 35.37 -89.76 14.54
C TYR A 752 34.24 -90.18 13.63
N GLY A 753 34.60 -90.71 12.45
CA GLY A 753 33.61 -91.11 11.48
C GLY A 753 34.18 -92.07 10.47
N LYS A 754 33.31 -92.54 9.58
CA LYS A 754 33.70 -93.52 8.57
C LYS A 754 32.71 -93.46 7.43
N ARG A 755 33.09 -94.06 6.31
CA ARG A 755 32.25 -94.15 5.12
C ARG A 755 31.94 -95.61 4.84
N THR A 756 30.68 -95.91 4.57
CA THR A 756 30.23 -97.26 4.29
C THR A 756 29.33 -97.27 3.06
N ALA A 757 29.31 -98.41 2.38
CA ALA A 757 28.47 -98.54 1.18
C ALA A 757 27.00 -98.52 1.56
N VAL A 758 26.18 -98.03 0.61
CA VAL A 758 24.74 -97.93 0.86
C VAL A 758 24.04 -99.28 0.67
N ALA A 759 24.69 -100.24 0.02
CA ALA A 759 24.05 -101.50 -0.33
C ALA A 759 24.09 -102.52 0.81
N GLU A 760 24.72 -102.20 1.95
CA GLU A 760 24.83 -103.12 3.06
C GLU A 760 23.90 -102.76 4.21
N TYR A 761 22.85 -101.97 3.95
CA TYR A 761 21.85 -101.66 4.95
C TYR A 761 20.55 -102.39 4.62
N PRO A 762 20.16 -103.40 5.39
CA PRO A 762 18.95 -104.16 5.07
C PRO A 762 17.69 -103.32 5.25
N THR A 763 16.65 -103.67 4.50
CA THR A 763 15.36 -103.02 4.56
C THR A 763 14.34 -103.98 5.16
N LYS A 764 13.62 -103.53 6.19
CA LYS A 764 12.63 -104.35 6.86
C LYS A 764 11.39 -103.49 7.11
N SER A 765 10.47 -104.01 7.91
CA SER A 765 9.26 -103.28 8.25
C SER A 765 9.54 -102.21 9.28
N ARG A 766 8.60 -101.27 9.42
CA ARG A 766 8.75 -100.17 10.35
C ARG A 766 8.41 -100.63 11.77
N ALA A 767 8.62 -99.72 12.73
CA ALA A 767 8.33 -99.95 14.14
C ALA A 767 9.05 -101.19 14.67
N THR A 768 10.31 -101.34 14.28
CA THR A 768 11.15 -102.45 14.71
C THR A 768 12.47 -101.91 15.25
N LYS A 769 13.23 -102.80 15.88
CA LYS A 769 14.54 -102.44 16.37
C LYS A 769 15.51 -102.24 15.20
N GLY A 770 16.60 -101.53 15.48
CA GLY A 770 17.62 -101.27 14.49
C GLY A 770 18.75 -102.28 14.52
N VAL A 771 19.80 -101.96 13.78
CA VAL A 771 21.02 -102.76 13.74
C VAL A 771 22.20 -101.84 14.00
N ILE A 772 23.34 -102.44 14.31
CA ILE A 772 24.53 -101.67 14.68
C ILE A 772 25.02 -100.90 13.46
N SER A 773 25.24 -99.60 13.65
CA SER A 773 25.77 -98.74 12.59
C SER A 773 27.21 -98.31 12.85
N ILE A 774 27.61 -98.14 14.10
CA ILE A 774 28.97 -97.77 14.44
C ILE A 774 29.21 -98.13 15.90
N LYS A 775 30.42 -98.56 16.20
CA LYS A 775 30.77 -98.93 17.58
C LYS A 775 30.84 -97.68 18.44
N VAL A 776 30.01 -97.66 19.49
CA VAL A 776 29.98 -96.50 20.38
C VAL A 776 31.31 -96.39 21.15
N THR A 777 31.74 -97.49 21.75
CA THR A 777 32.98 -97.57 22.53
C THR A 777 32.98 -96.45 23.58
N GLU A 778 34.17 -95.97 23.92
CA GLU A 778 34.34 -94.86 24.84
C GLU A 778 35.11 -93.69 24.24
N ARG A 779 36.06 -93.96 23.34
CA ARG A 779 36.83 -92.90 22.70
C ARG A 779 35.94 -92.03 21.81
N ASN A 780 34.92 -92.62 21.19
CA ASN A 780 34.09 -91.89 20.24
C ASN A 780 33.03 -91.04 20.95
N GLY A 781 32.16 -91.68 21.72
CA GLY A 781 31.09 -90.96 22.39
C GLY A 781 29.71 -91.37 21.90
N LEU A 782 29.00 -90.46 21.25
CA LEU A 782 27.67 -90.75 20.73
C LEU A 782 27.56 -90.19 19.31
N VAL A 783 26.66 -90.78 18.53
CA VAL A 783 26.44 -90.35 17.16
C VAL A 783 25.79 -88.98 17.15
N VAL A 784 26.22 -88.13 16.22
CA VAL A 784 25.70 -86.78 16.13
C VAL A 784 24.91 -86.53 14.85
N GLY A 785 25.26 -87.20 13.75
CA GLY A 785 24.55 -87.01 12.50
C GLY A 785 25.13 -87.89 11.42
N ALA A 786 24.45 -87.90 10.28
CA ALA A 786 24.87 -88.69 9.14
C ALA A 786 24.26 -88.11 7.87
N VAL A 787 25.05 -88.06 6.80
CA VAL A 787 24.60 -87.57 5.50
C VAL A 787 25.13 -88.49 4.42
N GLN A 788 24.48 -88.45 3.26
CA GLN A 788 24.89 -89.22 2.09
C GLN A 788 25.74 -88.33 1.19
N VAL A 789 27.05 -88.62 1.14
CA VAL A 789 28.00 -87.84 0.36
C VAL A 789 28.64 -88.75 -0.67
N ASP A 790 28.56 -88.36 -1.93
CA ASP A 790 29.23 -89.10 -2.99
C ASP A 790 30.68 -88.61 -3.08
N ASP A 791 31.42 -89.10 -4.08
CA ASP A 791 32.81 -88.72 -4.22
C ASP A 791 32.92 -87.29 -4.76
N CYS A 792 34.12 -86.73 -4.63
CA CYS A 792 34.44 -85.39 -5.14
C CYS A 792 33.59 -84.31 -4.49
N ASP A 793 33.27 -84.47 -3.22
CA ASP A 793 32.52 -83.47 -2.46
C ASP A 793 33.32 -83.07 -1.23
N GLN A 794 32.74 -82.15 -0.44
CA GLN A 794 33.38 -81.65 0.77
C GLN A 794 32.33 -81.53 1.87
N ILE A 795 32.81 -81.54 3.11
CA ILE A 795 31.94 -81.46 4.28
C ILE A 795 32.48 -80.39 5.22
N MET A 796 31.62 -79.96 6.14
CA MET A 796 32.00 -79.01 7.17
C MET A 796 31.47 -79.48 8.52
N MET A 797 32.24 -79.22 9.57
CA MET A 797 31.86 -79.59 10.92
C MET A 797 32.08 -78.39 11.84
N ILE A 798 31.30 -78.33 12.90
CA ILE A 798 31.36 -77.22 13.85
C ILE A 798 31.12 -77.74 15.25
N THR A 799 31.85 -77.19 16.22
CA THR A 799 31.66 -77.51 17.62
C THR A 799 30.60 -76.59 18.21
N ASP A 800 30.46 -76.61 19.53
CA ASP A 800 29.49 -75.76 20.22
C ASP A 800 30.04 -74.37 20.53
N ALA A 801 31.29 -74.09 20.18
CA ALA A 801 31.92 -72.79 20.41
C ALA A 801 32.66 -72.34 19.16
N GLY A 802 31.99 -72.45 18.01
CA GLY A 802 32.62 -72.06 16.76
C GLY A 802 33.56 -73.14 16.28
N THR A 803 34.75 -72.72 15.84
CA THR A 803 35.79 -73.63 15.38
C THR A 803 35.30 -74.52 14.24
N LEU A 804 34.96 -73.86 13.13
CA LEU A 804 34.50 -74.56 11.93
C LEU A 804 35.69 -75.13 11.18
N VAL A 805 35.50 -76.31 10.58
CA VAL A 805 36.54 -76.99 9.83
C VAL A 805 35.93 -77.56 8.55
N ARG A 806 36.66 -77.44 7.44
CA ARG A 806 36.19 -77.86 6.13
C ARG A 806 37.25 -78.75 5.50
N THR A 807 36.88 -79.99 5.17
CA THR A 807 37.78 -80.97 4.60
C THR A 807 37.11 -81.65 3.40
N ARG A 808 37.85 -82.55 2.76
CA ARG A 808 37.35 -83.32 1.65
C ARG A 808 36.93 -84.72 2.12
N VAL A 809 36.29 -85.45 1.21
CA VAL A 809 35.80 -86.80 1.51
C VAL A 809 36.62 -87.89 0.85
N SER A 810 37.48 -87.56 -0.11
CA SER A 810 38.29 -88.58 -0.77
C SER A 810 39.36 -89.17 0.14
N GLU A 811 39.66 -88.54 1.27
CA GLU A 811 40.68 -89.01 2.18
C GLU A 811 40.13 -89.93 3.27
N ILE A 812 38.84 -90.27 3.22
CA ILE A 812 38.22 -91.15 4.19
C ILE A 812 37.94 -92.48 3.51
N SER A 813 38.41 -93.56 4.12
CA SER A 813 38.35 -94.88 3.51
C SER A 813 36.95 -95.47 3.62
N ILE A 814 36.70 -96.51 2.82
CA ILE A 814 35.46 -97.26 2.85
C ILE A 814 35.69 -98.53 3.66
N VAL A 815 34.91 -98.71 4.73
CA VAL A 815 35.07 -99.83 5.64
C VAL A 815 33.71 -100.49 5.85
N GLY A 816 33.68 -101.50 6.72
CA GLY A 816 32.46 -102.19 7.02
C GLY A 816 31.57 -101.42 7.98
N ARG A 817 30.37 -101.95 8.18
CA ARG A 817 29.39 -101.26 9.02
C ARG A 817 29.73 -101.38 10.50
N ASN A 818 30.17 -102.55 10.95
CA ASN A 818 30.44 -102.79 12.36
C ASN A 818 31.92 -102.57 12.67
N THR A 819 32.38 -101.34 12.45
CA THR A 819 33.75 -100.94 12.72
C THR A 819 33.76 -99.54 13.31
N GLN A 820 34.83 -99.22 14.03
CA GLN A 820 35.04 -97.87 14.53
C GLN A 820 35.72 -97.02 13.47
N GLY A 821 35.60 -95.71 13.62
CA GLY A 821 36.04 -94.76 12.61
C GLY A 821 37.45 -94.27 12.82
N VAL A 822 37.75 -93.14 12.16
CA VAL A 822 39.06 -92.51 12.20
C VAL A 822 38.87 -91.05 12.58
N ILE A 823 39.95 -90.42 13.04
CA ILE A 823 39.87 -89.05 13.51
C ILE A 823 39.55 -88.12 12.36
N LEU A 824 38.64 -87.17 12.60
CA LEU A 824 38.25 -86.17 11.62
C LEU A 824 38.63 -84.76 12.05
N ILE A 825 38.29 -84.36 13.27
CA ILE A 825 38.59 -83.04 13.78
C ILE A 825 39.25 -83.18 15.15
N ARG A 826 40.38 -82.51 15.33
CA ARG A 826 41.11 -82.53 16.61
C ARG A 826 40.40 -81.56 17.57
N THR A 827 39.29 -82.05 18.13
CA THR A 827 38.52 -81.23 19.05
C THR A 827 39.29 -80.99 20.34
N ALA A 828 39.12 -79.80 20.91
CA ALA A 828 39.71 -79.47 22.19
C ALA A 828 38.89 -80.08 23.32
N GLU A 829 39.45 -80.02 24.53
CA GLU A 829 38.75 -80.52 25.70
C GLU A 829 37.52 -79.67 25.98
N ASP A 830 36.52 -80.30 26.60
CA ASP A 830 35.25 -79.64 26.91
C ASP A 830 34.58 -79.09 25.65
N GLU A 831 34.63 -79.87 24.57
CA GLU A 831 34.01 -79.49 23.31
C GLU A 831 33.29 -80.69 22.72
N ASN A 832 32.27 -80.42 21.92
CA ASN A 832 31.48 -81.46 21.29
C ASN A 832 31.05 -81.01 19.90
N VAL A 833 31.14 -81.92 18.92
CA VAL A 833 30.66 -81.62 17.58
C VAL A 833 29.14 -81.59 17.59
N VAL A 834 28.56 -80.54 17.00
CA VAL A 834 27.13 -80.32 17.05
C VAL A 834 26.51 -80.39 15.67
N GLY A 835 27.29 -80.01 14.64
CA GLY A 835 26.75 -79.87 13.30
C GLY A 835 27.54 -80.67 12.28
N LEU A 836 26.90 -80.88 11.13
CA LEU A 836 27.51 -81.57 10.01
C LEU A 836 26.70 -81.26 8.75
N GLN A 837 27.37 -80.79 7.71
CA GLN A 837 26.71 -80.40 6.48
C GLN A 837 27.53 -80.87 5.29
N ARG A 838 26.86 -80.95 4.13
CA ARG A 838 27.48 -81.37 2.88
C ARG A 838 27.61 -80.20 1.94
N VAL A 839 28.77 -80.09 1.29
CA VAL A 839 29.05 -79.03 0.34
C VAL A 839 29.33 -79.68 -1.02
N ALA A 840 28.59 -79.26 -2.04
CA ALA A 840 28.77 -79.80 -3.37
C ALA A 840 29.98 -79.16 -4.06
N GLU A 841 30.35 -79.72 -5.20
CA GLU A 841 31.50 -79.22 -5.96
C GLU A 841 31.21 -77.85 -6.56
N ARG B 6 42.89 -2.28 9.01
CA ARG B 6 42.60 -3.16 7.90
C ARG B 6 41.27 -3.85 8.07
N GLU B 7 41.28 -5.19 8.11
CA GLU B 7 40.05 -5.94 8.30
C GLU B 7 39.46 -5.70 9.68
N ILE B 8 40.30 -5.63 10.71
CA ILE B 8 39.87 -5.43 12.09
C ILE B 8 40.52 -4.17 12.61
N THR B 9 39.71 -3.28 13.19
CA THR B 9 40.20 -2.03 13.76
C THR B 9 39.53 -1.78 15.11
N PRO B 10 40.30 -1.59 16.18
CA PRO B 10 39.68 -1.35 17.49
C PRO B 10 38.99 0.01 17.54
N VAL B 11 37.97 0.09 18.39
CA VAL B 11 37.21 1.32 18.59
C VAL B 11 36.66 1.32 20.01
N ASN B 12 36.62 2.51 20.61
CA ASN B 12 36.08 2.66 21.95
C ASN B 12 34.55 2.76 21.90
N ILE B 13 33.89 2.20 22.90
CA ILE B 13 32.43 2.15 22.89
C ILE B 13 31.83 3.55 23.09
N GLU B 14 32.49 4.40 23.88
CA GLU B 14 31.93 5.72 24.17
C GLU B 14 31.82 6.56 22.90
N GLU B 15 32.86 6.54 22.06
CA GLU B 15 32.83 7.35 20.84
C GLU B 15 31.72 6.90 19.90
N GLU B 16 31.58 5.58 19.72
CA GLU B 16 30.55 5.05 18.85
C GLU B 16 29.16 5.41 19.36
N LEU B 17 28.93 5.20 20.67
CA LEU B 17 27.64 5.54 21.25
C LEU B 17 27.31 7.01 21.07
N LYS B 18 28.27 7.88 21.40
CA LYS B 18 28.04 9.32 21.30
C LYS B 18 27.74 9.73 19.87
N SER B 19 28.55 9.27 18.92
CA SER B 19 28.35 9.66 17.53
C SER B 19 27.00 9.21 17.01
N SER B 20 26.66 7.93 17.22
CA SER B 20 25.40 7.40 16.69
C SER B 20 24.20 8.11 17.33
N TYR B 21 24.23 8.29 18.66
CA TYR B 21 23.08 8.90 19.31
C TYR B 21 22.94 10.37 18.92
N LEU B 22 24.06 11.10 18.80
CA LEU B 22 23.98 12.50 18.39
C LEU B 22 23.44 12.61 16.98
N ASP B 23 23.89 11.74 16.07
CA ASP B 23 23.38 11.77 14.70
C ASP B 23 21.87 11.53 14.68
N TYR B 24 21.41 10.49 15.37
CA TYR B 24 19.98 10.19 15.39
C TYR B 24 19.19 11.33 15.99
N ALA B 25 19.66 11.88 17.12
CA ALA B 25 18.92 12.95 17.80
C ALA B 25 18.83 14.19 16.92
N MET B 26 19.94 14.58 16.29
CA MET B 26 19.91 15.76 15.44
C MET B 26 18.99 15.55 14.24
N SER B 27 19.04 14.37 13.62
CA SER B 27 18.17 14.10 12.49
C SER B 27 16.70 14.20 12.90
N VAL B 28 16.35 13.59 14.03
CA VAL B 28 14.95 13.61 14.49
C VAL B 28 14.51 15.03 14.82
N ILE B 29 15.37 15.78 15.52
CA ILE B 29 14.99 17.13 15.94
C ILE B 29 14.81 18.05 14.74
N VAL B 30 15.72 17.99 13.77
CA VAL B 30 15.70 18.97 12.69
C VAL B 30 14.78 18.57 11.54
N GLY B 31 14.52 17.28 11.33
CA GLY B 31 13.80 16.92 10.13
C GLY B 31 12.55 16.06 10.26
N ARG B 32 12.08 15.81 11.47
CA ARG B 32 10.91 14.94 11.53
C ARG B 32 9.75 15.48 12.35
N ALA B 33 10.02 16.15 13.48
CA ALA B 33 8.99 16.40 14.46
C ALA B 33 8.67 17.86 14.73
N LEU B 34 9.53 18.79 14.34
CA LEU B 34 9.20 20.16 14.73
C LEU B 34 8.80 21.00 13.52
N PRO B 35 7.79 21.84 13.65
CA PRO B 35 7.35 22.66 12.53
C PRO B 35 8.22 23.89 12.34
N ASP B 36 8.05 24.53 11.20
CA ASP B 36 8.73 25.78 10.88
C ASP B 36 7.90 26.96 11.38
N VAL B 37 8.58 28.06 11.67
CA VAL B 37 7.89 29.23 12.21
C VAL B 37 7.27 30.09 11.10
N ARG B 38 7.66 29.89 9.85
CA ARG B 38 7.18 30.73 8.76
C ARG B 38 5.90 30.20 8.12
N ASP B 39 5.78 28.88 7.97
CA ASP B 39 4.58 28.29 7.38
C ASP B 39 3.89 27.28 8.29
N GLY B 40 4.52 26.87 9.39
CA GLY B 40 3.90 25.94 10.31
C GLY B 40 3.64 24.56 9.75
N LEU B 41 4.59 24.01 8.98
CA LEU B 41 4.42 22.72 8.35
C LEU B 41 5.64 21.83 8.63
N LYS B 42 5.36 20.57 8.93
CA LYS B 42 6.40 19.55 8.96
C LYS B 42 6.78 19.14 7.55
N PRO B 43 7.96 18.55 7.36
CA PRO B 43 8.38 18.21 5.98
C PRO B 43 7.40 17.29 5.26
N VAL B 44 6.77 16.36 5.97
CA VAL B 44 5.85 15.43 5.31
C VAL B 44 4.62 16.18 4.76
N HIS B 45 4.09 17.13 5.53
CA HIS B 45 2.95 17.90 5.06
C HIS B 45 3.30 18.68 3.80
N ARG B 46 4.45 19.35 3.81
CA ARG B 46 4.87 20.14 2.66
C ARG B 46 5.08 19.25 1.43
N ARG B 47 5.70 18.09 1.62
CA ARG B 47 5.92 17.19 0.50
C ARG B 47 4.60 16.66 -0.07
N VAL B 48 3.66 16.31 0.81
CA VAL B 48 2.35 15.84 0.34
C VAL B 48 1.63 16.93 -0.44
N LEU B 49 1.64 18.16 0.10
CA LEU B 49 0.97 19.26 -0.60
C LEU B 49 1.62 19.54 -1.95
N TYR B 50 2.95 19.53 -2.01
CA TYR B 50 3.62 19.77 -3.28
C TYR B 50 3.32 18.66 -4.29
N ALA B 51 3.31 17.40 -3.84
CA ALA B 51 3.00 16.30 -4.74
C ALA B 51 1.58 16.40 -5.27
N MET B 52 0.63 16.77 -4.41
CA MET B 52 -0.75 16.95 -4.86
C MET B 52 -0.85 18.12 -5.84
N ASN B 53 -0.07 19.18 -5.61
CA ASN B 53 -0.10 20.32 -6.52
C ASN B 53 0.46 19.96 -7.89
N VAL B 54 1.52 19.15 -7.93
CA VAL B 54 2.15 18.81 -9.21
C VAL B 54 1.19 18.01 -10.08
N LEU B 55 0.41 17.11 -9.49
CA LEU B 55 -0.51 16.28 -10.26
C LEU B 55 -1.69 17.05 -10.83
N GLY B 56 -1.86 18.32 -10.45
CA GLY B 56 -3.03 19.06 -10.88
C GLY B 56 -4.32 18.56 -10.27
N ASN B 57 -4.29 18.21 -8.99
CA ASN B 57 -5.49 17.74 -8.27
C ASN B 57 -6.10 18.94 -7.56
N ASP B 58 -6.81 19.76 -8.34
CA ASP B 58 -7.32 21.03 -7.87
C ASP B 58 -8.63 20.84 -7.12
N TRP B 59 -9.16 21.95 -6.60
CA TRP B 59 -10.35 21.92 -5.76
C TRP B 59 -11.65 21.87 -6.55
N ASN B 60 -11.61 22.14 -7.86
CA ASN B 60 -12.81 22.15 -8.69
C ASN B 60 -12.68 21.14 -9.83
N LYS B 61 -12.10 19.98 -9.53
CA LYS B 61 -11.95 18.90 -10.51
C LYS B 61 -12.34 17.59 -9.84
N ALA B 62 -12.23 16.51 -10.61
CA ALA B 62 -12.63 15.19 -10.11
C ALA B 62 -11.66 14.69 -9.05
N TYR B 63 -12.15 13.78 -8.21
CA TYR B 63 -11.33 13.21 -7.15
C TYR B 63 -10.33 12.22 -7.74
N LYS B 64 -9.30 11.90 -6.94
CA LYS B 64 -8.32 10.90 -7.28
C LYS B 64 -8.14 9.95 -6.11
N LYS B 65 -7.83 8.69 -6.42
CA LYS B 65 -7.68 7.68 -5.39
C LYS B 65 -6.46 7.95 -4.53
N SER B 66 -6.55 7.58 -3.25
CA SER B 66 -5.47 7.84 -2.30
C SER B 66 -4.22 7.03 -2.64
N ALA B 67 -4.40 5.83 -3.18
CA ALA B 67 -3.26 4.95 -3.46
C ALA B 67 -2.30 5.58 -4.47
N ARG B 68 -2.84 6.24 -5.49
CA ARG B 68 -2.00 6.88 -6.50
C ARG B 68 -1.15 7.99 -5.89
N VAL B 69 -1.77 8.83 -5.06
CA VAL B 69 -1.04 9.92 -4.43
C VAL B 69 0.03 9.39 -3.48
N VAL B 70 -0.32 8.37 -2.68
CA VAL B 70 0.64 7.78 -1.76
C VAL B 70 1.81 7.19 -2.52
N GLY B 71 1.53 6.49 -3.63
CA GLY B 71 2.60 5.92 -4.43
C GLY B 71 3.52 6.98 -5.01
N ASP B 72 2.94 8.07 -5.52
CA ASP B 72 3.78 9.15 -6.06
C ASP B 72 4.66 9.76 -4.97
N VAL B 73 4.07 10.03 -3.80
CA VAL B 73 4.82 10.64 -2.70
C VAL B 73 5.97 9.73 -2.27
N ILE B 74 5.69 8.43 -2.13
CA ILE B 74 6.72 7.50 -1.68
C ILE B 74 7.80 7.35 -2.73
N GLY B 75 7.41 7.27 -4.00
CA GLY B 75 8.38 6.99 -5.07
C GLY B 75 9.19 8.18 -5.51
N LYS B 76 8.78 9.40 -5.18
CA LYS B 76 9.52 10.57 -5.65
C LYS B 76 10.08 11.46 -4.55
N TYR B 77 9.43 11.55 -3.39
CA TYR B 77 9.93 12.55 -2.44
C TYR B 77 10.20 12.01 -1.04
N HIS B 78 9.37 11.09 -0.54
CA HIS B 78 9.48 10.66 0.84
C HIS B 78 10.03 9.23 0.90
N PRO B 79 11.25 9.03 1.36
CA PRO B 79 11.83 7.67 1.44
C PRO B 79 11.52 6.96 2.75
N HIS B 80 10.22 6.74 3.00
CA HIS B 80 9.78 6.08 4.22
C HIS B 80 8.61 5.16 3.88
N GLY B 81 7.93 4.68 4.92
CA GLY B 81 6.83 3.77 4.71
C GLY B 81 5.57 4.46 4.19
N ASP B 82 4.64 3.65 3.71
CA ASP B 82 3.42 4.17 3.11
C ASP B 82 2.25 4.26 4.09
N SER B 83 2.29 3.52 5.21
CA SER B 83 1.23 3.61 6.19
C SER B 83 1.23 4.96 6.90
N ALA B 84 2.42 5.45 7.25
CA ALA B 84 2.52 6.73 7.94
C ALA B 84 2.02 7.87 7.07
N VAL B 85 2.31 7.82 5.76
CA VAL B 85 1.86 8.86 4.85
C VAL B 85 0.34 8.90 4.78
N TYR B 86 -0.29 7.73 4.66
CA TYR B 86 -1.74 7.68 4.62
C TYR B 86 -2.36 8.15 5.94
N ASP B 87 -1.75 7.76 7.06
CA ASP B 87 -2.26 8.24 8.36
C ASP B 87 -2.15 9.75 8.47
N THR B 88 -1.05 10.32 7.97
CA THR B 88 -0.91 11.77 7.97
C THR B 88 -1.96 12.44 7.08
N ILE B 89 -2.23 11.84 5.91
CA ILE B 89 -3.22 12.40 5.00
C ILE B 89 -4.61 12.38 5.62
N VAL B 90 -4.93 11.30 6.33
CA VAL B 90 -6.26 11.16 6.92
C VAL B 90 -6.53 12.28 7.92
N ARG B 91 -5.54 12.62 8.75
CA ARG B 91 -5.75 13.60 9.80
C ARG B 91 -6.05 14.99 9.24
N MET B 92 -5.51 15.31 8.07
CA MET B 92 -5.70 16.64 7.49
C MET B 92 -7.06 16.84 6.86
N ALA B 93 -7.97 15.86 6.95
CA ALA B 93 -9.29 15.98 6.37
C ALA B 93 -10.41 15.80 7.40
N GLN B 94 -10.07 15.70 8.68
CA GLN B 94 -11.06 15.49 9.72
C GLN B 94 -11.51 16.83 10.28
N PRO B 95 -12.80 17.17 10.22
CA PRO B 95 -13.25 18.47 10.75
C PRO B 95 -13.01 18.63 12.24
N PHE B 96 -12.97 17.54 12.99
CA PHE B 96 -12.78 17.59 14.44
C PHE B 96 -11.31 17.58 14.85
N SER B 97 -10.40 17.61 13.89
CA SER B 97 -8.96 17.65 14.16
C SER B 97 -8.31 18.97 13.80
N LEU B 98 -8.72 19.59 12.69
CA LEU B 98 -8.15 20.84 12.23
C LEU B 98 -9.22 21.94 12.22
N ARG B 99 -8.83 23.14 12.62
CA ARG B 99 -9.75 24.27 12.58
C ARG B 99 -10.11 24.63 11.14
N TYR B 100 -9.14 24.55 10.23
CA TYR B 100 -9.36 24.79 8.81
C TYR B 100 -8.74 23.63 8.04
N MET B 101 -9.59 22.75 7.51
CA MET B 101 -9.10 21.57 6.82
C MET B 101 -8.36 21.95 5.54
N LEU B 102 -7.32 21.18 5.22
CA LEU B 102 -6.52 21.40 4.04
C LEU B 102 -6.79 20.39 2.92
N VAL B 103 -7.46 19.28 3.21
CA VAL B 103 -7.73 18.24 2.25
C VAL B 103 -9.23 17.96 2.25
N ASP B 104 -9.82 17.86 1.06
CA ASP B 104 -11.21 17.49 0.89
C ASP B 104 -11.30 16.01 0.57
N GLY B 105 -12.14 15.29 1.32
CA GLY B 105 -12.19 13.85 1.19
C GLY B 105 -13.55 13.28 0.84
N GLN B 106 -13.57 12.08 0.27
CA GLN B 106 -14.80 11.39 -0.12
C GLN B 106 -14.76 9.98 0.44
N GLY B 107 -15.73 9.66 1.30
CA GLY B 107 -15.79 8.34 1.89
C GLY B 107 -15.86 8.35 3.40
N ASN B 108 -15.32 7.30 4.03
CA ASN B 108 -15.34 7.16 5.48
C ASN B 108 -13.97 7.53 6.03
N PHE B 109 -13.90 8.63 6.77
CA PHE B 109 -12.66 9.15 7.34
C PHE B 109 -12.72 9.17 8.87
N GLY B 110 -13.34 8.15 9.46
CA GLY B 110 -13.41 8.05 10.90
C GLY B 110 -14.49 8.92 11.50
N SER B 111 -14.53 8.92 12.82
CA SER B 111 -15.52 9.69 13.56
C SER B 111 -14.99 9.99 14.95
N ILE B 112 -15.66 10.94 15.62
CA ILE B 112 -15.27 11.30 16.98
C ILE B 112 -15.60 10.20 17.97
N ASP B 113 -16.44 9.25 17.58
CA ASP B 113 -16.83 8.15 18.48
C ASP B 113 -15.78 7.06 18.57
N GLY B 114 -14.71 7.13 17.78
CA GLY B 114 -13.63 6.18 17.84
C GLY B 114 -13.50 5.27 16.63
N ASP B 115 -14.37 5.42 15.64
CA ASP B 115 -14.28 4.58 14.44
C ASP B 115 -13.03 4.93 13.64
N SER B 116 -12.42 3.90 13.05
CA SER B 116 -11.23 4.09 12.24
C SER B 116 -11.62 4.37 10.79
N ALA B 117 -10.68 4.98 10.06
CA ALA B 117 -10.91 5.28 8.65
C ALA B 117 -10.79 4.01 7.82
N ALA B 118 -11.41 4.04 6.64
CA ALA B 118 -11.35 2.91 5.73
C ALA B 118 -9.95 2.79 5.13
N ALA B 119 -9.71 1.65 4.49
CA ALA B 119 -8.43 1.43 3.84
C ALA B 119 -8.25 2.36 2.65
N MET B 120 -6.99 2.57 2.26
CA MET B 120 -6.69 3.53 1.21
C MET B 120 -7.15 3.09 -0.17
N ARG B 121 -7.60 1.85 -0.32
CA ARG B 121 -8.14 1.38 -1.59
C ARG B 121 -9.60 1.76 -1.79
N TYR B 122 -10.20 2.49 -0.85
CA TYR B 122 -11.59 2.90 -0.96
C TYR B 122 -11.78 4.41 -1.13
N THR B 123 -10.92 5.23 -0.55
CA THR B 123 -11.18 6.65 -0.43
C THR B 123 -10.59 7.44 -1.60
N GLU B 124 -11.07 8.68 -1.74
CA GLU B 124 -10.60 9.61 -2.74
C GLU B 124 -10.42 10.98 -2.10
N ILE B 125 -9.49 11.77 -2.64
CA ILE B 125 -9.12 13.05 -2.05
C ILE B 125 -8.89 14.08 -3.15
N ARG B 126 -8.88 15.35 -2.75
CA ARG B 126 -8.47 16.46 -3.60
C ARG B 126 -8.17 17.66 -2.71
N LEU B 127 -7.49 18.64 -3.30
CA LEU B 127 -7.08 19.82 -2.54
C LEU B 127 -8.28 20.65 -2.11
N ALA B 128 -8.15 21.29 -0.94
CA ALA B 128 -9.17 22.21 -0.47
C ALA B 128 -8.94 23.59 -1.08
N LYS B 129 -9.99 24.42 -1.00
CA LYS B 129 -9.91 25.75 -1.61
C LYS B 129 -8.89 26.64 -0.92
N ILE B 130 -8.83 26.59 0.42
CA ILE B 130 -7.89 27.43 1.15
C ILE B 130 -6.45 26.96 0.97
N ALA B 131 -6.25 25.70 0.58
CA ALA B 131 -4.90 25.18 0.40
C ALA B 131 -4.16 25.84 -0.75
N HIS B 132 -4.89 26.39 -1.73
CA HIS B 132 -4.24 27.08 -2.84
C HIS B 132 -3.60 28.39 -2.40
N GLU B 133 -4.05 28.97 -1.28
CA GLU B 133 -3.47 30.22 -0.80
C GLU B 133 -2.10 30.01 -0.17
N LEU B 134 -1.77 28.78 0.23
CA LEU B 134 -0.46 28.50 0.81
C LEU B 134 0.62 28.30 -0.24
N MET B 135 0.26 28.12 -1.51
CA MET B 135 1.22 27.89 -2.58
C MET B 135 1.06 28.89 -3.71
N ALA B 136 0.64 30.11 -3.38
CA ALA B 136 0.48 31.16 -4.39
C ALA B 136 1.83 31.69 -4.83
N ASP B 137 1.93 32.01 -6.13
CA ASP B 137 3.15 32.56 -6.73
C ASP B 137 4.35 31.64 -6.51
N LEU B 138 4.10 30.33 -6.63
CA LEU B 138 5.16 29.35 -6.43
C LEU B 138 6.11 29.26 -7.62
N GLU B 139 5.68 29.71 -8.81
CA GLU B 139 6.47 29.57 -10.02
C GLU B 139 7.19 30.87 -10.40
N LYS B 140 7.29 31.83 -9.49
CA LYS B 140 7.91 33.11 -9.77
C LYS B 140 9.18 33.34 -8.96
N GLU B 141 9.87 32.24 -8.61
CA GLU B 141 11.16 32.30 -7.92
C GLU B 141 11.06 33.08 -6.61
N THR B 142 10.11 32.69 -5.77
CA THR B 142 9.91 33.33 -4.48
C THR B 142 10.55 32.57 -3.33
N VAL B 143 10.90 31.30 -3.53
CA VAL B 143 11.51 30.47 -2.49
C VAL B 143 12.65 29.67 -3.12
N ASP B 144 13.38 28.96 -2.28
CA ASP B 144 14.50 28.14 -2.70
C ASP B 144 14.09 26.68 -2.87
N PHE B 145 14.87 25.96 -3.66
CA PHE B 145 14.63 24.55 -3.95
C PHE B 145 15.85 23.72 -3.58
N VAL B 146 15.59 22.48 -3.18
CA VAL B 146 16.65 21.54 -2.81
C VAL B 146 16.40 20.22 -3.55
N ASP B 147 17.40 19.35 -3.47
CA ASP B 147 17.34 18.05 -4.15
C ASP B 147 16.65 17.02 -3.26
N ASN B 148 16.21 15.93 -3.89
CA ASN B 148 15.64 14.81 -3.17
C ASN B 148 16.77 13.85 -2.78
N TYR B 149 16.41 12.65 -2.32
CA TYR B 149 17.42 11.71 -1.84
C TYR B 149 18.26 11.15 -2.99
N ASP B 150 17.67 10.95 -4.16
CA ASP B 150 18.40 10.44 -5.32
C ASP B 150 19.01 11.55 -6.17
N GLY B 151 18.75 12.81 -5.87
CA GLY B 151 19.25 13.90 -6.67
C GLY B 151 18.68 13.95 -8.07
N THR B 152 17.39 13.66 -8.23
CA THR B 152 16.73 13.69 -9.52
C THR B 152 15.51 14.60 -9.55
N GLU B 153 15.12 15.17 -8.41
CA GLU B 153 13.94 16.04 -8.34
C GLU B 153 14.29 17.30 -7.56
N LYS B 154 13.34 18.23 -7.54
CA LYS B 154 13.47 19.48 -6.80
C LYS B 154 12.27 19.63 -5.87
N ILE B 155 12.54 20.06 -4.64
CA ILE B 155 11.50 20.21 -3.62
C ILE B 155 11.59 21.61 -3.04
N PRO B 156 10.48 22.32 -2.86
CA PRO B 156 10.54 23.64 -2.23
C PRO B 156 11.04 23.54 -0.79
N ASP B 157 11.76 24.57 -0.37
CA ASP B 157 12.28 24.62 0.98
C ASP B 157 11.25 25.16 1.97
N VAL B 158 10.37 26.05 1.51
CA VAL B 158 9.33 26.63 2.36
C VAL B 158 8.23 27.14 1.45
N MET B 159 7.01 27.17 1.96
CA MET B 159 5.93 27.62 1.10
C MET B 159 5.75 29.14 1.19
N PRO B 160 5.42 29.79 0.08
CA PRO B 160 5.11 31.25 0.10
C PRO B 160 3.65 31.50 0.46
N THR B 161 3.32 31.29 1.73
CA THR B 161 1.93 31.33 2.17
C THR B 161 1.46 32.75 2.42
N LYS B 162 0.16 32.95 2.18
CA LYS B 162 -0.52 34.18 2.58
C LYS B 162 -1.30 34.01 3.88
N ILE B 163 -1.24 32.84 4.50
CA ILE B 163 -2.02 32.51 5.68
C ILE B 163 -1.06 32.24 6.83
N PRO B 164 -1.27 32.83 8.00
CA PRO B 164 -0.49 32.43 9.20
C PRO B 164 -0.99 31.09 9.74
N ASN B 165 -0.50 30.01 9.12
CA ASN B 165 -1.04 28.69 9.38
C ASN B 165 -0.71 28.19 10.79
N LEU B 166 0.46 28.57 11.31
CA LEU B 166 0.90 28.02 12.59
C LEU B 166 -0.05 28.40 13.72
N LEU B 167 -0.52 29.65 13.74
CA LEU B 167 -1.42 30.09 14.81
C LEU B 167 -2.84 29.56 14.61
N VAL B 168 -3.29 29.47 13.36
CA VAL B 168 -4.69 29.11 13.11
C VAL B 168 -4.92 27.61 13.16
N ASN B 169 -3.88 26.79 12.98
CA ASN B 169 -4.04 25.34 13.01
C ASN B 169 -3.32 24.65 14.16
N GLY B 170 -2.29 25.27 14.74
CA GLY B 170 -1.59 24.67 15.84
C GLY B 170 -0.65 23.56 15.40
N SER B 171 -0.04 22.92 16.38
CA SER B 171 0.92 21.86 16.12
C SER B 171 1.07 20.99 17.36
N SER B 172 1.61 19.79 17.16
CA SER B 172 1.86 18.85 18.25
C SER B 172 2.85 17.80 17.77
N GLY B 173 3.89 17.56 18.56
CA GLY B 173 4.89 16.58 18.18
C GLY B 173 5.77 16.22 19.36
N ILE B 174 6.44 15.08 19.23
CA ILE B 174 7.33 14.56 20.25
C ILE B 174 8.70 14.36 19.63
N ALA B 175 9.74 14.88 20.29
CA ALA B 175 11.10 14.75 19.80
C ALA B 175 12.03 14.26 20.90
N VAL B 176 13.33 14.27 20.65
CA VAL B 176 14.31 13.79 21.61
C VAL B 176 14.77 14.98 22.46
N GLY B 177 14.36 15.00 23.73
CA GLY B 177 14.73 16.06 24.63
C GLY B 177 13.81 17.25 24.67
N MET B 178 12.79 17.30 23.80
CA MET B 178 11.90 18.44 23.75
C MET B 178 10.60 18.03 23.06
N ALA B 179 9.58 18.89 23.22
CA ALA B 179 8.27 18.65 22.63
C ALA B 179 7.58 19.99 22.42
N THR B 180 6.50 19.96 21.63
CA THR B 180 5.75 21.17 21.30
C THR B 180 4.26 20.92 21.45
N ASN B 181 3.51 21.98 21.75
CA ASN B 181 2.06 21.89 21.87
C ASN B 181 1.49 23.29 21.71
N ILE B 182 0.77 23.52 20.61
CA ILE B 182 0.21 24.84 20.29
C ILE B 182 -1.27 24.70 19.95
N PRO B 183 -2.13 25.52 20.51
CA PRO B 183 -3.57 25.43 20.22
C PRO B 183 -3.94 26.25 19.00
N PRO B 184 -5.07 25.95 18.37
CA PRO B 184 -5.52 26.75 17.21
C PRO B 184 -6.16 28.06 17.64
N HIS B 185 -6.41 28.91 16.64
CA HIS B 185 -6.97 30.25 16.88
C HIS B 185 -7.99 30.55 15.79
N ASN B 186 -8.39 31.83 15.72
CA ASN B 186 -9.38 32.30 14.76
C ASN B 186 -8.71 33.22 13.74
N LEU B 187 -9.14 33.11 12.49
CA LEU B 187 -8.43 33.78 11.39
C LEU B 187 -8.58 35.30 11.45
N THR B 188 -9.81 35.78 11.67
CA THR B 188 -10.06 37.21 11.63
C THR B 188 -9.29 37.96 12.71
N GLU B 189 -9.25 37.39 13.92
CA GLU B 189 -8.52 38.03 15.01
C GLU B 189 -7.02 38.09 14.72
N VAL B 190 -6.46 37.03 14.15
CA VAL B 190 -5.05 37.03 13.80
C VAL B 190 -4.76 38.07 12.71
N ILE B 191 -5.66 38.20 11.72
CA ILE B 191 -5.47 39.21 10.68
C ILE B 191 -5.51 40.60 11.28
N ASN B 192 -6.45 40.85 12.19
CA ASN B 192 -6.52 42.16 12.83
C ASN B 192 -5.26 42.44 13.64
N GLY B 193 -4.74 41.43 14.35
CA GLY B 193 -3.51 41.62 15.09
C GLY B 193 -2.33 41.92 14.18
N CYS B 194 -2.25 41.23 13.04
CA CYS B 194 -1.18 41.50 12.08
C CYS B 194 -1.29 42.92 11.53
N LEU B 195 -2.50 43.38 11.23
CA LEU B 195 -2.68 44.75 10.77
C LEU B 195 -2.26 45.75 11.83
N ALA B 196 -2.62 45.49 13.09
CA ALA B 196 -2.22 46.38 14.17
C ALA B 196 -0.70 46.43 14.32
N TYR B 197 -0.04 45.27 14.22
CA TYR B 197 1.41 45.25 14.30
C TYR B 197 2.04 46.02 13.16
N ILE B 198 1.50 45.86 11.94
CA ILE B 198 2.02 46.62 10.80
C ILE B 198 1.84 48.11 11.04
N ASP B 199 0.72 48.50 11.64
CA ASP B 199 0.48 49.92 11.92
C ASP B 199 1.47 50.46 12.96
N ASP B 200 1.77 49.68 14.00
CA ASP B 200 2.55 50.17 15.13
C ASP B 200 3.98 49.65 15.13
N GLU B 201 4.17 48.33 15.11
CA GLU B 201 5.48 47.68 15.21
C GLU B 201 6.15 47.95 16.56
N ASP B 202 5.45 48.61 17.47
CA ASP B 202 5.91 48.79 18.84
C ASP B 202 4.83 48.44 19.86
N ILE B 203 3.77 47.76 19.43
CA ILE B 203 2.65 47.44 20.32
C ILE B 203 3.09 46.40 21.35
N SER B 204 2.61 46.55 22.57
CA SER B 204 2.95 45.64 23.65
C SER B 204 2.08 44.38 23.60
N ILE B 205 2.31 43.46 24.53
CA ILE B 205 1.52 42.25 24.59
C ILE B 205 0.07 42.57 24.95
N GLU B 206 -0.14 43.52 25.87
CA GLU B 206 -1.50 43.89 26.27
C GLU B 206 -2.27 44.47 25.09
N GLY B 207 -1.60 45.26 24.25
CA GLY B 207 -2.27 45.80 23.08
C GLY B 207 -2.69 44.73 22.10
N LEU B 208 -1.84 43.71 21.91
CA LEU B 208 -2.17 42.63 20.99
C LEU B 208 -3.33 41.79 21.49
N MET B 209 -3.44 41.60 22.80
CA MET B 209 -4.52 40.78 23.35
C MET B 209 -5.89 41.45 23.23
N GLU B 210 -5.94 42.73 22.86
CA GLU B 210 -7.22 43.37 22.58
C GLU B 210 -7.85 42.84 21.31
N HIS B 211 -7.06 42.28 20.40
CA HIS B 211 -7.56 41.68 19.17
C HIS B 211 -7.59 40.16 19.23
N ILE B 212 -6.75 39.54 20.05
CA ILE B 212 -6.69 38.09 20.17
C ILE B 212 -6.94 37.70 21.62
N PRO B 213 -8.20 37.54 22.04
CA PRO B 213 -8.45 37.22 23.44
C PRO B 213 -7.94 35.86 23.87
N GLY B 214 -7.94 34.87 22.98
CA GLY B 214 -7.51 33.54 23.35
C GLY B 214 -7.70 32.52 22.24
N PRO B 215 -7.50 31.24 22.56
CA PRO B 215 -7.60 30.19 21.54
C PRO B 215 -9.03 29.94 21.09
N ASP B 216 -9.19 29.07 20.10
CA ASP B 216 -10.51 28.72 19.58
C ASP B 216 -10.45 27.27 19.08
N PHE B 217 -11.27 26.40 19.66
CA PHE B 217 -11.18 24.99 19.32
C PHE B 217 -12.28 24.59 18.35
N PRO B 218 -12.03 23.61 17.48
CA PRO B 218 -13.07 23.15 16.55
C PRO B 218 -14.29 22.55 17.23
N THR B 219 -14.16 22.09 18.47
CA THR B 219 -15.25 21.43 19.18
C THR B 219 -15.94 22.35 20.19
N ALA B 220 -15.77 23.67 20.03
CA ALA B 220 -16.44 24.66 20.87
C ALA B 220 -16.05 24.51 22.33
N ALA B 221 -16.99 24.07 23.17
CA ALA B 221 -16.81 23.93 24.60
C ALA B 221 -16.54 25.27 25.28
N ILE B 222 -16.08 25.25 26.52
CA ILE B 222 -15.89 26.45 27.32
C ILE B 222 -14.51 26.43 27.94
N ILE B 223 -13.80 27.56 27.87
CA ILE B 223 -12.53 27.72 28.57
C ILE B 223 -12.82 28.34 29.93
N ASN B 224 -12.37 27.68 30.99
CA ASN B 224 -12.65 28.11 32.35
C ASN B 224 -11.42 28.83 32.91
N GLY B 225 -11.59 30.10 33.20
CA GLY B 225 -10.50 30.90 33.74
C GLY B 225 -9.77 31.66 32.66
N ARG B 226 -9.23 32.82 33.03
CA ARG B 226 -8.49 33.67 32.12
C ARG B 226 -6.99 33.67 32.37
N ARG B 227 -6.55 33.24 33.55
CA ARG B 227 -5.12 33.09 33.80
C ARG B 227 -4.57 31.91 32.99
N GLY B 228 -3.27 31.95 32.75
CA GLY B 228 -2.63 30.94 31.92
C GLY B 228 -2.51 31.38 30.48
N ILE B 229 -3.56 32.02 29.96
CA ILE B 229 -3.50 32.57 28.61
C ILE B 229 -2.49 33.71 28.54
N GLU B 230 -2.56 34.63 29.49
CA GLU B 230 -1.62 35.75 29.51
C GLU B 230 -0.20 35.26 29.75
N GLU B 231 -0.02 34.31 30.67
CA GLU B 231 1.31 33.78 30.94
C GLU B 231 1.88 33.08 29.71
N ALA B 232 1.07 32.30 29.01
CA ALA B 232 1.53 31.63 27.80
C ALA B 232 1.88 32.64 26.71
N TYR B 233 1.06 33.66 26.54
CA TYR B 233 1.34 34.66 25.50
C TYR B 233 2.54 35.52 25.85
N ARG B 234 2.87 35.65 27.13
CA ARG B 234 3.97 36.52 27.54
C ARG B 234 5.30 35.79 27.62
N THR B 235 5.30 34.52 28.05
CA THR B 235 6.52 33.74 28.19
C THR B 235 6.61 32.60 27.18
N GLY B 236 5.56 31.81 27.04
CA GLY B 236 5.57 30.70 26.10
C GLY B 236 5.04 29.41 26.68
N ARG B 237 4.87 29.36 28.00
CA ARG B 237 4.38 28.18 28.69
C ARG B 237 3.25 28.57 29.63
N GLY B 238 2.23 27.71 29.69
CA GLY B 238 1.10 27.96 30.55
C GLY B 238 0.13 26.80 30.48
N LYS B 239 -0.86 26.83 31.36
CA LYS B 239 -1.85 25.77 31.48
C LYS B 239 -3.25 26.37 31.56
N VAL B 240 -4.18 25.78 30.80
CA VAL B 240 -5.57 26.24 30.76
C VAL B 240 -6.48 25.04 31.01
N TYR B 241 -7.74 25.34 31.31
CA TYR B 241 -8.75 24.34 31.60
C TYR B 241 -9.90 24.46 30.62
N ILE B 242 -10.35 23.32 30.11
CA ILE B 242 -11.46 23.24 29.17
C ILE B 242 -12.58 22.46 29.82
N ARG B 243 -13.80 23.01 29.79
CA ARG B 243 -14.95 22.40 30.43
C ARG B 243 -16.06 22.19 29.41
N ALA B 244 -16.73 21.05 29.53
CA ALA B 244 -17.83 20.71 28.65
C ALA B 244 -19.05 21.57 28.97
N ARG B 245 -19.99 21.61 28.03
CA ARG B 245 -21.23 22.37 28.17
C ARG B 245 -22.36 21.40 28.53
N ALA B 246 -22.99 21.63 29.68
CA ALA B 246 -24.05 20.75 30.16
C ALA B 246 -25.06 21.59 30.93
N GLU B 247 -26.25 21.02 31.11
CA GLU B 247 -27.33 21.70 31.80
C GLU B 247 -28.24 20.67 32.45
N VAL B 248 -29.08 21.15 33.37
CA VAL B 248 -30.02 20.30 34.11
C VAL B 248 -31.43 20.78 33.79
N GLU B 249 -32.29 19.84 33.40
CA GLU B 249 -33.68 20.13 33.09
C GLU B 249 -34.59 19.40 34.08
N VAL B 250 -35.74 20.01 34.36
CA VAL B 250 -36.68 19.49 35.34
C VAL B 250 -38.00 19.18 34.65
N ASP B 251 -38.55 17.99 34.90
CA ASP B 251 -39.83 17.62 34.34
C ASP B 251 -40.94 18.49 34.92
N ALA B 252 -41.90 18.86 34.08
CA ALA B 252 -42.96 19.78 34.51
C ALA B 252 -43.94 19.09 35.46
N LYS B 253 -44.32 17.85 35.16
CA LYS B 253 -45.38 17.18 35.93
C LYS B 253 -44.82 16.34 37.07
N THR B 254 -44.00 15.34 36.74
CA THR B 254 -43.51 14.41 37.77
C THR B 254 -42.52 15.08 38.69
N GLY B 255 -41.64 15.92 38.16
CA GLY B 255 -40.61 16.57 38.95
C GLY B 255 -39.24 15.93 38.83
N ARG B 256 -39.09 14.89 38.03
CA ARG B 256 -37.78 14.28 37.83
C ARG B 256 -36.88 15.20 37.02
N GLU B 257 -35.58 15.04 37.19
CA GLU B 257 -34.60 15.88 36.53
C GLU B 257 -33.52 15.02 35.87
N THR B 258 -33.02 15.52 34.74
CA THR B 258 -32.00 14.82 33.95
C THR B 258 -30.88 15.79 33.60
N ILE B 259 -29.79 15.24 33.08
CA ILE B 259 -28.63 16.01 32.66
C ILE B 259 -28.39 15.76 31.19
N ILE B 260 -28.21 16.84 30.42
CA ILE B 260 -28.00 16.76 28.98
C ILE B 260 -26.67 17.42 28.66
N VAL B 261 -25.83 16.73 27.90
CA VAL B 261 -24.51 17.21 27.51
C VAL B 261 -24.55 17.52 26.01
N HIS B 262 -24.11 18.73 25.66
CA HIS B 262 -24.12 19.18 24.26
C HIS B 262 -22.75 19.16 23.62
N GLU B 263 -21.69 19.46 24.37
CA GLU B 263 -20.35 19.57 23.82
C GLU B 263 -19.36 18.90 24.77
N ILE B 264 -18.22 18.50 24.22
CA ILE B 264 -17.18 17.83 25.00
C ILE B 264 -15.85 18.51 24.69
N PRO B 265 -14.88 18.42 25.60
CA PRO B 265 -13.60 19.11 25.40
C PRO B 265 -12.84 18.56 24.20
N TYR B 266 -11.78 19.30 23.85
CA TYR B 266 -10.97 18.98 22.68
C TYR B 266 -10.18 17.69 22.91
N GLN B 267 -10.13 16.85 21.87
CA GLN B 267 -9.36 15.60 21.88
C GLN B 267 -9.84 14.65 22.98
N VAL B 268 -11.16 14.42 23.01
CA VAL B 268 -11.78 13.52 23.96
C VAL B 268 -12.63 12.52 23.20
N ASN B 269 -12.48 11.23 23.52
CA ASN B 269 -13.26 10.18 22.89
C ASN B 269 -14.56 9.97 23.66
N LYS B 270 -15.68 9.94 22.95
CA LYS B 270 -16.98 9.86 23.60
C LYS B 270 -17.24 8.47 24.17
N ALA B 271 -16.89 7.42 23.41
CA ALA B 271 -17.11 6.06 23.88
C ALA B 271 -16.30 5.77 25.13
N ARG B 272 -15.04 6.21 25.17
CA ARG B 272 -14.24 6.04 26.38
C ARG B 272 -14.86 6.75 27.56
N LEU B 273 -15.38 7.96 27.35
CA LEU B 273 -16.02 8.69 28.43
C LEU B 273 -17.24 7.96 28.96
N ILE B 274 -18.07 7.43 28.06
CA ILE B 274 -19.26 6.68 28.49
C ILE B 274 -18.85 5.43 29.27
N GLU B 275 -17.85 4.70 28.78
CA GLU B 275 -17.38 3.51 29.48
C GLU B 275 -16.83 3.86 30.86
N LYS B 276 -16.07 4.95 30.97
CA LYS B 276 -15.53 5.36 32.26
C LYS B 276 -16.65 5.72 33.23
N ILE B 277 -17.66 6.44 32.75
CA ILE B 277 -18.79 6.80 33.62
C ILE B 277 -19.51 5.55 34.08
N ALA B 278 -19.74 4.60 33.17
CA ALA B 278 -20.41 3.35 33.55
C ALA B 278 -19.60 2.58 34.58
N GLU B 279 -18.27 2.51 34.39
CA GLU B 279 -17.42 1.81 35.34
C GLU B 279 -17.44 2.48 36.71
N LEU B 280 -17.43 3.81 36.74
CA LEU B 280 -17.52 4.52 38.01
C LEU B 280 -18.86 4.26 38.69
N VAL B 281 -19.95 4.22 37.92
CA VAL B 281 -21.26 3.95 38.49
C VAL B 281 -21.32 2.53 39.06
N LYS B 282 -20.74 1.56 38.36
CA LYS B 282 -20.85 0.18 38.78
C LYS B 282 -20.17 -0.05 40.14
N GLU B 283 -19.01 0.56 40.35
CA GLU B 283 -18.26 0.37 41.59
C GLU B 283 -18.73 1.28 42.72
N LYS B 284 -19.84 1.99 42.53
CA LYS B 284 -20.44 2.83 43.56
C LYS B 284 -19.47 3.90 44.06
N ARG B 285 -18.65 4.43 43.16
CA ARG B 285 -17.83 5.60 43.48
C ARG B 285 -18.56 6.90 43.22
N VAL B 286 -19.67 6.86 42.48
CA VAL B 286 -20.53 8.02 42.25
C VAL B 286 -21.96 7.57 42.49
N GLU B 287 -22.71 8.36 43.25
CA GLU B 287 -24.05 7.99 43.67
C GLU B 287 -25.08 8.94 43.06
N GLY B 288 -26.26 8.41 42.76
CA GLY B 288 -27.35 9.20 42.25
C GLY B 288 -27.59 9.11 40.76
N ILE B 289 -27.22 8.00 40.12
CA ILE B 289 -27.42 7.81 38.68
C ILE B 289 -28.23 6.54 38.47
N SER B 290 -29.27 6.63 37.65
CA SER B 290 -30.15 5.51 37.38
C SER B 290 -30.08 5.01 35.93
N ALA B 291 -29.95 5.90 34.96
CA ALA B 291 -29.92 5.52 33.56
C ALA B 291 -28.82 6.30 32.85
N LEU B 292 -28.35 5.73 31.74
CA LEU B 292 -27.28 6.34 30.96
C LEU B 292 -27.36 5.81 29.53
N ARG B 293 -27.53 6.71 28.57
CA ARG B 293 -27.63 6.30 27.17
C ARG B 293 -27.23 7.47 26.29
N ASP B 294 -26.95 7.15 25.03
CA ASP B 294 -26.54 8.13 24.03
C ASP B 294 -27.66 8.28 22.99
N GLU B 295 -27.98 9.52 22.64
CA GLU B 295 -29.03 9.81 21.67
C GLU B 295 -28.53 10.76 20.59
N SER B 296 -27.24 10.71 20.28
CA SER B 296 -26.68 11.56 19.25
C SER B 296 -27.23 11.18 17.88
N ASP B 297 -27.55 12.18 17.08
CA ASP B 297 -28.13 11.97 15.76
C ASP B 297 -27.56 13.03 14.81
N LYS B 298 -28.19 13.17 13.64
CA LYS B 298 -27.73 14.14 12.66
C LYS B 298 -27.84 15.58 13.14
N ASP B 299 -28.70 15.84 14.13
CA ASP B 299 -28.82 17.20 14.65
C ASP B 299 -27.60 17.60 15.46
N GLY B 300 -27.10 16.71 16.30
CA GLY B 300 -25.93 17.02 17.11
C GLY B 300 -25.78 16.05 18.26
N MET B 301 -24.76 16.31 19.07
CA MET B 301 -24.47 15.47 20.22
C MET B 301 -25.56 15.59 21.27
N ARG B 302 -25.90 14.47 21.90
CA ARG B 302 -26.91 14.46 22.95
C ARG B 302 -26.67 13.25 23.83
N ILE B 303 -26.19 13.48 25.06
CA ILE B 303 -25.97 12.43 26.05
C ILE B 303 -26.90 12.69 27.22
N VAL B 304 -27.64 11.66 27.61
CA VAL B 304 -28.69 11.79 28.63
C VAL B 304 -28.28 11.00 29.86
N ILE B 305 -28.34 11.65 31.02
CA ILE B 305 -28.07 11.02 32.31
C ILE B 305 -29.26 11.33 33.21
N GLU B 306 -29.82 10.28 33.82
CA GLU B 306 -30.98 10.41 34.69
C GLU B 306 -30.57 10.19 36.13
N VAL B 307 -30.98 11.10 37.01
CA VAL B 307 -30.64 11.03 38.42
C VAL B 307 -31.78 10.34 39.16
N LYS B 308 -31.47 9.84 40.35
CA LYS B 308 -32.48 9.17 41.16
C LYS B 308 -33.48 10.19 41.73
N ARG B 309 -34.62 9.68 42.16
CA ARG B 309 -35.69 10.54 42.67
C ARG B 309 -35.32 11.22 43.98
N ASP B 310 -34.32 10.71 44.69
CA ASP B 310 -33.92 11.24 45.99
C ASP B 310 -32.51 11.80 45.94
N ALA B 311 -32.18 12.53 44.88
CA ALA B 311 -30.86 13.12 44.72
C ALA B 311 -31.01 14.52 44.13
N VAL B 312 -29.88 15.22 44.06
CA VAL B 312 -29.81 16.58 43.53
C VAL B 312 -28.89 16.58 42.33
N GLY B 313 -29.34 17.16 41.21
CA GLY B 313 -28.57 17.10 39.98
C GLY B 313 -27.27 17.89 40.04
N GLU B 314 -27.28 19.01 40.76
CA GLU B 314 -26.10 19.87 40.79
C GLU B 314 -24.90 19.17 41.42
N VAL B 315 -25.13 18.45 42.52
CA VAL B 315 -24.04 17.73 43.19
C VAL B 315 -23.47 16.66 42.26
N VAL B 316 -24.35 15.93 41.58
CA VAL B 316 -23.89 14.90 40.64
C VAL B 316 -23.08 15.51 39.51
N LEU B 317 -23.54 16.65 38.98
CA LEU B 317 -22.81 17.30 37.90
C LEU B 317 -21.44 17.77 38.37
N ASN B 318 -21.36 18.33 39.58
CA ASN B 318 -20.07 18.75 40.11
C ASN B 318 -19.13 17.56 40.32
N ASN B 319 -19.66 16.45 40.82
CA ASN B 319 -18.84 15.25 40.99
C ASN B 319 -18.34 14.73 39.65
N LEU B 320 -19.20 14.75 38.63
CA LEU B 320 -18.76 14.33 37.29
C LEU B 320 -17.69 15.26 36.74
N TYR B 321 -17.83 16.56 36.99
CA TYR B 321 -16.78 17.50 36.60
C TYR B 321 -15.46 17.16 37.30
N SER B 322 -15.53 16.83 38.59
CA SER B 322 -14.31 16.61 39.36
C SER B 322 -13.64 15.28 39.03
N GLN B 323 -14.42 14.25 38.67
CA GLN B 323 -13.86 12.90 38.55
C GLN B 323 -13.69 12.41 37.12
N THR B 324 -14.50 12.86 36.18
CA THR B 324 -14.45 12.35 34.82
C THR B 324 -13.69 13.31 33.91
N GLN B 325 -13.65 13.00 32.62
CA GLN B 325 -12.98 13.81 31.63
C GLN B 325 -13.86 14.91 31.07
N LEU B 326 -14.95 15.26 31.76
CA LEU B 326 -15.74 16.41 31.34
C LEU B 326 -14.96 17.71 31.45
N GLN B 327 -13.90 17.73 32.26
CA GLN B 327 -12.98 18.86 32.32
C GLN B 327 -11.56 18.32 32.26
N VAL B 328 -10.74 18.90 31.39
CA VAL B 328 -9.37 18.46 31.17
C VAL B 328 -8.44 19.66 31.23
N SER B 329 -7.15 19.37 31.23
CA SER B 329 -6.11 20.39 31.27
C SER B 329 -5.31 20.37 29.98
N PHE B 330 -4.93 21.55 29.50
CA PHE B 330 -4.15 21.69 28.28
C PHE B 330 -2.85 22.41 28.62
N GLY B 331 -1.73 21.79 28.28
CA GLY B 331 -0.42 22.36 28.53
C GLY B 331 0.12 23.01 27.29
N ILE B 332 0.34 24.33 27.36
CA ILE B 332 0.83 25.10 26.23
C ILE B 332 2.36 25.14 26.29
N ASN B 333 2.99 24.84 25.17
CA ASN B 333 4.46 24.85 25.08
C ASN B 333 4.81 25.17 23.63
N MET B 334 5.16 26.43 23.37
CA MET B 334 5.41 26.90 22.01
C MET B 334 6.89 26.72 21.68
N VAL B 335 7.19 25.72 20.87
CA VAL B 335 8.55 25.47 20.38
C VAL B 335 8.49 25.33 18.87
N ALA B 336 9.38 26.05 18.17
CA ALA B 336 9.40 26.03 16.72
C ALA B 336 10.82 26.31 16.24
N LEU B 337 11.07 25.99 14.97
CA LEU B 337 12.38 26.18 14.37
C LEU B 337 12.50 27.59 13.81
N HIS B 338 13.56 28.29 14.21
CA HIS B 338 13.87 29.63 13.70
C HIS B 338 15.32 29.63 13.25
N HIS B 339 15.54 29.86 11.95
CA HIS B 339 16.86 29.80 11.34
C HIS B 339 17.53 28.44 11.58
N GLY B 340 16.73 27.37 11.58
CA GLY B 340 17.26 26.05 11.78
C GLY B 340 17.58 25.68 13.21
N GLN B 341 17.08 26.43 14.19
CA GLN B 341 17.37 26.14 15.59
C GLN B 341 16.08 26.11 16.41
N PRO B 342 15.98 25.20 17.37
CA PRO B 342 14.83 25.21 18.27
C PRO B 342 14.82 26.45 19.15
N LYS B 343 13.62 26.93 19.46
CA LYS B 343 13.46 28.12 20.27
C LYS B 343 12.10 28.09 20.97
N ILE B 344 11.98 28.93 21.99
CA ILE B 344 10.72 29.18 22.68
C ILE B 344 10.32 30.62 22.40
N MET B 345 9.14 30.81 21.82
CA MET B 345 8.72 32.10 21.31
C MET B 345 7.37 32.50 21.91
N ASN B 346 7.03 33.76 21.72
CA ASN B 346 5.72 34.31 22.08
C ASN B 346 5.04 34.86 20.82
N LEU B 347 3.91 35.53 21.02
CA LEU B 347 3.07 35.94 19.89
C LEU B 347 3.76 36.94 18.98
N LYS B 348 4.44 37.94 19.58
CA LYS B 348 5.01 39.02 18.80
C LYS B 348 6.10 38.51 17.85
N ASP B 349 6.91 37.56 18.30
CA ASP B 349 7.95 37.01 17.44
C ASP B 349 7.35 36.33 16.22
N ILE B 350 6.27 35.56 16.42
CA ILE B 350 5.62 34.87 15.30
C ILE B 350 5.06 35.88 14.31
N ILE B 351 4.41 36.93 14.82
CA ILE B 351 3.83 37.94 13.94
C ILE B 351 4.93 38.64 13.13
N ALA B 352 6.03 39.01 13.79
CA ALA B 352 7.12 39.67 13.10
C ALA B 352 7.74 38.77 12.03
N ALA B 353 7.90 37.49 12.34
CA ALA B 353 8.45 36.56 11.36
C ALA B 353 7.54 36.45 10.13
N PHE B 354 6.23 36.37 10.36
CA PHE B 354 5.30 36.32 9.24
C PHE B 354 5.39 37.56 8.37
N VAL B 355 5.48 38.74 9.00
CA VAL B 355 5.58 39.98 8.23
C VAL B 355 6.86 40.01 7.40
N ARG B 356 7.98 39.60 8.01
CA ARG B 356 9.25 39.59 7.29
C ARG B 356 9.19 38.64 6.09
N HIS B 357 8.60 37.47 6.28
CA HIS B 357 8.44 36.52 5.18
C HIS B 357 7.65 37.12 4.04
N ARG B 358 6.54 37.82 4.37
CA ARG B 358 5.75 38.45 3.33
C ARG B 358 6.55 39.50 2.57
N ARG B 359 7.33 40.32 3.28
CA ARG B 359 8.15 41.34 2.62
C ARG B 359 9.10 40.70 1.62
N GLU B 360 9.81 39.66 2.05
CA GLU B 360 10.79 39.02 1.17
C GLU B 360 10.11 38.44 -0.08
N VAL B 361 8.96 37.76 0.12
CA VAL B 361 8.27 37.15 -1.02
C VAL B 361 7.86 38.21 -2.03
N VAL B 362 7.28 39.32 -1.55
CA VAL B 362 6.83 40.36 -2.48
C VAL B 362 7.99 40.94 -3.25
N THR B 363 9.11 41.21 -2.57
CA THR B 363 10.27 41.78 -3.25
C THR B 363 10.77 40.87 -4.36
N ARG B 364 10.92 39.57 -4.05
CA ARG B 364 11.44 38.64 -5.07
C ARG B 364 10.48 38.54 -6.25
N ARG B 365 9.17 38.49 -5.99
CA ARG B 365 8.21 38.42 -7.09
C ARG B 365 8.30 39.65 -7.97
N THR B 366 8.42 40.83 -7.38
CA THR B 366 8.52 42.05 -8.17
C THR B 366 9.76 42.03 -9.07
N ILE B 367 10.89 41.59 -8.53
CA ILE B 367 12.11 41.53 -9.33
C ILE B 367 11.93 40.61 -10.53
N PHE B 368 11.36 39.42 -10.29
CA PHE B 368 11.14 38.46 -11.36
C PHE B 368 10.26 39.06 -12.47
N GLU B 369 9.15 39.69 -12.07
CA GLU B 369 8.24 40.26 -13.06
C GLU B 369 8.92 41.35 -13.86
N LEU B 370 9.71 42.20 -13.21
CA LEU B 370 10.40 43.27 -13.93
C LEU B 370 11.35 42.70 -14.98
N ARG B 371 12.12 41.67 -14.62
CA ARG B 371 13.04 41.09 -15.58
C ARG B 371 12.30 40.52 -16.79
N LYS B 372 11.21 39.78 -16.53
CA LYS B 372 10.46 39.19 -17.64
C LYS B 372 9.90 40.27 -18.57
N ALA B 373 9.35 41.34 -17.99
CA ALA B 373 8.78 42.41 -18.81
C ALA B 373 9.84 43.07 -19.67
N ARG B 374 11.02 43.33 -19.10
CA ARG B 374 12.08 43.95 -19.89
C ARG B 374 12.52 43.06 -21.05
N ASP B 375 12.64 41.75 -20.80
CA ASP B 375 13.02 40.87 -21.90
C ASP B 375 11.96 40.87 -23.01
N ARG B 376 10.68 40.83 -22.64
CA ARG B 376 9.63 40.84 -23.65
C ARG B 376 9.66 42.12 -24.46
N ALA B 377 9.87 43.27 -23.80
CA ALA B 377 9.94 44.54 -24.53
C ALA B 377 11.13 44.55 -25.48
N HIS B 378 12.27 44.00 -25.05
CA HIS B 378 13.44 43.96 -25.92
C HIS B 378 13.16 43.15 -27.17
N ILE B 379 12.46 42.01 -27.03
CA ILE B 379 12.12 41.22 -28.22
C ILE B 379 11.14 41.97 -29.11
N LEU B 380 10.15 42.64 -28.49
CA LEU B 380 9.13 43.33 -29.28
C LEU B 380 9.71 44.46 -30.11
N GLU B 381 10.71 45.16 -29.58
CA GLU B 381 11.33 46.24 -30.35
C GLU B 381 11.91 45.72 -31.67
N ALA B 382 12.69 44.64 -31.59
CA ALA B 382 13.29 44.07 -32.80
C ALA B 382 12.22 43.54 -33.74
N LEU B 383 11.17 42.92 -33.19
CA LEU B 383 10.09 42.46 -34.05
C LEU B 383 9.43 43.61 -34.79
N ALA B 384 9.22 44.74 -34.12
CA ALA B 384 8.57 45.87 -34.75
C ALA B 384 9.46 46.55 -35.78
N VAL B 385 10.77 46.55 -35.57
CA VAL B 385 11.66 47.24 -36.51
C VAL B 385 11.64 46.56 -37.88
N ALA B 386 11.62 45.23 -37.90
CA ALA B 386 11.75 44.50 -39.17
C ALA B 386 10.60 44.73 -40.14
N LEU B 387 9.42 45.11 -39.64
CA LEU B 387 8.27 45.30 -40.51
C LEU B 387 8.36 46.57 -41.35
N ALA B 388 9.33 47.45 -41.08
CA ALA B 388 9.50 48.66 -41.86
C ALA B 388 10.47 48.49 -43.02
N ASN B 389 11.18 47.37 -43.10
CA ASN B 389 12.15 47.10 -44.14
C ASN B 389 11.94 45.70 -44.71
N ILE B 390 10.68 45.39 -45.04
CA ILE B 390 10.32 44.03 -45.44
C ILE B 390 11.05 43.62 -46.71
N ASP B 391 11.04 44.49 -47.73
CA ASP B 391 11.61 44.12 -49.02
C ASP B 391 13.12 43.87 -48.97
N PRO B 392 13.95 44.75 -48.40
CA PRO B 392 15.39 44.43 -48.35
C PRO B 392 15.69 43.18 -47.55
N ILE B 393 14.96 42.95 -46.46
CA ILE B 393 15.17 41.74 -45.66
C ILE B 393 14.81 40.50 -46.46
N ILE B 394 13.70 40.56 -47.19
CA ILE B 394 13.29 39.43 -48.02
C ILE B 394 14.34 39.15 -49.09
N GLU B 395 14.85 40.20 -49.74
CA GLU B 395 15.87 40.00 -50.76
C GLU B 395 17.14 39.40 -50.17
N LEU B 396 17.56 39.90 -49.00
CA LEU B 396 18.76 39.38 -48.36
C LEU B 396 18.60 37.91 -47.97
N ILE B 397 17.42 37.55 -47.47
CA ILE B 397 17.17 36.16 -47.09
C ILE B 397 17.15 35.26 -48.33
N ARG B 398 16.50 35.73 -49.41
CA ARG B 398 16.42 34.93 -50.63
C ARG B 398 17.80 34.69 -51.23
N HIS B 399 18.64 35.73 -51.24
CA HIS B 399 19.98 35.56 -51.81
C HIS B 399 20.90 34.73 -50.93
N ALA B 400 20.54 34.52 -49.66
CA ALA B 400 21.37 33.72 -48.78
C ALA B 400 21.27 32.24 -49.13
N PRO B 401 22.39 31.52 -49.14
CA PRO B 401 22.33 30.08 -49.45
C PRO B 401 22.02 29.21 -48.24
N THR B 402 22.34 29.70 -47.03
CA THR B 402 22.19 28.95 -45.80
C THR B 402 21.58 29.87 -44.75
N PRO B 403 20.69 29.34 -43.89
CA PRO B 403 20.12 30.19 -42.82
C PRO B 403 21.18 30.78 -41.89
N ALA B 404 22.28 30.07 -41.67
CA ALA B 404 23.37 30.64 -40.88
C ALA B 404 23.97 31.86 -41.57
N GLU B 405 24.13 31.80 -42.89
CA GLU B 405 24.63 32.94 -43.64
C GLU B 405 23.66 34.12 -43.56
N ALA B 406 22.36 33.84 -43.65
CA ALA B 406 21.38 34.91 -43.51
C ALA B 406 21.44 35.53 -42.12
N LYS B 407 21.60 34.69 -41.09
CA LYS B 407 21.68 35.19 -39.73
C LYS B 407 22.92 36.07 -39.53
N THR B 408 24.06 35.64 -40.06
CA THR B 408 25.28 36.41 -39.89
C THR B 408 25.33 37.63 -40.81
N ALA B 409 24.52 37.66 -41.86
CA ALA B 409 24.43 38.85 -42.71
C ALA B 409 23.38 39.83 -42.24
N LEU B 410 22.42 39.39 -41.42
CA LEU B 410 21.44 40.32 -40.87
C LEU B 410 22.10 41.35 -39.97
N VAL B 411 22.98 40.89 -39.07
CA VAL B 411 23.75 41.81 -38.22
C VAL B 411 25.04 42.10 -38.98
N ALA B 412 24.93 42.98 -39.95
CA ALA B 412 26.10 43.51 -40.66
C ALA B 412 26.07 45.02 -40.78
N ASN B 413 24.90 45.60 -41.03
CA ASN B 413 24.71 47.02 -41.24
C ASN B 413 23.54 47.51 -40.39
N PRO B 414 23.56 48.77 -39.98
CA PRO B 414 22.42 49.34 -39.25
C PRO B 414 21.21 49.46 -40.16
N TRP B 415 20.03 49.41 -39.53
CA TRP B 415 18.76 49.54 -40.22
C TRP B 415 18.08 50.84 -39.79
N GLN B 416 17.56 51.59 -40.77
CA GLN B 416 16.90 52.84 -40.47
C GLN B 416 15.60 52.60 -39.72
N LEU B 417 15.28 53.51 -38.79
CA LEU B 417 14.08 53.35 -37.98
C LEU B 417 12.82 53.50 -38.81
N GLY B 418 12.75 54.57 -39.62
CA GLY B 418 11.57 54.80 -40.43
C GLY B 418 10.38 55.31 -39.65
N ASN B 419 9.33 54.50 -39.55
CA ASN B 419 8.10 54.89 -38.91
C ASN B 419 8.05 54.56 -37.42
N VAL B 420 9.08 53.89 -36.88
CA VAL B 420 9.08 53.48 -35.49
C VAL B 420 9.85 54.46 -34.60
N ALA B 421 10.31 55.58 -35.17
CA ALA B 421 11.04 56.56 -34.37
C ALA B 421 10.16 57.14 -33.27
N ALA B 422 8.91 57.47 -33.60
CA ALA B 422 7.99 58.00 -32.59
C ALA B 422 7.71 56.96 -31.51
N MET B 423 7.53 55.70 -31.92
CA MET B 423 7.30 54.64 -30.95
C MET B 423 8.48 54.47 -30.01
N LEU B 424 9.69 54.49 -30.54
CA LEU B 424 10.89 54.30 -29.73
C LEU B 424 11.23 55.53 -28.90
N GLU B 425 10.75 56.71 -29.29
CA GLU B 425 11.02 57.92 -28.51
C GLU B 425 10.31 57.89 -27.17
N ARG B 426 9.16 57.21 -27.09
CA ARG B 426 8.41 57.16 -25.85
C ARG B 426 9.19 56.48 -24.73
N ALA B 427 10.08 55.55 -25.08
CA ALA B 427 10.91 54.87 -24.08
C ALA B 427 11.91 55.86 -23.50
N GLY B 428 11.69 56.25 -22.24
CA GLY B 428 12.54 57.23 -21.60
C GLY B 428 13.80 56.63 -20.99
N ASP B 429 14.96 57.06 -21.47
CA ASP B 429 16.26 56.62 -20.98
C ASP B 429 16.35 55.11 -21.16
N ASP B 430 16.75 54.35 -20.15
CA ASP B 430 16.93 52.90 -20.24
C ASP B 430 15.91 52.16 -19.39
N ALA B 431 14.67 52.66 -19.35
CA ALA B 431 13.63 52.00 -18.57
C ALA B 431 13.32 50.61 -19.10
N ALA B 432 13.26 50.47 -20.43
CA ALA B 432 12.95 49.19 -21.06
C ALA B 432 14.19 48.43 -21.53
N ARG B 433 15.37 48.94 -21.22
CA ARG B 433 16.61 48.32 -21.68
C ARG B 433 17.05 47.23 -20.72
N PRO B 434 17.29 46.01 -21.20
CA PRO B 434 17.78 44.95 -20.30
C PRO B 434 19.12 45.31 -19.69
N GLU B 435 19.34 44.82 -18.46
CA GLU B 435 20.52 45.19 -17.71
C GLU B 435 21.79 44.53 -18.23
N TRP B 436 21.67 43.44 -18.97
CA TRP B 436 22.83 42.72 -19.49
C TRP B 436 23.20 43.13 -20.91
N LEU B 437 22.57 44.17 -21.45
CA LEU B 437 22.80 44.59 -22.82
C LEU B 437 24.00 45.53 -22.88
N GLU B 438 24.92 45.26 -23.81
CA GLU B 438 26.09 46.09 -23.98
C GLU B 438 25.71 47.44 -24.60
N PRO B 439 26.51 48.48 -24.37
CA PRO B 439 26.14 49.82 -24.86
C PRO B 439 26.27 49.99 -26.37
N GLU B 440 26.93 49.07 -27.07
CA GLU B 440 27.11 49.25 -28.51
C GLU B 440 25.93 48.75 -29.34
N PHE B 441 24.89 48.22 -28.70
CA PHE B 441 23.70 47.76 -29.40
C PHE B 441 22.58 48.78 -29.23
N GLY B 442 21.42 48.46 -29.78
CA GLY B 442 20.28 49.35 -29.70
C GLY B 442 20.40 50.52 -30.65
N VAL B 443 19.62 51.56 -30.37
CA VAL B 443 19.61 52.77 -31.18
C VAL B 443 20.81 53.62 -30.81
N ARG B 444 21.66 53.92 -31.79
CA ARG B 444 22.83 54.76 -31.57
C ARG B 444 22.66 56.16 -32.16
N ASP B 445 22.42 56.26 -33.47
CA ASP B 445 22.18 57.56 -34.11
C ASP B 445 21.23 57.32 -35.29
N GLY B 446 19.93 57.46 -35.03
CA GLY B 446 18.93 57.28 -36.06
C GLY B 446 18.94 55.93 -36.72
N LEU B 447 19.67 54.97 -36.13
CA LEU B 447 19.85 53.65 -36.70
C LEU B 447 19.79 52.62 -35.58
N TYR B 448 19.44 51.40 -35.95
CA TYR B 448 19.28 50.31 -35.00
C TYR B 448 20.34 49.24 -35.26
N TYR B 449 20.91 48.71 -34.18
CA TYR B 449 21.90 47.64 -34.24
C TYR B 449 21.31 46.39 -33.59
N LEU B 450 21.12 45.35 -34.37
CA LEU B 450 20.52 44.11 -33.88
C LEU B 450 21.59 43.24 -33.22
N THR B 451 21.12 42.20 -32.53
CA THR B 451 21.97 41.19 -31.92
C THR B 451 21.59 39.81 -32.46
N GLU B 452 22.33 38.80 -32.03
CA GLU B 452 22.12 37.44 -32.53
C GLU B 452 20.73 36.92 -32.16
N GLN B 453 20.31 37.15 -30.92
CA GLN B 453 18.99 36.68 -30.49
C GLN B 453 17.88 37.36 -31.28
N GLN B 454 18.00 38.68 -31.49
CA GLN B 454 16.99 39.40 -32.26
C GLN B 454 17.00 38.95 -33.72
N ALA B 455 18.18 38.70 -34.28
CA ALA B 455 18.25 38.20 -35.66
C ALA B 455 17.60 36.83 -35.77
N GLN B 456 17.81 35.96 -34.79
CA GLN B 456 17.16 34.66 -34.80
C GLN B 456 15.64 34.79 -34.68
N ALA B 457 15.18 35.74 -33.86
CA ALA B 457 13.75 35.93 -33.70
C ALA B 457 13.08 36.37 -35.00
N ILE B 458 13.80 37.10 -35.85
CA ILE B 458 13.22 37.55 -37.11
C ILE B 458 13.01 36.39 -38.06
N LEU B 459 13.97 35.46 -38.12
CA LEU B 459 13.87 34.34 -39.05
C LEU B 459 12.71 33.39 -38.72
N ASP B 460 12.14 33.50 -37.53
CA ASP B 460 11.03 32.64 -37.11
C ASP B 460 9.70 33.37 -37.17
N LEU B 461 9.51 34.24 -38.16
CA LEU B 461 8.30 35.04 -38.29
C LEU B 461 7.37 34.42 -39.32
N ARG B 462 6.11 34.23 -38.94
CA ARG B 462 5.12 33.67 -39.85
C ARG B 462 4.76 34.64 -40.96
N LEU B 463 4.27 34.11 -42.08
CA LEU B 463 3.84 34.93 -43.18
C LEU B 463 2.52 35.65 -42.90
N GLN B 464 1.78 35.22 -41.88
CA GLN B 464 0.52 35.87 -41.54
C GLN B 464 0.69 37.10 -40.66
N LYS B 465 1.93 37.42 -40.29
CA LYS B 465 2.19 38.61 -39.48
C LYS B 465 2.33 39.87 -40.31
N LEU B 466 2.22 39.78 -41.63
CA LEU B 466 2.29 40.96 -42.48
C LEU B 466 0.99 41.75 -42.50
N THR B 467 -0.06 41.23 -41.87
CA THR B 467 -1.30 41.98 -41.72
C THR B 467 -1.12 43.12 -40.71
N GLY B 468 -1.81 44.23 -40.97
CA GLY B 468 -1.69 45.41 -40.11
C GLY B 468 -2.26 45.23 -38.72
N LEU B 469 -3.17 44.27 -38.54
CA LEU B 469 -3.73 44.05 -37.21
C LEU B 469 -2.66 43.65 -36.22
N GLU B 470 -1.75 42.75 -36.62
CA GLU B 470 -0.62 42.41 -35.77
C GLU B 470 0.28 43.61 -35.54
N HIS B 471 0.42 44.47 -36.56
CA HIS B 471 1.22 45.68 -36.40
C HIS B 471 0.66 46.58 -35.30
N GLU B 472 -0.67 46.69 -35.22
CA GLU B 472 -1.28 47.48 -34.15
C GLU B 472 -1.16 46.76 -32.81
N LYS B 473 -1.28 45.44 -32.81
CA LYS B 473 -1.15 44.67 -31.57
C LYS B 473 0.23 44.86 -30.96
N LEU B 474 1.26 44.97 -31.81
CA LEU B 474 2.61 45.20 -31.30
C LEU B 474 2.68 46.51 -30.52
N LEU B 475 2.11 47.58 -31.08
CA LEU B 475 2.12 48.87 -30.40
C LEU B 475 1.34 48.81 -29.09
N ASP B 476 0.18 48.16 -29.10
CA ASP B 476 -0.62 48.05 -27.88
C ASP B 476 0.16 47.32 -26.79
N GLU B 477 0.78 46.19 -27.14
CA GLU B 477 1.54 45.44 -26.17
C GLU B 477 2.74 46.23 -25.67
N TYR B 478 3.39 46.99 -26.55
CA TYR B 478 4.52 47.80 -26.14
C TYR B 478 4.11 48.85 -25.10
N LYS B 479 2.99 49.52 -25.36
CA LYS B 479 2.51 50.53 -24.39
C LYS B 479 2.16 49.89 -23.06
N GLU B 480 1.48 48.73 -23.09
CA GLU B 480 1.13 48.06 -21.84
C GLU B 480 2.38 47.65 -21.08
N LEU B 481 3.40 47.15 -21.79
CA LEU B 481 4.64 46.77 -21.14
C LEU B 481 5.32 47.97 -20.50
N LEU B 482 5.31 49.12 -21.18
CA LEU B 482 5.90 50.32 -20.59
C LEU B 482 5.17 50.71 -19.31
N ASP B 483 3.85 50.67 -19.32
CA ASP B 483 3.10 51.00 -18.11
C ASP B 483 3.42 50.03 -16.96
N GLN B 484 3.49 48.73 -17.27
CA GLN B 484 3.80 47.75 -16.24
C GLN B 484 5.21 47.97 -15.67
N ILE B 485 6.18 48.29 -16.53
CA ILE B 485 7.53 48.55 -16.07
C ILE B 485 7.56 49.77 -15.16
N ALA B 486 6.83 50.82 -15.52
CA ALA B 486 6.77 52.00 -14.67
C ALA B 486 6.19 51.66 -13.29
N GLU B 487 5.10 50.88 -13.27
CA GLU B 487 4.50 50.51 -11.99
C GLU B 487 5.44 49.68 -11.14
N LEU B 488 6.13 48.70 -11.75
CA LEU B 488 7.06 47.87 -11.00
C LEU B 488 8.22 48.68 -10.44
N LEU B 489 8.75 49.61 -11.25
CA LEU B 489 9.84 50.45 -10.78
C LEU B 489 9.38 51.33 -9.62
N ARG B 490 8.15 51.85 -9.69
CA ARG B 490 7.64 52.62 -8.56
C ARG B 490 7.50 51.76 -7.31
N ILE B 491 7.07 50.51 -7.48
CA ILE B 491 6.93 49.62 -6.33
C ILE B 491 8.29 49.36 -5.68
N LEU B 492 9.31 49.10 -6.50
CA LEU B 492 10.62 48.71 -5.96
C LEU B 492 11.35 49.84 -5.26
N GLY B 493 10.88 51.08 -5.35
CA GLY B 493 11.64 52.21 -4.83
C GLY B 493 11.20 52.77 -3.49
N SER B 494 10.10 52.27 -2.94
CA SER B 494 9.57 52.82 -1.69
C SER B 494 9.02 51.70 -0.81
N ALA B 495 9.28 51.82 0.50
CA ALA B 495 8.78 50.84 1.46
C ALA B 495 7.30 51.04 1.76
N ASP B 496 6.82 52.28 1.70
CA ASP B 496 5.41 52.53 1.98
C ASP B 496 4.50 51.82 0.99
N ARG B 497 4.88 51.83 -0.29
CA ARG B 497 4.10 51.11 -1.29
C ARG B 497 4.10 49.61 -1.01
N LEU B 498 5.24 49.07 -0.59
CA LEU B 498 5.33 47.66 -0.24
C LEU B 498 4.37 47.32 0.91
N MET B 499 4.39 48.14 1.96
CA MET B 499 3.50 47.89 3.10
C MET B 499 2.04 48.03 2.69
N GLU B 500 1.73 48.99 1.81
CA GLU B 500 0.37 49.16 1.33
C GLU B 500 -0.10 47.93 0.57
N VAL B 501 0.76 47.37 -0.29
CA VAL B 501 0.39 46.16 -1.03
C VAL B 501 0.16 44.99 -0.07
N ILE B 502 1.04 44.84 0.92
CA ILE B 502 0.87 43.76 1.89
C ILE B 502 -0.44 43.92 2.65
N ARG B 503 -0.75 45.14 3.06
CA ARG B 503 -1.99 45.40 3.79
C ARG B 503 -3.21 45.08 2.93
N GLU B 504 -3.17 45.46 1.65
CA GLU B 504 -4.29 45.15 0.76
C GLU B 504 -4.47 43.65 0.62
N GLU B 505 -3.37 42.90 0.46
CA GLU B 505 -3.48 41.45 0.36
C GLU B 505 -4.07 40.85 1.63
N LEU B 506 -3.62 41.31 2.79
CA LEU B 506 -4.15 40.79 4.05
C LEU B 506 -5.65 41.09 4.19
N GLU B 507 -6.07 42.30 3.82
CA GLU B 507 -7.48 42.65 3.90
C GLU B 507 -8.32 41.78 2.96
N LEU B 508 -7.81 41.53 1.75
CA LEU B 508 -8.54 40.67 0.82
C LEU B 508 -8.66 39.25 1.38
N VAL B 509 -7.58 38.73 1.96
CA VAL B 509 -7.62 37.39 2.54
C VAL B 509 -8.66 37.33 3.66
N ARG B 510 -8.65 38.33 4.54
CA ARG B 510 -9.61 38.36 5.64
C ARG B 510 -11.04 38.42 5.14
N GLU B 511 -11.29 39.23 4.11
CA GLU B 511 -12.63 39.30 3.54
C GLU B 511 -13.05 37.97 2.94
N GLN B 512 -12.13 37.28 2.28
CA GLN B 512 -12.50 36.06 1.55
C GLN B 512 -12.69 34.87 2.46
N PHE B 513 -11.89 34.73 3.52
CA PHE B 513 -11.89 33.50 4.31
C PHE B 513 -12.26 33.72 5.78
N GLY B 514 -12.99 34.79 6.10
CA GLY B 514 -13.38 35.03 7.48
C GLY B 514 -14.53 34.14 7.92
N ASP B 515 -14.61 33.91 9.23
CA ASP B 515 -15.69 33.15 9.84
C ASP B 515 -15.89 33.64 11.27
N LYS B 516 -16.64 32.87 12.06
CA LYS B 516 -17.02 33.26 13.41
C LYS B 516 -16.21 32.49 14.46
N ARG B 517 -16.55 32.72 15.72
CA ARG B 517 -15.89 32.09 16.86
C ARG B 517 -16.82 31.08 17.51
N ARG B 518 -16.26 29.94 17.90
CA ARG B 518 -17.04 28.84 18.48
C ARG B 518 -16.84 28.67 19.98
N THR B 519 -15.63 28.91 20.48
CA THR B 519 -15.32 28.68 21.89
C THR B 519 -15.58 29.94 22.71
N GLU B 520 -16.15 29.76 23.90
CA GLU B 520 -16.47 30.86 24.80
C GLU B 520 -15.44 30.94 25.92
N ILE B 521 -14.98 32.15 26.21
CA ILE B 521 -14.00 32.40 27.26
C ILE B 521 -14.72 33.06 28.43
N THR B 522 -14.48 32.54 29.63
CA THR B 522 -15.15 33.01 30.84
C THR B 522 -14.11 33.59 31.80
N ALA B 523 -14.56 33.88 33.03
CA ALA B 523 -13.71 34.52 34.02
C ALA B 523 -13.64 33.67 35.29
N ASN B 524 -13.36 32.38 35.12
CA ASN B 524 -13.20 31.42 36.22
C ASN B 524 -14.52 31.20 36.95
N SER B 525 -14.50 30.35 37.97
CA SER B 525 -15.71 30.02 38.71
C SER B 525 -15.31 29.58 40.12
N ALA B 526 -16.21 29.82 41.06
CA ALA B 526 -15.99 29.45 42.46
C ALA B 526 -16.53 28.05 42.72
N ASP B 527 -15.79 27.29 43.53
CA ASP B 527 -16.21 25.95 43.89
C ASP B 527 -17.49 25.99 44.71
N ILE B 528 -18.36 25.01 44.46
CA ILE B 528 -19.65 24.96 45.17
C ILE B 528 -19.46 24.58 46.63
N ASN B 529 -18.34 23.95 46.99
CA ASN B 529 -18.04 23.53 48.35
C ASN B 529 -19.09 22.58 48.92
N LEU B 530 -19.82 21.88 48.06
CA LEU B 530 -20.90 20.98 48.43
C LEU B 530 -22.01 21.66 49.22
N GLU B 531 -22.00 22.98 49.29
CA GLU B 531 -23.00 23.77 50.01
C GLU B 531 -23.62 24.77 49.02
N ASP B 532 -24.45 25.66 49.56
CA ASP B 532 -25.19 26.68 48.82
C ASP B 532 -26.22 26.08 47.88
N LEU B 533 -26.34 24.76 47.81
CA LEU B 533 -27.38 24.11 47.03
C LEU B 533 -28.56 23.66 47.88
N ILE B 534 -28.36 23.51 49.19
CA ILE B 534 -29.42 23.18 50.13
C ILE B 534 -29.65 24.42 50.99
N THR B 535 -30.87 24.95 50.95
CA THR B 535 -31.18 26.19 51.63
C THR B 535 -31.27 25.98 53.14
N GLN B 536 -31.35 27.09 53.86
CA GLN B 536 -31.43 27.07 55.32
C GLN B 536 -32.89 26.93 55.73
N GLU B 537 -33.22 25.80 56.36
CA GLU B 537 -34.56 25.56 56.86
C GLU B 537 -34.47 24.83 58.19
N ASP B 538 -35.55 24.93 58.97
CA ASP B 538 -35.69 24.19 60.22
C ASP B 538 -36.54 22.96 59.97
N VAL B 539 -36.09 21.81 60.45
CA VAL B 539 -36.73 20.54 60.18
C VAL B 539 -36.95 19.80 61.51
N VAL B 540 -37.79 18.77 61.45
CA VAL B 540 -38.12 17.95 62.61
C VAL B 540 -37.67 16.52 62.32
N VAL B 541 -36.93 15.93 63.25
CA VAL B 541 -36.33 14.62 63.08
C VAL B 541 -37.00 13.65 64.03
N THR B 542 -37.42 12.49 63.50
CA THR B 542 -38.04 11.44 64.29
C THR B 542 -37.20 10.16 64.19
N LEU B 543 -37.18 9.40 65.28
CA LEU B 543 -36.44 8.15 65.35
C LEU B 543 -37.32 7.06 65.94
N SER B 544 -37.29 5.89 65.32
CA SER B 544 -38.07 4.74 65.76
C SER B 544 -37.25 3.88 66.72
N HIS B 545 -37.92 2.86 67.28
CA HIS B 545 -37.25 1.96 68.21
C HIS B 545 -36.22 1.09 67.50
N GLN B 546 -36.61 0.48 66.38
CA GLN B 546 -35.65 -0.31 65.60
C GLN B 546 -34.63 0.58 64.90
N GLY B 547 -35.01 1.82 64.59
CA GLY B 547 -34.09 2.75 63.96
C GLY B 547 -34.50 3.08 62.54
N TYR B 548 -35.18 4.20 62.36
CA TYR B 548 -35.59 4.67 61.03
C TYR B 548 -35.63 6.19 61.07
N VAL B 549 -34.56 6.81 60.61
CA VAL B 549 -34.45 8.27 60.68
C VAL B 549 -35.25 8.90 59.55
N LYS B 550 -35.74 10.11 59.79
CA LYS B 550 -36.58 10.83 58.84
C LYS B 550 -36.68 12.28 59.29
N TYR B 551 -36.55 13.21 58.35
CA TYR B 551 -36.72 14.63 58.64
C TYR B 551 -37.56 15.27 57.54
N GLN B 552 -38.43 16.18 57.94
CA GLN B 552 -39.35 16.86 57.04
C GLN B 552 -39.42 18.33 57.43
N PRO B 553 -39.76 19.21 56.49
CA PRO B 553 -39.82 20.65 56.80
C PRO B 553 -40.83 20.95 57.90
N LEU B 554 -40.49 21.94 58.72
CA LEU B 554 -41.35 22.30 59.85
C LEU B 554 -42.59 23.07 59.40
N SER B 555 -42.51 23.77 58.26
CA SER B 555 -43.61 24.60 57.80
C SER B 555 -44.85 23.80 57.38
N GLU B 556 -44.72 22.47 57.24
CA GLU B 556 -45.87 21.66 56.84
C GLU B 556 -46.95 21.68 57.91
N TYR B 557 -46.57 21.60 59.18
CA TYR B 557 -47.54 21.56 60.26
C TYR B 557 -48.00 22.96 60.64
N GLU B 558 -49.15 23.03 61.31
CA GLU B 558 -49.75 24.28 61.73
C GLU B 558 -50.18 24.18 63.18
N ALA B 559 -50.18 25.32 63.87
CA ALA B 559 -50.51 25.37 65.29
C ALA B 559 -52.03 25.35 65.48
N GLN B 560 -52.52 24.37 66.24
CA GLN B 560 -53.93 24.26 66.56
C GLN B 560 -54.20 24.95 67.90
N ARG B 561 -55.40 24.73 68.45
CA ARG B 561 -55.74 25.26 69.76
C ARG B 561 -55.21 24.30 70.83
N ARG B 562 -55.65 24.49 72.08
CA ARG B 562 -55.13 23.69 73.19
C ARG B 562 -55.63 22.26 73.10
N GLY B 563 -56.95 22.07 73.18
CA GLY B 563 -57.52 20.74 73.18
C GLY B 563 -57.74 20.18 71.79
N GLY B 564 -56.66 19.78 71.12
CA GLY B 564 -56.74 19.24 69.78
C GLY B 564 -56.27 17.80 69.73
N LYS B 565 -56.89 17.03 68.83
CA LYS B 565 -56.49 15.63 68.68
C LYS B 565 -55.15 15.50 67.96
N GLY B 566 -54.93 16.30 66.93
CA GLY B 566 -53.70 16.25 66.17
C GLY B 566 -53.78 15.26 65.02
N LYS B 567 -52.90 15.47 64.05
CA LYS B 567 -52.81 14.62 62.86
C LYS B 567 -51.56 13.74 62.93
N SER B 568 -51.62 12.64 62.18
CA SER B 568 -50.52 11.68 62.18
C SER B 568 -49.28 12.27 61.52
N ALA B 569 -48.13 11.73 61.89
CA ALA B 569 -46.84 12.19 61.38
C ALA B 569 -46.16 11.19 60.46
N ALA B 570 -45.96 9.95 60.92
CA ALA B 570 -45.33 8.91 60.13
C ALA B 570 -46.09 7.60 60.35
N ARG B 571 -45.73 6.59 59.57
CA ARG B 571 -46.33 5.27 59.70
C ARG B 571 -45.45 4.38 60.57
N ILE B 572 -46.08 3.47 61.29
CA ILE B 572 -45.41 2.58 62.22
C ILE B 572 -45.73 1.14 61.85
N LYS B 573 -44.71 0.27 61.92
CA LYS B 573 -44.85 -1.14 61.59
C LYS B 573 -45.79 -1.83 62.57
N GLU B 574 -46.03 -3.13 62.36
CA GLU B 574 -46.97 -3.86 63.19
C GLU B 574 -46.59 -3.87 64.66
N GLU B 575 -45.30 -3.69 64.98
CA GLU B 575 -44.85 -3.63 66.38
C GLU B 575 -43.66 -2.69 66.43
N ASP B 576 -43.93 -1.42 66.75
CA ASP B 576 -42.89 -0.40 66.82
C ASP B 576 -43.49 0.82 67.51
N PHE B 577 -42.61 1.73 67.92
CA PHE B 577 -43.03 2.99 68.53
C PHE B 577 -41.87 3.96 68.47
N ILE B 578 -42.19 5.24 68.27
CA ILE B 578 -41.16 6.26 68.20
C ILE B 578 -40.54 6.46 69.58
N ASP B 579 -39.27 6.89 69.59
CA ASP B 579 -38.52 7.03 70.84
C ASP B 579 -38.25 8.47 71.24
N ARG B 580 -37.92 9.34 70.31
CA ARG B 580 -37.57 10.71 70.66
C ARG B 580 -37.82 11.62 69.46
N LEU B 581 -37.84 12.93 69.74
CA LEU B 581 -38.11 13.95 68.75
C LEU B 581 -37.01 15.01 68.81
N LEU B 582 -36.74 15.64 67.67
CA LEU B 582 -35.68 16.63 67.59
C LEU B 582 -36.07 17.72 66.61
N VAL B 583 -35.71 18.97 66.93
CA VAL B 583 -35.90 20.11 66.05
C VAL B 583 -34.56 20.82 65.93
N ALA B 584 -34.05 20.92 64.70
CA ALA B 584 -32.75 21.53 64.46
C ALA B 584 -32.68 22.02 63.02
N ASN B 585 -31.67 22.86 62.76
CA ASN B 585 -31.44 23.39 61.43
C ASN B 585 -30.62 22.39 60.61
N THR B 586 -30.65 22.57 59.28
CA THR B 586 -30.00 21.62 58.39
C THR B 586 -28.48 21.72 58.48
N HIS B 587 -27.94 22.93 58.60
CA HIS B 587 -26.48 23.13 58.59
C HIS B 587 -25.93 23.16 60.02
N ASP B 588 -26.14 22.06 60.74
CA ASP B 588 -25.68 21.93 62.11
C ASP B 588 -25.13 20.53 62.34
N HIS B 589 -24.01 20.47 63.06
CA HIS B 589 -23.47 19.18 63.49
C HIS B 589 -24.33 18.58 64.59
N ILE B 590 -24.41 17.25 64.58
CA ILE B 590 -25.12 16.51 65.63
C ILE B 590 -24.21 15.42 66.15
N LEU B 591 -24.18 15.27 67.48
CA LEU B 591 -23.40 14.23 68.13
C LEU B 591 -24.36 13.16 68.64
N CYS B 592 -24.13 11.92 68.21
CA CYS B 592 -24.99 10.80 68.55
C CYS B 592 -24.30 9.94 69.60
N PHE B 593 -25.00 9.66 70.69
CA PHE B 593 -24.48 8.84 71.77
C PHE B 593 -25.15 7.48 71.74
N SER B 594 -24.33 6.43 71.67
CA SER B 594 -24.83 5.07 71.55
C SER B 594 -25.19 4.50 72.91
N SER B 595 -25.59 3.23 72.93
CA SER B 595 -25.95 2.53 74.15
C SER B 595 -24.75 1.92 74.86
N ARG B 596 -23.55 2.04 74.30
CA ARG B 596 -22.34 1.51 74.91
C ARG B 596 -21.29 2.58 75.18
N GLY B 597 -21.63 3.85 75.01
CA GLY B 597 -20.73 4.94 75.32
C GLY B 597 -20.01 5.55 74.15
N ARG B 598 -20.33 5.16 72.92
CA ARG B 598 -19.65 5.70 71.76
C ARG B 598 -20.28 7.04 71.35
N VAL B 599 -19.49 7.83 70.61
CA VAL B 599 -19.91 9.12 70.11
C VAL B 599 -19.60 9.18 68.62
N TYR B 600 -20.57 9.63 67.83
CA TYR B 600 -20.41 9.76 66.39
C TYR B 600 -20.85 11.15 65.95
N SER B 601 -20.27 11.61 64.84
CA SER B 601 -20.55 12.94 64.31
C SER B 601 -21.20 12.83 62.95
N MET B 602 -22.12 13.75 62.66
CA MET B 602 -22.84 13.75 61.40
C MET B 602 -23.46 15.14 61.20
N LYS B 603 -23.78 15.44 59.94
CA LYS B 603 -24.50 16.66 59.60
C LYS B 603 -25.95 16.33 59.30
N VAL B 604 -26.84 17.30 59.54
CA VAL B 604 -28.27 17.04 59.50
C VAL B 604 -28.73 16.67 58.10
N TYR B 605 -28.27 17.40 57.08
CA TYR B 605 -28.78 17.17 55.73
C TYR B 605 -28.37 15.84 55.14
N GLN B 606 -27.43 15.13 55.77
CA GLN B 606 -27.09 13.78 55.31
C GLN B 606 -28.16 12.76 55.67
N LEU B 607 -29.09 13.11 56.55
CA LEU B 607 -30.18 12.21 56.88
C LEU B 607 -31.13 12.08 55.69
N PRO B 608 -31.78 10.91 55.54
CA PRO B 608 -32.70 10.73 54.41
C PRO B 608 -33.91 11.65 54.51
N GLU B 609 -34.38 12.09 53.35
CA GLU B 609 -35.56 12.93 53.23
C GLU B 609 -36.74 12.10 52.76
N ALA B 610 -37.89 12.27 53.41
CA ALA B 610 -39.07 11.49 53.09
C ALA B 610 -40.31 12.32 53.43
N THR B 611 -41.48 11.73 53.17
CA THR B 611 -42.77 12.35 53.42
C THR B 611 -43.44 11.68 54.62
N ARG B 612 -44.67 12.11 54.90
CA ARG B 612 -45.40 11.57 56.03
C ARG B 612 -45.71 10.09 55.86
N GLY B 613 -46.05 9.68 54.64
CA GLY B 613 -46.41 8.29 54.41
C GLY B 613 -45.26 7.32 54.55
N ALA B 614 -44.03 7.80 54.31
CA ALA B 614 -42.87 6.93 54.39
C ALA B 614 -42.54 6.60 55.84
N ARG B 615 -41.69 5.59 56.01
CA ARG B 615 -41.24 5.16 57.33
C ARG B 615 -39.75 5.41 57.55
N GLY B 616 -39.03 5.92 56.56
CA GLY B 616 -37.62 6.14 56.70
C GLY B 616 -36.80 4.93 56.33
N ARG B 617 -35.50 5.04 56.59
CA ARG B 617 -34.53 4.00 56.28
C ARG B 617 -33.74 3.63 57.52
N PRO B 618 -33.24 2.40 57.60
CA PRO B 618 -32.46 1.99 58.77
C PRO B 618 -31.22 2.86 58.95
N ILE B 619 -30.89 3.13 60.22
CA ILE B 619 -29.76 4.00 60.55
C ILE B 619 -28.43 3.27 60.53
N VAL B 620 -28.45 1.92 60.48
CA VAL B 620 -27.21 1.16 60.47
C VAL B 620 -26.38 1.46 59.24
N ASN B 621 -27.03 1.86 58.14
CA ASN B 621 -26.29 2.23 56.94
C ASN B 621 -25.44 3.47 57.17
N LEU B 622 -25.97 4.45 57.88
CA LEU B 622 -25.25 5.72 58.06
C LEU B 622 -24.08 5.57 59.03
N LEU B 623 -24.27 4.81 60.10
CA LEU B 623 -23.24 4.71 61.13
C LEU B 623 -22.85 3.25 61.36
N PRO B 624 -21.57 2.97 61.57
CA PRO B 624 -21.11 1.59 61.83
C PRO B 624 -21.45 1.12 63.23
N LEU B 625 -22.73 0.91 63.48
CA LEU B 625 -23.19 0.48 64.79
C LEU B 625 -22.98 -1.02 64.98
N GLU B 626 -23.12 -1.46 66.22
CA GLU B 626 -22.95 -2.87 66.56
C GLU B 626 -24.26 -3.61 66.27
N GLN B 627 -24.34 -4.86 66.73
CA GLN B 627 -25.51 -5.68 66.45
C GLN B 627 -26.76 -5.15 67.16
N ASP B 628 -26.61 -4.73 68.41
CA ASP B 628 -27.74 -4.25 69.20
C ASP B 628 -27.54 -2.83 69.73
N GLU B 629 -26.47 -2.16 69.34
CA GLU B 629 -26.22 -0.80 69.81
C GLU B 629 -27.27 0.15 69.23
N ARG B 630 -27.75 1.06 70.07
CA ARG B 630 -28.80 1.99 69.70
C ARG B 630 -28.42 3.41 70.12
N ILE B 631 -28.96 4.39 69.39
CA ILE B 631 -28.74 5.79 69.70
C ILE B 631 -29.76 6.24 70.72
N THR B 632 -29.32 7.04 71.69
CA THR B 632 -30.19 7.47 72.79
C THR B 632 -30.14 8.97 73.07
N ALA B 633 -29.27 9.73 72.41
CA ALA B 633 -29.18 11.16 72.66
C ALA B 633 -28.54 11.85 71.46
N ILE B 634 -29.05 13.03 71.14
CA ILE B 634 -28.53 13.84 70.05
C ILE B 634 -28.34 15.27 70.54
N LEU B 635 -27.20 15.87 70.26
CA LEU B 635 -26.89 17.23 70.68
C LEU B 635 -26.53 18.09 69.48
N PRO B 636 -27.40 19.02 69.07
CA PRO B 636 -27.02 19.91 67.96
C PRO B 636 -25.99 20.93 68.41
N VAL B 637 -24.91 21.04 67.64
CA VAL B 637 -23.82 21.98 67.91
C VAL B 637 -23.61 22.82 66.66
N THR B 638 -23.71 24.14 66.81
CA THR B 638 -23.51 25.02 65.66
C THR B 638 -22.05 25.09 65.26
N GLU B 639 -21.15 25.27 66.24
CA GLU B 639 -19.73 25.30 65.96
C GLU B 639 -18.97 25.01 67.25
N PHE B 640 -17.68 24.70 67.09
CA PHE B 640 -16.80 24.43 68.22
C PHE B 640 -15.90 25.64 68.45
N GLU B 641 -15.93 26.16 69.67
CA GLU B 641 -15.15 27.35 70.01
C GLU B 641 -14.95 27.40 71.52
N GLU B 642 -14.01 28.25 71.94
CA GLU B 642 -13.76 28.53 73.34
C GLU B 642 -13.39 27.27 74.11
N GLY B 643 -13.61 27.27 75.42
CA GLY B 643 -13.34 26.12 76.25
C GLY B 643 -14.57 25.67 77.02
N VAL B 644 -15.72 25.72 76.36
CA VAL B 644 -16.97 25.32 77.01
C VAL B 644 -16.93 23.83 77.33
N LYS B 645 -17.77 23.43 78.29
CA LYS B 645 -17.83 22.06 78.76
C LYS B 645 -19.13 21.41 78.32
N VAL B 646 -19.11 20.08 78.27
CA VAL B 646 -20.28 19.28 77.91
C VAL B 646 -20.76 18.59 79.18
N PHE B 647 -22.00 18.86 79.56
CA PHE B 647 -22.60 18.26 80.75
C PHE B 647 -23.48 17.10 80.33
N MET B 648 -23.16 15.91 80.81
CA MET B 648 -23.87 14.69 80.47
C MET B 648 -24.36 14.00 81.73
N ALA B 649 -25.65 13.65 81.75
CA ALA B 649 -26.26 13.00 82.90
C ALA B 649 -27.04 11.78 82.42
N THR B 650 -26.85 10.67 83.12
CA THR B 650 -27.51 9.40 82.80
C THR B 650 -28.63 9.15 83.79
N ALA B 651 -29.27 7.99 83.66
CA ALA B 651 -30.24 7.57 84.64
C ALA B 651 -29.55 7.19 85.94
N ASN B 652 -30.36 6.91 86.97
CA ASN B 652 -29.90 6.55 88.30
C ASN B 652 -29.12 7.66 89.00
N GLY B 653 -29.17 8.88 88.46
CA GLY B 653 -28.53 10.01 89.10
C GLY B 653 -27.02 10.01 89.05
N THR B 654 -26.45 10.15 87.86
CA THR B 654 -25.00 10.25 87.69
C THR B 654 -24.70 11.38 86.73
N VAL B 655 -23.68 12.18 87.06
CA VAL B 655 -23.31 13.34 86.27
C VAL B 655 -21.83 13.26 85.93
N LYS B 656 -21.45 13.97 84.87
CA LYS B 656 -20.07 13.97 84.38
C LYS B 656 -19.87 15.19 83.51
N LYS B 657 -18.70 15.81 83.61
CA LYS B 657 -18.36 17.01 82.87
C LYS B 657 -17.08 16.79 82.08
N THR B 658 -17.10 17.14 80.79
CA THR B 658 -15.93 17.03 79.93
C THR B 658 -15.84 18.27 79.06
N VAL B 659 -14.63 18.54 78.57
CA VAL B 659 -14.37 19.70 77.74
C VAL B 659 -14.73 19.38 76.29
N LEU B 660 -15.35 20.33 75.61
CA LEU B 660 -15.77 20.13 74.22
C LEU B 660 -14.61 19.97 73.27
N THR B 661 -13.43 20.48 73.63
CA THR B 661 -12.28 20.44 72.73
C THR B 661 -11.93 19.02 72.32
N GLU B 662 -12.23 18.04 73.18
CA GLU B 662 -11.92 16.65 72.87
C GLU B 662 -12.72 16.13 71.67
N PHE B 663 -13.86 16.74 71.36
CA PHE B 663 -14.72 16.28 70.28
C PHE B 663 -14.64 17.15 69.04
N ASN B 664 -13.52 17.85 68.84
CA ASN B 664 -13.37 18.68 67.64
C ASN B 664 -13.36 17.84 66.38
N ARG B 665 -12.66 16.71 66.40
CA ARG B 665 -12.55 15.82 65.25
C ARG B 665 -12.79 14.39 65.70
N LEU B 666 -13.62 13.67 64.96
CA LEU B 666 -13.90 12.26 65.22
C LEU B 666 -13.80 11.48 63.92
N ARG B 667 -13.17 10.31 63.98
CA ARG B 667 -13.03 9.46 62.81
C ARG B 667 -14.35 8.72 62.57
N THR B 668 -14.35 7.79 61.61
CA THR B 668 -15.54 6.99 61.37
C THR B 668 -15.89 6.13 62.59
N ALA B 669 -14.87 5.52 63.21
CA ALA B 669 -15.09 4.82 64.46
C ALA B 669 -15.29 5.84 65.59
N GLY B 670 -16.13 5.46 66.55
CA GLY B 670 -16.45 6.34 67.65
C GLY B 670 -15.39 6.36 68.73
N LYS B 671 -15.68 7.11 69.79
CA LYS B 671 -14.81 7.25 70.94
C LYS B 671 -15.61 7.02 72.21
N VAL B 672 -15.01 6.34 73.18
CA VAL B 672 -15.68 6.07 74.44
C VAL B 672 -15.83 7.37 75.22
N ALA B 673 -17.05 7.64 75.68
CA ALA B 673 -17.35 8.88 76.40
C ALA B 673 -17.77 8.66 77.84
N ILE B 674 -18.49 7.58 78.16
CA ILE B 674 -18.94 7.31 79.51
C ILE B 674 -18.71 5.84 79.81
N LYS B 675 -18.19 5.56 81.01
CA LYS B 675 -18.02 4.19 81.48
C LYS B 675 -19.33 3.72 82.11
N LEU B 676 -20.31 3.47 81.24
CA LEU B 676 -21.63 3.05 81.70
C LEU B 676 -21.56 1.70 82.38
N VAL B 677 -22.34 1.54 83.45
CA VAL B 677 -22.42 0.30 84.20
C VAL B 677 -23.84 -0.24 84.12
N ASP B 678 -23.95 -1.57 84.24
CA ASP B 678 -25.21 -2.31 84.16
C ASP B 678 -26.15 -1.76 83.09
N GLY B 679 -27.39 -1.50 83.45
CA GLY B 679 -28.41 -1.01 82.54
C GLY B 679 -28.55 0.48 82.44
N ASP B 680 -27.63 1.25 83.01
CA ASP B 680 -27.73 2.70 82.96
C ASP B 680 -27.60 3.20 81.53
N GLU B 681 -28.35 4.26 81.21
CA GLU B 681 -28.39 4.82 79.87
C GLU B 681 -28.40 6.33 79.94
N LEU B 682 -27.84 6.97 78.91
CA LEU B 682 -27.86 8.42 78.83
C LEU B 682 -29.27 8.94 78.60
N ILE B 683 -29.56 10.11 79.16
CA ILE B 683 -30.87 10.75 79.05
C ILE B 683 -30.79 12.09 78.33
N GLY B 684 -29.82 12.92 78.69
CA GLY B 684 -29.72 14.25 78.10
C GLY B 684 -28.34 14.82 78.26
N VAL B 685 -27.95 15.67 77.29
CA VAL B 685 -26.68 16.37 77.30
C VAL B 685 -26.93 17.82 76.90
N ASP B 686 -25.98 18.69 77.25
CA ASP B 686 -26.09 20.10 76.94
C ASP B 686 -24.72 20.74 77.04
N LEU B 687 -24.64 22.00 76.61
CA LEU B 687 -23.43 22.80 76.68
C LEU B 687 -23.58 23.85 77.77
N THR B 688 -22.53 24.03 78.57
CA THR B 688 -22.56 24.98 79.68
C THR B 688 -21.26 25.75 79.73
N SER B 689 -21.32 26.94 80.31
CA SER B 689 -20.14 27.77 80.51
C SER B 689 -19.46 27.36 81.81
N GLY B 690 -18.51 28.19 82.28
CA GLY B 690 -17.78 27.85 83.49
C GLY B 690 -18.67 27.77 84.72
N GLU B 691 -19.57 28.75 84.88
CA GLU B 691 -20.47 28.80 86.02
C GLU B 691 -21.90 28.90 85.51
N ASP B 692 -22.74 27.97 85.93
CA ASP B 692 -24.14 27.93 85.54
C ASP B 692 -24.93 27.17 86.59
N GLU B 693 -26.17 26.81 86.27
CA GLU B 693 -27.02 26.03 87.14
C GLU B 693 -27.60 24.87 86.36
N VAL B 694 -27.87 23.77 87.06
CA VAL B 694 -28.39 22.55 86.45
C VAL B 694 -29.59 22.06 87.25
N MET B 695 -30.60 21.58 86.54
CA MET B 695 -31.82 21.06 87.15
C MET B 695 -32.08 19.66 86.63
N LEU B 696 -32.48 18.76 87.54
CA LEU B 696 -32.75 17.37 87.21
C LEU B 696 -34.18 17.04 87.63
N PHE B 697 -34.91 16.36 86.74
CA PHE B 697 -36.29 15.96 86.98
C PHE B 697 -36.39 14.45 87.02
N SER B 698 -37.09 13.93 88.03
CA SER B 698 -37.32 12.49 88.14
C SER B 698 -38.69 12.16 87.53
N ALA B 699 -39.11 10.90 87.69
CA ALA B 699 -40.39 10.46 87.16
C ALA B 699 -41.53 10.56 88.16
N GLU B 700 -41.25 11.02 89.38
CA GLU B 700 -42.28 11.17 90.41
C GLU B 700 -42.31 12.60 90.96
N GLY B 701 -42.07 13.57 90.10
CA GLY B 701 -42.15 14.97 90.48
C GLY B 701 -41.15 15.42 91.52
N LYS B 702 -39.89 15.05 91.34
CA LYS B 702 -38.80 15.49 92.20
C LYS B 702 -37.80 16.27 91.37
N VAL B 703 -37.48 17.49 91.80
CA VAL B 703 -36.59 18.38 91.07
C VAL B 703 -35.47 18.83 91.99
N VAL B 704 -34.23 18.75 91.51
CA VAL B 704 -33.05 19.14 92.29
C VAL B 704 -32.31 20.21 91.49
N ARG B 705 -31.97 21.31 92.16
CA ARG B 705 -31.23 22.40 91.56
C ARG B 705 -30.01 22.70 92.42
N PHE B 706 -28.83 22.73 91.78
CA PHE B 706 -27.59 22.93 92.51
C PHE B 706 -26.56 23.60 91.62
N LYS B 707 -25.58 24.23 92.26
CA LYS B 707 -24.49 24.86 91.53
C LYS B 707 -23.61 23.82 90.87
N GLU B 708 -23.15 24.11 89.65
CA GLU B 708 -22.34 23.17 88.90
C GLU B 708 -20.87 23.23 89.27
N SER B 709 -20.47 24.13 90.18
CA SER B 709 -19.08 24.20 90.60
C SER B 709 -18.65 22.98 91.40
N SER B 710 -19.59 22.26 92.01
CA SER B 710 -19.24 21.05 92.76
C SER B 710 -18.67 19.98 91.85
N VAL B 711 -19.26 19.81 90.66
CA VAL B 711 -18.78 18.81 89.72
C VAL B 711 -17.46 19.26 89.12
N ARG B 712 -16.47 18.36 89.14
CA ARG B 712 -15.14 18.65 88.63
C ARG B 712 -14.96 18.01 87.26
N ALA B 713 -14.25 18.70 86.38
CA ALA B 713 -13.99 18.17 85.05
C ALA B 713 -13.16 16.89 85.14
N MET B 714 -13.57 15.89 84.37
CA MET B 714 -12.95 14.56 84.40
C MET B 714 -12.56 14.16 82.99
N GLY B 715 -11.89 13.01 82.87
CA GLY B 715 -11.49 12.50 81.58
C GLY B 715 -12.61 11.79 80.86
N CYS B 716 -12.28 11.28 79.67
CA CYS B 716 -13.29 10.62 78.85
C CYS B 716 -13.70 9.28 79.44
N ASN B 717 -12.74 8.49 79.92
CA ASN B 717 -13.03 7.14 80.43
C ASN B 717 -13.22 7.17 81.94
N THR B 718 -14.28 7.85 82.37
CA THR B 718 -14.63 7.97 83.77
C THR B 718 -16.11 7.71 83.96
N THR B 719 -16.48 7.32 85.18
CA THR B 719 -17.88 7.02 85.49
C THR B 719 -18.64 8.28 85.90
N GLY B 720 -18.20 8.94 86.97
CA GLY B 720 -18.80 10.17 87.43
C GLY B 720 -19.17 10.07 88.90
N VAL B 721 -19.88 11.09 89.38
CA VAL B 721 -20.31 11.14 90.77
C VAL B 721 -21.83 11.09 90.82
N ARG B 722 -22.39 11.07 92.02
CA ARG B 722 -23.84 10.99 92.19
C ARG B 722 -24.43 12.39 92.30
N GLY B 723 -25.48 12.64 91.51
CA GLY B 723 -26.09 13.95 91.45
C GLY B 723 -27.38 14.09 92.24
N ILE B 724 -28.24 13.08 92.16
CA ILE B 724 -29.54 13.10 92.84
C ILE B 724 -29.76 11.76 93.52
N ARG B 725 -30.27 11.81 94.75
CA ARG B 725 -30.55 10.61 95.53
C ARG B 725 -31.95 10.12 95.17
N LEU B 726 -32.02 9.12 94.30
CA LEU B 726 -33.29 8.58 93.88
C LEU B 726 -33.84 7.60 94.91
N GLY B 727 -35.13 7.31 94.82
CA GLY B 727 -35.78 6.38 95.72
C GLY B 727 -35.82 4.97 95.16
N GLU B 728 -37.01 4.44 94.95
CA GLU B 728 -37.20 3.09 94.42
C GLU B 728 -38.03 3.17 93.15
N GLY B 729 -37.53 2.59 92.07
CA GLY B 729 -38.25 2.58 90.80
C GLY B 729 -38.48 3.96 90.22
N ASP B 730 -37.49 4.83 90.30
CA ASP B 730 -37.58 6.19 89.76
C ASP B 730 -36.40 6.44 88.83
N LYS B 731 -36.66 7.19 87.75
CA LYS B 731 -35.66 7.46 86.73
C LYS B 731 -35.62 8.95 86.43
N VAL B 732 -34.45 9.43 86.04
CA VAL B 732 -34.30 10.81 85.59
C VAL B 732 -34.76 10.92 84.15
N VAL B 733 -35.55 11.95 83.85
CA VAL B 733 -36.18 12.06 82.54
C VAL B 733 -35.75 13.29 81.76
N SER B 734 -35.20 14.34 82.40
CA SER B 734 -34.87 15.55 81.66
C SER B 734 -33.75 16.29 82.38
N LEU B 735 -33.15 17.23 81.66
CA LEU B 735 -32.07 18.06 82.17
C LEU B 735 -32.19 19.45 81.56
N ILE B 736 -32.36 20.45 82.42
CA ILE B 736 -32.59 21.82 81.98
C ILE B 736 -31.56 22.73 82.64
N VAL B 737 -30.92 23.58 81.84
CA VAL B 737 -29.97 24.58 82.32
C VAL B 737 -30.63 25.94 82.22
N PRO B 738 -31.00 26.58 83.34
CA PRO B 738 -31.67 27.88 83.25
C PRO B 738 -30.72 28.97 82.77
N ARG B 739 -31.17 29.73 81.79
CA ARG B 739 -30.38 30.83 81.21
C ARG B 739 -31.26 32.07 81.15
N GLY B 740 -31.13 32.92 82.16
CA GLY B 740 -31.90 34.16 82.21
C GLY B 740 -33.33 33.95 82.67
N ASP B 741 -34.08 35.04 82.65
CA ASP B 741 -35.47 35.00 83.08
C ASP B 741 -36.32 34.22 82.09
N GLY B 742 -37.32 33.51 82.61
CA GLY B 742 -38.18 32.73 81.76
C GLY B 742 -39.20 31.98 82.59
N ALA B 743 -39.83 30.99 81.95
CA ALA B 743 -40.83 30.15 82.61
C ALA B 743 -40.50 28.69 82.33
N ILE B 744 -40.88 27.82 83.27
CA ILE B 744 -40.62 26.39 83.19
C ILE B 744 -41.93 25.69 82.85
N LEU B 745 -41.91 24.87 81.80
CA LEU B 745 -43.07 24.13 81.35
C LEU B 745 -42.82 22.64 81.57
N THR B 746 -43.81 21.95 82.12
CA THR B 746 -43.73 20.53 82.39
C THR B 746 -44.89 19.81 81.72
N ALA B 747 -44.73 18.50 81.53
CA ALA B 747 -45.74 17.69 80.89
C ALA B 747 -45.77 16.30 81.52
N THR B 748 -46.91 15.64 81.37
CA THR B 748 -47.11 14.28 81.85
C THR B 748 -47.36 13.35 80.66
N GLN B 749 -47.64 12.09 80.96
CA GLN B 749 -47.84 11.08 79.92
C GLN B 749 -49.27 10.99 79.44
N ASN B 750 -50.20 11.71 80.07
CA ASN B 750 -51.59 11.71 79.65
C ASN B 750 -52.03 13.03 79.02
N GLY B 751 -51.10 13.96 78.83
CA GLY B 751 -51.41 15.23 78.20
C GLY B 751 -51.84 16.31 79.18
N TYR B 752 -51.06 16.50 80.23
CA TYR B 752 -51.32 17.53 81.22
C TYR B 752 -50.04 18.30 81.49
N GLY B 753 -50.19 19.59 81.77
CA GLY B 753 -49.02 20.43 82.02
C GLY B 753 -49.42 21.76 82.61
N LYS B 754 -48.40 22.52 83.01
CA LYS B 754 -48.58 23.82 83.63
C LYS B 754 -47.41 24.71 83.24
N ARG B 755 -47.25 25.82 83.94
CA ARG B 755 -46.17 26.76 83.65
C ARG B 755 -45.93 27.61 84.90
N THR B 756 -44.75 27.49 85.49
CA THR B 756 -44.41 28.19 86.72
C THR B 756 -43.16 29.04 86.52
N ALA B 757 -42.99 30.01 87.40
CA ALA B 757 -41.84 30.91 87.33
C ALA B 757 -40.57 30.18 87.75
N VAL B 758 -39.44 30.65 87.21
CA VAL B 758 -38.15 30.05 87.52
C VAL B 758 -37.74 30.38 88.95
N ALA B 759 -38.00 31.62 89.38
CA ALA B 759 -37.44 32.11 90.64
C ALA B 759 -37.96 31.36 91.86
N GLU B 760 -39.08 30.65 91.75
CA GLU B 760 -39.63 29.97 92.91
C GLU B 760 -38.85 28.71 93.27
N TYR B 761 -38.08 28.17 92.34
CA TYR B 761 -37.29 26.97 92.64
C TYR B 761 -36.11 27.31 93.52
N PRO B 762 -35.84 26.54 94.57
CA PRO B 762 -34.71 26.83 95.45
C PRO B 762 -33.42 26.17 94.97
N THR B 763 -32.32 26.54 95.61
CA THR B 763 -31.00 26.00 95.31
C THR B 763 -30.41 25.39 96.58
N LYS B 764 -29.93 24.16 96.48
CA LYS B 764 -29.34 23.46 97.60
C LYS B 764 -28.12 22.68 97.09
N SER B 765 -27.53 21.87 97.96
CA SER B 765 -26.39 21.06 97.59
C SER B 765 -26.82 19.87 96.75
N ARG B 766 -25.85 19.25 96.09
CA ARG B 766 -26.13 18.11 95.23
C ARG B 766 -26.27 16.83 96.06
N ALA B 767 -26.62 15.74 95.38
CA ALA B 767 -26.79 14.42 96.02
C ALA B 767 -27.81 14.47 97.14
N THR B 768 -28.90 15.22 96.92
CA THR B 768 -29.97 15.35 97.90
C THR B 768 -31.32 15.20 97.19
N LYS B 769 -32.32 14.79 97.96
CA LYS B 769 -33.67 14.68 97.43
C LYS B 769 -34.23 16.05 97.12
N GLY B 770 -35.14 16.09 96.14
CA GLY B 770 -35.71 17.33 95.67
C GLY B 770 -37.05 17.66 96.31
N VAL B 771 -37.83 18.48 95.62
CA VAL B 771 -39.13 18.91 96.10
C VAL B 771 -40.19 18.50 95.07
N ILE B 772 -41.46 18.75 95.40
CA ILE B 772 -42.56 18.31 94.54
C ILE B 772 -42.69 19.29 93.37
N SER B 773 -42.28 18.85 92.19
CA SER B 773 -42.38 19.70 91.00
C SER B 773 -43.81 19.77 90.48
N ILE B 774 -44.55 18.67 90.56
CA ILE B 774 -45.92 18.62 90.09
C ILE B 774 -46.61 17.43 90.74
N LYS B 775 -47.91 17.58 91.00
CA LYS B 775 -48.68 16.51 91.62
C LYS B 775 -49.00 15.44 90.58
N VAL B 776 -48.49 14.23 90.80
CA VAL B 776 -48.70 13.15 89.84
C VAL B 776 -50.16 12.74 89.80
N THR B 777 -50.81 12.65 90.97
CA THR B 777 -52.20 12.21 91.09
C THR B 777 -52.43 10.90 90.36
N GLU B 778 -53.59 10.77 89.72
CA GLU B 778 -53.93 9.58 88.95
C GLU B 778 -54.19 9.87 87.48
N ARG B 779 -54.94 10.93 87.17
CA ARG B 779 -55.22 11.26 85.79
C ARG B 779 -53.95 11.67 85.04
N ASN B 780 -53.09 12.46 85.69
CA ASN B 780 -51.91 13.00 85.01
C ASN B 780 -50.94 11.89 84.64
N GLY B 781 -50.68 10.96 85.54
CA GLY B 781 -49.69 9.93 85.30
C GLY B 781 -48.29 10.40 85.64
N LEU B 782 -47.30 9.72 85.07
CA LEU B 782 -45.91 10.03 85.33
C LEU B 782 -45.45 11.22 84.50
N VAL B 783 -44.37 11.86 84.97
CA VAL B 783 -43.78 12.98 84.26
C VAL B 783 -42.97 12.46 83.08
N VAL B 784 -43.00 13.19 81.97
CA VAL B 784 -42.34 12.74 80.75
C VAL B 784 -41.16 13.65 80.41
N GLY B 785 -41.26 14.92 80.77
CA GLY B 785 -40.18 15.85 80.48
C GLY B 785 -40.56 17.27 80.84
N ALA B 786 -39.59 18.15 80.67
CA ALA B 786 -39.78 19.57 80.95
C ALA B 786 -38.80 20.36 80.10
N VAL B 787 -39.09 21.65 79.94
CA VAL B 787 -38.27 22.54 79.12
C VAL B 787 -38.57 23.97 79.51
N GLN B 788 -37.56 24.83 79.43
CA GLN B 788 -37.70 26.25 79.73
C GLN B 788 -38.17 26.97 78.47
N VAL B 789 -39.40 27.49 78.50
CA VAL B 789 -39.99 28.19 77.37
C VAL B 789 -40.40 29.57 77.84
N ASP B 790 -39.89 30.60 77.17
CA ASP B 790 -40.31 31.98 77.46
C ASP B 790 -41.59 32.29 76.69
N ASP B 791 -42.00 33.54 76.69
CA ASP B 791 -43.23 33.93 76.03
C ASP B 791 -43.04 33.96 74.51
N CYS B 792 -44.16 33.99 73.79
CA CYS B 792 -44.19 34.12 72.34
C CYS B 792 -43.50 32.95 71.63
N ASP B 793 -43.55 31.76 72.23
CA ASP B 793 -42.98 30.57 71.65
C ASP B 793 -44.05 29.50 71.43
N GLN B 794 -43.65 28.40 70.80
CA GLN B 794 -44.55 27.30 70.52
C GLN B 794 -43.84 25.99 70.87
N ILE B 795 -44.65 24.96 71.14
CA ILE B 795 -44.13 23.65 71.52
C ILE B 795 -44.82 22.58 70.70
N MET B 796 -44.17 21.42 70.61
CA MET B 796 -44.70 20.27 69.90
C MET B 796 -44.60 19.03 70.78
N MET B 797 -45.64 18.20 70.72
CA MET B 797 -45.70 16.95 71.48
C MET B 797 -46.13 15.82 70.55
N ILE B 798 -45.60 14.62 70.82
CA ILE B 798 -45.86 13.46 69.98
C ILE B 798 -46.10 12.25 70.89
N THR B 799 -47.07 11.42 70.52
CA THR B 799 -47.39 10.21 71.26
C THR B 799 -46.61 9.03 70.70
N ASP B 800 -46.96 7.81 71.10
CA ASP B 800 -46.25 6.63 70.64
C ASP B 800 -46.39 6.45 69.13
N ALA B 801 -47.60 6.64 68.61
CA ALA B 801 -47.89 6.41 67.19
C ALA B 801 -48.29 7.74 66.54
N GLY B 802 -47.29 8.49 66.08
CA GLY B 802 -47.55 9.73 65.39
C GLY B 802 -48.32 10.70 66.24
N THR B 803 -49.37 11.28 65.64
CA THR B 803 -50.25 12.25 66.30
C THR B 803 -49.46 13.43 66.87
N LEU B 804 -48.82 14.16 65.97
CA LEU B 804 -48.07 15.35 66.35
C LEU B 804 -49.00 16.55 66.42
N VAL B 805 -48.78 17.39 67.43
CA VAL B 805 -49.61 18.58 67.66
C VAL B 805 -48.70 19.75 68.04
N ARG B 806 -48.98 20.92 67.47
CA ARG B 806 -48.25 22.14 67.76
C ARG B 806 -49.22 23.19 68.26
N THR B 807 -48.80 23.95 69.28
CA THR B 807 -49.65 24.95 69.88
C THR B 807 -48.79 26.03 70.52
N ARG B 808 -49.43 27.16 70.84
CA ARG B 808 -48.76 28.28 71.46
C ARG B 808 -48.61 28.04 72.96
N VAL B 809 -47.93 28.97 73.64
CA VAL B 809 -47.69 28.87 75.07
C VAL B 809 -48.46 29.91 75.88
N SER B 810 -49.02 30.92 75.23
CA SER B 810 -49.77 31.94 75.95
C SER B 810 -51.05 31.39 76.57
N GLU B 811 -51.57 30.27 76.06
CA GLU B 811 -52.80 29.70 76.59
C GLU B 811 -52.59 29.08 77.97
N ILE B 812 -51.38 28.59 78.24
CA ILE B 812 -51.09 27.96 79.53
C ILE B 812 -50.96 29.03 80.59
N SER B 813 -51.64 28.84 81.71
CA SER B 813 -51.67 29.82 82.79
C SER B 813 -50.41 29.68 83.65
N ILE B 814 -50.35 30.50 84.70
CA ILE B 814 -49.24 30.50 85.65
C ILE B 814 -49.79 30.11 87.02
N VAL B 815 -49.20 29.08 87.63
CA VAL B 815 -49.65 28.54 88.90
C VAL B 815 -48.42 28.28 89.78
N GLY B 816 -48.66 27.73 90.97
CA GLY B 816 -47.60 27.40 91.89
C GLY B 816 -46.93 26.07 91.55
N ARG B 817 -45.97 25.70 92.40
CA ARG B 817 -45.20 24.49 92.15
C ARG B 817 -46.02 23.23 92.44
N ASN B 818 -46.75 23.22 93.54
CA ASN B 818 -47.50 22.03 93.95
C ASN B 818 -48.95 22.10 93.48
N THR B 819 -49.11 22.09 92.16
CA THR B 819 -50.43 22.19 91.53
C THR B 819 -50.46 21.34 90.28
N GLN B 820 -51.59 20.66 90.06
CA GLN B 820 -51.81 19.96 88.80
C GLN B 820 -52.33 20.91 87.74
N GLY B 821 -51.93 20.68 86.51
CA GLY B 821 -52.20 21.60 85.42
C GLY B 821 -53.46 21.28 84.65
N VAL B 822 -53.50 21.76 83.41
CA VAL B 822 -54.66 21.60 82.54
C VAL B 822 -54.29 20.64 81.42
N ILE B 823 -55.30 20.29 80.61
CA ILE B 823 -55.08 19.37 79.50
C ILE B 823 -54.29 20.07 78.41
N LEU B 824 -53.49 19.30 77.67
CA LEU B 824 -52.74 19.82 76.54
C LEU B 824 -53.04 19.01 75.28
N ILE B 825 -53.28 17.72 75.45
CA ILE B 825 -53.60 16.82 74.36
C ILE B 825 -54.80 15.96 74.76
N ARG B 826 -55.79 15.87 73.88
CA ARG B 826 -56.92 14.96 74.10
C ARG B 826 -56.57 13.57 73.55
N THR B 827 -55.54 12.99 74.14
CA THR B 827 -55.02 11.70 73.68
C THR B 827 -56.05 10.59 73.90
N ALA B 828 -56.07 9.63 72.98
CA ALA B 828 -56.95 8.48 73.08
C ALA B 828 -56.37 7.46 74.06
N GLU B 829 -57.10 6.38 74.28
CA GLU B 829 -56.65 5.34 75.17
C GLU B 829 -55.47 4.58 74.58
N ASP B 830 -54.69 3.95 75.45
CA ASP B 830 -53.50 3.19 75.06
C ASP B 830 -52.49 4.04 74.31
N GLU B 831 -52.38 5.31 74.68
CA GLU B 831 -51.42 6.22 74.07
C GLU B 831 -50.72 7.02 75.16
N ASN B 832 -49.43 7.27 74.96
CA ASN B 832 -48.62 8.00 75.92
C ASN B 832 -47.76 9.02 75.20
N VAL B 833 -47.72 10.24 75.74
CA VAL B 833 -46.83 11.26 75.20
C VAL B 833 -45.40 10.95 75.59
N VAL B 834 -44.50 10.92 74.60
CA VAL B 834 -43.12 10.56 74.85
C VAL B 834 -42.18 11.58 74.21
N GLY B 835 -42.69 12.75 73.87
CA GLY B 835 -41.88 13.77 73.23
C GLY B 835 -42.32 15.16 73.62
N LEU B 836 -41.36 16.09 73.63
CA LEU B 836 -41.62 17.48 73.95
C LEU B 836 -40.44 18.32 73.48
N GLN B 837 -40.72 19.35 72.67
CA GLN B 837 -39.69 20.22 72.14
C GLN B 837 -40.19 21.66 72.13
N ARG B 838 -39.27 22.59 71.93
CA ARG B 838 -39.58 24.02 71.89
C ARG B 838 -39.32 24.56 70.50
N VAL B 839 -40.22 25.43 70.04
CA VAL B 839 -40.11 26.08 68.74
C VAL B 839 -40.07 27.58 68.96
N ALA B 840 -39.03 28.23 68.46
CA ALA B 840 -38.88 29.67 68.58
C ALA B 840 -39.50 30.36 67.37
N GLU B 841 -39.28 31.66 67.24
CA GLU B 841 -39.83 32.41 66.12
C GLU B 841 -38.82 33.44 65.63
N SER C 10 -42.04 29.44 -52.57
CA SER C 10 -42.94 29.00 -53.62
C SER C 10 -42.95 27.48 -53.74
N ILE C 11 -41.77 26.90 -53.95
CA ILE C 11 -41.65 25.46 -54.11
C ILE C 11 -41.23 24.84 -52.78
N LYS C 12 -40.60 25.63 -51.91
CA LYS C 12 -40.16 25.11 -50.62
C LYS C 12 -41.36 24.71 -49.76
N VAL C 13 -42.40 25.53 -49.75
CA VAL C 13 -43.60 25.20 -48.98
C VAL C 13 -44.26 23.93 -49.52
N LEU C 14 -44.33 23.81 -50.85
CA LEU C 14 -44.90 22.60 -51.44
C LEU C 14 -44.09 21.36 -51.06
N LYS C 15 -42.76 21.48 -51.10
CA LYS C 15 -41.91 20.35 -50.74
C LYS C 15 -42.11 19.96 -49.28
N GLY C 16 -42.18 20.95 -48.39
CA GLY C 16 -42.41 20.65 -46.99
C GLY C 16 -43.76 20.00 -46.74
N LEU C 17 -44.81 20.49 -47.41
CA LEU C 17 -46.13 19.91 -47.26
C LEU C 17 -46.16 18.47 -47.78
N ASP C 18 -45.49 18.22 -48.90
CA ASP C 18 -45.43 16.86 -49.43
C ASP C 18 -44.68 15.95 -48.46
N ALA C 19 -43.58 16.43 -47.88
CA ALA C 19 -42.84 15.63 -46.92
C ALA C 19 -43.70 15.30 -45.70
N VAL C 20 -44.49 16.26 -45.23
CA VAL C 20 -45.39 16.00 -44.11
C VAL C 20 -46.45 14.98 -44.51
N ARG C 21 -46.99 15.10 -45.73
CA ARG C 21 -48.10 14.25 -46.14
C ARG C 21 -47.66 12.82 -46.43
N LYS C 22 -46.39 12.61 -46.79
CA LYS C 22 -45.93 11.27 -47.14
C LYS C 22 -46.00 10.32 -45.95
N ARG C 23 -45.61 10.80 -44.76
CA ARG C 23 -45.59 9.98 -43.54
C ARG C 23 -46.33 10.71 -42.44
N PRO C 24 -47.67 10.71 -42.48
CA PRO C 24 -48.43 11.42 -41.45
C PRO C 24 -48.27 10.84 -40.05
N GLY C 25 -47.86 9.59 -39.92
CA GLY C 25 -47.78 8.96 -38.61
C GLY C 25 -46.66 9.46 -37.73
N MET C 26 -45.62 10.06 -38.32
CA MET C 26 -44.47 10.51 -37.56
C MET C 26 -44.57 11.97 -37.13
N TYR C 27 -45.66 12.65 -37.45
CA TYR C 27 -45.83 14.05 -37.08
C TYR C 27 -47.00 14.32 -36.15
N ILE C 28 -48.10 13.59 -36.29
CA ILE C 28 -49.29 13.83 -35.48
C ILE C 28 -49.57 12.70 -34.50
N GLY C 29 -49.29 11.45 -34.87
CA GLY C 29 -49.55 10.30 -34.02
C GLY C 29 -50.25 9.22 -34.81
N ASP C 30 -50.86 8.29 -34.08
CA ASP C 30 -51.59 7.21 -34.73
C ASP C 30 -52.81 7.75 -35.45
N THR C 31 -53.05 7.25 -36.67
CA THR C 31 -54.14 7.71 -37.51
C THR C 31 -55.23 6.66 -37.67
N ASP C 32 -55.28 5.66 -36.78
CA ASP C 32 -56.26 4.59 -36.89
C ASP C 32 -57.19 4.53 -35.70
N ASP C 33 -56.67 4.57 -34.47
CA ASP C 33 -57.52 4.50 -33.29
C ASP C 33 -58.25 5.80 -33.01
N GLY C 34 -57.75 6.92 -33.50
CA GLY C 34 -58.42 8.20 -33.29
C GLY C 34 -57.74 9.07 -32.24
N THR C 35 -56.41 9.11 -32.26
CA THR C 35 -55.64 9.92 -31.33
C THR C 35 -55.24 11.27 -31.92
N GLY C 36 -54.64 11.26 -33.12
CA GLY C 36 -54.26 12.50 -33.75
C GLY C 36 -55.45 13.37 -34.12
N LEU C 37 -56.61 12.75 -34.34
CA LEU C 37 -57.80 13.51 -34.67
C LEU C 37 -58.17 14.48 -33.55
N HIS C 38 -58.08 14.02 -32.30
CA HIS C 38 -58.26 14.91 -31.16
C HIS C 38 -57.00 15.70 -30.84
N HIS C 39 -55.83 15.19 -31.21
CA HIS C 39 -54.59 15.90 -30.94
C HIS C 39 -54.52 17.21 -31.70
N MET C 40 -55.02 17.23 -32.94
CA MET C 40 -55.05 18.49 -33.69
C MET C 40 -55.92 19.53 -33.00
N VAL C 41 -57.10 19.12 -32.54
CA VAL C 41 -57.99 20.02 -31.82
C VAL C 41 -57.32 20.53 -30.55
N PHE C 42 -56.63 19.64 -29.84
CA PHE C 42 -55.95 20.05 -28.62
C PHE C 42 -54.82 21.04 -28.90
N GLU C 43 -54.11 20.83 -30.01
CA GLU C 43 -53.07 21.78 -30.41
C GLU C 43 -53.65 23.15 -30.70
N VAL C 44 -54.75 23.19 -31.43
CA VAL C 44 -55.40 24.47 -31.74
C VAL C 44 -55.88 25.15 -30.46
N VAL C 45 -56.47 24.37 -29.56
CA VAL C 45 -56.97 24.92 -28.30
C VAL C 45 -55.82 25.45 -27.45
N ASP C 46 -54.68 24.73 -27.42
CA ASP C 46 -53.53 25.21 -26.67
C ASP C 46 -53.00 26.51 -27.24
N ASN C 47 -52.92 26.62 -28.57
CA ASN C 47 -52.51 27.88 -29.18
C ASN C 47 -53.46 29.01 -28.81
N ALA C 48 -54.77 28.74 -28.88
CA ALA C 48 -55.75 29.77 -28.55
C ALA C 48 -55.65 30.21 -27.10
N ILE C 49 -55.49 29.25 -26.18
CA ILE C 49 -55.44 29.59 -24.76
C ILE C 49 -54.13 30.31 -24.42
N ASP C 50 -53.05 30.00 -25.15
CA ASP C 50 -51.82 30.77 -24.98
C ASP C 50 -51.97 32.18 -25.54
N GLU C 51 -52.78 32.35 -26.58
CA GLU C 51 -52.99 33.68 -27.15
C GLU C 51 -53.94 34.51 -26.29
N ALA C 52 -55.16 34.01 -26.07
CA ALA C 52 -56.20 34.73 -25.35
C ALA C 52 -55.98 34.81 -23.85
N LEU C 53 -54.84 34.33 -23.33
CA LEU C 53 -54.61 34.41 -21.89
C LEU C 53 -54.50 35.85 -21.41
N ALA C 54 -53.84 36.71 -22.19
CA ALA C 54 -53.62 38.10 -21.81
C ALA C 54 -54.50 39.07 -22.61
N GLY C 55 -55.62 38.59 -23.14
CA GLY C 55 -56.52 39.44 -23.87
C GLY C 55 -57.35 40.33 -22.97
N HIS C 56 -58.25 41.09 -23.60
CA HIS C 56 -59.13 41.97 -22.83
C HIS C 56 -60.05 41.18 -21.91
N CYS C 57 -60.40 39.96 -22.30
CA CYS C 57 -61.19 39.06 -21.48
C CYS C 57 -60.63 37.65 -21.65
N LYS C 58 -61.37 36.66 -21.14
CA LYS C 58 -60.96 35.25 -21.21
C LYS C 58 -62.18 34.44 -21.64
N GLU C 59 -62.25 34.13 -22.93
CA GLU C 59 -63.39 33.39 -23.46
C GLU C 59 -62.94 32.56 -24.65
N ILE C 60 -63.26 31.26 -24.62
CA ILE C 60 -62.98 30.35 -25.72
C ILE C 60 -64.23 29.51 -25.97
N ILE C 61 -64.61 29.40 -27.24
CA ILE C 61 -65.79 28.63 -27.64
C ILE C 61 -65.34 27.53 -28.59
N VAL C 62 -65.71 26.30 -28.28
CA VAL C 62 -65.42 25.14 -29.10
C VAL C 62 -66.74 24.53 -29.56
N THR C 63 -66.87 24.32 -30.87
CA THR C 63 -68.12 23.86 -31.46
C THR C 63 -67.86 22.66 -32.35
N ILE C 64 -68.80 21.72 -32.36
CA ILE C 64 -68.77 20.55 -33.23
C ILE C 64 -69.93 20.68 -34.19
N HIS C 65 -69.63 21.02 -35.45
CA HIS C 65 -70.67 21.27 -36.42
C HIS C 65 -71.27 19.97 -36.94
N ALA C 66 -72.28 20.08 -37.79
CA ALA C 66 -73.00 18.89 -38.26
C ALA C 66 -72.19 18.11 -39.30
N ASP C 67 -71.35 18.79 -40.08
CA ASP C 67 -70.59 18.16 -41.14
C ASP C 67 -69.18 17.75 -40.71
N ASN C 68 -69.02 17.40 -39.42
CA ASN C 68 -67.74 16.92 -38.88
C ASN C 68 -66.63 17.94 -39.11
N SER C 69 -66.81 19.11 -38.50
CA SER C 69 -65.79 20.15 -38.48
C SER C 69 -65.81 20.82 -37.12
N VAL C 70 -64.66 21.35 -36.72
CA VAL C 70 -64.48 21.96 -35.41
C VAL C 70 -64.01 23.40 -35.59
N SER C 71 -64.60 24.32 -34.85
CA SER C 71 -64.28 25.73 -34.90
C SER C 71 -63.85 26.19 -33.51
N VAL C 72 -62.72 26.88 -33.44
CA VAL C 72 -62.19 27.40 -32.18
C VAL C 72 -62.10 28.92 -32.31
N GLN C 73 -62.69 29.63 -31.36
CA GLN C 73 -62.75 31.08 -31.38
C GLN C 73 -62.30 31.64 -30.03
N ASP C 74 -61.48 32.68 -30.09
CA ASP C 74 -60.98 33.35 -28.90
C ASP C 74 -61.42 34.81 -28.91
N ASP C 75 -60.97 35.55 -27.89
CA ASP C 75 -61.36 36.95 -27.75
C ASP C 75 -60.19 37.85 -27.40
N GLY C 76 -58.96 37.42 -27.66
CA GLY C 76 -57.77 38.22 -27.40
C GLY C 76 -57.39 39.08 -28.58
N ARG C 77 -56.17 39.58 -28.54
CA ARG C 77 -55.65 40.38 -29.65
C ARG C 77 -55.49 39.52 -30.89
N GLY C 78 -55.74 40.13 -32.05
CA GLY C 78 -55.68 39.40 -33.30
C GLY C 78 -54.26 39.10 -33.73
N ILE C 79 -54.15 38.10 -34.60
CA ILE C 79 -52.85 37.75 -35.20
C ILE C 79 -52.38 38.91 -36.08
N PRO C 80 -51.10 39.28 -36.03
CA PRO C 80 -50.65 40.41 -36.85
C PRO C 80 -50.89 40.15 -38.34
N THR C 81 -51.30 41.20 -39.04
CA THR C 81 -51.67 41.11 -40.45
C THR C 81 -50.77 41.98 -41.33
N GLY C 82 -49.59 42.34 -40.85
CA GLY C 82 -48.69 43.15 -41.65
C GLY C 82 -48.06 42.37 -42.78
N ILE C 83 -47.46 43.10 -43.70
CA ILE C 83 -46.81 42.52 -44.87
C ILE C 83 -45.37 42.19 -44.51
N HIS C 84 -44.98 40.94 -44.71
CA HIS C 84 -43.63 40.51 -44.36
C HIS C 84 -42.65 41.07 -45.39
N PRO C 85 -41.62 41.82 -44.96
CA PRO C 85 -40.70 42.42 -45.93
C PRO C 85 -39.95 41.40 -46.77
N GLU C 86 -39.63 40.22 -46.22
CA GLU C 86 -38.79 39.25 -46.91
C GLU C 86 -39.61 38.34 -47.83
N GLU C 87 -40.57 37.62 -47.26
CA GLU C 87 -41.35 36.66 -48.05
C GLU C 87 -42.36 37.34 -48.96
N GLY C 88 -42.66 38.61 -48.73
CA GLY C 88 -43.61 39.31 -49.58
C GLY C 88 -45.05 38.89 -49.40
N VAL C 89 -45.39 38.30 -48.26
CA VAL C 89 -46.75 37.87 -47.96
C VAL C 89 -47.15 38.43 -46.60
N SER C 90 -48.40 38.20 -46.24
CA SER C 90 -48.92 38.67 -44.96
C SER C 90 -48.25 37.94 -43.81
N ALA C 91 -48.22 38.60 -42.65
CA ALA C 91 -47.63 37.99 -41.46
C ALA C 91 -48.40 36.76 -41.03
N ALA C 92 -49.73 36.78 -41.18
CA ALA C 92 -50.54 35.64 -40.79
C ALA C 92 -50.21 34.42 -41.64
N GLU C 93 -49.97 34.62 -42.94
CA GLU C 93 -49.63 33.50 -43.81
C GLU C 93 -48.32 32.85 -43.40
N VAL C 94 -47.35 33.65 -42.95
CA VAL C 94 -46.07 33.12 -42.51
C VAL C 94 -46.26 32.20 -41.30
N ILE C 95 -47.18 32.56 -40.40
CA ILE C 95 -47.40 31.75 -39.21
C ILE C 95 -47.96 30.39 -39.58
N MET C 96 -48.80 30.33 -40.62
CA MET C 96 -49.49 29.09 -40.93
C MET C 96 -48.54 28.04 -41.48
N THR C 97 -47.93 28.31 -42.64
CA THR C 97 -47.06 27.34 -43.33
C THR C 97 -45.74 28.02 -43.65
N VAL C 98 -44.80 27.98 -42.70
CA VAL C 98 -43.43 28.43 -42.92
C VAL C 98 -42.57 27.85 -41.81
N LEU C 99 -41.38 27.38 -42.17
CA LEU C 99 -40.46 26.82 -41.19
C LEU C 99 -39.96 27.93 -40.27
N HIS C 100 -40.13 27.74 -38.96
CA HIS C 100 -39.68 28.71 -37.97
C HIS C 100 -38.29 28.34 -37.45
N ALA C 101 -37.36 28.22 -38.39
CA ALA C 101 -35.96 27.90 -38.13
C ALA C 101 -35.79 26.58 -37.39
N GLY C 102 -36.82 25.75 -37.38
CA GLY C 102 -36.73 24.46 -36.71
C GLY C 102 -36.82 24.58 -35.20
N GLY C 103 -36.61 23.44 -34.55
CA GLY C 103 -36.65 23.37 -33.11
C GLY C 103 -38.04 23.51 -32.52
N GLY C 120 -47.19 25.39 -34.51
CA GLY C 120 -47.85 24.14 -34.20
C GLY C 120 -49.08 23.88 -35.06
N VAL C 121 -49.42 24.84 -35.92
CA VAL C 121 -50.57 24.72 -36.81
C VAL C 121 -50.17 24.36 -38.23
N SER C 122 -48.88 24.29 -38.52
CA SER C 122 -48.43 23.92 -39.87
C SER C 122 -48.83 22.48 -40.20
N VAL C 123 -48.68 21.57 -39.23
CA VAL C 123 -49.08 20.18 -39.46
C VAL C 123 -50.59 20.08 -39.65
N VAL C 124 -51.35 20.82 -38.84
CA VAL C 124 -52.81 20.77 -38.93
C VAL C 124 -53.26 21.26 -40.30
N ASN C 125 -52.67 22.35 -40.78
CA ASN C 125 -53.04 22.87 -42.09
C ASN C 125 -52.70 21.88 -43.20
N ALA C 126 -51.56 21.20 -43.08
CA ALA C 126 -51.16 20.24 -44.10
C ALA C 126 -52.04 18.99 -44.09
N LEU C 127 -52.51 18.56 -42.92
CA LEU C 127 -53.28 17.34 -42.79
C LEU C 127 -54.79 17.57 -42.89
N SER C 128 -55.22 18.79 -43.18
CA SER C 128 -56.63 19.11 -43.33
C SER C 128 -56.91 19.49 -44.77
N GLN C 129 -58.03 18.97 -45.30
CA GLN C 129 -58.39 19.22 -46.69
C GLN C 129 -58.97 20.61 -46.93
N LYS C 130 -59.33 21.33 -45.88
CA LYS C 130 -59.83 22.69 -46.02
C LYS C 130 -59.71 23.40 -44.67
N LEU C 131 -59.29 24.66 -44.71
CA LEU C 131 -59.11 25.45 -43.51
C LEU C 131 -59.47 26.90 -43.80
N GLU C 132 -60.17 27.52 -42.86
CA GLU C 132 -60.62 28.90 -43.00
C GLU C 132 -60.08 29.73 -41.83
N LEU C 133 -59.53 30.90 -42.14
CA LEU C 133 -58.95 31.78 -41.15
C LEU C 133 -59.60 33.16 -41.24
N VAL C 134 -60.13 33.63 -40.12
CA VAL C 134 -60.78 34.94 -40.03
C VAL C 134 -60.12 35.73 -38.91
N ILE C 135 -59.71 36.96 -39.20
CA ILE C 135 -59.04 37.82 -38.24
C ILE C 135 -59.82 39.13 -38.15
N GLN C 136 -60.14 39.54 -36.93
CA GLN C 136 -60.81 40.80 -36.66
C GLN C 136 -59.89 41.67 -35.83
N ARG C 137 -59.38 42.76 -36.41
CA ARG C 137 -58.55 43.70 -35.68
C ARG C 137 -58.56 45.04 -36.41
N GLU C 138 -58.26 46.09 -35.66
CA GLU C 138 -58.19 47.45 -36.18
C GLU C 138 -59.49 47.88 -36.84
N GLY C 139 -60.61 47.32 -36.39
CA GLY C 139 -61.90 47.66 -36.94
C GLY C 139 -62.20 47.06 -38.29
N LYS C 140 -61.42 46.08 -38.74
CA LYS C 140 -61.59 45.47 -40.05
C LYS C 140 -61.60 43.96 -39.92
N ILE C 141 -62.05 43.29 -40.98
CA ILE C 141 -62.20 41.84 -41.00
C ILE C 141 -61.38 41.30 -42.16
N HIS C 142 -60.60 40.26 -41.90
CA HIS C 142 -59.79 39.60 -42.90
C HIS C 142 -60.19 38.13 -43.00
N ARG C 143 -60.07 37.58 -44.21
CA ARG C 143 -60.51 36.22 -44.46
C ARG C 143 -59.63 35.58 -45.52
N GLN C 144 -59.35 34.29 -45.36
CA GLN C 144 -58.55 33.54 -46.33
C GLN C 144 -58.97 32.08 -46.27
N ILE C 145 -58.72 31.37 -47.37
CA ILE C 145 -59.10 29.97 -47.51
C ILE C 145 -57.89 29.16 -47.93
N TYR C 146 -57.65 28.03 -47.27
CA TYR C 146 -56.55 27.14 -47.58
C TYR C 146 -57.09 25.79 -48.03
N GLU C 147 -56.45 25.23 -49.06
CA GLU C 147 -56.84 23.93 -49.60
C GLU C 147 -55.59 23.05 -49.63
N HIS C 148 -55.54 22.07 -48.73
CA HIS C 148 -54.38 21.17 -48.61
C HIS C 148 -53.09 21.95 -48.38
N GLY C 149 -53.19 23.03 -47.60
CA GLY C 149 -52.04 23.84 -47.29
C GLY C 149 -51.64 24.84 -48.36
N VAL C 150 -52.37 24.90 -49.47
CA VAL C 150 -52.04 25.79 -50.58
C VAL C 150 -53.01 26.97 -50.54
N PRO C 151 -52.54 28.19 -50.31
CA PRO C 151 -53.44 29.35 -50.34
C PRO C 151 -54.06 29.53 -51.72
N GLN C 152 -55.32 29.97 -51.73
CA GLN C 152 -56.03 30.22 -52.98
C GLN C 152 -56.00 31.69 -53.39
N ALA C 153 -56.08 32.61 -52.43
CA ALA C 153 -56.04 34.04 -52.71
C ALA C 153 -55.32 34.73 -51.57
N PRO C 154 -54.70 35.87 -51.82
CA PRO C 154 -54.08 36.63 -50.73
C PRO C 154 -55.12 37.15 -49.75
N LEU C 155 -54.69 37.38 -48.52
CA LEU C 155 -55.58 37.87 -47.48
C LEU C 155 -56.18 39.22 -47.89
N ALA C 156 -57.49 39.34 -47.72
CA ALA C 156 -58.24 40.51 -48.16
C ALA C 156 -59.03 41.09 -47.00
N VAL C 157 -59.82 42.11 -47.29
CA VAL C 157 -60.67 42.78 -46.31
C VAL C 157 -62.11 42.66 -46.77
N THR C 158 -62.98 42.23 -45.86
CA THR C 158 -64.37 41.95 -46.20
C THR C 158 -65.39 42.82 -45.49
N GLY C 159 -64.97 43.70 -44.58
CA GLY C 159 -65.93 44.55 -43.89
C GLY C 159 -65.27 45.29 -42.75
N GLU C 160 -66.12 45.87 -41.90
CA GLU C 160 -65.69 46.66 -40.76
C GLU C 160 -66.33 46.11 -39.49
N THR C 161 -65.64 46.28 -38.37
CA THR C 161 -66.12 45.79 -37.09
C THR C 161 -65.55 46.69 -35.98
N GLU C 162 -65.71 46.25 -34.74
CA GLU C 162 -65.17 46.98 -33.60
C GLU C 162 -64.48 46.12 -32.56
N LYS C 163 -64.65 44.79 -32.59
CA LYS C 163 -64.08 43.89 -31.60
C LYS C 163 -62.76 43.32 -32.11
N THR C 164 -62.22 42.36 -31.37
CA THR C 164 -60.94 41.74 -31.71
C THR C 164 -61.00 40.25 -31.41
N GLY C 165 -60.28 39.48 -32.21
CA GLY C 165 -60.22 38.05 -32.00
C GLY C 165 -59.79 37.33 -33.26
N THR C 166 -59.80 36.00 -33.19
CA THR C 166 -59.44 35.14 -34.30
C THR C 166 -60.41 33.97 -34.35
N MET C 167 -60.45 33.30 -35.51
CA MET C 167 -61.32 32.15 -35.69
C MET C 167 -60.66 31.18 -36.66
N VAL C 168 -60.72 29.90 -36.34
CA VAL C 168 -60.14 28.84 -37.17
C VAL C 168 -61.15 27.71 -37.27
N ARG C 169 -61.40 27.24 -38.50
CA ARG C 169 -62.31 26.13 -38.74
C ARG C 169 -61.72 25.25 -39.83
N PHE C 170 -61.54 23.96 -39.53
CA PHE C 170 -60.86 23.06 -40.44
C PHE C 170 -61.66 21.77 -40.62
N TRP C 171 -61.63 21.24 -41.85
CA TRP C 171 -62.23 19.95 -42.16
C TRP C 171 -61.14 18.90 -42.21
N PRO C 172 -61.15 17.89 -41.33
CA PRO C 172 -60.10 16.87 -41.39
C PRO C 172 -60.15 16.07 -42.68
N SER C 173 -58.98 15.65 -43.15
CA SER C 173 -58.88 14.90 -44.39
C SER C 173 -59.52 13.52 -44.24
N LEU C 174 -60.13 13.05 -45.32
CA LEU C 174 -60.84 11.77 -45.30
C LEU C 174 -60.01 10.59 -45.76
N GLU C 175 -58.78 10.83 -46.26
CA GLU C 175 -57.92 9.73 -46.67
C GLU C 175 -56.81 9.44 -45.67
N THR C 176 -56.34 10.46 -44.93
CA THR C 176 -55.31 10.21 -43.93
C THR C 176 -55.87 9.48 -42.72
N PHE C 177 -57.04 9.90 -42.24
CA PHE C 177 -57.65 9.31 -41.05
C PHE C 177 -58.70 8.28 -41.47
N THR C 178 -58.67 7.12 -40.82
CA THR C 178 -59.56 6.02 -41.15
C THR C 178 -60.06 5.35 -39.88
N ASN C 179 -61.20 4.67 -40.02
CA ASN C 179 -61.77 3.78 -39.02
C ASN C 179 -62.38 4.52 -37.84
N VAL C 180 -62.21 5.84 -37.77
CA VAL C 180 -62.90 6.64 -36.77
C VAL C 180 -63.68 7.76 -37.45
N THR C 181 -62.94 8.70 -38.05
CA THR C 181 -63.52 9.82 -38.80
C THR C 181 -64.67 10.49 -38.05
N GLU C 182 -64.54 10.57 -36.73
CA GLU C 182 -65.60 11.13 -35.91
C GLU C 182 -65.01 11.69 -34.62
N PHE C 183 -65.75 12.60 -34.00
CA PHE C 183 -65.33 13.25 -32.77
C PHE C 183 -66.21 12.81 -31.62
N GLU C 184 -65.61 12.65 -30.44
CA GLU C 184 -66.33 12.29 -29.24
C GLU C 184 -66.44 13.51 -28.32
N TYR C 185 -67.33 13.41 -27.33
CA TYR C 185 -67.65 14.52 -26.45
C TYR C 185 -66.95 14.44 -25.09
N GLU C 186 -66.91 13.26 -24.48
CA GLU C 186 -66.33 13.14 -23.15
C GLU C 186 -64.83 13.38 -23.17
N ILE C 187 -64.16 12.96 -24.24
CA ILE C 187 -62.71 13.15 -24.35
C ILE C 187 -62.38 14.64 -24.32
N LEU C 188 -63.12 15.44 -25.09
CA LEU C 188 -62.92 16.88 -25.05
C LEU C 188 -63.33 17.47 -23.70
N ALA C 189 -64.44 16.97 -23.14
CA ALA C 189 -64.97 17.56 -21.92
C ALA C 189 -64.00 17.40 -20.75
N LYS C 190 -63.41 16.23 -20.60
CA LYS C 190 -62.49 16.00 -19.49
C LYS C 190 -61.28 16.92 -19.57
N ARG C 191 -60.66 17.00 -20.75
CA ARG C 191 -59.47 17.83 -20.91
C ARG C 191 -59.81 19.31 -20.73
N LEU C 192 -60.95 19.75 -21.25
CA LEU C 192 -61.33 21.15 -21.08
C LEU C 192 -61.61 21.48 -19.62
N ARG C 193 -62.25 20.56 -18.90
CA ARG C 193 -62.47 20.79 -17.47
C ARG C 193 -61.16 20.87 -16.71
N GLU C 194 -60.20 19.98 -17.04
CA GLU C 194 -58.90 20.04 -16.39
C GLU C 194 -58.18 21.35 -16.68
N LEU C 195 -58.23 21.80 -17.94
CA LEU C 195 -57.60 23.08 -18.29
C LEU C 195 -58.25 24.24 -17.56
N SER C 196 -59.58 24.22 -17.42
CA SER C 196 -60.26 25.25 -16.67
C SER C 196 -59.84 25.23 -15.20
N PHE C 197 -59.69 24.03 -14.63
CA PHE C 197 -59.23 23.93 -13.25
C PHE C 197 -57.83 24.48 -13.08
N LEU C 198 -56.93 24.16 -14.01
CA LEU C 198 -55.52 24.57 -13.85
C LEU C 198 -55.37 26.08 -14.07
N ASN C 199 -56.00 26.62 -15.12
CA ASN C 199 -55.90 28.03 -15.43
C ASN C 199 -57.10 28.74 -14.84
N SER C 200 -56.87 29.50 -13.77
CA SER C 200 -57.95 30.19 -13.07
C SER C 200 -58.34 31.47 -13.81
N GLY C 201 -59.64 31.71 -13.90
CA GLY C 201 -60.14 32.91 -14.54
C GLY C 201 -60.33 32.82 -16.04
N VAL C 202 -60.39 31.62 -16.60
CA VAL C 202 -60.58 31.42 -18.04
C VAL C 202 -61.87 30.64 -18.23
N SER C 203 -62.73 31.14 -19.12
CA SER C 203 -64.02 30.53 -19.39
C SER C 203 -63.96 29.72 -20.68
N ILE C 204 -64.36 28.46 -20.62
CA ILE C 204 -64.37 27.56 -21.76
C ILE C 204 -65.79 27.07 -21.97
N ARG C 205 -66.28 27.19 -23.20
CA ARG C 205 -67.62 26.75 -23.56
C ARG C 205 -67.52 25.66 -24.63
N LEU C 206 -68.25 24.57 -24.43
CA LEU C 206 -68.29 23.45 -25.35
C LEU C 206 -69.72 23.23 -25.79
N ARG C 207 -69.96 23.28 -27.10
CA ARG C 207 -71.30 23.15 -27.67
C ARG C 207 -71.31 22.10 -28.75
N ASP C 208 -72.37 21.30 -28.78
CA ASP C 208 -72.58 20.28 -29.80
C ASP C 208 -73.81 20.63 -30.61
N LYS C 209 -73.73 20.42 -31.93
CA LYS C 209 -74.82 20.74 -32.84
C LYS C 209 -75.50 19.50 -33.40
N ARG C 210 -74.88 18.32 -33.29
CA ARG C 210 -75.48 17.11 -33.84
C ARG C 210 -76.76 16.74 -33.10
N ASP C 211 -76.75 16.82 -31.77
CA ASP C 211 -77.92 16.50 -30.97
C ASP C 211 -78.34 17.62 -30.03
N GLY C 212 -77.44 18.52 -29.65
CA GLY C 212 -77.78 19.64 -28.80
C GLY C 212 -77.35 19.45 -27.36
N LYS C 213 -76.21 20.01 -27.00
CA LYS C 213 -75.69 19.98 -25.64
C LYS C 213 -74.84 21.22 -25.42
N GLU C 214 -74.62 21.55 -24.15
CA GLU C 214 -73.81 22.72 -23.83
C GLU C 214 -73.28 22.58 -22.41
N ASP C 215 -72.02 22.98 -22.22
CA ASP C 215 -71.39 22.97 -20.91
C ASP C 215 -70.61 24.26 -20.74
N HIS C 216 -70.42 24.65 -19.48
CA HIS C 216 -69.69 25.88 -19.15
C HIS C 216 -68.74 25.59 -18.00
N PHE C 217 -67.47 25.89 -18.19
CA PHE C 217 -66.45 25.68 -17.18
C PHE C 217 -65.85 27.03 -16.80
N HIS C 218 -65.99 27.40 -15.53
CA HIS C 218 -65.44 28.67 -15.04
C HIS C 218 -65.30 28.56 -13.54
N TYR C 219 -64.06 28.57 -13.06
CA TYR C 219 -63.78 28.46 -11.64
C TYR C 219 -62.76 29.52 -11.24
N GLU C 220 -62.90 30.02 -10.01
CA GLU C 220 -61.96 30.98 -9.44
C GLU C 220 -60.94 30.31 -8.52
N GLY C 221 -61.39 29.49 -7.59
CA GLY C 221 -60.51 28.70 -6.76
C GLY C 221 -60.10 27.43 -7.46
N GLY C 222 -59.19 27.54 -8.44
CA GLY C 222 -58.84 26.45 -9.32
C GLY C 222 -58.53 25.12 -8.66
N ILE C 223 -57.46 25.06 -7.87
CA ILE C 223 -57.05 23.80 -7.25
C ILE C 223 -58.06 23.37 -6.20
N LYS C 224 -58.61 24.33 -5.45
CA LYS C 224 -59.58 24.00 -4.41
C LYS C 224 -60.85 23.40 -5.02
N ALA C 225 -61.32 23.98 -6.13
CA ALA C 225 -62.48 23.41 -6.81
C ALA C 225 -62.19 22.03 -7.36
N PHE C 226 -60.94 21.77 -7.75
CA PHE C 226 -60.57 20.43 -8.21
C PHE C 226 -60.76 19.40 -7.10
N VAL C 227 -60.30 19.74 -5.88
CA VAL C 227 -60.46 18.83 -4.76
C VAL C 227 -61.92 18.67 -4.39
N GLU C 228 -62.69 19.77 -4.45
CA GLU C 228 -64.12 19.67 -4.15
C GLU C 228 -64.84 18.77 -5.16
N TYR C 229 -64.47 18.88 -6.44
CA TYR C 229 -65.08 18.03 -7.47
C TYR C 229 -64.69 16.58 -7.29
N LEU C 230 -63.41 16.31 -7.00
CA LEU C 230 -62.97 14.92 -6.85
C LEU C 230 -63.63 14.24 -5.67
N ASN C 231 -63.71 14.94 -4.54
CA ASN C 231 -64.28 14.37 -3.31
C ASN C 231 -65.77 14.72 -3.20
N LYS C 232 -66.53 14.28 -4.20
CA LYS C 232 -67.96 14.55 -4.28
C LYS C 232 -68.81 13.34 -3.98
N ASN C 233 -68.55 12.20 -4.63
CA ASN C 233 -69.31 10.99 -4.37
C ASN C 233 -68.96 10.34 -3.05
N LYS C 234 -67.92 10.80 -2.38
CA LYS C 234 -67.48 10.25 -1.10
C LYS C 234 -67.92 11.17 0.03
N THR C 235 -67.56 10.79 1.25
CA THR C 235 -67.98 11.52 2.45
C THR C 235 -66.78 12.14 3.15
N PRO C 236 -66.54 13.43 2.98
CA PRO C 236 -65.47 14.08 3.75
C PRO C 236 -65.80 14.13 5.22
N ILE C 237 -64.75 14.15 6.04
CA ILE C 237 -64.92 14.13 7.50
C ILE C 237 -64.70 15.50 8.15
N HIS C 238 -63.99 16.41 7.49
CA HIS C 238 -63.78 17.75 8.02
C HIS C 238 -64.11 18.78 6.95
N PRO C 239 -64.66 19.93 7.34
CA PRO C 239 -65.16 20.88 6.34
C PRO C 239 -64.07 21.70 5.66
N ASN C 240 -63.02 22.08 6.39
CA ASN C 240 -62.01 22.96 5.86
C ASN C 240 -61.06 22.21 4.94
N ILE C 241 -60.52 22.94 3.96
CA ILE C 241 -59.60 22.39 2.97
C ILE C 241 -58.28 23.16 3.06
N PHE C 242 -57.18 22.43 3.23
CA PHE C 242 -55.87 23.05 3.27
C PHE C 242 -55.47 23.51 1.88
N TYR C 243 -54.92 24.72 1.79
CA TYR C 243 -54.57 25.30 0.49
C TYR C 243 -53.55 26.41 0.68
N PHE C 244 -52.62 26.51 -0.26
CA PHE C 244 -51.68 27.62 -0.32
C PHE C 244 -51.14 27.74 -1.73
N SER C 245 -50.60 28.91 -2.05
CA SER C 245 -50.04 29.18 -3.37
C SER C 245 -48.96 30.23 -3.23
N THR C 246 -47.69 29.80 -3.34
CA THR C 246 -46.57 30.71 -3.20
C THR C 246 -45.64 30.63 -4.40
N GLU C 247 -44.49 31.31 -4.31
CA GLU C 247 -43.52 31.31 -5.39
C GLU C 247 -42.16 31.69 -4.79
N LYS C 248 -41.11 31.01 -5.23
CA LYS C 248 -39.77 31.26 -4.71
C LYS C 248 -38.75 30.75 -5.71
N ASP C 249 -37.76 31.59 -6.03
CA ASP C 249 -36.64 31.22 -6.89
C ASP C 249 -37.12 30.71 -8.25
N GLY C 250 -38.18 31.34 -8.77
CA GLY C 250 -38.71 30.94 -10.05
C GLY C 250 -39.50 29.65 -10.05
N ILE C 251 -39.86 29.13 -8.87
CA ILE C 251 -40.61 27.90 -8.75
C ILE C 251 -41.94 28.20 -8.06
N GLY C 252 -43.04 27.80 -8.67
CA GLY C 252 -44.37 27.99 -8.11
C GLY C 252 -44.94 26.68 -7.62
N VAL C 253 -45.58 26.72 -6.46
CA VAL C 253 -46.13 25.54 -5.81
C VAL C 253 -47.58 25.82 -5.42
N GLU C 254 -48.47 24.87 -5.72
CA GLU C 254 -49.86 24.95 -5.29
C GLU C 254 -50.30 23.58 -4.81
N VAL C 255 -50.87 23.53 -3.61
CA VAL C 255 -51.24 22.27 -2.96
C VAL C 255 -52.62 22.43 -2.33
N ALA C 256 -53.44 21.39 -2.44
CA ALA C 256 -54.73 21.32 -1.76
C ALA C 256 -55.04 19.87 -1.44
N LEU C 257 -55.57 19.63 -0.25
CA LEU C 257 -55.82 18.26 0.19
C LEU C 257 -56.99 18.22 1.16
N GLN C 258 -57.58 17.03 1.29
CA GLN C 258 -58.68 16.79 2.22
C GLN C 258 -58.74 15.31 2.53
N TRP C 259 -59.37 14.98 3.66
CA TRP C 259 -59.47 13.61 4.14
C TRP C 259 -60.92 13.13 4.04
N ASN C 260 -61.11 11.98 3.41
CA ASN C 260 -62.40 11.30 3.38
C ASN C 260 -62.37 10.13 4.36
N ASP C 261 -63.42 9.32 4.35
CA ASP C 261 -63.52 8.17 5.24
C ASP C 261 -63.29 6.85 4.50
N GLY C 262 -62.44 6.87 3.48
CA GLY C 262 -62.11 5.69 2.71
C GLY C 262 -60.85 5.01 3.18
N PHE C 263 -60.27 4.19 2.31
CA PHE C 263 -59.04 3.48 2.61
C PHE C 263 -58.09 3.48 1.43
N GLN C 264 -58.18 4.49 0.56
CA GLN C 264 -57.33 4.58 -0.61
C GLN C 264 -56.73 5.98 -0.70
N GLU C 265 -55.54 6.07 -1.29
CA GLU C 265 -54.86 7.33 -1.50
C GLU C 265 -54.83 7.67 -2.98
N ASN C 266 -55.02 8.95 -3.29
CA ASN C 266 -55.04 9.42 -4.68
C ASN C 266 -54.34 10.77 -4.73
N ILE C 267 -53.16 10.80 -5.35
CA ILE C 267 -52.38 12.02 -5.49
C ILE C 267 -52.19 12.29 -6.98
N TYR C 268 -52.46 13.53 -7.39
CA TYR C 268 -52.35 13.94 -8.78
C TYR C 268 -51.27 15.01 -8.88
N CYS C 269 -50.35 14.83 -9.84
CA CYS C 269 -49.21 15.72 -10.02
C CYS C 269 -49.23 16.30 -11.43
N PHE C 270 -48.90 17.59 -11.52
CA PHE C 270 -48.84 18.28 -12.80
C PHE C 270 -47.58 19.13 -12.86
N THR C 271 -47.10 19.36 -14.08
CA THR C 271 -45.93 20.19 -14.32
C THR C 271 -46.16 20.95 -15.61
N ASN C 272 -46.36 22.26 -15.50
CA ASN C 272 -46.70 23.12 -16.64
C ASN C 272 -47.92 22.57 -17.38
N ASN C 273 -48.94 22.20 -16.61
CA ASN C 273 -50.20 21.69 -17.14
C ASN C 273 -49.99 20.41 -17.94
N ILE C 274 -49.07 19.56 -17.48
CA ILE C 274 -48.81 18.26 -18.08
C ILE C 274 -48.84 17.22 -16.97
N PRO C 275 -49.73 16.24 -17.02
CA PRO C 275 -49.80 15.25 -15.94
C PRO C 275 -48.62 14.29 -15.96
N GLN C 276 -48.29 13.77 -14.78
CA GLN C 276 -47.28 12.74 -14.61
C GLN C 276 -47.90 11.56 -13.89
N ARG C 277 -47.95 10.40 -14.55
CA ARG C 277 -48.56 9.22 -13.95
C ARG C 277 -47.66 8.57 -12.90
N ASP C 278 -46.35 8.62 -13.09
CA ASP C 278 -45.40 7.94 -12.22
C ASP C 278 -44.83 8.84 -11.13
N GLY C 279 -45.27 10.10 -11.06
CA GLY C 279 -44.78 10.99 -10.03
C GLY C 279 -43.35 11.44 -10.28
N GLY C 280 -42.72 11.89 -9.20
CA GLY C 280 -41.35 12.37 -9.27
C GLY C 280 -40.84 12.96 -7.98
N THR C 281 -40.10 14.05 -8.06
CA THR C 281 -39.49 14.65 -6.87
C THR C 281 -40.51 15.41 -6.03
N HIS C 282 -41.47 16.07 -6.68
CA HIS C 282 -42.47 16.83 -5.92
C HIS C 282 -43.30 15.91 -5.02
N LEU C 283 -43.66 14.74 -5.53
CA LEU C 283 -44.40 13.78 -4.71
C LEU C 283 -43.58 13.33 -3.51
N ALA C 284 -42.29 13.06 -3.71
CA ALA C 284 -41.44 12.64 -2.61
C ALA C 284 -41.34 13.72 -1.54
N GLY C 285 -41.13 14.97 -1.96
CA GLY C 285 -41.06 16.06 -1.00
C GLY C 285 -42.36 16.25 -0.25
N PHE C 286 -43.49 16.17 -0.96
CA PHE C 286 -44.79 16.28 -0.34
C PHE C 286 -44.99 15.20 0.73
N ARG C 287 -44.69 13.95 0.37
CA ARG C 287 -44.88 12.85 1.32
C ARG C 287 -43.98 13.01 2.54
N ALA C 288 -42.70 13.34 2.32
CA ALA C 288 -41.77 13.49 3.43
C ALA C 288 -42.21 14.61 4.37
N ALA C 289 -42.58 15.75 3.81
CA ALA C 289 -43.00 16.88 4.64
C ALA C 289 -44.26 16.55 5.44
N MET C 290 -45.24 15.92 4.79
CA MET C 290 -46.47 15.56 5.48
C MET C 290 -46.20 14.60 6.63
N THR C 291 -45.39 13.56 6.35
CA THR C 291 -45.09 12.59 7.39
C THR C 291 -44.39 13.25 8.58
N ARG C 292 -43.38 14.07 8.31
CA ARG C 292 -42.63 14.69 9.40
C ARG C 292 -43.53 15.62 10.21
N THR C 293 -44.34 16.44 9.55
CA THR C 293 -45.19 17.39 10.26
C THR C 293 -46.22 16.65 11.12
N LEU C 294 -46.87 15.62 10.56
CA LEU C 294 -47.85 14.88 11.32
C LEU C 294 -47.23 14.18 12.52
N ASN C 295 -46.06 13.57 12.33
CA ASN C 295 -45.41 12.90 13.45
C ASN C 295 -45.03 13.88 14.54
N ALA C 296 -44.49 15.04 14.16
CA ALA C 296 -44.10 16.05 15.15
C ALA C 296 -45.31 16.54 15.93
N TYR C 297 -46.41 16.85 15.23
CA TYR C 297 -47.59 17.33 15.92
C TYR C 297 -48.16 16.28 16.86
N MET C 298 -48.25 15.03 16.40
CA MET C 298 -48.81 13.98 17.24
C MET C 298 -47.92 13.70 18.45
N ASP C 299 -46.60 13.86 18.30
CA ASP C 299 -45.71 13.64 19.43
C ASP C 299 -45.82 14.75 20.46
N LYS C 300 -45.86 16.01 20.00
CA LYS C 300 -45.85 17.13 20.94
C LYS C 300 -47.10 17.13 21.81
N GLU C 301 -48.27 16.89 21.23
CA GLU C 301 -49.52 17.04 21.96
C GLU C 301 -49.77 15.93 22.97
N GLY C 302 -48.97 14.86 22.95
CA GLY C 302 -49.14 13.77 23.88
C GLY C 302 -50.12 12.71 23.47
N TYR C 303 -50.65 12.77 22.24
CA TYR C 303 -51.55 11.72 21.77
C TYR C 303 -50.85 10.37 21.67
N SER C 304 -49.60 10.38 21.17
CA SER C 304 -48.89 9.12 20.92
C SER C 304 -48.48 8.41 22.20
N LYS C 305 -48.49 9.10 23.34
CA LYS C 305 -48.16 8.48 24.62
C LYS C 305 -49.40 8.01 25.37
N LYS C 306 -50.53 8.68 25.20
CA LYS C 306 -51.76 8.26 25.86
C LYS C 306 -52.17 6.86 25.40
N ALA C 307 -52.07 6.60 24.10
CA ALA C 307 -52.30 5.28 23.54
C ALA C 307 -50.96 4.68 23.12
N LYS C 308 -50.71 3.44 23.56
CA LYS C 308 -49.40 2.81 23.38
C LYS C 308 -49.27 2.33 21.92
N VAL C 309 -49.23 3.30 21.01
CA VAL C 309 -49.08 3.04 19.58
C VAL C 309 -48.13 4.05 18.97
N SER C 310 -47.56 3.68 17.83
CA SER C 310 -46.70 4.57 17.06
C SER C 310 -47.18 4.58 15.62
N ALA C 311 -47.35 5.78 15.06
CA ALA C 311 -47.87 5.92 13.71
C ALA C 311 -46.74 5.89 12.68
N THR C 312 -47.10 5.57 11.45
CA THR C 312 -46.18 5.53 10.32
C THR C 312 -46.72 6.38 9.19
N GLY C 313 -45.89 6.55 8.16
CA GLY C 313 -46.31 7.34 7.01
C GLY C 313 -47.45 6.72 6.23
N ASP C 314 -47.49 5.38 6.17
CA ASP C 314 -48.55 4.71 5.43
C ASP C 314 -49.91 4.91 6.09
N ASP C 315 -49.95 4.94 7.42
CA ASP C 315 -51.21 5.12 8.12
C ASP C 315 -51.80 6.51 7.90
N ALA C 316 -50.94 7.52 7.79
CA ALA C 316 -51.43 8.88 7.58
C ALA C 316 -52.16 9.01 6.25
N ARG C 317 -51.63 8.38 5.20
CA ARG C 317 -52.23 8.47 3.87
C ARG C 317 -53.21 7.32 3.65
N GLU C 318 -54.18 7.22 4.55
CA GLU C 318 -55.18 6.15 4.44
C GLU C 318 -56.26 6.51 3.42
N GLY C 319 -57.01 7.58 3.70
CA GLY C 319 -57.93 8.12 2.71
C GLY C 319 -57.62 9.58 2.46
N LEU C 320 -57.12 9.90 1.28
CA LEU C 320 -56.61 11.24 1.03
C LEU C 320 -56.75 11.58 -0.45
N ILE C 321 -57.12 12.84 -0.71
CA ILE C 321 -57.16 13.39 -2.06
C ILE C 321 -56.31 14.65 -2.06
N ALA C 322 -55.36 14.71 -3.01
CA ALA C 322 -54.46 15.86 -3.07
C ALA C 322 -54.09 16.15 -4.51
N VAL C 323 -53.75 17.41 -4.77
CA VAL C 323 -53.34 17.88 -6.09
C VAL C 323 -52.10 18.74 -5.91
N VAL C 324 -51.07 18.49 -6.73
CA VAL C 324 -49.82 19.24 -6.69
C VAL C 324 -49.51 19.72 -8.10
N SER C 325 -49.21 21.01 -8.23
CA SER C 325 -48.84 21.60 -9.51
C SER C 325 -47.62 22.49 -9.31
N VAL C 326 -46.67 22.39 -10.25
CA VAL C 326 -45.40 23.11 -10.16
C VAL C 326 -45.14 23.82 -11.48
N LYS C 327 -44.57 25.02 -11.40
CA LYS C 327 -44.17 25.79 -12.57
C LYS C 327 -42.65 25.85 -12.62
N VAL C 328 -42.07 25.26 -13.66
CA VAL C 328 -40.61 25.20 -13.80
C VAL C 328 -40.24 25.78 -15.17
N PRO C 329 -39.19 26.61 -15.25
CA PRO C 329 -38.79 27.17 -16.56
C PRO C 329 -38.45 26.11 -17.60
N ASP C 330 -37.49 25.24 -17.30
CA ASP C 330 -37.05 24.19 -18.22
C ASP C 330 -37.00 22.87 -17.47
N PRO C 331 -38.15 22.19 -17.35
CA PRO C 331 -38.17 20.90 -16.65
C PRO C 331 -37.42 19.83 -17.43
N LYS C 332 -36.94 18.83 -16.69
CA LYS C 332 -36.24 17.69 -17.27
C LYS C 332 -36.97 16.42 -16.89
N PHE C 333 -37.18 15.54 -17.86
CA PHE C 333 -37.95 14.32 -17.67
C PHE C 333 -37.07 13.11 -17.96
N SER C 334 -37.58 11.94 -17.59
CA SER C 334 -36.84 10.70 -17.80
C SER C 334 -37.03 10.11 -19.18
N SER C 335 -37.97 10.62 -19.97
CA SER C 335 -38.22 10.12 -21.31
C SER C 335 -38.94 11.21 -22.10
N GLN C 336 -39.18 10.92 -23.38
CA GLN C 336 -39.86 11.88 -24.25
C GLN C 336 -41.38 11.87 -24.08
N THR C 337 -41.92 10.93 -23.30
CA THR C 337 -43.34 10.87 -23.03
C THR C 337 -43.70 11.49 -21.68
N LYS C 338 -42.77 12.22 -21.07
CA LYS C 338 -42.95 12.85 -19.76
C LYS C 338 -43.20 11.75 -18.74
N ASP C 339 -44.28 11.79 -17.97
CA ASP C 339 -44.70 10.78 -17.00
C ASP C 339 -43.79 10.70 -15.77
N LYS C 340 -42.71 11.47 -15.72
CA LYS C 340 -41.82 11.45 -14.57
C LYS C 340 -40.90 12.66 -14.62
N LEU C 341 -40.71 13.31 -13.48
CA LEU C 341 -39.87 14.49 -13.35
C LEU C 341 -38.62 14.15 -12.58
N VAL C 342 -37.48 14.68 -13.01
CA VAL C 342 -36.20 14.36 -12.39
C VAL C 342 -35.44 15.61 -12.00
N SER C 343 -36.12 16.75 -11.95
CA SER C 343 -35.47 17.99 -11.53
C SER C 343 -35.13 17.93 -10.05
N SER C 344 -34.09 18.68 -9.66
CA SER C 344 -33.51 18.55 -8.34
C SER C 344 -34.16 19.49 -7.30
N GLU C 345 -34.12 20.80 -7.56
CA GLU C 345 -34.53 21.77 -6.56
C GLU C 345 -36.02 21.71 -6.25
N VAL C 346 -36.82 21.07 -7.11
CA VAL C 346 -38.26 21.03 -6.89
C VAL C 346 -38.58 20.34 -5.57
N LYS C 347 -37.89 19.24 -5.28
CA LYS C 347 -38.15 18.51 -4.04
C LYS C 347 -37.89 19.38 -2.82
N SER C 348 -36.74 20.07 -2.81
CA SER C 348 -36.41 20.91 -1.67
C SER C 348 -37.40 22.05 -1.51
N ALA C 349 -37.77 22.70 -2.62
CA ALA C 349 -38.72 23.81 -2.55
C ALA C 349 -40.07 23.35 -2.01
N VAL C 350 -40.60 22.26 -2.57
CA VAL C 350 -41.91 21.76 -2.15
C VAL C 350 -41.87 21.33 -0.68
N GLU C 351 -40.81 20.63 -0.28
CA GLU C 351 -40.72 20.16 1.10
C GLU C 351 -40.66 21.32 2.07
N GLN C 352 -39.84 22.34 1.77
CA GLN C 352 -39.75 23.50 2.66
C GLN C 352 -41.09 24.23 2.76
N GLN C 353 -41.75 24.44 1.61
CA GLN C 353 -43.03 25.14 1.64
C GLN C 353 -44.08 24.36 2.42
N MET C 354 -44.13 23.05 2.23
CA MET C 354 -45.10 22.23 2.96
C MET C 354 -44.81 22.22 4.46
N ASN C 355 -43.53 22.12 4.83
CA ASN C 355 -43.18 22.10 6.25
C ASN C 355 -43.52 23.44 6.92
N GLU C 356 -43.30 24.55 6.23
CA GLU C 356 -43.51 25.85 6.85
C GLU C 356 -44.99 26.10 7.16
N LEU C 357 -45.88 25.74 6.24
CA LEU C 357 -47.27 26.17 6.32
C LEU C 357 -48.22 25.15 6.91
N LEU C 358 -47.94 23.85 6.78
CA LEU C 358 -48.87 22.85 7.29
C LEU C 358 -48.94 22.87 8.81
N ALA C 359 -47.85 23.26 9.48
CA ALA C 359 -47.87 23.32 10.94
C ALA C 359 -48.86 24.35 11.45
N GLU C 360 -48.94 25.51 10.78
CA GLU C 360 -49.86 26.55 11.20
C GLU C 360 -51.32 26.13 11.02
N TYR C 361 -51.60 25.30 10.02
CA TYR C 361 -52.97 24.86 9.79
C TYR C 361 -53.49 24.04 10.97
N LEU C 362 -52.64 23.19 11.55
CA LEU C 362 -53.05 22.36 12.68
C LEU C 362 -53.22 23.14 13.97
N LEU C 363 -52.76 24.40 14.01
CA LEU C 363 -52.91 25.22 15.21
C LEU C 363 -54.09 26.17 15.12
N GLU C 364 -54.43 26.65 13.93
CA GLU C 364 -55.56 27.55 13.75
C GLU C 364 -56.88 26.82 13.59
N ASN C 365 -56.87 25.51 13.46
CA ASN C 365 -58.08 24.70 13.31
C ASN C 365 -58.02 23.51 14.27
N PRO C 366 -58.17 23.77 15.57
CA PRO C 366 -58.09 22.67 16.54
C PRO C 366 -59.15 21.59 16.34
N THR C 367 -60.34 21.95 15.87
CA THR C 367 -61.41 20.97 15.72
C THR C 367 -61.08 19.95 14.64
N ASP C 368 -60.51 20.40 13.52
CA ASP C 368 -60.22 19.48 12.42
C ASP C 368 -59.05 18.57 12.74
N ALA C 369 -58.13 19.01 13.60
CA ALA C 369 -56.96 18.20 13.90
C ALA C 369 -57.33 16.93 14.68
N LYS C 370 -58.35 17.01 15.53
CA LYS C 370 -58.69 15.87 16.38
C LYS C 370 -59.19 14.68 15.56
N ILE C 371 -59.98 14.94 14.52
CA ILE C 371 -60.58 13.86 13.75
C ILE C 371 -59.50 13.07 13.01
N VAL C 372 -58.58 13.77 12.36
CA VAL C 372 -57.52 13.10 11.60
C VAL C 372 -56.63 12.30 12.52
N VAL C 373 -56.30 12.85 13.68
CA VAL C 373 -55.48 12.13 14.65
C VAL C 373 -56.20 10.87 15.12
N GLY C 374 -57.50 10.98 15.39
CA GLY C 374 -58.26 9.81 15.79
C GLY C 374 -58.28 8.73 14.72
N LYS C 375 -58.46 9.13 13.46
CA LYS C 375 -58.46 8.15 12.38
C LYS C 375 -57.09 7.48 12.24
N ILE C 376 -56.02 8.26 12.36
CA ILE C 376 -54.67 7.69 12.24
C ILE C 376 -54.41 6.73 13.40
N ILE C 377 -54.83 7.09 14.60
CA ILE C 377 -54.64 6.20 15.76
C ILE C 377 -55.45 4.92 15.59
N ASP C 378 -56.67 5.03 15.06
CA ASP C 378 -57.46 3.84 14.82
C ASP C 378 -56.79 2.92 13.80
N ALA C 379 -56.25 3.50 12.72
CA ALA C 379 -55.55 2.68 11.74
C ALA C 379 -54.32 2.02 12.35
N ALA C 380 -53.56 2.77 13.16
CA ALA C 380 -52.37 2.20 13.80
C ALA C 380 -52.73 1.05 14.74
N ARG C 381 -53.80 1.20 15.51
CA ARG C 381 -54.23 0.11 16.38
C ARG C 381 -54.74 -1.07 15.56
N ALA C 382 -55.35 -0.81 14.41
CA ALA C 382 -55.79 -1.90 13.53
C ALA C 382 -54.60 -2.69 13.01
N ARG C 383 -53.51 -1.98 12.67
CA ARG C 383 -52.31 -2.67 12.19
C ARG C 383 -51.69 -3.54 13.28
N GLU C 384 -51.71 -3.08 14.54
CA GLU C 384 -51.05 -3.81 15.62
C GLU C 384 -51.69 -5.16 15.87
N ALA C 385 -53.03 -5.23 15.80
CA ALA C 385 -53.74 -6.46 16.12
C ALA C 385 -53.45 -7.60 15.17
N ALA C 386 -52.84 -7.34 14.02
CA ALA C 386 -52.52 -8.37 13.05
C ALA C 386 -51.20 -9.08 13.34
N ARG C 387 -50.42 -8.60 14.30
CA ARG C 387 -49.15 -9.22 14.61
C ARG C 387 -49.35 -10.43 15.52
N ARG C 388 -48.27 -11.20 15.68
CA ARG C 388 -48.28 -12.40 16.51
C ARG C 388 -47.87 -12.02 17.93
N ALA C 389 -47.64 -13.04 18.77
CA ALA C 389 -47.26 -12.84 20.16
C ALA C 389 -45.75 -12.96 20.31
N ARG C 390 -45.15 -12.03 21.03
CA ARG C 390 -43.71 -12.01 21.21
C ARG C 390 -43.37 -11.40 22.56
N GLU C 391 -42.19 -11.74 23.07
CA GLU C 391 -41.70 -11.27 24.35
C GLU C 391 -40.66 -10.17 24.16
N MET C 392 -40.24 -9.57 25.27
CA MET C 392 -39.25 -8.50 25.24
C MET C 392 -37.87 -9.09 25.41
N THR C 393 -36.94 -8.68 24.53
CA THR C 393 -35.57 -9.16 24.58
C THR C 393 -34.73 -8.27 25.48
N ARG C 394 -33.45 -8.60 25.62
CA ARG C 394 -32.51 -7.83 26.42
C ARG C 394 -31.45 -7.25 25.49
N ARG C 395 -31.47 -5.94 25.31
CA ARG C 395 -30.56 -5.28 24.40
C ARG C 395 -29.22 -4.99 25.07
N LYS C 396 -28.19 -4.83 24.25
CA LYS C 396 -26.86 -4.53 24.74
C LYS C 396 -26.74 -3.03 25.02
N GLY C 397 -26.42 -2.68 26.25
CA GLY C 397 -26.33 -1.29 26.64
C GLY C 397 -25.01 -0.91 27.30
N ALA C 398 -24.94 0.31 27.84
CA ALA C 398 -23.72 0.76 28.49
C ALA C 398 -23.53 0.10 29.85
N LEU C 399 -24.64 -0.11 30.58
CA LEU C 399 -24.58 -0.69 31.92
C LEU C 399 -24.77 -2.20 31.92
N ASP C 400 -24.93 -2.82 30.75
CA ASP C 400 -25.12 -4.27 30.68
C ASP C 400 -24.76 -4.75 29.29
N LEU C 401 -23.93 -5.79 29.22
CA LEU C 401 -23.50 -6.36 27.94
C LEU C 401 -24.31 -7.57 27.52
N ALA C 402 -24.83 -8.34 28.48
CA ALA C 402 -25.70 -9.49 28.23
C ALA C 402 -25.02 -10.58 27.41
N GLY C 403 -23.68 -10.65 27.44
CA GLY C 403 -22.96 -11.69 26.76
C GLY C 403 -23.14 -11.68 25.24
N LEU C 404 -23.02 -10.51 24.64
CA LEU C 404 -23.20 -10.34 23.20
C LEU C 404 -21.87 -10.00 22.52
N PRO C 405 -21.75 -10.24 21.22
CA PRO C 405 -20.48 -9.99 20.53
C PRO C 405 -20.07 -8.52 20.63
N GLY C 406 -18.76 -8.31 20.70
CA GLY C 406 -18.21 -6.97 20.86
C GLY C 406 -18.32 -6.11 19.62
N LYS C 407 -18.45 -6.72 18.44
CA LYS C 407 -18.59 -5.97 17.20
C LYS C 407 -20.02 -5.52 16.95
N LEU C 408 -20.99 -6.04 17.70
CA LEU C 408 -22.38 -5.67 17.50
C LEU C 408 -22.65 -4.26 18.00
N ALA C 409 -23.42 -3.51 17.22
CA ALA C 409 -23.91 -2.18 17.61
C ALA C 409 -25.43 -2.28 17.69
N ASP C 410 -25.95 -2.42 18.90
CA ASP C 410 -27.35 -2.74 19.11
C ASP C 410 -28.21 -1.48 19.13
N CYS C 411 -29.52 -1.69 19.06
CA CYS C 411 -30.50 -0.62 19.09
C CYS C 411 -31.03 -0.42 20.52
N GLN C 412 -32.08 0.38 20.66
CA GLN C 412 -32.66 0.66 21.97
C GLN C 412 -34.06 0.11 22.14
N GLU C 413 -34.74 -0.27 21.06
CA GLU C 413 -36.08 -0.84 21.17
C GLU C 413 -36.00 -2.25 21.77
N ARG C 414 -36.95 -2.56 22.65
CA ARG C 414 -37.03 -3.86 23.30
C ARG C 414 -38.13 -4.74 22.73
N ASP C 415 -38.76 -4.32 21.63
CA ASP C 415 -39.80 -5.11 20.99
C ASP C 415 -39.25 -5.69 19.70
N PRO C 416 -39.09 -7.01 19.59
CA PRO C 416 -38.47 -7.59 18.39
C PRO C 416 -39.26 -7.34 17.12
N ALA C 417 -40.56 -7.07 17.21
CA ALA C 417 -41.37 -6.83 16.02
C ALA C 417 -41.15 -5.44 15.44
N LEU C 418 -40.39 -4.57 16.11
CA LEU C 418 -40.12 -3.22 15.63
C LEU C 418 -38.62 -2.97 15.52
N SER C 419 -37.84 -4.02 15.26
CA SER C 419 -36.39 -3.90 15.20
C SER C 419 -35.89 -4.53 13.90
N GLU C 420 -34.72 -4.06 13.46
CA GLU C 420 -34.11 -4.52 12.22
C GLU C 420 -32.63 -4.78 12.45
N LEU C 421 -32.07 -5.67 11.62
CA LEU C 421 -30.65 -6.01 11.70
C LEU C 421 -30.06 -5.95 10.30
N TYR C 422 -28.88 -5.33 10.18
CA TYR C 422 -28.18 -5.19 8.92
C TYR C 422 -26.87 -5.98 8.96
N LEU C 423 -26.58 -6.69 7.87
CA LEU C 423 -25.34 -7.45 7.71
C LEU C 423 -24.49 -6.80 6.63
N VAL C 424 -23.23 -6.54 6.95
CA VAL C 424 -22.30 -5.87 6.04
C VAL C 424 -21.03 -6.70 5.93
N GLU C 425 -20.22 -6.37 4.93
CA GLU C 425 -19.07 -7.21 4.58
C GLU C 425 -17.90 -7.05 5.55
N GLY C 426 -17.66 -5.84 6.05
CA GLY C 426 -16.48 -5.65 6.88
C GLY C 426 -16.52 -4.36 7.66
N ASP C 427 -15.38 -4.03 8.27
CA ASP C 427 -15.30 -2.87 9.14
C ASP C 427 -15.42 -1.56 8.35
N SER C 428 -14.87 -1.52 7.14
CA SER C 428 -14.93 -0.29 6.34
C SER C 428 -16.37 0.08 6.02
N ALA C 429 -17.18 -0.91 5.65
CA ALA C 429 -18.59 -0.65 5.40
C ALA C 429 -19.36 -0.43 6.71
N GLY C 430 -18.98 -1.14 7.77
CA GLY C 430 -19.68 -0.99 9.03
C GLY C 430 -19.52 0.40 9.63
N GLY C 431 -18.33 0.98 9.52
CA GLY C 431 -18.13 2.32 10.02
C GLY C 431 -19.00 3.35 9.33
N SER C 432 -19.16 3.22 8.01
CA SER C 432 -20.04 4.12 7.29
C SER C 432 -21.51 3.86 7.61
N ALA C 433 -21.88 2.60 7.83
CA ALA C 433 -23.27 2.28 8.12
C ALA C 433 -23.68 2.74 9.51
N LYS C 434 -22.77 2.70 10.48
CA LYS C 434 -23.12 3.06 11.85
C LYS C 434 -23.35 4.56 12.00
N GLN C 435 -22.73 5.38 11.15
CA GLN C 435 -22.86 6.83 11.27
C GLN C 435 -24.10 7.38 10.60
N GLY C 436 -24.80 6.58 9.80
CA GLY C 436 -25.97 7.07 9.10
C GLY C 436 -27.26 6.39 9.50
N ARG C 437 -27.18 5.46 10.45
CA ARG C 437 -28.34 4.69 10.88
C ARG C 437 -29.20 5.49 11.84
N ASN C 438 -30.39 4.97 12.11
CA ASN C 438 -31.26 5.47 13.16
C ASN C 438 -31.06 4.56 14.38
N ARG C 439 -30.38 5.08 15.40
CA ARG C 439 -29.93 4.26 16.52
C ARG C 439 -31.08 3.75 17.39
N LYS C 440 -32.30 4.25 17.19
CA LYS C 440 -33.40 3.83 18.04
C LYS C 440 -33.80 2.39 17.78
N ASN C 441 -33.96 2.01 16.50
CA ASN C 441 -34.47 0.69 16.16
C ASN C 441 -33.71 0.07 15.00
N GLN C 442 -32.40 0.29 14.94
CA GLN C 442 -31.58 -0.32 13.90
C GLN C 442 -30.26 -0.79 14.50
N ALA C 443 -29.80 -1.96 14.06
CA ALA C 443 -28.57 -2.55 14.55
C ALA C 443 -27.69 -2.97 13.37
N ILE C 444 -26.38 -2.96 13.60
CA ILE C 444 -25.38 -3.27 12.57
C ILE C 444 -24.46 -4.36 13.08
N LEU C 445 -24.21 -5.36 12.25
CA LEU C 445 -23.28 -6.44 12.58
C LEU C 445 -22.34 -6.68 11.41
N PRO C 446 -21.05 -6.37 11.54
CA PRO C 446 -20.11 -6.59 10.44
C PRO C 446 -19.63 -8.04 10.38
N LEU C 447 -19.41 -8.49 9.15
CA LEU C 447 -18.81 -9.79 8.89
C LEU C 447 -17.34 -9.61 8.51
N LYS C 448 -16.69 -10.68 8.07
CA LYS C 448 -15.28 -10.64 7.71
C LYS C 448 -15.06 -11.51 6.47
N GLY C 449 -15.01 -10.87 5.30
CA GLY C 449 -14.70 -11.56 4.06
C GLY C 449 -15.80 -12.52 3.63
N LYS C 450 -15.38 -13.49 2.82
CA LYS C 450 -16.31 -14.51 2.34
C LYS C 450 -16.53 -15.56 3.41
N ILE C 451 -17.76 -16.04 3.51
CA ILE C 451 -18.16 -16.92 4.59
C ILE C 451 -18.02 -18.37 4.13
N LEU C 452 -18.01 -19.28 5.11
CA LEU C 452 -17.86 -20.70 4.81
C LEU C 452 -19.06 -21.23 4.03
N ASN C 453 -18.78 -22.13 3.10
CA ASN C 453 -19.83 -22.79 2.31
C ASN C 453 -20.27 -24.04 3.06
N VAL C 454 -21.46 -23.98 3.66
CA VAL C 454 -21.94 -25.07 4.50
C VAL C 454 -22.44 -26.27 3.69
N GLU C 455 -22.59 -26.12 2.37
CA GLU C 455 -23.05 -27.25 1.56
C GLU C 455 -21.93 -28.26 1.36
N LYS C 456 -20.69 -27.78 1.23
CA LYS C 456 -19.55 -28.65 1.01
C LYS C 456 -18.82 -29.04 2.29
N ALA C 457 -19.20 -28.48 3.43
CA ALA C 457 -18.50 -28.71 4.68
C ALA C 457 -19.26 -29.69 5.56
N ARG C 458 -18.64 -30.05 6.69
CA ARG C 458 -19.22 -30.95 7.66
C ARG C 458 -19.76 -30.18 8.86
N PHE C 459 -20.53 -30.88 9.68
CA PHE C 459 -21.16 -30.24 10.83
C PHE C 459 -20.13 -29.75 11.85
N ASP C 460 -19.13 -30.58 12.16
CA ASP C 460 -18.09 -30.17 13.09
C ASP C 460 -17.29 -29.00 12.54
N LYS C 461 -16.99 -29.03 11.24
CA LYS C 461 -16.29 -27.92 10.61
C LYS C 461 -17.10 -26.63 10.70
N MET C 462 -18.42 -26.73 10.51
CA MET C 462 -19.28 -25.57 10.67
C MET C 462 -19.27 -25.05 12.10
N LEU C 463 -19.32 -25.96 13.08
CA LEU C 463 -19.31 -25.55 14.48
C LEU C 463 -18.00 -24.86 14.85
N SER C 464 -16.88 -25.36 14.33
CA SER C 464 -15.58 -24.81 14.67
C SER C 464 -15.36 -23.40 14.11
N SER C 465 -16.21 -22.94 13.20
CA SER C 465 -16.04 -21.62 12.62
C SER C 465 -16.34 -20.53 13.64
N GLN C 466 -15.85 -19.33 13.35
CA GLN C 466 -15.99 -18.18 14.24
C GLN C 466 -17.08 -17.22 13.79
N GLU C 467 -17.11 -16.90 12.49
CA GLU C 467 -18.15 -16.00 11.97
C GLU C 467 -19.54 -16.61 12.14
N VAL C 468 -19.67 -17.92 11.88
CA VAL C 468 -20.94 -18.59 12.05
C VAL C 468 -21.36 -18.55 13.52
N ALA C 469 -20.42 -18.76 14.43
CA ALA C 469 -20.74 -18.69 15.85
C ALA C 469 -21.19 -17.30 16.26
N THR C 470 -20.52 -16.26 15.75
CA THR C 470 -20.92 -14.90 16.05
C THR C 470 -22.32 -14.60 15.53
N LEU C 471 -22.61 -15.04 14.30
CA LEU C 471 -23.93 -14.83 13.73
C LEU C 471 -25.01 -15.54 14.54
N ILE C 472 -24.74 -16.79 14.95
CA ILE C 472 -25.71 -17.53 15.74
C ILE C 472 -25.94 -16.86 17.09
N THR C 473 -24.87 -16.38 17.72
CA THR C 473 -25.02 -15.68 18.99
C THR C 473 -25.84 -14.40 18.82
N ALA C 474 -25.61 -13.67 17.74
CA ALA C 474 -26.37 -12.45 17.49
C ALA C 474 -27.85 -12.75 17.25
N LEU C 475 -28.14 -13.82 16.50
CA LEU C 475 -29.53 -14.14 16.21
C LEU C 475 -30.26 -14.64 17.45
N GLY C 476 -29.58 -15.37 18.31
CA GLY C 476 -30.17 -15.83 19.56
C GLY C 476 -31.30 -16.84 19.41
N CYS C 477 -31.13 -17.83 18.53
CA CYS C 477 -32.12 -18.89 18.38
C CYS C 477 -31.59 -20.28 18.67
N GLY C 478 -30.27 -20.46 18.74
CA GLY C 478 -29.69 -21.78 18.88
C GLY C 478 -29.59 -22.49 17.55
N ILE C 479 -28.99 -23.69 17.60
CA ILE C 479 -28.78 -24.49 16.40
C ILE C 479 -28.64 -25.94 16.83
N GLY C 480 -28.83 -26.86 15.88
CA GLY C 480 -28.73 -28.28 16.15
C GLY C 480 -30.05 -28.99 16.31
N ARG C 481 -31.17 -28.29 16.25
CA ARG C 481 -32.53 -28.84 16.32
C ARG C 481 -32.82 -29.51 17.66
N ASP C 482 -31.89 -29.45 18.61
CA ASP C 482 -32.13 -29.91 19.97
C ASP C 482 -32.52 -28.77 20.91
N GLU C 483 -31.91 -27.60 20.74
CA GLU C 483 -32.35 -26.38 21.41
C GLU C 483 -32.70 -25.27 20.43
N TYR C 484 -32.83 -25.60 19.14
CA TYR C 484 -33.16 -24.62 18.11
C TYR C 484 -34.64 -24.27 18.23
N ASN C 485 -34.92 -23.17 18.93
CA ASN C 485 -36.29 -22.69 19.09
C ASN C 485 -36.48 -21.45 18.24
N PRO C 486 -37.29 -21.49 17.18
CA PRO C 486 -37.50 -20.31 16.35
C PRO C 486 -38.42 -19.26 16.96
N ASP C 487 -38.79 -19.41 18.22
CA ASP C 487 -39.62 -18.44 18.92
C ASP C 487 -38.81 -17.50 19.80
N LYS C 488 -37.48 -17.57 19.72
CA LYS C 488 -36.61 -16.69 20.49
C LYS C 488 -35.85 -15.73 19.59
N LEU C 489 -36.31 -15.52 18.36
CA LEU C 489 -35.62 -14.64 17.43
C LEU C 489 -35.69 -13.19 17.93
N ARG C 490 -34.52 -12.56 18.07
CA ARG C 490 -34.46 -11.23 18.64
C ARG C 490 -34.76 -10.13 17.64
N TYR C 491 -34.83 -10.43 16.34
CA TYR C 491 -35.20 -9.46 15.33
C TYR C 491 -36.18 -10.09 14.36
N HIS C 492 -37.24 -9.36 14.02
CA HIS C 492 -38.23 -9.85 13.08
C HIS C 492 -38.00 -9.33 11.66
N SER C 493 -36.85 -8.72 11.42
CA SER C 493 -36.48 -8.27 10.07
C SER C 493 -34.98 -8.37 9.94
N ILE C 494 -34.51 -9.24 9.05
CA ILE C 494 -33.09 -9.44 8.80
C ILE C 494 -32.81 -9.00 7.38
N ILE C 495 -31.87 -8.07 7.21
CA ILE C 495 -31.61 -7.41 5.94
C ILE C 495 -30.17 -7.69 5.53
N ILE C 496 -29.98 -8.15 4.30
CA ILE C 496 -28.67 -8.41 3.73
C ILE C 496 -28.30 -7.22 2.86
N MET C 497 -27.14 -6.62 3.14
CA MET C 497 -26.69 -5.44 2.41
C MET C 497 -25.19 -5.58 2.14
N THR C 498 -24.85 -6.08 0.96
CA THR C 498 -23.47 -6.23 0.52
C THR C 498 -23.14 -5.20 -0.54
N ASP C 499 -21.93 -5.29 -1.09
CA ASP C 499 -21.51 -4.38 -2.13
C ASP C 499 -22.29 -4.64 -3.42
N ALA C 500 -22.17 -3.69 -4.35
CA ALA C 500 -22.97 -3.71 -5.57
C ALA C 500 -22.30 -4.44 -6.73
N ASP C 501 -21.14 -5.04 -6.51
CA ASP C 501 -20.43 -5.77 -7.55
C ASP C 501 -20.73 -7.26 -7.44
N VAL C 502 -20.03 -8.06 -8.25
CA VAL C 502 -20.34 -9.49 -8.36
C VAL C 502 -19.98 -10.24 -7.07
N ASP C 503 -18.91 -9.82 -6.39
CA ASP C 503 -18.55 -10.49 -5.13
C ASP C 503 -19.65 -10.34 -4.09
N GLY C 504 -20.35 -9.20 -4.10
CA GLY C 504 -21.53 -9.08 -3.26
C GLY C 504 -22.58 -10.10 -3.60
N SER C 505 -22.77 -10.39 -4.88
CA SER C 505 -23.71 -11.42 -5.29
C SER C 505 -23.28 -12.80 -4.80
N HIS C 506 -21.97 -13.08 -4.88
CA HIS C 506 -21.47 -14.37 -4.37
C HIS C 506 -21.72 -14.51 -2.88
N ILE C 507 -21.43 -13.44 -2.12
CA ILE C 507 -21.66 -13.49 -0.67
C ILE C 507 -23.14 -13.62 -0.37
N ARG C 508 -24.00 -12.96 -1.17
CA ARG C 508 -25.43 -13.09 -0.98
C ARG C 508 -25.89 -14.53 -1.21
N THR C 509 -25.34 -15.18 -2.24
CA THR C 509 -25.68 -16.58 -2.49
C THR C 509 -25.24 -17.46 -1.33
N LEU C 510 -24.04 -17.23 -0.80
CA LEU C 510 -23.57 -18.01 0.34
C LEU C 510 -24.47 -17.84 1.55
N LEU C 511 -24.85 -16.59 1.85
CA LEU C 511 -25.73 -16.34 2.99
C LEU C 511 -27.10 -16.97 2.79
N LEU C 512 -27.64 -16.90 1.58
CA LEU C 512 -28.93 -17.53 1.30
C LEU C 512 -28.85 -19.04 1.47
N THR C 513 -27.75 -19.64 1.00
CA THR C 513 -27.57 -21.08 1.17
C THR C 513 -27.55 -21.45 2.65
N PHE C 514 -26.80 -20.70 3.45
CA PHE C 514 -26.74 -20.96 4.88
C PHE C 514 -28.12 -20.84 5.52
N PHE C 515 -28.84 -19.76 5.21
CA PHE C 515 -30.14 -19.54 5.83
C PHE C 515 -31.14 -20.62 5.44
N TYR C 516 -31.14 -21.02 4.16
CA TYR C 516 -32.08 -22.04 3.71
C TYR C 516 -31.75 -23.40 4.31
N ARG C 517 -30.47 -23.76 4.39
CA ARG C 517 -30.10 -25.08 4.87
C ARG C 517 -30.21 -25.22 6.38
N GLN C 518 -30.01 -24.13 7.12
CA GLN C 518 -29.95 -24.23 8.58
C GLN C 518 -31.22 -23.77 9.29
N MET C 519 -31.89 -22.73 8.80
CA MET C 519 -33.06 -22.17 9.45
C MET C 519 -34.20 -22.02 8.45
N PRO C 520 -34.83 -23.12 8.05
CA PRO C 520 -35.94 -23.03 7.10
C PRO C 520 -37.13 -22.22 7.61
N GLU C 521 -37.41 -22.27 8.91
CA GLU C 521 -38.61 -21.62 9.44
C GLU C 521 -38.53 -20.11 9.32
N ILE C 522 -37.33 -19.54 9.50
CA ILE C 522 -37.17 -18.10 9.36
C ILE C 522 -37.50 -17.66 7.95
N VAL C 523 -37.05 -18.41 6.95
CA VAL C 523 -37.38 -18.10 5.56
C VAL C 523 -38.86 -18.29 5.30
N GLU C 524 -39.45 -19.34 5.89
CA GLU C 524 -40.88 -19.61 5.66
C GLU C 524 -41.75 -18.49 6.23
N ARG C 525 -41.42 -17.98 7.41
CA ARG C 525 -42.23 -16.94 8.02
C ARG C 525 -42.05 -15.58 7.35
N GLY C 526 -40.94 -15.38 6.62
CA GLY C 526 -40.74 -14.14 5.90
C GLY C 526 -40.00 -13.09 6.70
N HIS C 527 -38.84 -13.45 7.25
CA HIS C 527 -38.02 -12.54 8.04
C HIS C 527 -36.74 -12.13 7.34
N VAL C 528 -36.59 -12.43 6.06
CA VAL C 528 -35.37 -12.17 5.31
C VAL C 528 -35.67 -11.19 4.18
N TYR C 529 -34.85 -10.14 4.07
CA TYR C 529 -35.01 -9.11 3.06
C TYR C 529 -33.68 -8.90 2.34
N ILE C 530 -33.73 -8.17 1.23
CA ILE C 530 -32.57 -7.86 0.43
C ILE C 530 -32.56 -6.36 0.12
N ALA C 531 -31.44 -5.70 0.38
CA ALA C 531 -31.29 -4.29 0.09
C ALA C 531 -30.64 -4.10 -1.29
N GLN C 532 -30.87 -2.91 -1.86
CA GLN C 532 -30.43 -2.60 -3.23
C GLN C 532 -29.72 -1.25 -3.25
N PRO C 533 -28.45 -1.20 -2.83
CA PRO C 533 -27.68 0.04 -2.93
C PRO C 533 -27.32 0.33 -4.38
N PRO C 534 -27.06 1.59 -4.73
CA PRO C 534 -26.72 1.92 -6.11
C PRO C 534 -25.25 1.64 -6.41
N LEU C 535 -24.92 1.70 -7.69
CA LEU C 535 -23.56 1.46 -8.18
C LEU C 535 -22.91 2.68 -8.80
N TYR C 536 -23.67 3.51 -9.51
CA TYR C 536 -23.13 4.67 -10.21
C TYR C 536 -23.81 5.95 -9.74
N LYS C 537 -23.10 7.05 -9.87
CA LYS C 537 -23.64 8.39 -9.66
C LYS C 537 -23.18 9.29 -10.80
N VAL C 538 -24.12 10.01 -11.39
CA VAL C 538 -23.85 10.82 -12.58
C VAL C 538 -24.18 12.27 -12.27
N LYS C 539 -23.35 13.18 -12.77
CA LYS C 539 -23.53 14.61 -12.61
C LYS C 539 -23.36 15.31 -13.94
N LYS C 540 -24.21 16.31 -14.19
CA LYS C 540 -24.10 17.15 -15.39
C LYS C 540 -24.59 18.54 -15.00
N GLY C 541 -23.65 19.41 -14.65
CA GLY C 541 -23.99 20.72 -14.16
C GLY C 541 -24.52 20.67 -12.73
N LYS C 542 -25.76 21.11 -12.55
CA LYS C 542 -26.42 21.03 -11.25
C LYS C 542 -27.42 19.89 -11.16
N GLN C 543 -27.38 18.96 -12.12
N GLN C 543 -27.38 18.96 -12.12
CA GLN C 543 -28.30 17.83 -12.16
CA GLN C 543 -28.30 17.83 -12.16
C GLN C 543 -27.58 16.57 -11.71
C GLN C 543 -27.58 16.57 -11.71
N GLU C 544 -28.21 15.81 -10.82
CA GLU C 544 -27.63 14.60 -10.26
C GLU C 544 -28.64 13.46 -10.28
N GLN C 545 -28.12 12.24 -10.37
CA GLN C 545 -28.95 11.04 -10.37
C GLN C 545 -28.15 9.87 -9.81
N TYR C 546 -28.86 8.81 -9.46
CA TYR C 546 -28.25 7.57 -9.01
C TYR C 546 -28.64 6.44 -9.96
N ILE C 547 -27.66 5.60 -10.30
CA ILE C 547 -27.84 4.53 -11.27
C ILE C 547 -27.55 3.20 -10.59
N LYS C 548 -28.42 2.22 -10.83
CA LYS C 548 -28.30 0.91 -10.18
C LYS C 548 -27.36 -0.04 -10.92
N ASP C 549 -27.53 -0.19 -12.23
CA ASP C 549 -26.75 -1.16 -12.98
C ASP C 549 -26.53 -0.63 -14.40
N ASP C 550 -26.07 -1.52 -15.29
CA ASP C 550 -25.65 -1.10 -16.63
C ASP C 550 -26.85 -0.76 -17.51
N GLU C 551 -27.96 -1.50 -17.36
CA GLU C 551 -29.14 -1.21 -18.17
C GLU C 551 -29.66 0.18 -17.91
N ALA C 552 -29.72 0.58 -16.63
CA ALA C 552 -30.11 1.94 -16.29
C ALA C 552 -29.13 2.95 -16.84
N MET C 553 -27.83 2.61 -16.88
CA MET C 553 -26.84 3.51 -17.46
C MET C 553 -27.11 3.73 -18.95
N ASP C 554 -27.40 2.64 -19.68
CA ASP C 554 -27.72 2.77 -21.10
C ASP C 554 -28.98 3.60 -21.31
N GLN C 555 -30.01 3.35 -20.50
CA GLN C 555 -31.25 4.12 -20.62
C GLN C 555 -31.01 5.59 -20.35
N TYR C 556 -30.22 5.90 -19.32
CA TYR C 556 -29.91 7.30 -19.01
C TYR C 556 -29.13 7.95 -20.15
N GLN C 557 -28.17 7.24 -20.72
CA GLN C 557 -27.40 7.80 -21.83
C GLN C 557 -28.31 8.09 -23.02
N ILE C 558 -29.20 7.16 -23.35
CA ILE C 558 -30.14 7.39 -24.46
C ILE C 558 -31.05 8.57 -24.14
N SER C 559 -31.53 8.65 -22.91
CA SER C 559 -32.46 9.73 -22.54
C SER C 559 -31.78 11.10 -22.65
N ILE C 560 -30.54 11.22 -22.16
CA ILE C 560 -29.84 12.49 -22.25
C ILE C 560 -29.29 12.75 -23.64
N ALA C 561 -29.25 11.73 -24.51
CA ALA C 561 -28.75 11.94 -25.86
C ALA C 561 -29.71 12.76 -26.71
N LEU C 562 -31.01 12.69 -26.43
CA LEU C 562 -32.00 13.38 -27.26
C LEU C 562 -32.27 14.79 -26.74
N ASP C 563 -32.81 14.90 -25.52
CA ASP C 563 -33.16 16.18 -24.91
C ASP C 563 -33.93 17.09 -25.88
N GLY C 564 -33.28 18.14 -26.37
CA GLY C 564 -33.93 19.09 -27.24
C GLY C 564 -33.60 18.92 -28.72
N ALA C 565 -33.11 17.75 -29.10
CA ALA C 565 -32.74 17.50 -30.49
C ALA C 565 -33.99 17.45 -31.37
N THR C 566 -33.90 18.06 -32.55
CA THR C 566 -34.96 18.05 -33.54
C THR C 566 -34.37 17.75 -34.91
N LEU C 567 -34.99 16.83 -35.64
CA LEU C 567 -34.50 16.37 -36.92
C LEU C 567 -35.42 16.81 -38.05
N HIS C 568 -34.83 17.29 -39.14
CA HIS C 568 -35.57 17.73 -40.31
C HIS C 568 -35.22 16.83 -41.48
N THR C 569 -36.25 16.25 -42.13
CA THR C 569 -36.02 15.35 -43.24
C THR C 569 -35.40 16.08 -44.43
N ASN C 570 -35.86 17.29 -44.71
CA ASN C 570 -35.30 18.10 -45.78
C ASN C 570 -35.12 19.53 -45.28
N ALA C 571 -34.80 20.43 -46.21
CA ALA C 571 -34.46 21.80 -45.82
C ALA C 571 -35.63 22.53 -45.22
N SER C 572 -36.83 22.36 -45.78
CA SER C 572 -37.97 23.16 -45.37
C SER C 572 -39.11 22.30 -44.84
N ALA C 573 -38.80 21.37 -43.93
CA ALA C 573 -39.82 20.53 -43.33
C ALA C 573 -39.81 20.69 -41.81
N PRO C 574 -40.97 20.54 -41.17
CA PRO C 574 -41.01 20.64 -39.70
C PRO C 574 -40.34 19.45 -39.05
N ALA C 575 -39.95 19.65 -37.79
CA ALA C 575 -39.25 18.61 -37.04
C ALA C 575 -40.20 17.47 -36.69
N LEU C 576 -39.63 16.27 -36.61
CA LEU C 576 -40.40 15.09 -36.25
C LEU C 576 -40.74 15.11 -34.76
N ALA C 577 -41.79 14.36 -34.41
CA ALA C 577 -42.20 14.26 -33.01
C ALA C 577 -41.17 13.47 -32.21
N GLY C 578 -41.12 13.76 -30.90
CA GLY C 578 -40.14 13.11 -30.05
C GLY C 578 -40.40 11.62 -29.88
N GLU C 579 -41.67 11.23 -29.75
CA GLU C 579 -42.01 9.83 -29.51
C GLU C 579 -41.61 8.96 -30.68
N ALA C 580 -41.86 9.42 -31.91
CA ALA C 580 -41.48 8.64 -33.09
C ALA C 580 -39.98 8.47 -33.18
N LEU C 581 -39.23 9.54 -32.92
CA LEU C 581 -37.77 9.44 -32.93
C LEU C 581 -37.26 8.49 -31.87
N GLU C 582 -37.85 8.54 -30.67
CA GLU C 582 -37.45 7.63 -29.61
C GLU C 582 -37.73 6.18 -29.98
N LYS C 583 -38.90 5.93 -30.58
CA LYS C 583 -39.24 4.57 -31.00
C LYS C 583 -38.29 4.08 -32.08
N LEU C 584 -37.94 4.95 -33.04
CA LEU C 584 -36.97 4.57 -34.07
C LEU C 584 -35.62 4.25 -33.46
N VAL C 585 -35.17 5.06 -32.51
CA VAL C 585 -33.87 4.81 -31.87
C VAL C 585 -33.89 3.49 -31.13
N SER C 586 -34.99 3.20 -30.41
CA SER C 586 -35.08 1.95 -29.66
C SER C 586 -35.05 0.75 -30.60
N GLU C 587 -35.83 0.80 -31.69
CA GLU C 587 -35.84 -0.31 -32.63
C GLU C 587 -34.49 -0.50 -33.30
N TYR C 588 -33.84 0.61 -33.67
CA TYR C 588 -32.53 0.52 -34.29
C TYR C 588 -31.50 -0.08 -33.33
N ASN C 589 -31.53 0.33 -32.07
CA ASN C 589 -30.60 -0.23 -31.08
C ASN C 589 -30.85 -1.71 -30.88
N ALA C 590 -32.12 -2.13 -30.81
CA ALA C 590 -32.42 -3.55 -30.68
C ALA C 590 -31.91 -4.34 -31.88
N THR C 591 -32.13 -3.83 -33.08
CA THR C 591 -31.66 -4.51 -34.29
C THR C 591 -30.13 -4.60 -34.32
N GLN C 592 -29.45 -3.51 -33.93
CA GLN C 592 -27.99 -3.54 -33.90
C GLN C 592 -27.48 -4.54 -32.86
N LYS C 593 -28.14 -4.62 -31.71
CA LYS C 593 -27.75 -5.59 -30.69
C LYS C 593 -27.93 -7.02 -31.21
N MET C 594 -29.01 -7.27 -31.95
CA MET C 594 -29.25 -8.60 -32.47
C MET C 594 -28.17 -9.03 -33.46
N ILE C 595 -27.63 -8.08 -34.23
CA ILE C 595 -26.67 -8.41 -35.28
C ILE C 595 -25.37 -8.94 -34.68
N ASN C 596 -24.89 -8.33 -33.59
CA ASN C 596 -23.58 -8.68 -33.05
C ASN C 596 -23.53 -10.12 -32.56
N ARG C 597 -24.67 -10.69 -32.17
CA ARG C 597 -24.67 -12.06 -31.68
C ARG C 597 -24.43 -13.06 -32.81
N MET C 598 -24.89 -12.76 -34.03
CA MET C 598 -24.69 -13.62 -35.19
C MET C 598 -23.49 -13.20 -36.03
N GLU C 599 -22.47 -12.61 -35.39
CA GLU C 599 -21.31 -12.11 -36.12
C GLU C 599 -20.39 -13.23 -36.58
N ARG C 600 -20.33 -14.34 -35.85
CA ARG C 600 -19.41 -15.42 -36.20
C ARG C 600 -19.89 -16.26 -37.37
N ARG C 601 -21.11 -16.03 -37.86
CA ARG C 601 -21.65 -16.78 -38.98
C ARG C 601 -21.65 -16.01 -40.30
N TYR C 602 -21.76 -14.68 -40.25
CA TYR C 602 -21.75 -13.86 -41.45
C TYR C 602 -20.94 -12.60 -41.18
N PRO C 603 -20.36 -12.00 -42.22
CA PRO C 603 -19.68 -10.72 -42.03
C PRO C 603 -20.67 -9.65 -41.58
N LYS C 604 -20.19 -8.76 -40.70
CA LYS C 604 -21.07 -7.74 -40.16
C LYS C 604 -21.38 -6.66 -41.18
N ALA C 605 -20.42 -6.34 -42.04
CA ALA C 605 -20.65 -5.33 -43.08
C ALA C 605 -21.75 -5.76 -44.04
N MET C 606 -21.75 -7.04 -44.43
CA MET C 606 -22.79 -7.55 -45.30
C MET C 606 -24.16 -7.47 -44.63
N LEU C 607 -24.23 -7.83 -43.35
CA LEU C 607 -25.50 -7.79 -42.63
C LEU C 607 -26.02 -6.37 -42.50
N LYS C 608 -25.13 -5.41 -42.26
CA LYS C 608 -25.56 -4.02 -42.14
C LYS C 608 -26.11 -3.48 -43.45
N GLU C 609 -25.56 -3.92 -44.59
CA GLU C 609 -25.99 -3.40 -45.87
C GLU C 609 -27.36 -3.93 -46.30
N LEU C 610 -27.78 -5.08 -45.76
CA LEU C 610 -29.07 -5.65 -46.16
C LEU C 610 -30.24 -4.79 -45.71
N ILE C 611 -30.03 -3.87 -44.76
CA ILE C 611 -31.12 -3.01 -44.31
C ILE C 611 -31.60 -2.09 -45.42
N TYR C 612 -30.67 -1.49 -46.16
CA TYR C 612 -31.00 -0.52 -47.18
C TYR C 612 -31.27 -1.13 -48.56
N GLN C 613 -31.03 -2.43 -48.72
CA GLN C 613 -31.32 -2.99 -50.03
C GLN C 613 -32.78 -3.43 -50.12
N PRO C 614 -33.35 -3.46 -51.32
CA PRO C 614 -34.74 -3.88 -51.47
C PRO C 614 -34.96 -5.30 -50.97
N THR C 615 -36.12 -5.53 -50.38
CA THR C 615 -36.45 -6.83 -49.80
C THR C 615 -36.56 -7.90 -50.89
N LEU C 616 -35.97 -9.06 -50.63
CA LEU C 616 -36.05 -10.21 -51.53
C LEU C 616 -37.04 -11.22 -50.94
N THR C 617 -38.05 -11.59 -51.72
CA THR C 617 -39.09 -12.47 -51.27
C THR C 617 -38.88 -13.89 -51.78
N GLU C 618 -39.63 -14.82 -51.20
CA GLU C 618 -39.52 -16.23 -51.59
C GLU C 618 -39.98 -16.44 -53.04
N ALA C 619 -41.01 -15.71 -53.46
CA ALA C 619 -41.51 -15.84 -54.83
C ALA C 619 -40.50 -15.37 -55.87
N ASP C 620 -39.49 -14.59 -55.46
CA ASP C 620 -38.46 -14.11 -56.36
C ASP C 620 -37.25 -15.04 -56.43
N LEU C 621 -37.33 -16.20 -55.79
CA LEU C 621 -36.20 -17.12 -55.71
C LEU C 621 -36.11 -18.07 -56.89
N SER C 622 -36.99 -17.92 -57.89
CA SER C 622 -36.99 -18.80 -59.05
C SER C 622 -36.86 -18.05 -60.37
N ASP C 623 -36.79 -16.72 -60.35
CA ASP C 623 -36.71 -15.96 -61.60
C ASP C 623 -35.35 -16.05 -62.25
N GLU C 624 -34.28 -16.15 -61.44
CA GLU C 624 -32.90 -16.29 -61.90
C GLU C 624 -32.38 -15.00 -62.52
N GLN C 625 -33.25 -14.01 -62.68
CA GLN C 625 -32.86 -12.70 -63.19
C GLN C 625 -32.95 -11.60 -62.14
N THR C 626 -34.02 -11.59 -61.35
CA THR C 626 -34.08 -10.64 -60.24
C THR C 626 -32.97 -10.91 -59.23
N VAL C 627 -32.68 -12.19 -58.97
CA VAL C 627 -31.62 -12.55 -58.03
C VAL C 627 -30.27 -12.04 -58.51
N THR C 628 -29.99 -12.21 -59.81
CA THR C 628 -28.68 -11.80 -60.33
C THR C 628 -28.48 -10.29 -60.16
N ARG C 629 -29.47 -9.49 -60.57
CA ARG C 629 -29.36 -8.05 -60.42
C ARG C 629 -29.30 -7.63 -58.96
N TRP C 630 -30.08 -8.28 -58.10
CA TRP C 630 -30.07 -7.95 -56.68
C TRP C 630 -28.68 -8.17 -56.08
N VAL C 631 -28.09 -9.34 -56.35
CA VAL C 631 -26.78 -9.64 -55.78
C VAL C 631 -25.70 -8.77 -56.41
N ASN C 632 -25.82 -8.46 -57.70
CA ASN C 632 -24.85 -7.58 -58.33
C ASN C 632 -24.88 -6.19 -57.71
N ALA C 633 -26.08 -5.66 -57.47
CA ALA C 633 -26.20 -4.35 -56.82
C ALA C 633 -25.62 -4.40 -55.41
N LEU C 634 -25.92 -5.47 -54.67
CA LEU C 634 -25.39 -5.59 -53.31
C LEU C 634 -23.86 -5.60 -53.31
N VAL C 635 -23.26 -6.37 -54.22
CA VAL C 635 -21.80 -6.48 -54.27
C VAL C 635 -21.18 -5.16 -54.72
N SER C 636 -21.81 -4.48 -55.67
CA SER C 636 -21.30 -3.18 -56.10
C SER C 636 -21.34 -2.18 -54.96
N GLU C 637 -22.44 -2.16 -54.19
CA GLU C 637 -22.53 -1.25 -53.06
C GLU C 637 -21.49 -1.59 -51.99
N LEU C 638 -21.26 -2.88 -51.74
CA LEU C 638 -20.23 -3.27 -50.78
C LEU C 638 -18.85 -2.83 -51.24
N ASN C 639 -18.54 -3.02 -52.52
CA ASN C 639 -17.23 -2.64 -53.03
C ASN C 639 -17.05 -1.12 -53.06
N ASP C 640 -18.13 -0.36 -53.19
CA ASP C 640 -18.01 1.08 -53.30
C ASP C 640 -17.50 1.71 -51.99
N LYS C 641 -17.96 1.20 -50.84
CA LYS C 641 -17.69 1.82 -49.56
C LYS C 641 -16.58 1.14 -48.78
N GLU C 642 -15.86 0.20 -49.38
CA GLU C 642 -14.82 -0.53 -48.66
C GLU C 642 -13.67 0.40 -48.29
N GLN C 643 -13.17 0.23 -47.06
CA GLN C 643 -12.04 1.03 -46.58
C GLN C 643 -11.00 0.20 -45.83
N HIS C 644 -11.07 -1.13 -45.91
CA HIS C 644 -10.14 -1.99 -45.18
C HIS C 644 -9.37 -2.95 -46.08
N GLY C 645 -9.53 -2.86 -47.39
CA GLY C 645 -8.78 -3.68 -48.31
C GLY C 645 -9.44 -4.97 -48.74
N SER C 646 -10.72 -5.15 -48.46
CA SER C 646 -11.43 -6.37 -48.84
C SER C 646 -11.97 -6.26 -50.26
N GLN C 647 -12.15 -7.43 -50.88
CA GLN C 647 -12.69 -7.53 -52.24
C GLN C 647 -13.91 -8.44 -52.22
N TRP C 648 -14.94 -8.05 -52.97
CA TRP C 648 -16.21 -8.76 -52.96
C TRP C 648 -16.55 -9.26 -54.37
N LYS C 649 -17.03 -10.49 -54.44
CA LYS C 649 -17.51 -11.08 -55.69
C LYS C 649 -18.78 -11.86 -55.40
N PHE C 650 -19.48 -12.26 -56.46
CA PHE C 650 -20.77 -12.92 -56.31
C PHE C 650 -20.85 -14.13 -57.24
N ASP C 651 -21.73 -15.04 -56.87
CA ASP C 651 -22.00 -16.24 -57.65
C ASP C 651 -23.43 -16.69 -57.41
N VAL C 652 -24.01 -17.35 -58.40
CA VAL C 652 -25.39 -17.83 -58.34
C VAL C 652 -25.38 -19.35 -58.41
N HIS C 653 -26.05 -19.99 -57.46
CA HIS C 653 -26.11 -21.44 -57.37
C HIS C 653 -27.48 -21.92 -57.82
N THR C 654 -27.50 -22.92 -58.70
CA THR C 654 -28.75 -23.48 -59.22
C THR C 654 -29.01 -24.81 -58.54
N ASN C 655 -30.21 -24.97 -57.99
CA ASN C 655 -30.63 -26.19 -57.32
C ASN C 655 -31.52 -26.99 -58.26
N ALA C 656 -31.27 -28.28 -58.38
CA ALA C 656 -32.01 -29.16 -59.27
C ALA C 656 -33.28 -29.73 -58.64
N GLU C 657 -33.56 -29.41 -57.37
CA GLU C 657 -34.73 -29.97 -56.70
C GLU C 657 -35.98 -29.14 -57.00
N GLN C 658 -35.96 -27.85 -56.64
CA GLN C 658 -37.09 -26.96 -56.87
C GLN C 658 -36.79 -25.90 -57.90
N ASN C 659 -35.70 -26.04 -58.66
CA ASN C 659 -35.26 -25.03 -59.63
C ASN C 659 -35.08 -23.68 -58.97
N LEU C 660 -34.55 -23.68 -57.75
CA LEU C 660 -34.27 -22.45 -57.03
C LEU C 660 -32.92 -21.88 -57.45
N PHE C 661 -32.64 -20.67 -56.99
CA PHE C 661 -31.39 -19.98 -57.32
C PHE C 661 -30.92 -19.24 -56.06
N GLU C 662 -30.06 -19.89 -55.28
CA GLU C 662 -29.55 -19.34 -54.03
C GLU C 662 -28.35 -18.46 -54.29
N PRO C 663 -28.36 -17.20 -53.83
CA PRO C 663 -27.20 -16.33 -54.01
C PRO C 663 -26.01 -16.79 -53.17
N ILE C 664 -24.81 -16.48 -53.67
CA ILE C 664 -23.57 -16.78 -52.98
C ILE C 664 -22.70 -15.53 -53.00
N VAL C 665 -22.11 -15.20 -51.84
CA VAL C 665 -21.24 -14.04 -51.70
C VAL C 665 -19.85 -14.52 -51.32
N ARG C 666 -18.84 -14.04 -52.05
CA ARG C 666 -17.45 -14.38 -51.79
C ARG C 666 -16.68 -13.12 -51.43
N VAL C 667 -15.71 -13.27 -50.52
CA VAL C 667 -14.93 -12.14 -50.04
C VAL C 667 -13.52 -12.62 -49.74
N ARG C 668 -12.54 -11.75 -50.00
CA ARG C 668 -11.14 -12.01 -49.70
C ARG C 668 -10.68 -11.00 -48.66
N THR C 669 -10.38 -11.47 -47.45
CA THR C 669 -9.91 -10.62 -46.37
C THR C 669 -8.60 -11.17 -45.84
N HIS C 670 -7.59 -10.31 -45.74
CA HIS C 670 -6.27 -10.68 -45.23
C HIS C 670 -5.62 -11.78 -46.06
N GLY C 671 -6.01 -11.89 -47.33
CA GLY C 671 -5.48 -12.93 -48.18
C GLY C 671 -6.16 -14.28 -48.03
N VAL C 672 -7.33 -14.33 -47.41
CA VAL C 672 -8.06 -15.57 -47.18
C VAL C 672 -9.43 -15.46 -47.85
N ASP C 673 -9.80 -16.49 -48.60
CA ASP C 673 -11.06 -16.52 -49.32
C ASP C 673 -12.11 -17.31 -48.54
N THR C 674 -13.34 -16.82 -48.57
CA THR C 674 -14.44 -17.47 -47.87
C THR C 674 -15.73 -17.24 -48.66
N ASP C 675 -16.61 -18.25 -48.65
CA ASP C 675 -17.88 -18.20 -49.33
C ASP C 675 -19.01 -18.25 -48.32
N TYR C 676 -19.99 -17.36 -48.47
CA TYR C 676 -21.15 -17.31 -47.59
C TYR C 676 -22.43 -17.47 -48.41
N PRO C 677 -23.04 -18.65 -48.44
CA PRO C 677 -24.26 -18.83 -49.22
C PRO C 677 -25.49 -18.37 -48.46
N LEU C 678 -26.42 -17.76 -49.20
CA LEU C 678 -27.72 -17.33 -48.67
C LEU C 678 -28.76 -18.30 -49.20
N ASP C 679 -29.12 -19.29 -48.39
CA ASP C 679 -29.97 -20.39 -48.84
C ASP C 679 -31.44 -20.04 -48.63
N HIS C 680 -32.31 -21.02 -48.87
CA HIS C 680 -33.75 -20.82 -48.71
C HIS C 680 -34.11 -20.57 -47.24
N GLU C 681 -33.45 -21.27 -46.32
CA GLU C 681 -33.79 -21.15 -44.91
C GLU C 681 -33.51 -19.75 -44.39
N PHE C 682 -32.41 -19.14 -44.83
CA PHE C 682 -32.05 -17.81 -44.35
C PHE C 682 -33.09 -16.77 -44.76
N ILE C 683 -33.62 -16.88 -45.97
CA ILE C 683 -34.60 -15.91 -46.46
C ILE C 683 -35.86 -15.94 -45.60
N THR C 684 -36.28 -17.13 -45.18
CA THR C 684 -37.50 -17.29 -44.40
C THR C 684 -37.25 -17.20 -42.89
N GLY C 685 -36.02 -16.90 -42.46
CA GLY C 685 -35.74 -16.79 -41.05
C GLY C 685 -36.25 -15.51 -40.43
N GLY C 686 -36.19 -15.47 -39.09
CA GLY C 686 -36.67 -14.31 -38.37
C GLY C 686 -35.75 -13.12 -38.39
N GLU C 687 -34.44 -13.36 -38.47
CA GLU C 687 -33.48 -12.26 -38.48
C GLU C 687 -33.66 -11.39 -39.72
N TYR C 688 -33.80 -12.03 -40.88
CA TYR C 688 -34.04 -11.27 -42.11
C TYR C 688 -35.39 -10.56 -42.06
N ARG C 689 -36.38 -11.18 -41.43
CA ARG C 689 -37.67 -10.52 -41.26
C ARG C 689 -37.55 -9.25 -40.44
N ARG C 690 -36.81 -9.31 -39.33
CA ARG C 690 -36.61 -8.12 -38.50
C ARG C 690 -35.82 -7.05 -39.26
N ILE C 691 -34.79 -7.47 -40.00
CA ILE C 691 -34.00 -6.53 -40.78
C ILE C 691 -34.88 -5.81 -41.80
N CYS C 692 -35.73 -6.56 -42.50
CA CYS C 692 -36.62 -5.96 -43.49
C CYS C 692 -37.65 -5.06 -42.81
N THR C 693 -38.12 -5.45 -41.63
CA THR C 693 -39.08 -4.61 -40.90
C THR C 693 -38.45 -3.26 -40.56
N LEU C 694 -37.19 -3.27 -40.09
CA LEU C 694 -36.51 -2.01 -39.83
C LEU C 694 -36.27 -1.23 -41.11
N GLY C 695 -35.89 -1.92 -42.18
CA GLY C 695 -35.62 -1.24 -43.44
C GLY C 695 -36.85 -0.55 -44.02
N GLU C 696 -38.02 -1.16 -43.84
CA GLU C 696 -39.24 -0.54 -44.35
C GLU C 696 -39.44 0.86 -43.80
N LYS C 697 -39.15 1.05 -42.51
CA LYS C 697 -39.23 2.38 -41.93
C LYS C 697 -38.03 3.24 -42.31
N LEU C 698 -36.83 2.64 -42.38
CA LEU C 698 -35.62 3.43 -42.58
C LEU C 698 -35.45 3.91 -44.01
N ARG C 699 -35.83 3.09 -45.00
CA ARG C 699 -35.53 3.40 -46.40
C ARG C 699 -36.23 4.67 -46.85
N GLY C 700 -35.46 5.57 -47.45
CA GLY C 700 -36.02 6.76 -48.07
C GLY C 700 -36.44 7.86 -47.11
N LEU C 701 -36.10 7.75 -45.83
CA LEU C 701 -36.56 8.74 -44.86
C LEU C 701 -35.85 10.07 -45.05
N LEU C 702 -34.54 10.09 -44.89
CA LEU C 702 -33.78 11.33 -44.99
C LEU C 702 -33.53 11.69 -46.45
N GLU C 703 -33.81 12.93 -46.81
CA GLU C 703 -33.54 13.43 -48.15
C GLU C 703 -32.13 13.99 -48.20
N GLU C 704 -31.80 14.69 -49.29
CA GLU C 704 -30.43 15.14 -49.50
C GLU C 704 -30.04 16.21 -48.49
N ASP C 705 -30.86 17.24 -48.34
CA ASP C 705 -30.54 18.38 -47.48
C ASP C 705 -31.22 18.24 -46.12
N ALA C 706 -30.74 17.25 -45.36
CA ALA C 706 -31.23 16.98 -44.02
C ALA C 706 -30.21 17.45 -43.00
N PHE C 707 -30.67 18.14 -41.97
CA PHE C 707 -29.82 18.65 -40.90
C PHE C 707 -30.45 18.35 -39.55
N ILE C 708 -29.59 18.21 -38.54
CA ILE C 708 -30.00 17.92 -37.18
C ILE C 708 -29.50 19.04 -36.28
N GLU C 709 -30.35 19.50 -35.36
CA GLU C 709 -29.98 20.56 -34.43
C GLU C 709 -30.37 20.15 -33.02
N ARG C 710 -29.47 20.41 -32.07
CA ARG C 710 -29.68 20.14 -30.66
C ARG C 710 -29.31 21.40 -29.88
N GLY C 711 -30.32 22.17 -29.49
CA GLY C 711 -30.05 23.44 -28.83
C GLY C 711 -29.69 24.49 -29.84
N GLU C 712 -28.54 25.14 -29.63
CA GLU C 712 -28.05 26.17 -30.55
C GLU C 712 -27.09 25.61 -31.59
N ARG C 713 -26.82 24.31 -31.57
CA ARG C 713 -25.90 23.70 -32.51
C ARG C 713 -26.64 23.22 -33.74
N ARG C 714 -26.02 23.39 -34.91
CA ARG C 714 -26.58 22.96 -36.18
C ARG C 714 -25.56 22.08 -36.90
N GLN C 715 -26.05 21.01 -37.52
CA GLN C 715 -25.16 20.07 -38.19
C GLN C 715 -25.87 19.35 -39.32
N PRO C 716 -25.44 19.51 -40.57
CA PRO C 716 -26.00 18.71 -41.66
C PRO C 716 -25.53 17.27 -41.58
N VAL C 717 -26.41 16.35 -41.98
CA VAL C 717 -26.12 14.93 -41.92
C VAL C 717 -26.52 14.29 -43.24
N ALA C 718 -25.97 13.10 -43.47
CA ALA C 718 -26.29 12.31 -44.65
C ALA C 718 -26.87 10.93 -44.33
N SER C 719 -26.86 10.51 -43.07
CA SER C 719 -27.38 9.21 -42.70
C SER C 719 -27.86 9.25 -41.26
N PHE C 720 -28.72 8.28 -40.91
CA PHE C 720 -29.24 8.17 -39.55
C PHE C 720 -28.12 7.90 -38.55
N GLU C 721 -27.19 7.01 -38.92
CA GLU C 721 -26.10 6.65 -38.03
C GLU C 721 -25.24 7.86 -37.69
N GLN C 722 -24.94 8.70 -38.68
CA GLN C 722 -24.12 9.88 -38.45
C GLN C 722 -24.79 10.83 -37.47
N ALA C 723 -26.10 11.07 -37.65
CA ALA C 723 -26.83 11.94 -36.74
C ALA C 723 -26.85 11.37 -35.33
N LEU C 724 -27.09 10.06 -35.20
CA LEU C 724 -27.10 9.44 -33.88
C LEU C 724 -25.74 9.56 -33.20
N ASP C 725 -24.66 9.32 -33.94
CA ASP C 725 -23.32 9.44 -33.38
C ASP C 725 -23.02 10.87 -32.97
N TRP C 726 -23.43 11.84 -33.78
CA TRP C 726 -23.21 13.24 -33.43
C TRP C 726 -23.97 13.61 -32.16
N LEU C 727 -25.21 13.14 -32.02
CA LEU C 727 -25.96 13.40 -30.80
C LEU C 727 -25.29 12.78 -29.59
N VAL C 728 -24.83 11.53 -29.73
CA VAL C 728 -24.17 10.86 -28.62
C VAL C 728 -22.90 11.61 -28.22
N LYS C 729 -22.11 12.04 -29.19
CA LYS C 729 -20.88 12.77 -28.88
C LYS C 729 -21.18 14.10 -28.22
N GLU C 730 -22.22 14.81 -28.69
CA GLU C 730 -22.58 16.09 -28.09
C GLU C 730 -23.06 15.92 -26.66
N SER C 731 -23.81 14.85 -26.38
CA SER C 731 -24.41 14.68 -25.05
C SER C 731 -23.38 14.37 -23.96
N ARG C 732 -22.14 14.05 -24.33
CA ARG C 732 -21.13 13.61 -23.36
C ARG C 732 -20.12 14.70 -23.03
N ARG C 733 -20.54 15.96 -22.98
CA ARG C 733 -19.68 17.06 -22.57
C ARG C 733 -20.10 17.54 -21.18
N GLY C 734 -19.14 17.59 -20.26
CA GLY C 734 -19.42 17.98 -18.89
C GLY C 734 -19.95 16.86 -18.02
N LEU C 735 -20.08 15.65 -18.55
CA LEU C 735 -20.63 14.54 -17.78
C LEU C 735 -19.56 13.94 -16.87
N SER C 736 -19.95 13.60 -15.65
CA SER C 736 -19.07 12.98 -14.67
C SER C 736 -19.70 11.70 -14.17
N ILE C 737 -18.87 10.66 -14.05
CA ILE C 737 -19.32 9.33 -13.62
C ILE C 737 -18.47 8.90 -12.44
N GLN C 738 -19.11 8.42 -11.38
CA GLN C 738 -18.42 7.94 -10.19
C GLN C 738 -18.91 6.53 -9.88
N ARG C 739 -17.97 5.64 -9.58
CA ARG C 739 -18.27 4.23 -9.32
C ARG C 739 -17.88 3.88 -7.89
N TYR C 740 -18.76 3.17 -7.20
CA TYR C 740 -18.55 2.81 -5.80
C TYR C 740 -18.02 1.38 -5.72
N LYS C 741 -16.79 1.23 -5.21
CA LYS C 741 -16.22 -0.09 -5.05
C LYS C 741 -16.86 -0.83 -3.87
N GLY C 742 -17.20 -0.10 -2.82
CA GLY C 742 -17.84 -0.69 -1.67
C GLY C 742 -18.64 0.37 -0.92
N LEU C 743 -19.27 -0.06 0.17
CA LEU C 743 -20.06 0.87 0.98
C LEU C 743 -19.19 1.88 1.72
N GLY C 744 -17.89 1.60 1.88
CA GLY C 744 -17.00 2.54 2.52
C GLY C 744 -16.60 3.72 1.66
N GLU C 745 -16.96 3.71 0.39
CA GLU C 745 -16.68 4.81 -0.53
C GLU C 745 -17.77 5.87 -0.53
N MET C 746 -18.89 5.63 0.15
CA MET C 746 -20.01 6.54 0.18
C MET C 746 -20.02 7.32 1.49
N ASN C 747 -20.54 8.54 1.42
CA ASN C 747 -20.76 9.31 2.64
C ASN C 747 -21.98 8.77 3.39
N PRO C 748 -21.98 8.89 4.72
CA PRO C 748 -23.10 8.32 5.50
C PRO C 748 -24.46 8.88 5.11
N GLU C 749 -24.55 10.18 4.81
CA GLU C 749 -25.82 10.78 4.46
C GLU C 749 -26.36 10.18 3.16
N GLN C 750 -25.48 9.98 2.17
CA GLN C 750 -25.90 9.37 0.91
C GLN C 750 -26.42 7.96 1.15
N LEU C 751 -25.70 7.16 1.94
CA LEU C 751 -26.13 5.81 2.23
C LEU C 751 -27.49 5.79 2.92
N TRP C 752 -27.67 6.66 3.91
CA TRP C 752 -28.96 6.77 4.58
C TRP C 752 -30.07 7.09 3.58
N GLU C 753 -29.95 8.22 2.89
CA GLU C 753 -31.01 8.70 2.03
C GLU C 753 -31.27 7.78 0.84
N THR C 754 -30.32 6.92 0.49
CA THR C 754 -30.50 6.04 -0.65
C THR C 754 -30.95 4.62 -0.29
N THR C 755 -30.62 4.13 0.91
CA THR C 755 -30.92 2.74 1.21
C THR C 755 -31.63 2.54 2.55
N MET C 756 -31.35 3.39 3.54
CA MET C 756 -31.77 3.10 4.90
C MET C 756 -32.97 3.92 5.36
N ASP C 757 -33.37 4.94 4.61
CA ASP C 757 -34.54 5.72 4.99
C ASP C 757 -35.81 4.94 4.66
N PRO C 758 -36.67 4.66 5.65
CA PRO C 758 -37.88 3.89 5.34
C PRO C 758 -38.83 4.59 4.38
N GLU C 759 -38.71 5.90 4.21
CA GLU C 759 -39.60 6.65 3.34
C GLU C 759 -39.14 6.66 1.88
N SER C 760 -37.90 6.29 1.60
CA SER C 760 -37.38 6.36 0.24
C SER C 760 -36.51 5.16 -0.12
N ARG C 761 -36.83 3.98 0.43
CA ARG C 761 -36.07 2.78 0.16
C ARG C 761 -36.95 1.75 -0.52
N ARG C 762 -36.31 0.85 -1.28
CA ARG C 762 -36.99 -0.25 -1.93
C ARG C 762 -36.24 -1.54 -1.65
N MET C 763 -36.96 -2.55 -1.17
CA MET C 763 -36.37 -3.83 -0.79
C MET C 763 -37.19 -4.97 -1.37
N LEU C 764 -36.67 -6.17 -1.22
CA LEU C 764 -37.30 -7.39 -1.70
C LEU C 764 -37.49 -8.36 -0.54
N ARG C 765 -38.62 -9.04 -0.52
CA ARG C 765 -38.92 -10.06 0.48
C ARG C 765 -38.79 -11.44 -0.16
N VAL C 766 -38.03 -12.32 0.49
CA VAL C 766 -37.72 -13.63 -0.06
C VAL C 766 -38.83 -14.61 0.32
N THR C 767 -39.36 -15.30 -0.69
CA THR C 767 -40.38 -16.33 -0.48
C THR C 767 -39.97 -17.59 -1.23
N VAL C 768 -40.63 -18.69 -0.89
CA VAL C 768 -40.36 -20.00 -1.49
C VAL C 768 -41.61 -20.46 -2.21
N LYS C 769 -41.47 -20.82 -3.49
CA LYS C 769 -42.60 -21.27 -4.29
C LYS C 769 -42.76 -22.79 -4.23
N ASP C 770 -41.72 -23.53 -4.64
CA ASP C 770 -41.75 -24.98 -4.65
C ASP C 770 -40.55 -25.51 -3.88
N ALA C 771 -40.81 -26.42 -2.94
CA ALA C 771 -39.72 -26.98 -2.14
C ALA C 771 -38.89 -28.00 -2.90
N ILE C 772 -39.50 -28.73 -3.83
CA ILE C 772 -38.77 -29.77 -4.56
C ILE C 772 -37.73 -29.15 -5.48
N ALA C 773 -38.12 -28.13 -6.24
CA ALA C 773 -37.20 -27.53 -7.20
C ALA C 773 -36.05 -26.80 -6.50
N ALA C 774 -36.35 -26.12 -5.39
CA ALA C 774 -35.31 -25.35 -4.70
C ALA C 774 -34.20 -26.25 -4.19
N ASP C 775 -34.55 -27.39 -3.61
CA ASP C 775 -33.53 -28.30 -3.10
C ASP C 775 -32.64 -28.82 -4.22
N GLN C 776 -33.24 -29.19 -5.35
CA GLN C 776 -32.47 -29.67 -6.48
C GLN C 776 -31.54 -28.58 -7.01
N LEU C 777 -32.04 -27.35 -7.12
CA LEU C 777 -31.20 -26.26 -7.60
C LEU C 777 -30.04 -25.99 -6.66
N PHE C 778 -30.30 -26.00 -5.34
CA PHE C 778 -29.22 -25.80 -4.38
C PHE C 778 -28.18 -26.91 -4.46
N THR C 779 -28.64 -28.15 -4.59
CA THR C 779 -27.70 -29.28 -4.71
C THR C 779 -26.86 -29.16 -5.98
N THR C 780 -27.49 -28.77 -7.09
CA THR C 780 -26.77 -28.64 -8.35
C THR C 780 -25.74 -27.52 -8.30
N LEU C 781 -26.11 -26.36 -7.74
CA LEU C 781 -25.22 -25.21 -7.81
C LEU C 781 -24.15 -25.23 -6.73
N MET C 782 -24.52 -25.52 -5.48
CA MET C 782 -23.60 -25.43 -4.37
C MET C 782 -23.04 -26.78 -3.95
N GLY C 783 -23.32 -27.85 -4.70
CA GLY C 783 -22.88 -29.17 -4.32
C GLY C 783 -21.41 -29.41 -4.63
N ASP C 784 -20.93 -30.58 -4.16
CA ASP C 784 -19.54 -30.95 -4.37
C ASP C 784 -19.28 -31.43 -5.80
N ALA C 785 -20.27 -32.03 -6.44
CA ALA C 785 -20.10 -32.51 -7.81
C ALA C 785 -19.86 -31.34 -8.77
N VAL C 786 -19.06 -31.60 -9.79
CA VAL C 786 -18.63 -30.57 -10.73
C VAL C 786 -19.36 -30.68 -12.07
N GLU C 787 -19.55 -31.91 -12.56
CA GLU C 787 -20.13 -32.08 -13.89
C GLU C 787 -21.53 -31.50 -14.04
N PRO C 788 -22.48 -31.73 -13.12
CA PRO C 788 -23.79 -31.07 -13.27
C PRO C 788 -23.70 -29.56 -13.28
N ARG C 789 -22.81 -28.98 -12.47
CA ARG C 789 -22.65 -27.54 -12.45
C ARG C 789 -22.12 -27.03 -13.79
N ARG C 790 -21.13 -27.73 -14.35
CA ARG C 790 -20.60 -27.33 -15.66
C ARG C 790 -21.65 -27.44 -16.73
N ALA C 791 -22.44 -28.51 -16.72
CA ALA C 791 -23.50 -28.67 -17.71
C ALA C 791 -24.55 -27.57 -17.60
N PHE C 792 -24.94 -27.24 -16.36
CA PHE C 792 -25.92 -26.17 -16.16
C PHE C 792 -25.38 -24.83 -16.63
N ILE C 793 -24.10 -24.54 -16.35
CA ILE C 793 -23.51 -23.29 -16.80
C ILE C 793 -23.46 -23.24 -18.32
N GLU C 794 -23.07 -24.34 -18.96
CA GLU C 794 -22.98 -24.37 -20.41
C GLU C 794 -24.34 -24.19 -21.07
N GLU C 795 -25.38 -24.84 -20.53
CA GLU C 795 -26.69 -24.79 -21.16
C GLU C 795 -27.28 -23.38 -21.10
N ASN C 796 -27.28 -22.77 -19.92
CA ASN C 796 -27.97 -21.49 -19.73
C ASN C 796 -27.17 -20.32 -20.31
N ALA C 797 -25.86 -20.36 -20.22
CA ALA C 797 -25.03 -19.23 -20.62
C ALA C 797 -24.61 -19.30 -22.08
N LEU C 798 -23.89 -20.38 -22.45
CA LEU C 798 -23.44 -20.51 -23.83
C LEU C 798 -24.61 -20.61 -24.80
N LYS C 799 -25.62 -21.40 -24.43
CA LYS C 799 -26.84 -21.51 -25.22
C LYS C 799 -27.93 -20.66 -24.59
N ALA C 800 -29.13 -20.74 -25.17
CA ALA C 800 -30.31 -20.00 -24.72
C ALA C 800 -30.12 -18.49 -24.79
N ALA C 801 -29.03 -18.02 -25.37
CA ALA C 801 -28.80 -16.60 -25.58
C ALA C 801 -28.95 -16.17 -27.03
N ASN C 802 -28.77 -17.08 -27.99
CA ASN C 802 -29.01 -16.80 -29.39
C ASN C 802 -30.48 -17.06 -29.68
N ILE C 803 -31.31 -16.11 -29.25
CA ILE C 803 -32.76 -16.25 -29.39
C ILE C 803 -33.12 -16.14 -30.86
N ASP C 804 -33.80 -17.18 -31.38
CA ASP C 804 -34.19 -17.24 -32.78
C ASP C 804 -35.66 -16.88 -32.98
N ILE C 805 -36.18 -15.97 -32.17
CA ILE C 805 -37.57 -15.53 -32.30
C ILE C 805 -37.69 -14.28 -33.15
N GLU C 806 -36.89 -13.27 -32.84
CA GLU C 806 -36.89 -11.98 -33.55
C GLU C 806 -38.29 -11.37 -33.57
N ASN C 807 -38.99 -11.49 -32.44
CA ASN C 807 -40.34 -10.95 -32.32
C ASN C 807 -40.69 -10.70 -30.85
N SER D 10 56.10 36.95 -31.19
CA SER D 10 57.13 36.58 -30.23
C SER D 10 56.82 37.12 -28.85
N ILE D 11 56.03 38.20 -28.81
CA ILE D 11 55.68 38.84 -27.54
C ILE D 11 54.89 37.89 -26.65
N LYS D 12 54.13 36.97 -27.26
CA LYS D 12 53.36 36.01 -26.47
C LYS D 12 54.27 35.11 -25.65
N VAL D 13 55.43 34.74 -26.20
CA VAL D 13 56.39 33.91 -25.48
C VAL D 13 56.87 34.64 -24.23
N LEU D 14 57.08 35.96 -24.33
CA LEU D 14 57.46 36.72 -23.14
C LEU D 14 56.37 36.66 -22.08
N LYS D 15 55.10 36.79 -22.48
CA LYS D 15 54.01 36.70 -21.51
C LYS D 15 53.98 35.33 -20.85
N GLY D 16 54.16 34.27 -21.63
CA GLY D 16 54.16 32.93 -21.05
C GLY D 16 55.30 32.72 -20.07
N LEU D 17 56.51 33.14 -20.44
CA LEU D 17 57.65 32.98 -19.57
C LEU D 17 57.48 33.80 -18.29
N ASP D 18 56.96 35.02 -18.40
CA ASP D 18 56.74 35.83 -17.21
C ASP D 18 55.68 35.22 -16.30
N ALA D 19 54.61 34.67 -16.90
CA ALA D 19 53.59 34.01 -16.09
C ALA D 19 54.16 32.80 -15.36
N VAL D 20 55.03 32.03 -16.03
CA VAL D 20 55.66 30.89 -15.36
C VAL D 20 56.56 31.36 -14.23
N ARG D 21 57.36 32.40 -14.48
CA ARG D 21 58.34 32.83 -13.48
C ARG D 21 57.71 33.56 -12.31
N LYS D 22 56.51 34.12 -12.47
CA LYS D 22 55.90 34.84 -11.37
C LYS D 22 55.57 33.93 -10.19
N ARG D 23 55.04 32.74 -10.48
CA ARG D 23 54.64 31.78 -9.44
C ARG D 23 55.24 30.41 -9.77
N PRO D 24 56.54 30.26 -9.58
CA PRO D 24 57.18 28.97 -9.95
C PRO D 24 56.66 27.79 -9.15
N GLY D 25 56.22 28.00 -7.90
CA GLY D 25 55.83 26.89 -7.07
C GLY D 25 54.60 26.15 -7.54
N MET D 26 53.78 26.76 -8.39
CA MET D 26 52.56 26.14 -8.88
C MET D 26 52.76 25.35 -10.17
N TYR D 27 53.99 25.28 -10.67
CA TYR D 27 54.27 24.55 -11.89
C TYR D 27 55.26 23.40 -11.72
N ILE D 28 56.21 23.52 -10.81
CA ILE D 28 57.24 22.50 -10.65
C ILE D 28 57.21 21.84 -9.27
N GLY D 29 56.62 22.46 -8.25
CA GLY D 29 56.61 21.89 -6.92
C GLY D 29 57.25 22.77 -5.89
N ASP D 30 57.65 22.19 -4.76
CA ASP D 30 58.30 22.96 -3.71
C ASP D 30 59.68 23.42 -4.17
N THR D 31 60.10 24.57 -3.64
CA THR D 31 61.35 25.21 -4.08
C THR D 31 62.34 25.44 -2.95
N ASP D 32 62.13 24.84 -1.77
CA ASP D 32 63.09 25.02 -0.69
C ASP D 32 63.53 23.68 -0.12
N ASP D 33 62.67 22.67 -0.19
CA ASP D 33 63.03 21.35 0.31
C ASP D 33 63.98 20.62 -0.64
N GLY D 34 63.88 20.88 -1.93
CA GLY D 34 64.71 20.20 -2.91
C GLY D 34 63.98 19.10 -3.65
N THR D 35 62.75 19.37 -4.06
CA THR D 35 61.93 18.41 -4.79
C THR D 35 61.84 18.71 -6.28
N GLY D 36 61.44 19.94 -6.63
CA GLY D 36 61.40 20.31 -8.03
C GLY D 36 62.77 20.33 -8.68
N LEU D 37 63.81 20.61 -7.91
CA LEU D 37 65.17 20.59 -8.43
C LEU D 37 65.52 19.23 -9.03
N HIS D 38 64.97 18.15 -8.48
CA HIS D 38 65.13 16.83 -9.06
C HIS D 38 63.99 16.47 -10.00
N HIS D 39 62.82 17.07 -9.81
CA HIS D 39 61.69 16.80 -10.69
C HIS D 39 61.97 17.26 -12.11
N MET D 40 62.71 18.36 -12.26
CA MET D 40 63.10 18.82 -13.60
C MET D 40 63.96 17.78 -14.30
N VAL D 41 64.97 17.25 -13.59
CA VAL D 41 65.82 16.22 -14.16
C VAL D 41 65.01 14.98 -14.52
N PHE D 42 64.10 14.59 -13.63
CA PHE D 42 63.27 13.41 -13.90
C PHE D 42 62.38 13.61 -15.12
N GLU D 43 61.85 14.83 -15.28
CA GLU D 43 61.01 15.12 -16.45
C GLU D 43 61.83 15.02 -17.74
N VAL D 44 63.03 15.61 -17.73
CA VAL D 44 63.89 15.53 -18.92
C VAL D 44 64.25 14.08 -19.22
N VAL D 45 64.57 13.31 -18.18
CA VAL D 45 64.93 11.91 -18.37
C VAL D 45 63.74 11.12 -18.91
N ASP D 46 62.53 11.41 -18.42
CA ASP D 46 61.35 10.72 -18.94
C ASP D 46 61.15 11.03 -20.41
N ASN D 47 61.30 12.29 -20.81
CA ASN D 47 61.19 12.63 -22.22
C ASN D 47 62.24 11.90 -23.04
N ALA D 48 63.49 11.85 -22.55
CA ALA D 48 64.55 11.19 -23.29
C ALA D 48 64.28 9.69 -23.42
N ILE D 49 63.86 9.04 -22.34
CA ILE D 49 63.63 7.60 -22.40
C ILE D 49 62.44 7.28 -23.28
N ASP D 50 61.41 8.13 -23.30
CA ASP D 50 60.32 7.93 -24.23
C ASP D 50 60.79 8.07 -25.67
N GLU D 51 61.62 9.07 -25.95
CA GLU D 51 62.08 9.27 -27.32
C GLU D 51 63.04 8.18 -27.76
N ALA D 52 64.02 7.84 -26.92
CA ALA D 52 65.10 6.94 -27.30
C ALA D 52 64.72 5.47 -27.28
N LEU D 53 63.42 5.15 -27.16
CA LEU D 53 63.01 3.75 -27.13
C LEU D 53 63.27 3.03 -28.44
N ALA D 54 63.39 3.77 -29.55
CA ALA D 54 63.59 3.19 -30.87
C ALA D 54 65.05 3.26 -31.33
N GLY D 55 65.98 3.55 -30.42
CA GLY D 55 67.37 3.66 -30.80
C GLY D 55 68.00 2.31 -31.10
N HIS D 56 69.14 2.37 -31.78
CA HIS D 56 69.86 1.14 -32.12
C HIS D 56 70.38 0.43 -30.88
N CYS D 57 70.93 1.19 -29.93
CA CYS D 57 71.46 0.61 -28.70
C CYS D 57 70.67 0.98 -27.45
N LYS D 58 69.85 2.04 -27.51
CA LYS D 58 68.98 2.43 -26.41
C LYS D 58 69.78 2.69 -25.13
N GLU D 59 70.64 3.69 -25.19
CA GLU D 59 71.53 4.04 -24.09
C GLU D 59 71.32 5.49 -23.70
N ILE D 60 71.32 5.73 -22.38
CA ILE D 60 71.12 7.06 -21.83
C ILE D 60 72.23 7.34 -20.84
N ILE D 61 72.80 8.55 -20.90
CA ILE D 61 73.89 8.95 -20.04
C ILE D 61 73.46 10.20 -19.27
N VAL D 62 73.60 10.16 -17.95
CA VAL D 62 73.30 11.27 -17.08
C VAL D 62 74.57 11.64 -16.33
N THR D 63 74.94 12.92 -16.39
CA THR D 63 76.19 13.41 -15.83
C THR D 63 75.95 14.60 -14.92
N ILE D 64 76.64 14.63 -13.79
CA ILE D 64 76.62 15.76 -12.87
C ILE D 64 77.99 16.42 -12.92
N HIS D 65 78.03 17.67 -13.36
CA HIS D 65 79.29 18.37 -13.57
C HIS D 65 79.70 19.12 -12.29
N ALA D 66 80.94 19.63 -12.32
CA ALA D 66 81.48 20.32 -11.15
C ALA D 66 80.86 21.71 -10.98
N ASP D 67 80.43 22.33 -12.08
CA ASP D 67 79.81 23.65 -12.04
C ASP D 67 78.32 23.59 -11.74
N ASN D 68 77.85 22.50 -11.13
CA ASN D 68 76.46 22.33 -10.72
C ASN D 68 75.52 22.44 -11.93
N SER D 69 75.69 21.51 -12.86
CA SER D 69 74.84 21.40 -14.04
C SER D 69 74.67 19.93 -14.40
N VAL D 70 73.59 19.63 -15.11
CA VAL D 70 73.22 18.27 -15.46
C VAL D 70 72.97 18.19 -16.96
N SER D 71 73.45 17.12 -17.58
CA SER D 71 73.28 16.89 -19.01
C SER D 71 72.72 15.50 -19.24
N VAL D 72 71.77 15.40 -20.16
CA VAL D 72 71.14 14.13 -20.52
C VAL D 72 71.32 13.93 -22.02
N GLN D 73 71.81 12.74 -22.39
CA GLN D 73 72.11 12.42 -23.77
C GLN D 73 71.54 11.07 -24.14
N ASP D 74 70.98 10.98 -25.35
CA ASP D 74 70.44 9.72 -25.86
C ASP D 74 71.05 9.39 -27.22
N ASP D 75 70.55 8.34 -27.87
CA ASP D 75 71.10 7.90 -29.14
C ASP D 75 69.99 7.53 -30.13
N GLY D 76 68.82 8.14 -30.02
CA GLY D 76 67.72 7.90 -30.93
C GLY D 76 67.70 8.90 -32.07
N ARG D 77 66.56 8.95 -32.75
CA ARG D 77 66.38 9.93 -33.81
C ARG D 77 66.27 11.33 -33.22
N GLY D 78 66.92 12.29 -33.87
CA GLY D 78 66.94 13.63 -33.34
C GLY D 78 65.61 14.35 -33.50
N ILE D 79 65.47 15.43 -32.75
CA ILE D 79 64.27 16.28 -32.88
C ILE D 79 64.23 16.87 -34.28
N PRO D 80 63.09 16.91 -34.95
CA PRO D 80 63.05 17.46 -36.31
C PRO D 80 63.52 18.90 -36.35
N THR D 81 64.28 19.22 -37.40
CA THR D 81 64.85 20.55 -37.58
C THR D 81 64.18 21.33 -38.71
N GLY D 82 62.98 20.92 -39.12
CA GLY D 82 62.27 21.62 -40.16
C GLY D 82 61.70 22.93 -39.67
N ILE D 83 61.18 23.71 -40.63
CA ILE D 83 60.62 25.03 -40.38
C ILE D 83 59.13 24.98 -40.63
N HIS D 84 58.35 25.41 -39.64
CA HIS D 84 56.90 25.47 -39.81
C HIS D 84 56.55 26.58 -40.78
N PRO D 85 55.78 26.28 -41.84
CA PRO D 85 55.40 27.34 -42.79
C PRO D 85 54.59 28.46 -42.15
N GLU D 86 53.76 28.14 -41.16
CA GLU D 86 52.92 29.14 -40.50
C GLU D 86 53.63 29.85 -39.35
N GLU D 87 54.88 29.49 -39.05
CA GLU D 87 55.62 30.10 -37.96
C GLU D 87 56.94 30.72 -38.38
N GLY D 88 57.60 30.19 -39.40
CA GLY D 88 58.86 30.75 -39.85
C GLY D 88 60.05 30.43 -38.98
N VAL D 89 59.92 29.50 -38.03
CA VAL D 89 61.00 29.14 -37.13
C VAL D 89 61.13 27.62 -37.11
N SER D 90 62.27 27.16 -36.59
CA SER D 90 62.55 25.73 -36.53
C SER D 90 61.59 25.04 -35.57
N ALA D 91 61.35 23.75 -35.83
CA ALA D 91 60.45 22.98 -34.97
C ALA D 91 61.00 22.82 -33.56
N ALA D 92 62.33 22.82 -33.41
CA ALA D 92 62.93 22.70 -32.09
C ALA D 92 62.55 23.87 -31.20
N GLU D 93 62.59 25.09 -31.75
CA GLU D 93 62.19 26.26 -30.97
C GLU D 93 60.72 26.21 -30.62
N VAL D 94 59.89 25.70 -31.54
CA VAL D 94 58.46 25.56 -31.26
C VAL D 94 58.25 24.59 -30.10
N ILE D 95 58.98 23.48 -30.10
CA ILE D 95 58.86 22.50 -29.02
C ILE D 95 59.32 23.10 -27.70
N MET D 96 60.43 23.86 -27.73
CA MET D 96 61.01 24.37 -26.50
C MET D 96 60.29 25.60 -25.95
N THR D 97 59.49 26.28 -26.77
CA THR D 97 58.86 27.54 -26.34
C THR D 97 57.34 27.47 -26.31
N VAL D 98 56.71 27.07 -27.42
CA VAL D 98 55.26 27.20 -27.55
C VAL D 98 54.56 26.21 -26.62
N LEU D 99 53.34 26.56 -26.22
CA LEU D 99 52.53 25.76 -25.31
C LEU D 99 51.93 24.52 -25.95
N HIS D 100 51.99 24.41 -27.28
CA HIS D 100 51.39 23.29 -28.01
C HIS D 100 49.89 23.18 -27.72
N ALA D 101 49.19 24.31 -27.91
CA ALA D 101 47.75 24.40 -27.65
C ALA D 101 47.43 24.15 -26.19
N GLY D 102 46.14 24.19 -25.84
CA GLY D 102 45.74 23.96 -24.47
C GLY D 102 45.94 22.52 -24.05
N GLY D 103 45.92 22.31 -22.73
CA GLY D 103 46.07 20.99 -22.16
C GLY D 103 47.45 20.41 -22.34
N GLY D 120 56.83 18.93 -21.82
CA GLY D 120 57.07 19.39 -20.47
C GLY D 120 58.43 20.04 -20.27
N VAL D 121 59.09 20.36 -21.39
CA VAL D 121 60.42 20.98 -21.34
C VAL D 121 60.33 22.50 -21.32
N SER D 122 59.17 23.09 -21.63
CA SER D 122 59.03 24.54 -21.61
C SER D 122 59.24 25.10 -20.21
N VAL D 123 58.68 24.43 -19.19
CA VAL D 123 58.85 24.88 -17.82
C VAL D 123 60.32 24.82 -17.42
N VAL D 124 61.01 23.75 -17.78
CA VAL D 124 62.43 23.62 -17.46
C VAL D 124 63.23 24.73 -18.12
N ASN D 125 62.91 25.03 -19.38
CA ASN D 125 63.58 26.12 -20.08
C ASN D 125 63.31 27.46 -19.41
N ALA D 126 62.08 27.68 -18.95
CA ALA D 126 61.73 28.95 -18.33
C ALA D 126 62.39 29.13 -16.97
N LEU D 127 62.54 28.05 -16.20
CA LEU D 127 63.06 28.14 -14.84
C LEU D 127 64.57 27.96 -14.76
N SER D 128 65.26 27.87 -15.89
CA SER D 128 66.70 27.72 -15.94
C SER D 128 67.34 28.97 -16.53
N GLN D 129 68.44 29.41 -15.93
CA GLN D 129 69.09 30.64 -16.36
C GLN D 129 69.96 30.45 -17.60
N LYS D 130 70.20 29.20 -18.03
CA LYS D 130 70.96 28.94 -19.24
C LYS D 130 70.75 27.50 -19.70
N LEU D 131 70.42 27.32 -20.98
CA LEU D 131 70.15 26.00 -21.52
C LEU D 131 70.85 25.88 -22.88
N GLU D 132 71.52 24.75 -23.09
CA GLU D 132 72.23 24.48 -24.33
C GLU D 132 71.63 23.25 -24.99
N LEU D 133 71.33 23.37 -26.28
CA LEU D 133 70.70 22.29 -27.03
C LEU D 133 71.57 21.95 -28.24
N VAL D 134 71.84 20.65 -28.41
CA VAL D 134 72.62 20.15 -29.54
C VAL D 134 71.84 19.01 -30.18
N ILE D 135 71.51 19.16 -31.46
CA ILE D 135 70.78 18.15 -32.22
C ILE D 135 71.61 17.81 -33.44
N GLN D 136 71.88 16.52 -33.63
CA GLN D 136 72.67 16.05 -34.77
C GLN D 136 71.89 14.98 -35.51
N ARG D 137 71.62 15.22 -36.79
CA ARG D 137 70.93 14.26 -37.64
C ARG D 137 71.25 14.60 -39.09
N GLU D 138 71.05 13.60 -39.96
CA GLU D 138 71.27 13.73 -41.40
C GLU D 138 72.69 14.17 -41.70
N GLY D 139 73.65 13.68 -40.91
CA GLY D 139 75.04 14.01 -41.13
C GLY D 139 75.40 15.45 -40.86
N LYS D 140 74.66 16.14 -40.00
CA LYS D 140 74.93 17.52 -39.66
C LYS D 140 74.79 17.72 -38.17
N ILE D 141 75.39 18.81 -37.68
CA ILE D 141 75.36 19.16 -36.26
C ILE D 141 74.72 20.53 -36.12
N HIS D 142 73.75 20.64 -35.21
CA HIS D 142 73.07 21.88 -34.93
C HIS D 142 73.25 22.26 -33.47
N ARG D 143 73.12 23.55 -33.18
CA ARG D 143 73.38 24.05 -31.85
C ARG D 143 72.64 25.36 -31.64
N GLN D 144 72.08 25.54 -30.44
CA GLN D 144 71.37 26.75 -30.07
C GLN D 144 71.49 26.97 -28.58
N ILE D 145 71.38 28.22 -28.15
CA ILE D 145 71.55 28.59 -26.74
C ILE D 145 70.37 29.47 -26.32
N TYR D 146 69.77 29.14 -25.18
CA TYR D 146 68.69 29.92 -24.60
C TYR D 146 69.16 30.55 -23.30
N GLU D 147 68.68 31.77 -23.04
CA GLU D 147 69.00 32.50 -21.81
C GLU D 147 67.69 32.99 -21.21
N HIS D 148 67.30 32.40 -20.07
CA HIS D 148 66.04 32.71 -19.40
C HIS D 148 64.84 32.45 -20.31
N GLY D 149 64.97 31.50 -21.23
CA GLY D 149 63.91 31.17 -22.16
C GLY D 149 63.89 31.99 -23.43
N VAL D 150 64.81 32.94 -23.59
CA VAL D 150 64.86 33.81 -24.76
C VAL D 150 66.02 33.36 -25.63
N PRO D 151 65.78 32.92 -26.87
CA PRO D 151 66.88 32.48 -27.74
C PRO D 151 67.83 33.63 -28.06
N GLN D 152 69.10 33.28 -28.26
CA GLN D 152 70.12 34.26 -28.59
C GLN D 152 70.40 34.35 -30.09
N ALA D 153 70.21 33.26 -30.82
CA ALA D 153 70.45 33.24 -32.26
C ALA D 153 69.65 32.08 -32.85
N PRO D 154 69.35 32.13 -34.15
CA PRO D 154 68.68 31.01 -34.79
C PRO D 154 69.56 29.78 -34.83
N LEU D 155 68.91 28.61 -34.97
CA LEU D 155 69.63 27.35 -35.04
C LEU D 155 70.61 27.36 -36.20
N ALA D 156 71.85 26.97 -35.94
CA ALA D 156 72.93 27.06 -36.92
C ALA D 156 73.67 25.73 -37.01
N VAL D 157 74.30 25.51 -38.16
CA VAL D 157 75.06 24.29 -38.43
C VAL D 157 76.53 24.58 -38.11
N THR D 158 77.16 23.67 -37.37
CA THR D 158 78.55 23.83 -36.98
C THR D 158 79.49 22.82 -37.61
N GLY D 159 79.02 21.62 -37.93
CA GLY D 159 79.89 20.61 -38.51
C GLY D 159 79.09 19.43 -39.01
N GLU D 160 79.80 18.50 -39.64
CA GLU D 160 79.21 17.30 -40.23
C GLU D 160 79.58 16.08 -39.41
N THR D 161 78.59 15.22 -39.16
CA THR D 161 78.81 14.02 -38.36
C THR D 161 78.25 12.80 -39.08
N GLU D 162 78.19 11.66 -38.38
CA GLU D 162 77.63 10.44 -38.97
C GLU D 162 76.75 9.67 -37.98
N LYS D 163 76.29 10.31 -36.91
CA LYS D 163 75.50 9.68 -35.88
C LYS D 163 74.23 10.49 -35.64
N THR D 164 73.39 10.00 -34.73
CA THR D 164 72.17 10.68 -34.33
C THR D 164 72.10 10.72 -32.81
N GLY D 165 71.42 11.73 -32.29
CA GLY D 165 71.27 11.87 -30.86
C GLY D 165 70.71 13.23 -30.50
N THR D 166 70.79 13.54 -29.20
CA THR D 166 70.28 14.79 -28.66
C THR D 166 70.85 14.97 -27.25
N MET D 167 71.32 16.18 -26.96
CA MET D 167 71.86 16.50 -25.65
C MET D 167 71.22 17.78 -25.13
N VAL D 168 70.90 17.79 -23.83
CA VAL D 168 70.33 18.95 -23.18
C VAL D 168 71.09 19.18 -21.88
N ARG D 169 71.68 20.37 -21.73
CA ARG D 169 72.40 20.75 -20.53
C ARG D 169 71.86 22.09 -20.04
N PHE D 170 71.50 22.16 -18.77
CA PHE D 170 70.88 23.34 -18.21
C PHE D 170 71.49 23.70 -16.86
N TRP D 171 71.55 25.00 -16.59
CA TRP D 171 71.99 25.51 -15.30
C TRP D 171 70.77 25.96 -14.52
N PRO D 172 70.43 25.34 -13.40
CA PRO D 172 69.26 25.78 -12.63
C PRO D 172 69.44 27.22 -12.12
N SER D 173 68.35 27.97 -12.12
CA SER D 173 68.40 29.36 -11.72
C SER D 173 68.57 29.47 -10.21
N LEU D 174 69.36 30.45 -9.79
CA LEU D 174 69.62 30.69 -8.37
C LEU D 174 68.67 31.72 -7.77
N GLU D 175 67.76 32.29 -8.56
CA GLU D 175 66.80 33.25 -8.04
C GLU D 175 65.51 32.62 -7.55
N THR D 176 65.25 31.36 -7.92
CA THR D 176 64.04 30.66 -7.51
C THR D 176 64.28 29.50 -6.56
N PHE D 177 65.40 28.80 -6.70
CA PHE D 177 65.73 27.66 -5.85
C PHE D 177 66.62 28.13 -4.71
N THR D 178 66.12 28.04 -3.49
CA THR D 178 66.85 28.43 -2.30
C THR D 178 67.12 27.21 -1.43
N ASN D 179 67.80 27.45 -0.30
CA ASN D 179 68.14 26.40 0.64
C ASN D 179 68.98 25.31 -0.03
N VAL D 180 68.38 24.15 -0.26
CA VAL D 180 69.09 23.06 -0.94
C VAL D 180 69.22 23.42 -2.42
N THR D 181 70.46 23.51 -2.90
CA THR D 181 70.73 23.86 -4.29
C THR D 181 71.77 22.95 -4.92
N GLU D 182 71.99 21.77 -4.35
CA GLU D 182 72.97 20.81 -4.87
C GLU D 182 72.29 19.47 -5.07
N PHE D 183 72.60 18.83 -6.20
CA PHE D 183 72.00 17.55 -6.52
C PHE D 183 72.60 16.43 -5.67
N GLU D 184 71.79 15.42 -5.41
CA GLU D 184 72.23 14.22 -4.71
C GLU D 184 72.45 13.08 -5.70
N TYR D 185 73.01 11.99 -5.18
CA TYR D 185 73.34 10.84 -6.01
C TYR D 185 72.43 9.63 -5.80
N GLU D 186 71.94 9.42 -4.59
CA GLU D 186 71.10 8.25 -4.31
C GLU D 186 69.69 8.43 -4.85
N ILE D 187 69.15 9.66 -4.78
CA ILE D 187 67.78 9.91 -5.21
C ILE D 187 67.63 9.61 -6.69
N LEU D 188 68.59 10.06 -7.49
CA LEU D 188 68.59 9.73 -8.91
C LEU D 188 68.80 8.24 -9.13
N ALA D 189 69.69 7.64 -8.34
CA ALA D 189 70.07 6.24 -8.55
C ALA D 189 68.88 5.30 -8.37
N LYS D 190 68.10 5.51 -7.30
CA LYS D 190 66.96 4.64 -7.04
C LYS D 190 65.96 4.68 -8.19
N ARG D 191 65.59 5.88 -8.62
CA ARG D 191 64.61 6.02 -9.70
C ARG D 191 65.14 5.46 -11.01
N LEU D 192 66.42 5.69 -11.31
CA LEU D 192 66.97 5.15 -12.55
C LEU D 192 67.03 3.63 -12.52
N ARG D 193 67.36 3.05 -11.37
CA ARG D 193 67.36 1.59 -11.26
C ARG D 193 65.95 1.03 -11.45
N GLU D 194 64.94 1.69 -10.85
CA GLU D 194 63.57 1.24 -11.05
C GLU D 194 63.15 1.34 -12.51
N LEU D 195 63.53 2.43 -13.18
CA LEU D 195 63.19 2.57 -14.59
C LEU D 195 63.87 1.52 -15.44
N SER D 196 65.12 1.18 -15.12
CA SER D 196 65.81 0.11 -15.84
C SER D 196 65.12 -1.23 -15.59
N PHE D 197 64.67 -1.49 -14.36
CA PHE D 197 63.94 -2.71 -14.08
C PHE D 197 62.65 -2.80 -14.88
N LEU D 198 61.88 -1.71 -14.93
CA LEU D 198 60.57 -1.75 -15.58
C LEU D 198 60.70 -1.80 -17.09
N ASN D 199 61.64 -1.06 -17.66
CA ASN D 199 61.85 -1.02 -19.10
C ASN D 199 63.01 -1.96 -19.45
N SER D 200 62.68 -3.18 -19.85
CA SER D 200 63.70 -4.17 -20.16
C SER D 200 64.38 -3.83 -21.49
N GLY D 201 65.71 -3.95 -21.50
CA GLY D 201 66.48 -3.71 -22.69
C GLY D 201 67.06 -2.31 -22.84
N VAL D 202 67.00 -1.49 -21.80
CA VAL D 202 67.48 -0.11 -21.84
C VAL D 202 68.66 0.01 -20.89
N SER D 203 69.74 0.61 -21.37
CA SER D 203 70.95 0.80 -20.57
C SER D 203 71.03 2.25 -20.11
N ILE D 204 71.26 2.45 -18.81
CA ILE D 204 71.34 3.77 -18.21
C ILE D 204 72.64 3.86 -17.45
N ARG D 205 73.42 4.90 -17.72
CA ARG D 205 74.70 5.14 -17.04
C ARG D 205 74.61 6.44 -16.27
N LEU D 206 75.04 6.41 -15.00
CA LEU D 206 75.05 7.57 -14.14
C LEU D 206 76.48 7.86 -13.72
N ARG D 207 77.06 8.93 -14.28
CA ARG D 207 78.42 9.32 -13.99
C ARG D 207 78.45 10.59 -13.15
N ASP D 208 79.46 10.69 -12.29
CA ASP D 208 79.65 11.84 -11.42
C ASP D 208 81.05 12.38 -11.61
N LYS D 209 81.20 13.69 -11.44
CA LYS D 209 82.48 14.36 -11.63
C LYS D 209 83.00 15.08 -10.40
N ARG D 210 82.13 15.44 -9.44
CA ARG D 210 82.57 16.15 -8.26
C ARG D 210 83.51 15.29 -7.42
N ASP D 211 83.14 14.02 -7.21
CA ASP D 211 83.98 13.06 -6.50
C ASP D 211 84.45 11.92 -7.37
N GLY D 212 83.58 11.40 -8.22
CA GLY D 212 83.93 10.33 -9.14
C GLY D 212 83.25 9.03 -8.76
N LYS D 213 82.14 8.72 -9.43
CA LYS D 213 81.38 7.51 -9.21
C LYS D 213 80.69 7.14 -10.51
N GLU D 214 80.52 5.83 -10.73
CA GLU D 214 79.87 5.36 -11.95
C GLU D 214 78.98 4.17 -11.61
N ASP D 215 77.95 3.99 -12.42
CA ASP D 215 77.03 2.88 -12.29
C ASP D 215 76.52 2.50 -13.67
N HIS D 216 76.03 1.26 -13.79
CA HIS D 216 75.53 0.77 -15.07
C HIS D 216 74.34 -0.14 -14.79
N PHE D 217 73.14 0.32 -15.13
CA PHE D 217 71.92 -0.45 -14.93
C PHE D 217 71.49 -1.01 -16.29
N HIS D 218 71.53 -2.33 -16.41
CA HIS D 218 71.13 -2.98 -17.66
C HIS D 218 70.69 -4.41 -17.31
N TYR D 219 69.38 -4.63 -17.25
CA TYR D 219 68.83 -5.93 -16.91
C TYR D 219 67.84 -6.35 -18.00
N GLU D 220 68.06 -7.54 -18.56
CA GLU D 220 67.14 -8.10 -19.55
C GLU D 220 66.12 -9.04 -18.93
N GLY D 221 66.35 -9.49 -17.69
CA GLY D 221 65.35 -10.33 -17.03
C GLY D 221 64.07 -9.58 -16.74
N GLY D 222 64.18 -8.35 -16.25
CA GLY D 222 63.01 -7.53 -15.96
C GLY D 222 62.57 -7.68 -14.52
N ILE D 223 61.33 -8.14 -14.31
CA ILE D 223 60.77 -8.24 -12.97
C ILE D 223 61.48 -9.31 -12.16
N LYS D 224 62.01 -10.35 -12.82
CA LYS D 224 62.72 -11.39 -12.10
C LYS D 224 63.95 -10.82 -11.39
N ALA D 225 64.70 -9.97 -12.08
CA ALA D 225 65.84 -9.30 -11.43
C ALA D 225 65.37 -8.36 -10.33
N PHE D 226 64.20 -7.75 -10.50
CA PHE D 226 63.65 -6.91 -9.44
C PHE D 226 63.39 -7.73 -8.18
N VAL D 227 62.82 -8.93 -8.33
CA VAL D 227 62.55 -9.79 -7.18
C VAL D 227 63.85 -10.28 -6.57
N GLU D 228 64.84 -10.63 -7.41
CA GLU D 228 66.12 -11.07 -6.89
C GLU D 228 66.81 -9.98 -6.09
N TYR D 229 66.74 -8.74 -6.57
CA TYR D 229 67.40 -7.63 -5.87
C TYR D 229 66.78 -7.39 -4.50
N LEU D 230 65.45 -7.41 -4.41
CA LEU D 230 64.79 -7.18 -3.13
C LEU D 230 65.07 -8.30 -2.14
N ASN D 231 64.97 -9.55 -2.60
CA ASN D 231 65.14 -10.71 -1.73
C ASN D 231 66.60 -11.18 -1.76
N LYS D 232 67.50 -10.26 -1.43
CA LYS D 232 68.93 -10.52 -1.41
C LYS D 232 69.50 -10.65 0.00
N ASN D 233 69.26 -9.66 0.85
CA ASN D 233 69.74 -9.73 2.23
C ASN D 233 68.94 -10.72 3.07
N LYS D 234 67.81 -11.21 2.58
CA LYS D 234 67.02 -12.21 3.28
C LYS D 234 67.43 -13.61 2.81
N THR D 235 66.74 -14.62 3.31
CA THR D 235 67.06 -16.01 3.02
C THR D 235 65.91 -16.68 2.28
N PRO D 236 65.99 -16.83 0.96
CA PRO D 236 64.95 -17.58 0.24
C PRO D 236 65.00 -19.05 0.62
N ILE D 237 63.85 -19.72 0.48
CA ILE D 237 63.71 -21.11 0.89
C ILE D 237 63.50 -22.06 -0.27
N HIS D 238 63.15 -21.56 -1.45
CA HIS D 238 63.02 -22.41 -2.63
C HIS D 238 63.73 -21.78 -3.81
N PRO D 239 64.27 -22.59 -4.72
CA PRO D 239 65.13 -22.02 -5.76
C PRO D 239 64.38 -21.28 -6.86
N ASN D 240 63.27 -21.82 -7.35
CA ASN D 240 62.62 -21.27 -8.52
C ASN D 240 61.80 -20.04 -8.17
N ILE D 241 61.50 -19.24 -9.19
CA ILE D 241 60.72 -18.01 -9.05
C ILE D 241 59.58 -18.06 -10.05
N PHE D 242 58.36 -17.81 -9.58
CA PHE D 242 57.20 -17.77 -10.45
C PHE D 242 57.18 -16.48 -11.25
N TYR D 243 56.81 -16.59 -12.53
CA TYR D 243 56.82 -15.43 -13.42
C TYR D 243 55.99 -15.72 -14.66
N PHE D 244 55.26 -14.71 -15.13
CA PHE D 244 54.53 -14.79 -16.38
C PHE D 244 54.28 -13.40 -16.91
N SER D 245 53.91 -13.32 -18.18
CA SER D 245 53.67 -12.03 -18.84
C SER D 245 52.75 -12.28 -20.03
N THR D 246 51.52 -11.75 -19.95
CA THR D 246 50.54 -11.95 -21.02
C THR D 246 49.85 -10.64 -21.40
N GLU D 247 48.84 -10.73 -22.25
CA GLU D 247 48.07 -9.56 -22.68
C GLU D 247 46.74 -10.05 -23.21
N LYS D 248 45.64 -9.64 -22.57
CA LYS D 248 44.32 -10.17 -22.93
C LYS D 248 43.61 -9.30 -23.95
N ASP D 249 43.31 -8.04 -23.59
CA ASP D 249 42.68 -7.11 -24.53
C ASP D 249 43.08 -5.70 -24.10
N GLY D 250 44.12 -5.16 -24.72
CA GLY D 250 44.60 -3.84 -24.38
C GLY D 250 45.16 -3.70 -22.99
N ILE D 251 45.31 -4.80 -22.25
CA ILE D 251 45.80 -4.79 -20.88
C ILE D 251 46.91 -5.83 -20.76
N GLY D 252 48.04 -5.42 -20.21
CA GLY D 252 49.18 -6.30 -19.99
C GLY D 252 49.40 -6.49 -18.50
N VAL D 253 49.77 -7.72 -18.13
CA VAL D 253 49.97 -8.08 -16.73
C VAL D 253 51.33 -8.77 -16.60
N GLU D 254 52.10 -8.39 -15.59
CA GLU D 254 53.37 -9.03 -15.28
C GLU D 254 53.47 -9.24 -13.78
N VAL D 255 53.80 -10.47 -13.37
CA VAL D 255 53.84 -10.84 -11.95
C VAL D 255 55.06 -11.72 -11.71
N ALA D 256 55.70 -11.53 -10.56
CA ALA D 256 56.79 -12.38 -10.10
C ALA D 256 56.81 -12.38 -8.58
N LEU D 257 57.04 -13.55 -7.99
CA LEU D 257 56.97 -13.67 -6.54
C LEU D 257 57.91 -14.77 -6.06
N GLN D 258 58.26 -14.70 -4.78
CA GLN D 258 59.11 -15.69 -4.13
C GLN D 258 58.86 -15.62 -2.63
N TRP D 259 59.23 -16.71 -1.94
CA TRP D 259 59.05 -16.84 -0.51
C TRP D 259 60.39 -16.84 0.20
N ASN D 260 60.43 -16.20 1.36
CA ASN D 260 61.58 -16.22 2.26
C ASN D 260 61.14 -16.78 3.61
N ASP D 261 62.06 -16.74 4.58
CA ASP D 261 61.83 -17.34 5.89
C ASP D 261 61.46 -16.32 6.95
N GLY D 262 61.03 -15.12 6.56
CA GLY D 262 60.62 -14.11 7.50
C GLY D 262 59.15 -14.19 7.85
N PHE D 263 58.64 -13.12 8.45
CA PHE D 263 57.24 -13.00 8.85
C PHE D 263 56.68 -11.65 8.41
N GLN D 264 56.98 -11.24 7.19
CA GLN D 264 56.56 -9.95 6.68
C GLN D 264 55.93 -10.11 5.30
N GLU D 265 55.17 -9.09 4.90
CA GLU D 265 54.53 -9.05 3.59
C GLU D 265 54.96 -7.78 2.88
N ASN D 266 55.40 -7.91 1.63
CA ASN D 266 55.85 -6.78 0.84
C ASN D 266 55.41 -6.99 -0.60
N ILE D 267 54.46 -6.18 -1.06
CA ILE D 267 53.96 -6.25 -2.43
C ILE D 267 54.08 -4.86 -3.04
N TYR D 268 54.64 -4.78 -4.24
CA TYR D 268 54.86 -3.52 -4.93
C TYR D 268 54.02 -3.50 -6.20
N CYS D 269 53.25 -2.44 -6.39
CA CYS D 269 52.34 -2.31 -7.51
C CYS D 269 52.71 -1.10 -8.36
N PHE D 270 52.55 -1.24 -9.67
CA PHE D 270 52.88 -0.17 -10.61
C PHE D 270 51.81 -0.10 -11.69
N THR D 271 51.65 1.10 -12.24
CA THR D 271 50.71 1.32 -13.35
C THR D 271 51.32 2.36 -14.26
N ASN D 272 51.70 1.95 -15.46
CA ASN D 272 52.40 2.82 -16.42
C ASN D 272 53.63 3.45 -15.77
N ASN D 273 54.41 2.62 -15.07
CA ASN D 273 55.64 3.05 -14.40
C ASN D 273 55.38 4.10 -13.34
N ILE D 274 54.20 4.09 -12.73
CA ILE D 274 53.85 5.00 -11.66
C ILE D 274 53.48 4.16 -10.44
N PRO D 275 54.21 4.26 -9.34
CA PRO D 275 53.91 3.44 -8.16
C PRO D 275 52.65 3.89 -7.44
N GLN D 276 51.99 2.92 -6.81
CA GLN D 276 50.83 3.16 -5.96
C GLN D 276 51.13 2.63 -4.57
N ARG D 277 51.00 3.47 -3.56
CA ARG D 277 51.28 3.09 -2.18
C ARG D 277 50.07 2.55 -1.44
N ASP D 278 48.87 2.64 -2.01
CA ASP D 278 47.65 2.16 -1.36
C ASP D 278 46.97 1.05 -2.13
N GLY D 279 47.65 0.43 -3.09
CA GLY D 279 47.04 -0.66 -3.84
C GLY D 279 45.99 -0.15 -4.80
N GLY D 280 44.92 -0.90 -4.92
CA GLY D 280 43.85 -0.59 -5.85
C GLY D 280 43.17 -1.86 -6.31
N THR D 281 42.68 -1.82 -7.54
CA THR D 281 41.97 -2.95 -8.11
C THR D 281 42.90 -4.03 -8.64
N HIS D 282 44.19 -3.75 -8.78
CA HIS D 282 45.15 -4.73 -9.28
C HIS D 282 45.87 -5.47 -8.17
N LEU D 283 45.39 -5.39 -6.94
CA LEU D 283 45.92 -6.15 -5.81
C LEU D 283 44.92 -7.13 -5.22
N ALA D 284 43.63 -6.76 -5.21
CA ALA D 284 42.60 -7.65 -4.68
C ALA D 284 42.50 -8.93 -5.49
N GLY D 285 42.55 -8.82 -6.81
CA GLY D 285 42.52 -10.01 -7.64
C GLY D 285 43.71 -10.92 -7.39
N PHE D 286 44.90 -10.32 -7.23
CA PHE D 286 46.09 -11.09 -6.89
C PHE D 286 45.89 -11.87 -5.59
N ARG D 287 45.45 -11.18 -4.53
CA ARG D 287 45.27 -11.84 -3.25
C ARG D 287 44.23 -12.95 -3.32
N ALA D 288 43.10 -12.67 -3.97
CA ALA D 288 42.03 -13.66 -4.05
C ALA D 288 42.47 -14.88 -4.84
N ALA D 289 43.17 -14.67 -5.96
CA ALA D 289 43.64 -15.80 -6.76
C ALA D 289 44.63 -16.64 -5.98
N MET D 290 45.56 -15.99 -5.27
CA MET D 290 46.50 -16.75 -4.45
C MET D 290 45.78 -17.60 -3.42
N THR D 291 44.83 -16.99 -2.71
CA THR D 291 44.10 -17.73 -1.68
C THR D 291 43.36 -18.93 -2.28
N ARG D 292 42.62 -18.70 -3.37
CA ARG D 292 41.87 -19.78 -3.99
C ARG D 292 42.77 -20.91 -4.45
N THR D 293 43.86 -20.58 -5.13
CA THR D 293 44.74 -21.61 -5.68
C THR D 293 45.40 -22.42 -4.56
N LEU D 294 45.93 -21.73 -3.54
CA LEU D 294 46.57 -22.45 -2.46
C LEU D 294 45.59 -23.34 -1.70
N ASN D 295 44.40 -22.82 -1.41
CA ASN D 295 43.41 -23.63 -0.70
C ASN D 295 42.99 -24.84 -1.53
N ALA D 296 42.77 -24.65 -2.83
CA ALA D 296 42.36 -25.76 -3.67
C ALA D 296 43.44 -26.84 -3.73
N TYR D 297 44.71 -26.42 -3.91
CA TYR D 297 45.79 -27.40 -3.97
C TYR D 297 45.93 -28.15 -2.65
N MET D 298 45.90 -27.44 -1.53
CA MET D 298 46.05 -28.09 -0.24
C MET D 298 44.89 -29.05 0.04
N ASP D 299 43.68 -28.67 -0.33
CA ASP D 299 42.54 -29.58 -0.15
C ASP D 299 42.67 -30.81 -1.03
N LYS D 300 43.06 -30.64 -2.30
CA LYS D 300 43.14 -31.78 -3.21
C LYS D 300 44.25 -32.75 -2.79
N GLU D 301 45.40 -32.23 -2.37
CA GLU D 301 46.51 -33.12 -2.05
C GLU D 301 46.33 -33.84 -0.71
N GLY D 302 45.33 -33.48 0.09
CA GLY D 302 45.08 -34.16 1.33
C GLY D 302 45.95 -33.72 2.49
N TYR D 303 46.76 -32.67 2.32
CA TYR D 303 47.60 -32.20 3.42
C TYR D 303 46.77 -31.68 4.57
N SER D 304 45.67 -30.98 4.27
CA SER D 304 44.82 -30.44 5.33
C SER D 304 44.17 -31.56 6.14
N LYS D 305 43.73 -32.63 5.48
CA LYS D 305 43.07 -33.72 6.17
C LYS D 305 44.02 -34.41 7.14
N LYS D 306 45.28 -34.62 6.72
CA LYS D 306 46.24 -35.28 7.59
C LYS D 306 46.49 -34.47 8.86
N ALA D 307 46.60 -33.15 8.73
CA ALA D 307 46.69 -32.28 9.89
C ALA D 307 45.30 -32.01 10.44
N LYS D 308 45.23 -31.16 11.47
CA LYS D 308 43.96 -30.79 12.10
C LYS D 308 43.79 -29.28 12.11
N VAL D 309 44.20 -28.62 11.04
CA VAL D 309 44.13 -27.17 10.93
C VAL D 309 43.57 -26.79 9.57
N SER D 310 43.09 -25.55 9.47
CA SER D 310 42.62 -24.98 8.23
C SER D 310 43.32 -23.65 8.01
N ALA D 311 43.88 -23.46 6.81
CA ALA D 311 44.65 -22.27 6.52
C ALA D 311 43.72 -21.09 6.23
N THR D 312 44.30 -19.89 6.26
CA THR D 312 43.58 -18.67 5.97
C THR D 312 44.46 -17.79 5.07
N GLY D 313 43.93 -16.63 4.69
CA GLY D 313 44.65 -15.75 3.78
C GLY D 313 45.92 -15.18 4.38
N ASP D 314 45.89 -14.84 5.67
CA ASP D 314 47.05 -14.21 6.30
C ASP D 314 48.21 -15.20 6.43
N ASP D 315 47.92 -16.48 6.67
CA ASP D 315 48.99 -17.45 6.83
C ASP D 315 49.78 -17.64 5.53
N ALA D 316 49.08 -17.61 4.39
CA ALA D 316 49.75 -17.79 3.11
C ALA D 316 50.70 -16.64 2.83
N ARG D 317 50.33 -15.42 3.19
CA ARG D 317 51.12 -14.23 2.88
C ARG D 317 52.02 -13.85 4.05
N GLU D 318 52.98 -14.75 4.35
CA GLU D 318 54.02 -14.48 5.32
C GLU D 318 55.36 -14.79 4.70
N GLY D 319 56.30 -13.85 4.79
CA GLY D 319 57.57 -14.01 4.13
C GLY D 319 57.45 -14.04 2.61
N LEU D 320 56.64 -13.16 2.05
CA LEU D 320 56.35 -13.13 0.63
C LEU D 320 56.80 -11.80 0.03
N ILE D 321 57.40 -11.87 -1.16
CA ILE D 321 57.81 -10.70 -1.92
C ILE D 321 57.27 -10.85 -3.34
N ALA D 322 56.54 -9.84 -3.81
CA ALA D 322 55.93 -9.90 -5.13
C ALA D 322 55.94 -8.52 -5.77
N VAL D 323 55.84 -8.51 -7.10
CA VAL D 323 55.80 -7.29 -7.89
C VAL D 323 54.70 -7.43 -8.94
N VAL D 324 53.85 -6.42 -9.05
CA VAL D 324 52.74 -6.42 -10.00
C VAL D 324 52.86 -5.16 -10.86
N SER D 325 52.71 -5.32 -12.17
CA SER D 325 52.78 -4.22 -13.11
C SER D 325 51.74 -4.41 -14.20
N VAL D 326 51.06 -3.32 -14.56
CA VAL D 326 50.00 -3.36 -15.57
C VAL D 326 50.22 -2.25 -16.58
N LYS D 327 49.61 -2.42 -17.75
CA LYS D 327 49.63 -1.43 -18.81
C LYS D 327 48.18 -1.19 -19.24
N VAL D 328 47.68 0.02 -19.00
CA VAL D 328 46.29 0.36 -19.29
C VAL D 328 46.25 1.63 -20.12
N PRO D 329 45.40 1.73 -21.15
CA PRO D 329 45.38 2.93 -21.99
C PRO D 329 44.93 4.19 -21.26
N ASP D 330 43.80 4.12 -20.56
CA ASP D 330 43.20 5.30 -19.91
C ASP D 330 42.92 4.97 -18.45
N PRO D 331 43.93 5.06 -17.59
CA PRO D 331 43.73 4.74 -16.17
C PRO D 331 42.91 5.81 -15.48
N LYS D 332 42.28 5.41 -14.38
CA LYS D 332 41.51 6.31 -13.53
C LYS D 332 41.94 6.10 -12.08
N PHE D 333 42.21 7.20 -11.38
CA PHE D 333 42.73 7.16 -10.03
C PHE D 333 41.76 7.87 -9.08
N SER D 334 42.01 7.72 -7.78
CA SER D 334 41.15 8.31 -6.77
C SER D 334 41.38 9.81 -6.63
N SER D 335 42.62 10.26 -6.82
CA SER D 335 42.96 11.67 -6.68
C SER D 335 44.03 12.03 -7.70
N GLN D 336 44.51 13.27 -7.63
CA GLN D 336 45.51 13.75 -8.58
C GLN D 336 46.93 13.37 -8.18
N THR D 337 47.13 12.78 -7.01
CA THR D 337 48.44 12.31 -6.58
C THR D 337 48.61 10.81 -6.81
N LYS D 338 47.76 10.21 -7.63
CA LYS D 338 47.78 8.78 -7.95
C LYS D 338 47.57 8.01 -6.66
N ASP D 339 48.46 7.08 -6.28
CA ASP D 339 48.45 6.34 -5.03
C ASP D 339 47.31 5.33 -4.93
N LYS D 340 46.41 5.27 -5.90
CA LYS D 340 45.31 4.31 -5.84
C LYS D 340 44.62 4.19 -7.20
N LEU D 341 44.42 2.96 -7.67
CA LEU D 341 43.78 2.70 -8.94
C LEU D 341 42.34 2.26 -8.70
N VAL D 342 41.40 2.82 -9.47
CA VAL D 342 39.99 2.53 -9.27
C VAL D 342 39.35 2.04 -10.55
N SER D 343 40.16 1.68 -11.54
CA SER D 343 39.62 1.10 -12.77
C SER D 343 39.02 -0.26 -12.49
N SER D 344 37.80 -0.49 -12.99
CA SER D 344 37.01 -1.65 -12.59
C SER D 344 37.23 -2.88 -13.46
N GLU D 345 38.02 -2.78 -14.53
CA GLU D 345 38.20 -3.89 -15.45
C GLU D 345 39.60 -4.50 -15.37
N VAL D 346 40.31 -4.29 -14.28
CA VAL D 346 41.67 -4.80 -14.13
C VAL D 346 41.66 -6.01 -13.19
N LYS D 347 40.74 -5.99 -12.22
CA LYS D 347 40.70 -7.04 -11.21
C LYS D 347 40.50 -8.42 -11.84
N SER D 348 39.49 -8.55 -12.70
CA SER D 348 39.23 -9.83 -13.35
C SER D 348 40.39 -10.22 -14.26
N ALA D 349 40.98 -9.24 -14.96
CA ALA D 349 42.08 -9.54 -15.86
C ALA D 349 43.26 -10.14 -15.11
N VAL D 350 43.60 -9.60 -13.95
CA VAL D 350 44.68 -10.16 -13.15
C VAL D 350 44.28 -11.51 -12.58
N GLU D 351 43.06 -11.60 -12.03
CA GLU D 351 42.65 -12.78 -11.30
C GLU D 351 42.57 -14.01 -12.20
N GLN D 352 41.99 -13.87 -13.39
CA GLN D 352 41.83 -15.02 -14.28
C GLN D 352 43.18 -15.60 -14.68
N GLN D 353 44.12 -14.75 -15.08
CA GLN D 353 45.44 -15.21 -15.46
C GLN D 353 46.16 -15.86 -14.29
N MET D 354 46.08 -15.24 -13.11
CA MET D 354 46.75 -15.80 -11.94
C MET D 354 46.20 -17.19 -11.61
N ASN D 355 44.87 -17.32 -11.62
CA ASN D 355 44.25 -18.61 -11.33
C ASN D 355 44.64 -19.66 -12.36
N GLU D 356 44.70 -19.27 -13.64
CA GLU D 356 45.06 -20.24 -14.68
C GLU D 356 46.50 -20.71 -14.54
N LEU D 357 47.43 -19.80 -14.20
CA LEU D 357 48.84 -20.14 -14.28
C LEU D 357 49.46 -20.62 -12.98
N LEU D 358 48.94 -20.22 -11.82
CA LEU D 358 49.56 -20.64 -10.57
C LEU D 358 49.40 -22.15 -10.34
N ALA D 359 48.26 -22.71 -10.76
CA ALA D 359 48.07 -24.15 -10.64
C ALA D 359 49.09 -24.90 -11.50
N GLU D 360 49.30 -24.43 -12.73
CA GLU D 360 50.30 -25.05 -13.59
C GLU D 360 51.69 -24.96 -12.97
N TYR D 361 52.03 -23.81 -12.38
CA TYR D 361 53.32 -23.70 -11.72
C TYR D 361 53.45 -24.69 -10.58
N LEU D 362 52.40 -24.81 -9.76
CA LEU D 362 52.46 -25.71 -8.62
C LEU D 362 52.56 -27.16 -9.05
N LEU D 363 51.95 -27.52 -10.17
CA LEU D 363 51.95 -28.92 -10.59
C LEU D 363 53.32 -29.37 -11.08
N GLU D 364 54.08 -28.48 -11.74
CA GLU D 364 55.36 -28.89 -12.31
C GLU D 364 56.41 -29.11 -11.24
N ASN D 365 56.50 -28.21 -10.27
CA ASN D 365 57.56 -28.27 -9.27
C ASN D 365 56.99 -28.77 -7.95
N PRO D 366 57.28 -30.00 -7.54
CA PRO D 366 56.69 -30.51 -6.29
C PRO D 366 57.45 -30.11 -5.03
N THR D 367 58.77 -29.94 -5.13
CA THR D 367 59.58 -29.67 -3.95
C THR D 367 59.23 -28.30 -3.35
N ASP D 368 59.13 -27.28 -4.21
CA ASP D 368 58.75 -25.96 -3.72
C ASP D 368 57.35 -25.98 -3.12
N ALA D 369 56.43 -26.73 -3.75
CA ALA D 369 55.09 -26.86 -3.20
C ALA D 369 55.12 -27.47 -1.82
N LYS D 370 55.91 -28.54 -1.64
CA LYS D 370 55.99 -29.18 -0.33
C LYS D 370 56.56 -28.23 0.71
N ILE D 371 57.62 -27.49 0.37
CA ILE D 371 58.22 -26.56 1.33
C ILE D 371 57.22 -25.48 1.71
N VAL D 372 56.54 -24.90 0.72
CA VAL D 372 55.60 -23.81 1.00
C VAL D 372 54.43 -24.31 1.84
N VAL D 373 53.86 -25.47 1.51
CA VAL D 373 52.74 -25.96 2.30
C VAL D 373 53.19 -26.33 3.71
N GLY D 374 54.42 -26.83 3.87
CA GLY D 374 54.93 -27.07 5.21
C GLY D 374 55.01 -25.79 6.02
N LYS D 375 55.53 -24.72 5.43
CA LYS D 375 55.61 -23.45 6.13
C LYS D 375 54.22 -22.92 6.48
N ILE D 376 53.27 -23.03 5.55
CA ILE D 376 51.91 -22.54 5.80
C ILE D 376 51.25 -23.35 6.91
N ILE D 377 51.44 -24.67 6.89
CA ILE D 377 50.87 -25.52 7.93
C ILE D 377 51.48 -25.17 9.29
N ASP D 378 52.79 -24.91 9.32
CA ASP D 378 53.42 -24.52 10.58
C ASP D 378 52.82 -23.22 11.12
N ALA D 379 52.63 -22.24 10.24
CA ALA D 379 52.03 -20.97 10.67
C ALA D 379 50.61 -21.17 11.16
N ALA D 380 49.81 -21.96 10.43
CA ALA D 380 48.42 -22.20 10.81
C ALA D 380 48.33 -22.90 12.16
N ARG D 381 49.17 -23.91 12.39
CA ARG D 381 49.18 -24.57 13.69
C ARG D 381 49.66 -23.65 14.79
N ALA D 382 50.61 -22.75 14.49
CA ALA D 382 51.06 -21.78 15.48
C ALA D 382 49.92 -20.85 15.88
N ARG D 383 49.06 -20.48 14.92
CA ARG D 383 47.91 -19.65 15.26
C ARG D 383 46.95 -20.38 16.20
N GLU D 384 46.75 -21.68 15.99
CA GLU D 384 45.75 -22.42 16.75
C GLU D 384 46.08 -22.50 18.23
N ALA D 385 47.37 -22.44 18.58
CA ALA D 385 47.79 -22.58 19.97
C ALA D 385 47.58 -21.30 20.78
N ALA D 386 46.93 -20.29 20.23
CA ALA D 386 46.67 -19.03 20.91
C ALA D 386 45.19 -18.84 21.18
N ARG D 387 44.51 -19.92 21.57
CA ARG D 387 43.09 -19.85 21.90
C ARG D 387 42.85 -20.40 23.30
N ARG D 388 41.58 -20.56 23.68
CA ARG D 388 41.19 -21.05 24.98
C ARG D 388 40.46 -22.38 24.84
N ALA D 389 40.04 -22.94 25.97
CA ALA D 389 39.36 -24.23 26.00
C ALA D 389 37.90 -24.03 25.60
N ARG D 390 37.53 -24.56 24.45
CA ARG D 390 36.17 -24.42 23.90
C ARG D 390 35.60 -25.82 23.67
N GLU D 391 34.65 -26.22 24.50
CA GLU D 391 33.96 -27.49 24.29
C GLU D 391 33.00 -27.38 23.11
N MET D 392 32.77 -28.50 22.46
CA MET D 392 31.94 -28.53 21.26
C MET D 392 30.48 -28.22 21.59
N THR D 393 29.79 -27.64 20.62
CA THR D 393 28.39 -27.26 20.76
C THR D 393 27.51 -28.21 19.94
N ARG D 394 26.21 -27.93 19.96
CA ARG D 394 25.24 -28.70 19.19
C ARG D 394 24.52 -27.76 18.24
N ARG D 395 24.49 -28.11 16.96
CA ARG D 395 23.96 -27.26 15.91
C ARG D 395 22.59 -27.75 15.48
N LYS D 396 21.69 -26.80 15.21
CA LYS D 396 20.38 -27.12 14.68
C LYS D 396 20.51 -27.76 13.30
N GLY D 397 19.77 -28.85 13.07
CA GLY D 397 19.86 -29.59 11.84
C GLY D 397 18.51 -30.14 11.41
N ALA D 398 18.53 -30.85 10.29
CA ALA D 398 17.30 -31.43 9.75
C ALA D 398 16.73 -32.50 10.68
N LEU D 399 17.58 -33.34 11.23
CA LEU D 399 17.15 -34.45 12.08
C LEU D 399 17.09 -34.09 13.56
N ASP D 400 17.41 -32.85 13.93
CA ASP D 400 17.38 -32.45 15.33
C ASP D 400 17.29 -30.94 15.40
N LEU D 401 16.28 -30.43 16.10
CA LEU D 401 16.12 -28.99 16.27
C LEU D 401 16.81 -28.47 17.52
N ALA D 402 17.00 -29.32 18.53
CA ALA D 402 17.73 -28.99 19.76
C ALA D 402 17.09 -27.84 20.53
N GLY D 403 15.80 -27.61 20.35
CA GLY D 403 15.11 -26.56 21.08
C GLY D 403 15.63 -25.16 20.78
N LEU D 404 15.82 -24.85 19.51
CA LEU D 404 16.33 -23.56 19.08
C LEU D 404 15.24 -22.78 18.32
N PRO D 405 15.33 -21.46 18.28
CA PRO D 405 14.30 -20.66 17.61
C PRO D 405 14.15 -21.03 16.14
N GLY D 406 12.92 -20.94 15.64
CA GLY D 406 12.62 -21.32 14.27
C GLY D 406 13.06 -20.33 13.21
N LYS D 407 13.44 -19.12 13.60
CA LYS D 407 13.94 -18.14 12.66
C LYS D 407 15.45 -18.22 12.46
N LEU D 408 16.15 -19.05 13.24
CA LEU D 408 17.59 -19.15 13.14
C LEU D 408 17.99 -20.03 11.96
N ALA D 409 19.02 -19.60 11.25
CA ALA D 409 19.61 -20.37 10.15
C ALA D 409 21.03 -20.73 10.59
N ASP D 410 21.15 -21.85 11.29
CA ASP D 410 22.41 -22.23 11.90
C ASP D 410 23.41 -22.71 10.85
N CYS D 411 24.67 -22.79 11.25
CA CYS D 411 25.76 -23.24 10.40
C CYS D 411 26.02 -24.72 10.63
N GLN D 412 27.11 -25.23 10.07
CA GLN D 412 27.50 -26.63 10.21
C GLN D 412 28.73 -26.84 11.07
N GLU D 413 29.56 -25.81 11.27
CA GLU D 413 30.73 -25.94 12.13
C GLU D 413 30.30 -26.15 13.57
N ARG D 414 30.97 -27.08 14.25
CA ARG D 414 30.66 -27.38 15.65
C ARG D 414 31.63 -26.72 16.63
N ASP D 415 32.79 -26.27 16.17
CA ASP D 415 33.73 -25.60 17.04
C ASP D 415 33.32 -24.14 17.21
N PRO D 416 33.02 -23.68 18.43
CA PRO D 416 32.56 -22.30 18.60
C PRO D 416 33.61 -21.25 18.24
N ALA D 417 34.89 -21.61 18.24
CA ALA D 417 35.94 -20.66 17.93
C ALA D 417 36.06 -20.37 16.44
N LEU D 418 35.32 -21.08 15.59
CA LEU D 418 35.37 -20.90 14.14
C LEU D 418 33.97 -20.65 13.59
N SER D 419 33.15 -19.91 14.33
CA SER D 419 31.77 -19.65 13.95
C SER D 419 31.45 -18.17 14.14
N GLU D 420 30.47 -17.71 13.37
CA GLU D 420 30.04 -16.31 13.41
C GLU D 420 28.53 -16.24 13.42
N LEU D 421 28.01 -15.16 13.98
CA LEU D 421 26.58 -14.91 14.04
C LEU D 421 26.28 -13.49 13.58
N TYR D 422 25.24 -13.34 12.77
CA TYR D 422 24.84 -12.05 12.22
C TYR D 422 23.45 -11.68 12.72
N LEU D 423 23.28 -10.41 13.09
CA LEU D 423 22.01 -9.88 13.54
C LEU D 423 21.51 -8.85 12.53
N VAL D 424 20.27 -9.02 12.08
CA VAL D 424 19.69 -8.14 11.07
C VAL D 424 18.33 -7.64 11.57
N GLU D 425 17.86 -6.57 10.92
CA GLU D 425 16.68 -5.88 11.42
C GLU D 425 15.39 -6.65 11.14
N GLY D 426 15.25 -7.22 9.95
CA GLY D 426 13.98 -7.82 9.59
C GLY D 426 14.06 -9.03 8.67
N ASP D 427 12.90 -9.43 8.13
CA ASP D 427 12.83 -10.63 7.30
C ASP D 427 13.37 -10.41 5.90
N SER D 428 13.18 -9.22 5.34
CA SER D 428 13.70 -8.95 3.99
C SER D 428 15.23 -8.99 3.99
N ALA D 429 15.86 -8.26 4.93
CA ALA D 429 17.30 -8.31 5.06
C ALA D 429 17.76 -9.71 5.44
N GLY D 430 16.97 -10.41 6.26
CA GLY D 430 17.34 -11.78 6.62
C GLY D 430 17.41 -12.69 5.43
N GLY D 431 16.39 -12.63 4.56
CA GLY D 431 16.43 -13.44 3.35
C GLY D 431 17.55 -13.04 2.41
N SER D 432 17.77 -11.73 2.25
CA SER D 432 18.84 -11.28 1.38
C SER D 432 20.20 -11.76 1.86
N ALA D 433 20.40 -11.79 3.18
CA ALA D 433 21.66 -12.28 3.73
C ALA D 433 21.77 -13.80 3.64
N LYS D 434 20.64 -14.51 3.85
CA LYS D 434 20.67 -15.97 3.77
C LYS D 434 20.98 -16.43 2.35
N GLN D 435 20.47 -15.74 1.35
CA GLN D 435 20.71 -16.15 -0.03
C GLN D 435 22.16 -15.92 -0.47
N GLY D 436 22.95 -15.18 0.29
CA GLY D 436 24.31 -14.87 -0.12
C GLY D 436 25.36 -15.06 0.95
N ARG D 437 25.15 -16.01 1.83
CA ARG D 437 26.08 -16.29 2.92
C ARG D 437 26.94 -17.50 2.58
N ASN D 438 27.76 -17.93 3.54
CA ASN D 438 28.53 -19.16 3.45
C ASN D 438 27.98 -20.10 4.52
N ARG D 439 27.28 -21.15 4.10
CA ARG D 439 26.57 -22.02 5.03
C ARG D 439 27.48 -22.79 5.97
N LYS D 440 28.79 -22.85 5.67
CA LYS D 440 29.67 -23.70 6.47
C LYS D 440 29.86 -23.14 7.87
N ASN D 441 30.17 -21.85 8.00
CA ASN D 441 30.50 -21.28 9.30
C ASN D 441 29.87 -19.90 9.47
N GLN D 442 28.65 -19.70 9.00
CA GLN D 442 27.95 -18.44 9.16
C GLN D 442 26.48 -18.70 9.45
N ALA D 443 25.92 -17.92 10.38
CA ALA D 443 24.54 -18.05 10.80
C ALA D 443 23.85 -16.69 10.78
N ILE D 444 22.54 -16.71 10.57
CA ILE D 444 21.73 -15.50 10.47
C ILE D 444 20.59 -15.58 11.47
N LEU D 445 20.34 -14.49 12.17
CA LEU D 445 19.23 -14.40 13.12
C LEU D 445 18.50 -13.08 12.93
N PRO D 446 17.28 -13.09 12.40
CA PRO D 446 16.54 -11.85 12.19
C PRO D 446 15.96 -11.31 13.49
N LEU D 447 15.54 -10.05 13.44
CA LEU D 447 14.87 -9.39 14.55
C LEU D 447 13.55 -8.79 14.08
N LYS D 448 12.91 -7.98 14.91
CA LYS D 448 11.62 -7.38 14.58
C LYS D 448 11.59 -5.94 15.08
N GLY D 449 11.94 -5.01 14.19
CA GLY D 449 11.79 -3.60 14.48
C GLY D 449 12.73 -3.12 15.59
N LYS D 450 12.32 -2.04 16.25
CA LYS D 450 13.09 -1.50 17.36
C LYS D 450 12.89 -2.35 18.61
N ILE D 451 13.96 -2.51 19.37
CA ILE D 451 13.96 -3.40 20.51
C ILE D 451 13.72 -2.60 21.79
N LEU D 452 13.39 -3.30 22.87
CA LEU D 452 13.12 -2.66 24.14
C LEU D 452 14.37 -2.01 24.70
N ASN D 453 14.19 -0.87 25.37
CA ASN D 453 15.28 -0.16 26.02
C ASN D 453 15.35 -0.63 27.47
N VAL D 454 16.34 -1.48 27.77
CA VAL D 454 16.45 -2.08 29.10
C VAL D 454 16.93 -1.10 30.16
N GLU D 455 17.39 0.09 29.76
CA GLU D 455 17.82 1.06 30.75
C GLU D 455 16.64 1.70 31.47
N LYS D 456 15.51 1.87 30.78
CA LYS D 456 14.32 2.47 31.36
C LYS D 456 13.30 1.45 31.83
N ALA D 457 13.56 0.16 31.63
CA ALA D 457 12.60 -0.89 31.93
C ALA D 457 13.01 -1.67 33.17
N ARG D 458 12.11 -2.51 33.63
CA ARG D 458 12.33 -3.36 34.80
C ARG D 458 12.75 -4.76 34.38
N PHE D 459 13.25 -5.53 35.34
CA PHE D 459 13.77 -6.86 35.06
C PHE D 459 12.66 -7.79 34.59
N ASP D 460 11.51 -7.77 35.27
CA ASP D 460 10.39 -8.62 34.84
C ASP D 460 9.86 -8.21 33.48
N LYS D 461 9.82 -6.90 33.21
CA LYS D 461 9.41 -6.44 31.88
C LYS D 461 10.37 -6.92 30.81
N MET D 462 11.67 -6.89 31.10
CA MET D 462 12.65 -7.41 30.16
C MET D 462 12.47 -8.91 29.92
N LEU D 463 12.20 -9.65 30.99
CA LEU D 463 12.02 -11.10 30.85
C LEU D 463 10.76 -11.41 30.04
N SER D 464 9.70 -10.63 30.22
CA SER D 464 8.45 -10.89 29.53
C SER D 464 8.52 -10.61 28.03
N SER D 465 9.57 -9.95 27.55
CA SER D 465 9.70 -9.64 26.14
C SER D 465 9.99 -10.91 25.34
N GLN D 466 9.76 -10.82 24.03
CA GLN D 466 9.91 -11.95 23.12
C GLN D 466 11.22 -11.92 22.35
N GLU D 467 11.56 -10.78 21.76
CA GLU D 467 12.81 -10.68 21.00
C GLU D 467 14.02 -10.88 21.89
N VAL D 468 13.98 -10.31 23.10
CA VAL D 468 15.08 -10.50 24.05
C VAL D 468 15.21 -11.97 24.44
N ALA D 469 14.07 -12.64 24.65
CA ALA D 469 14.10 -14.06 24.98
C ALA D 469 14.69 -14.88 23.84
N THR D 470 14.31 -14.56 22.61
CA THR D 470 14.87 -15.27 21.46
C THR D 470 16.37 -15.05 21.35
N LEU D 471 16.83 -13.82 21.55
CA LEU D 471 18.26 -13.54 21.49
C LEU D 471 19.01 -14.28 22.58
N ILE D 472 18.46 -14.31 23.79
CA ILE D 472 19.10 -15.02 24.90
C ILE D 472 19.18 -16.51 24.60
N THR D 473 18.10 -17.09 24.07
CA THR D 473 18.12 -18.51 23.71
C THR D 473 19.15 -18.78 22.63
N ALA D 474 19.26 -17.90 21.63
CA ALA D 474 20.24 -18.09 20.57
C ALA D 474 21.66 -18.02 21.11
N LEU D 475 21.94 -17.07 22.02
CA LEU D 475 23.27 -16.95 22.58
C LEU D 475 23.62 -18.15 23.46
N GLY D 476 22.65 -18.62 24.24
CA GLY D 476 22.86 -19.79 25.08
C GLY D 476 23.85 -19.61 26.21
N CYS D 477 23.81 -18.47 26.89
CA CYS D 477 24.71 -18.22 28.02
C CYS D 477 23.99 -18.10 29.35
N GLY D 478 22.67 -17.97 29.35
CA GLY D 478 21.92 -17.71 30.56
C GLY D 478 21.77 -16.22 30.83
N ILE D 479 20.91 -15.92 31.80
CA ILE D 479 20.59 -14.53 32.16
C ILE D 479 20.40 -14.46 33.67
N GLY D 480 20.43 -13.24 34.20
CA GLY D 480 20.19 -13.00 35.60
C GLY D 480 21.41 -13.02 36.49
N ARG D 481 22.59 -13.30 35.94
CA ARG D 481 23.86 -13.32 36.65
C ARG D 481 23.91 -14.38 37.75
N ASP D 482 22.92 -15.28 37.81
CA ASP D 482 22.95 -16.41 38.74
C ASP D 482 23.32 -17.71 38.05
N GLU D 483 22.63 -18.07 36.98
CA GLU D 483 23.05 -19.16 36.10
C GLU D 483 23.77 -18.66 34.86
N TYR D 484 24.01 -17.36 34.76
CA TYR D 484 24.68 -16.76 33.61
C TYR D 484 26.15 -17.16 33.63
N ASN D 485 26.52 -18.10 32.76
CA ASN D 485 27.90 -18.55 32.64
C ASN D 485 28.50 -18.04 31.34
N PRO D 486 29.48 -17.14 31.39
CA PRO D 486 30.08 -16.62 30.14
C PRO D 486 30.92 -17.64 29.38
N ASP D 487 31.08 -18.84 29.91
CA ASP D 487 31.85 -19.89 29.23
C ASP D 487 30.99 -20.78 28.36
N LYS D 488 29.69 -20.53 28.30
CA LYS D 488 28.77 -21.34 27.50
C LYS D 488 28.47 -20.69 26.15
N LEU D 489 29.17 -19.61 25.81
CA LEU D 489 28.91 -18.90 24.56
C LEU D 489 29.11 -19.82 23.37
N ARG D 490 28.15 -19.81 22.44
CA ARG D 490 28.17 -20.74 21.31
C ARG D 490 28.82 -20.15 20.06
N TYR D 491 28.97 -18.84 20.00
CA TYR D 491 29.67 -18.19 18.89
C TYR D 491 30.68 -17.21 19.46
N HIS D 492 31.94 -17.34 19.02
CA HIS D 492 32.99 -16.47 19.50
C HIS D 492 33.13 -15.20 18.66
N SER D 493 32.18 -14.93 17.78
CA SER D 493 32.19 -13.70 17.00
C SER D 493 30.74 -13.28 16.77
N ILE D 494 30.36 -12.14 17.35
CA ILE D 494 29.01 -11.60 17.22
C ILE D 494 29.12 -10.30 16.45
N ILE D 495 28.40 -10.21 15.33
CA ILE D 495 28.49 -9.10 14.41
C ILE D 495 27.13 -8.41 14.32
N ILE D 496 27.12 -7.10 14.48
CA ILE D 496 25.91 -6.29 14.35
C ILE D 496 25.91 -5.68 12.96
N MET D 497 24.87 -5.96 12.19
CA MET D 497 24.75 -5.47 10.81
C MET D 497 23.34 -4.93 10.60
N THR D 498 23.18 -3.62 10.70
CA THR D 498 21.92 -2.94 10.49
C THR D 498 21.99 -2.12 9.20
N ASP D 499 20.91 -1.37 8.93
CA ASP D 499 20.86 -0.54 7.75
C ASP D 499 21.80 0.66 7.91
N ALA D 500 22.00 1.38 6.81
CA ALA D 500 22.98 2.46 6.76
C ALA D 500 22.38 3.83 7.08
N ASP D 501 21.11 3.90 7.44
CA ASP D 501 20.47 5.16 7.79
C ASP D 501 20.54 5.38 9.31
N VAL D 502 19.84 6.40 9.78
CA VAL D 502 19.94 6.80 11.20
C VAL D 502 19.25 5.78 12.11
N ASP D 503 18.14 5.19 11.66
CA ASP D 503 17.46 4.19 12.48
C ASP D 503 18.35 3.00 12.78
N GLY D 504 19.22 2.65 11.82
CA GLY D 504 20.22 1.63 12.10
C GLY D 504 21.15 2.03 13.24
N SER D 505 21.53 3.31 13.28
CA SER D 505 22.35 3.80 14.39
C SER D 505 21.60 3.71 15.71
N HIS D 506 20.31 4.05 15.71
CA HIS D 506 19.51 3.95 16.93
C HIS D 506 19.44 2.52 17.42
N ILE D 507 19.20 1.57 16.51
CA ILE D 507 19.13 0.17 16.89
C ILE D 507 20.49 -0.32 17.38
N ARG D 508 21.57 0.15 16.77
CA ARG D 508 22.91 -0.21 17.22
C ARG D 508 23.15 0.28 18.64
N THR D 509 22.73 1.52 18.94
CA THR D 509 22.87 2.02 20.30
C THR D 509 22.07 1.18 21.30
N LEU D 510 20.85 0.81 20.92
CA LEU D 510 20.04 -0.03 21.82
C LEU D 510 20.72 -1.38 22.08
N LEU D 511 21.24 -2.02 21.03
CA LEU D 511 21.90 -3.31 21.21
C LEU D 511 23.16 -3.17 22.04
N LEU D 512 23.93 -2.10 21.83
CA LEU D 512 25.12 -1.87 22.65
C LEU D 512 24.75 -1.67 24.10
N THR D 513 23.67 -0.92 24.37
CA THR D 513 23.22 -0.72 25.74
C THR D 513 22.86 -2.05 26.39
N PHE D 514 22.12 -2.89 25.67
CA PHE D 514 21.75 -4.20 26.20
C PHE D 514 22.99 -5.03 26.51
N PHE D 515 23.93 -5.12 25.55
CA PHE D 515 25.10 -5.96 25.75
C PHE D 515 25.97 -5.46 26.91
N TYR D 516 26.11 -4.14 27.05
CA TYR D 516 26.95 -3.61 28.12
C TYR D 516 26.29 -3.77 29.47
N ARG D 517 24.98 -3.54 29.56
CA ARG D 517 24.32 -3.60 30.86
C ARG D 517 24.08 -5.03 31.33
N GLN D 518 23.89 -5.98 30.42
CA GLN D 518 23.50 -7.33 30.83
C GLN D 518 24.65 -8.34 30.77
N MET D 519 25.54 -8.23 29.80
CA MET D 519 26.62 -9.21 29.60
C MET D 519 27.95 -8.48 29.45
N PRO D 520 28.48 -7.92 30.54
CA PRO D 520 29.75 -7.20 30.43
C PRO D 520 30.93 -8.07 30.02
N GLU D 521 30.94 -9.34 30.40
CA GLU D 521 32.10 -10.20 30.14
C GLU D 521 32.31 -10.42 28.65
N ILE D 522 31.21 -10.50 27.89
CA ILE D 522 31.33 -10.69 26.44
C ILE D 522 32.03 -9.51 25.80
N VAL D 523 31.67 -8.29 26.23
CA VAL D 523 32.33 -7.09 25.71
C VAL D 523 33.77 -7.03 26.17
N GLU D 524 34.03 -7.42 27.42
CA GLU D 524 35.39 -7.37 27.95
C GLU D 524 36.33 -8.31 27.21
N ARG D 525 35.84 -9.51 26.88
CA ARG D 525 36.69 -10.48 26.18
C ARG D 525 36.90 -10.13 24.72
N GLY D 526 36.00 -9.35 24.12
CA GLY D 526 36.17 -8.92 22.75
C GLY D 526 35.50 -9.82 21.72
N HIS D 527 34.21 -10.10 21.93
CA HIS D 527 33.44 -10.95 21.04
C HIS D 527 32.37 -10.18 20.26
N VAL D 528 32.48 -8.85 20.20
CA VAL D 528 31.48 -8.01 19.56
C VAL D 528 32.14 -7.24 18.43
N TYR D 529 31.51 -7.26 17.25
CA TYR D 529 32.00 -6.58 16.07
C TYR D 529 30.88 -5.76 15.43
N ILE D 530 31.28 -4.82 14.57
CA ILE D 530 30.33 -3.94 13.87
C ILE D 530 30.66 -3.99 12.39
N ALA D 531 29.63 -4.19 11.56
CA ALA D 531 29.78 -4.22 10.12
C ALA D 531 29.49 -2.85 9.52
N GLN D 532 29.99 -2.64 8.29
CA GLN D 532 29.90 -1.35 7.61
C GLN D 532 29.40 -1.55 6.18
N PRO D 533 28.09 -1.71 5.99
CA PRO D 533 27.55 -1.79 4.63
C PRO D 533 27.52 -0.42 3.99
N PRO D 534 27.55 -0.34 2.66
CA PRO D 534 27.54 0.95 1.97
C PRO D 534 26.12 1.52 1.87
N LEU D 535 26.06 2.79 1.49
CA LEU D 535 24.79 3.50 1.33
C LEU D 535 24.48 3.91 -0.09
N TYR D 536 25.49 4.21 -0.90
CA TYR D 536 25.29 4.70 -2.26
C TYR D 536 26.08 3.84 -3.25
N LYS D 537 25.61 3.86 -4.49
CA LYS D 537 26.33 3.26 -5.61
C LYS D 537 26.27 4.21 -6.79
N VAL D 538 27.42 4.54 -7.36
CA VAL D 538 27.54 5.50 -8.45
C VAL D 538 28.12 4.81 -9.66
N LYS D 539 27.51 5.05 -10.82
CA LYS D 539 27.94 4.45 -12.08
C LYS D 539 28.02 5.51 -13.15
N LYS D 540 29.12 5.53 -13.90
CA LYS D 540 29.31 6.45 -15.01
C LYS D 540 30.04 5.73 -16.12
N GLY D 541 29.41 5.60 -17.27
CA GLY D 541 29.97 4.80 -18.34
C GLY D 541 30.03 3.36 -17.91
N LYS D 542 31.21 2.76 -17.99
CA LYS D 542 31.44 1.41 -17.49
C LYS D 542 32.12 1.39 -16.13
N GLN D 543 32.23 2.54 -15.48
CA GLN D 543 32.85 2.65 -14.16
C GLN D 543 31.80 2.49 -13.07
N GLU D 544 32.17 1.75 -12.03
CA GLU D 544 31.31 1.55 -10.87
C GLU D 544 32.12 1.74 -9.59
N GLN D 545 31.44 2.12 -8.53
CA GLN D 545 32.09 2.36 -7.25
C GLN D 545 31.03 2.41 -6.16
N TYR D 546 31.46 2.14 -4.93
CA TYR D 546 30.57 2.13 -3.77
C TYR D 546 30.96 3.26 -2.82
N ILE D 547 29.94 3.97 -2.32
CA ILE D 547 30.13 5.14 -1.47
C ILE D 547 29.50 4.85 -0.12
N LYS D 548 30.24 5.16 0.95
CA LYS D 548 29.76 4.85 2.29
C LYS D 548 28.81 5.92 2.83
N ASP D 549 29.23 7.19 2.78
CA ASP D 549 28.44 8.26 3.36
C ASP D 549 28.66 9.53 2.55
N ASP D 550 28.25 10.67 3.13
CA ASP D 550 28.22 11.93 2.38
C ASP D 550 29.62 12.46 2.10
N GLU D 551 30.54 12.30 3.05
CA GLU D 551 31.89 12.81 2.86
C GLU D 551 32.56 12.13 1.67
N ALA D 552 32.41 10.82 1.55
CA ALA D 552 32.92 10.12 0.38
C ALA D 552 32.23 10.58 -0.90
N MET D 553 30.95 10.94 -0.80
CA MET D 553 30.24 11.47 -1.97
C MET D 553 30.85 12.78 -2.44
N ASP D 554 31.13 13.69 -1.50
CA ASP D 554 31.77 14.95 -1.85
C ASP D 554 33.16 14.72 -2.44
N GLN D 555 33.93 13.81 -1.84
CA GLN D 555 35.25 13.50 -2.35
C GLN D 555 35.17 12.95 -3.77
N TYR D 556 34.21 12.07 -4.03
CA TYR D 556 34.04 11.51 -5.36
C TYR D 556 33.66 12.58 -6.37
N GLN D 557 32.75 13.49 -5.98
CA GLN D 557 32.37 14.58 -6.88
C GLN D 557 33.56 15.44 -7.23
N ILE D 558 34.36 15.81 -6.23
CA ILE D 558 35.55 16.62 -6.48
C ILE D 558 36.55 15.88 -7.36
N SER D 559 36.73 14.59 -7.11
CA SER D 559 37.70 13.81 -7.88
C SER D 559 37.29 13.70 -9.33
N ILE D 560 36.01 13.43 -9.60
CA ILE D 560 35.57 13.30 -10.99
C ILE D 560 35.40 14.65 -11.67
N ALA D 561 35.32 15.73 -10.90
CA ALA D 561 35.23 17.06 -11.51
C ALA D 561 36.55 17.46 -12.15
N LEU D 562 37.66 17.13 -11.51
CA LEU D 562 38.98 17.60 -11.93
C LEU D 562 39.70 16.65 -12.88
N ASP D 563 39.10 15.51 -13.22
CA ASP D 563 39.77 14.55 -14.08
C ASP D 563 39.86 15.10 -15.51
N GLY D 564 41.08 15.16 -16.03
CA GLY D 564 41.29 15.63 -17.39
C GLY D 564 40.96 17.09 -17.61
N ALA D 565 41.30 17.96 -16.67
CA ALA D 565 41.02 19.38 -16.77
C ALA D 565 42.31 20.18 -16.63
N THR D 566 42.46 21.20 -17.47
CA THR D 566 43.64 22.06 -17.46
C THR D 566 43.21 23.52 -17.48
N LEU D 567 43.95 24.36 -16.75
CA LEU D 567 43.65 25.78 -16.63
C LEU D 567 44.84 26.59 -17.10
N HIS D 568 44.58 27.58 -17.95
CA HIS D 568 45.60 28.49 -18.46
C HIS D 568 45.31 29.90 -17.96
N THR D 569 46.30 30.53 -17.33
CA THR D 569 46.11 31.85 -16.75
C THR D 569 46.08 32.96 -17.80
N ASN D 570 46.54 32.69 -19.01
CA ASN D 570 46.45 33.66 -20.09
C ASN D 570 46.40 32.91 -21.41
N ALA D 571 46.50 33.65 -22.52
CA ALA D 571 46.32 33.05 -23.83
C ALA D 571 47.42 32.03 -24.14
N SER D 572 48.67 32.35 -23.78
CA SER D 572 49.82 31.49 -24.07
C SER D 572 50.58 31.25 -22.77
N ALA D 573 50.20 30.20 -22.04
CA ALA D 573 50.87 29.82 -20.81
C ALA D 573 50.61 28.36 -20.55
N PRO D 574 51.61 27.60 -20.09
CA PRO D 574 51.38 26.18 -19.81
C PRO D 574 50.39 25.99 -18.67
N ALA D 575 49.67 24.88 -18.71
CA ALA D 575 48.63 24.61 -17.73
C ALA D 575 49.24 24.35 -16.36
N LEU D 576 48.47 24.68 -15.33
CA LEU D 576 48.91 24.48 -13.95
C LEU D 576 48.94 22.99 -13.61
N ALA D 577 49.72 22.65 -12.59
CA ALA D 577 49.81 21.27 -12.14
C ALA D 577 48.52 20.84 -11.46
N GLY D 578 48.24 19.54 -11.52
CA GLY D 578 47.02 19.02 -10.94
C GLY D 578 46.98 19.13 -9.42
N GLU D 579 48.11 18.85 -8.76
CA GLU D 579 48.14 18.88 -7.31
C GLU D 579 47.86 20.28 -6.77
N ALA D 580 48.45 21.30 -7.39
CA ALA D 580 48.21 22.67 -6.95
C ALA D 580 46.75 23.06 -7.11
N LEU D 581 46.15 22.69 -8.24
CA LEU D 581 44.73 22.98 -8.47
C LEU D 581 43.86 22.27 -7.43
N GLU D 582 44.17 21.02 -7.12
CA GLU D 582 43.40 20.28 -6.12
C GLU D 582 43.54 20.94 -4.75
N LYS D 583 44.75 21.37 -4.40
CA LYS D 583 44.95 22.05 -3.12
C LYS D 583 44.16 23.35 -3.04
N LEU D 584 44.17 24.12 -4.13
CA LEU D 584 43.39 25.35 -4.18
C LEU D 584 41.91 25.06 -4.01
N VAL D 585 41.40 24.03 -4.69
CA VAL D 585 39.99 23.69 -4.59
C VAL D 585 39.63 23.29 -3.17
N SER D 586 40.48 22.48 -2.53
CA SER D 586 40.22 22.07 -1.15
C SER D 586 40.20 23.26 -0.20
N GLU D 587 41.17 24.16 -0.34
CA GLU D 587 41.21 25.34 0.53
C GLU D 587 39.99 26.23 0.30
N TYR D 588 39.60 26.41 -0.96
CA TYR D 588 38.43 27.23 -1.26
C TYR D 588 37.17 26.62 -0.68
N ASN D 589 37.01 25.30 -0.78
CA ASN D 589 35.84 24.66 -0.21
C ASN D 589 35.81 24.80 1.31
N ALA D 590 36.96 24.63 1.96
CA ALA D 590 37.01 24.81 3.41
C ALA D 590 36.64 26.24 3.80
N THR D 591 37.16 27.23 3.08
CA THR D 591 36.82 28.62 3.37
C THR D 591 35.35 28.89 3.15
N GLN D 592 34.77 28.33 2.08
CA GLN D 592 33.35 28.54 1.81
C GLN D 592 32.50 27.92 2.92
N LYS D 593 32.86 26.73 3.39
CA LYS D 593 32.12 26.12 4.49
C LYS D 593 32.23 26.97 5.76
N MET D 594 33.43 27.47 6.05
CA MET D 594 33.59 28.32 7.23
C MET D 594 32.75 29.58 7.13
N ILE D 595 32.71 30.18 5.94
CA ILE D 595 31.87 31.38 5.73
C ILE D 595 30.40 31.03 5.92
N ASN D 596 29.96 29.89 5.38
CA ASN D 596 28.56 29.50 5.50
C ASN D 596 28.18 29.25 6.96
N ARG D 597 29.12 28.77 7.78
CA ARG D 597 28.81 28.50 9.17
C ARG D 597 28.60 29.77 10.01
N MET D 598 28.96 30.94 9.49
CA MET D 598 28.87 32.19 10.24
C MET D 598 27.98 33.21 9.55
N GLU D 599 26.99 32.75 8.80
CA GLU D 599 26.09 33.66 8.08
C GLU D 599 25.12 34.39 9.01
N ARG D 600 24.96 33.92 10.25
CA ARG D 600 23.97 34.51 11.15
C ARG D 600 24.39 35.89 11.66
N ARG D 601 25.67 36.24 11.55
CA ARG D 601 26.16 37.50 12.11
C ARG D 601 26.51 38.54 11.07
N TYR D 602 26.88 38.14 9.85
CA TYR D 602 27.24 39.08 8.80
C TYR D 602 26.60 38.65 7.49
N PRO D 603 26.32 39.59 6.60
CA PRO D 603 25.86 39.22 5.26
C PRO D 603 26.91 38.38 4.53
N LYS D 604 26.44 37.40 3.77
CA LYS D 604 27.36 36.50 3.07
C LYS D 604 28.03 37.18 1.89
N ALA D 605 27.31 38.09 1.21
CA ALA D 605 27.90 38.79 0.07
C ALA D 605 29.09 39.64 0.50
N MET D 606 28.98 40.32 1.65
CA MET D 606 30.09 41.12 2.16
C MET D 606 31.29 40.24 2.49
N LEU D 607 31.05 39.10 3.12
CA LEU D 607 32.16 38.19 3.47
C LEU D 607 32.83 37.65 2.22
N LYS D 608 32.05 37.30 1.20
CA LYS D 608 32.63 36.76 -0.03
C LYS D 608 33.45 37.80 -0.79
N GLU D 609 33.26 39.09 -0.51
CA GLU D 609 33.98 40.14 -1.21
C GLU D 609 35.32 40.49 -0.57
N LEU D 610 35.48 40.21 0.72
CA LEU D 610 36.74 40.52 1.41
C LEU D 610 37.91 39.69 0.90
N ILE D 611 37.65 38.61 0.16
CA ILE D 611 38.74 37.78 -0.35
C ILE D 611 39.55 38.54 -1.38
N TYR D 612 38.88 39.32 -2.24
CA TYR D 612 39.53 40.01 -3.35
C TYR D 612 39.90 41.45 -3.01
N GLN D 613 39.77 41.85 -1.75
CA GLN D 613 40.15 43.20 -1.35
C GLN D 613 41.47 43.18 -0.58
N PRO D 614 42.25 44.26 -0.65
CA PRO D 614 43.53 44.29 0.07
C PRO D 614 43.33 44.15 1.57
N THR D 615 44.30 43.47 2.21
CA THR D 615 44.22 43.22 3.63
C THR D 615 44.35 44.51 4.42
N LEU D 616 43.51 44.67 5.44
CA LEU D 616 43.55 45.82 6.34
C LEU D 616 44.32 45.42 7.59
N THR D 617 45.54 45.94 7.72
CA THR D 617 46.39 45.57 8.84
C THR D 617 45.94 46.28 10.12
N GLU D 618 46.40 45.73 11.26
CA GLU D 618 46.09 46.34 12.54
C GLU D 618 46.72 47.72 12.67
N ALA D 619 47.90 47.91 12.10
CA ALA D 619 48.55 49.22 12.16
C ALA D 619 47.73 50.28 11.46
N ASP D 620 47.08 49.92 10.36
CA ASP D 620 46.27 50.86 9.61
C ASP D 620 44.88 51.01 10.21
N LEU D 621 44.82 51.31 11.51
CA LEU D 621 43.55 51.56 12.19
C LEU D 621 43.54 52.83 13.03
N SER D 622 44.69 53.32 13.47
CA SER D 622 44.79 54.54 14.26
C SER D 622 45.31 55.72 13.44
N ASP D 623 45.41 55.57 12.12
CA ASP D 623 45.96 56.60 11.26
C ASP D 623 44.90 57.37 10.49
N GLU D 624 43.77 56.73 10.18
CA GLU D 624 42.70 57.32 9.38
C GLU D 624 43.18 57.67 7.98
N GLN D 625 42.26 58.12 7.12
CA GLN D 625 42.49 58.50 5.73
C GLN D 625 42.83 57.30 4.86
N THR D 626 42.98 56.11 5.43
CA THR D 626 43.09 54.87 4.66
C THR D 626 41.88 53.98 4.85
N VAL D 627 41.32 53.94 6.06
CA VAL D 627 40.08 53.21 6.30
C VAL D 627 38.96 53.77 5.43
N THR D 628 38.92 55.10 5.28
CA THR D 628 37.88 55.71 4.47
C THR D 628 37.94 55.23 3.02
N ARG D 629 39.14 55.25 2.43
CA ARG D 629 39.28 54.78 1.05
C ARG D 629 39.00 53.29 0.94
N TRP D 630 39.47 52.50 1.91
CA TRP D 630 39.23 51.06 1.88
C TRP D 630 37.74 50.75 1.88
N VAL D 631 37.00 51.33 2.82
CA VAL D 631 35.57 51.07 2.91
C VAL D 631 34.83 51.65 1.72
N ASN D 632 35.28 52.80 1.20
CA ASN D 632 34.63 53.36 0.02
C ASN D 632 34.78 52.43 -1.18
N ALA D 633 35.98 51.88 -1.38
CA ALA D 633 36.18 50.93 -2.46
C ALA D 633 35.34 49.69 -2.26
N LEU D 634 35.28 49.17 -1.03
CA LEU D 634 34.46 47.99 -0.76
C LEU D 634 33.00 48.24 -1.07
N VAL D 635 32.47 49.39 -0.64
CA VAL D 635 31.05 49.69 -0.86
C VAL D 635 30.77 49.92 -2.34
N SER D 636 31.69 50.57 -3.05
CA SER D 636 31.51 50.76 -4.48
C SER D 636 31.49 49.42 -5.21
N GLU D 637 32.40 48.51 -4.85
CA GLU D 637 32.40 47.19 -5.46
C GLU D 637 31.12 46.42 -5.16
N LEU D 638 30.64 46.52 -3.91
CA LEU D 638 29.39 45.85 -3.56
C LEU D 638 28.22 46.40 -4.35
N ASN D 639 28.14 47.73 -4.49
CA ASN D 639 27.04 48.32 -5.23
C ASN D 639 27.13 48.03 -6.72
N ASP D 640 28.35 47.82 -7.25
CA ASP D 640 28.49 47.58 -8.68
C ASP D 640 27.83 46.26 -9.10
N LYS D 641 27.98 45.22 -8.29
CA LYS D 641 27.55 43.88 -8.69
C LYS D 641 26.22 43.47 -8.09
N GLU D 642 25.50 44.39 -7.44
CA GLU D 642 24.24 44.04 -6.80
C GLU D 642 23.18 43.70 -7.85
N GLN D 643 22.41 42.64 -7.58
CA GLN D 643 21.34 42.22 -8.47
C GLN D 643 20.07 41.82 -7.72
N HIS D 644 19.94 42.19 -6.44
CA HIS D 644 18.77 41.84 -5.65
C HIS D 644 18.06 43.05 -5.08
N GLY D 645 18.48 44.25 -5.43
CA GLY D 645 17.79 45.45 -4.99
C GLY D 645 18.30 46.07 -3.70
N SER D 646 19.45 45.63 -3.21
CA SER D 646 20.00 46.17 -1.98
C SER D 646 20.80 47.44 -2.25
N GLN D 647 20.97 48.24 -1.19
CA GLN D 647 21.73 49.48 -1.25
C GLN D 647 22.75 49.50 -0.11
N TRP D 648 23.98 49.90 -0.44
CA TRP D 648 25.09 49.85 0.51
C TRP D 648 25.59 51.26 0.78
N LYS D 649 25.78 51.58 2.05
CA LYS D 649 26.36 52.86 2.47
C LYS D 649 27.37 52.58 3.58
N PHE D 650 28.30 53.52 3.76
CA PHE D 650 29.40 53.33 4.68
C PHE D 650 29.48 54.49 5.67
N ASP D 651 30.20 54.23 6.77
CA ASP D 651 30.43 55.23 7.80
C ASP D 651 31.73 54.88 8.52
N VAL D 652 32.33 55.88 9.15
CA VAL D 652 33.58 55.72 9.88
C VAL D 652 33.33 56.14 11.33
N HIS D 653 33.72 55.27 12.26
CA HIS D 653 33.53 55.51 13.69
C HIS D 653 34.84 55.93 14.32
N THR D 654 34.80 56.97 15.15
CA THR D 654 35.98 57.49 15.82
C THR D 654 35.95 57.07 17.29
N ASN D 655 37.04 56.47 17.74
CA ASN D 655 37.18 56.03 19.13
C ASN D 655 38.11 56.98 19.86
N ALA D 656 37.66 57.49 20.99
CA ALA D 656 38.43 58.45 21.78
C ALA D 656 39.35 57.79 22.80
N GLU D 657 39.29 56.47 22.94
CA GLU D 657 40.11 55.76 23.91
C GLU D 657 41.50 55.44 23.36
N GLN D 658 41.55 54.67 22.27
CA GLN D 658 42.81 54.31 21.63
C GLN D 658 43.06 55.08 20.34
N ASN D 659 42.24 56.09 20.04
CA ASN D 659 42.35 56.87 18.81
C ASN D 659 42.32 55.97 17.57
N LEU D 660 41.43 54.99 17.60
CA LEU D 660 41.25 54.08 16.48
C LEU D 660 40.17 54.59 15.55
N PHE D 661 39.94 53.86 14.46
CA PHE D 661 38.92 54.23 13.46
C PHE D 661 38.31 52.94 12.93
N GLU D 662 37.13 52.58 13.47
CA GLU D 662 36.45 51.34 13.13
C GLU D 662 35.51 51.56 11.95
N PRO D 663 35.63 50.76 10.88
CA PRO D 663 34.71 50.91 9.75
C PRO D 663 33.30 50.48 10.11
N ILE D 664 32.33 51.07 9.40
CA ILE D 664 30.92 50.77 9.57
C ILE D 664 30.29 50.59 8.19
N VAL D 665 29.53 49.51 8.02
CA VAL D 665 28.85 49.20 6.78
C VAL D 665 27.35 49.14 7.05
N ARG D 666 26.57 49.84 6.22
CA ARG D 666 25.12 49.89 6.35
C ARG D 666 24.47 49.40 5.06
N VAL D 667 23.41 48.60 5.19
CA VAL D 667 22.71 48.04 4.05
C VAL D 667 21.21 48.18 4.28
N ARG D 668 20.45 48.13 3.19
CA ARG D 668 19.00 48.19 3.22
C ARG D 668 18.46 47.09 2.32
N THR D 669 17.91 46.04 2.92
CA THR D 669 17.31 44.93 2.20
C THR D 669 15.84 44.81 2.60
N HIS D 670 14.97 44.66 1.60
CA HIS D 670 13.53 44.52 1.82
C HIS D 670 12.95 45.70 2.60
N GLY D 671 13.54 46.88 2.42
CA GLY D 671 13.06 48.06 3.12
C GLY D 671 13.40 48.11 4.59
N VAL D 672 14.43 47.37 5.02
CA VAL D 672 14.85 47.32 6.42
C VAL D 672 16.31 47.74 6.49
N ASP D 673 16.62 48.66 7.39
CA ASP D 673 17.98 49.18 7.56
C ASP D 673 18.70 48.41 8.66
N THR D 674 19.92 47.99 8.37
CA THR D 674 20.74 47.26 9.33
C THR D 674 22.16 47.77 9.26
N ASP D 675 22.87 47.68 10.39
CA ASP D 675 24.23 48.18 10.52
C ASP D 675 25.13 47.06 11.02
N TYR D 676 26.27 46.88 10.36
CA TYR D 676 27.24 45.85 10.72
C TYR D 676 28.60 46.49 10.94
N PRO D 677 29.03 46.70 12.18
CA PRO D 677 30.35 47.31 12.43
C PRO D 677 31.47 46.27 12.44
N LEU D 678 32.60 46.68 11.88
CA LEU D 678 33.82 45.86 11.89
C LEU D 678 34.75 46.43 12.94
N ASP D 679 34.81 45.79 14.10
CA ASP D 679 35.54 46.31 15.25
C ASP D 679 36.97 45.77 15.26
N HIS D 680 37.68 46.04 16.35
CA HIS D 680 39.07 45.61 16.48
C HIS D 680 39.16 44.09 16.63
N GLU D 681 38.19 43.47 17.31
CA GLU D 681 38.23 42.04 17.52
C GLU D 681 38.12 41.27 16.21
N PHE D 682 37.27 41.75 15.30
CA PHE D 682 37.09 41.07 14.03
C PHE D 682 38.37 41.06 13.20
N ILE D 683 39.11 42.18 13.23
CA ILE D 683 40.34 42.27 12.45
C ILE D 683 41.38 41.26 12.94
N THR D 684 41.52 41.13 14.25
CA THR D 684 42.51 40.24 14.84
C THR D 684 42.04 38.80 14.95
N GLY D 685 40.80 38.50 14.57
CA GLY D 685 40.30 37.15 14.66
C GLY D 685 40.89 36.23 13.63
N GLY D 686 40.71 34.92 13.86
CA GLY D 686 41.23 33.91 12.96
C GLY D 686 40.45 33.74 11.66
N GLU D 687 39.16 34.09 11.67
CA GLU D 687 38.36 33.96 10.46
C GLU D 687 38.87 34.92 9.37
N TYR D 688 39.08 36.19 9.74
CA TYR D 688 39.64 37.14 8.79
C TYR D 688 41.05 36.73 8.38
N ARG D 689 41.81 36.12 9.29
CA ARG D 689 43.14 35.62 8.94
C ARG D 689 43.06 34.55 7.87
N ARG D 690 42.13 33.60 8.01
CA ARG D 690 41.96 32.57 6.99
C ARG D 690 41.49 33.16 5.66
N ILE D 691 40.57 34.14 5.73
CA ILE D 691 40.10 34.78 4.50
C ILE D 691 41.26 35.47 3.78
N CYS D 692 42.09 36.19 4.52
CA CYS D 692 43.24 36.85 3.92
C CYS D 692 44.24 35.84 3.38
N THR D 693 44.42 34.72 4.10
CA THR D 693 45.34 33.69 3.62
C THR D 693 44.89 33.13 2.28
N LEU D 694 43.59 32.86 2.13
CA LEU D 694 43.08 32.41 0.85
C LEU D 694 43.21 33.51 -0.22
N GLY D 695 42.92 34.76 0.16
CA GLY D 695 42.99 35.84 -0.81
C GLY D 695 44.39 36.05 -1.35
N GLU D 696 45.40 35.92 -0.49
CA GLU D 696 46.79 36.12 -0.93
C GLU D 696 47.13 35.20 -2.09
N LYS D 697 46.64 33.96 -2.05
CA LYS D 697 46.85 33.05 -3.18
C LYS D 697 45.92 33.38 -4.34
N LEU D 698 44.67 33.77 -4.05
CA LEU D 698 43.69 33.98 -5.11
C LEU D 698 43.90 35.30 -5.86
N ARG D 699 44.33 36.36 -5.17
CA ARG D 699 44.36 37.68 -5.79
C ARG D 699 45.34 37.73 -6.96
N GLY D 700 44.88 38.32 -8.06
CA GLY D 700 45.75 38.56 -9.21
C GLY D 700 46.19 37.32 -9.96
N LEU D 701 45.47 36.21 -9.83
CA LEU D 701 45.89 34.97 -10.48
C LEU D 701 45.51 34.96 -11.95
N LEU D 702 44.22 35.04 -12.25
CA LEU D 702 43.75 34.92 -13.63
C LEU D 702 43.92 36.26 -14.36
N GLU D 703 44.52 36.21 -15.54
CA GLU D 703 44.65 37.39 -16.38
C GLU D 703 43.36 37.56 -17.19
N GLU D 704 43.38 38.47 -18.16
CA GLU D 704 42.16 38.77 -18.91
C GLU D 704 41.75 37.61 -19.80
N ASP D 705 42.68 37.09 -20.60
CA ASP D 705 42.37 36.06 -21.58
C ASP D 705 42.70 34.66 -21.03
N ALA D 706 42.00 34.28 -19.98
CA ALA D 706 42.15 32.96 -19.38
C ALA D 706 41.02 32.05 -19.85
N PHE D 707 41.35 30.78 -20.07
CA PHE D 707 40.38 29.80 -20.54
C PHE D 707 40.58 28.47 -19.83
N ILE D 708 39.50 27.72 -19.70
CA ILE D 708 39.49 26.41 -19.06
C ILE D 708 39.02 25.39 -20.09
N GLU D 709 39.47 24.14 -19.93
CA GLU D 709 39.05 23.07 -20.82
C GLU D 709 39.14 21.74 -20.09
N ARG D 710 38.23 20.84 -20.44
CA ARG D 710 38.17 19.50 -19.83
C ARG D 710 37.91 18.50 -20.95
N GLY D 711 38.96 17.83 -21.40
CA GLY D 711 38.84 16.91 -22.51
C GLY D 711 38.93 17.61 -23.85
N GLU D 712 37.78 17.81 -24.49
CA GLU D 712 37.72 18.54 -25.75
C GLU D 712 36.99 19.87 -25.65
N ARG D 713 36.02 19.98 -24.73
CA ARG D 713 35.28 21.22 -24.58
C ARG D 713 36.20 22.35 -24.12
N ARG D 714 35.98 23.54 -24.68
CA ARG D 714 36.73 24.74 -24.32
C ARG D 714 35.77 25.83 -23.90
N GLN D 715 36.15 26.57 -22.86
CA GLN D 715 35.28 27.61 -22.32
C GLN D 715 36.10 28.74 -21.70
N PRO D 716 36.06 29.95 -22.27
CA PRO D 716 36.71 31.08 -21.62
C PRO D 716 36.03 31.42 -20.32
N VAL D 717 36.82 31.84 -19.34
CA VAL D 717 36.32 32.17 -18.00
C VAL D 717 36.90 33.50 -17.55
N ALA D 718 36.22 34.12 -16.58
CA ALA D 718 36.66 35.37 -16.00
C ALA D 718 36.89 35.30 -14.51
N SER D 719 36.51 34.20 -13.85
CA SER D 719 36.69 34.06 -12.41
C SER D 719 36.86 32.60 -12.06
N PHE D 720 37.48 32.36 -10.90
CA PHE D 720 37.71 31.00 -10.43
C PHE D 720 36.40 30.28 -10.15
N GLU D 721 35.44 30.98 -9.54
CA GLU D 721 34.16 30.38 -9.20
C GLU D 721 33.41 29.93 -10.45
N GLN D 722 33.45 30.75 -11.51
CA GLN D 722 32.76 30.39 -12.75
C GLN D 722 33.36 29.12 -13.34
N ALA D 723 34.69 29.03 -13.37
CA ALA D 723 35.33 27.83 -13.91
C ALA D 723 35.00 26.60 -13.07
N LEU D 724 35.02 26.74 -11.74
CA LEU D 724 34.70 25.62 -10.88
C LEU D 724 33.26 25.14 -11.10
N ASP D 725 32.32 26.09 -11.20
CA ASP D 725 30.93 25.72 -11.44
C ASP D 725 30.76 25.06 -12.80
N TRP D 726 31.46 25.56 -13.82
CA TRP D 726 31.39 24.95 -15.14
C TRP D 726 31.91 23.52 -15.11
N LEU D 727 33.03 23.29 -14.42
CA LEU D 727 33.57 21.94 -14.31
C LEU D 727 32.60 21.02 -13.58
N VAL D 728 32.01 21.50 -12.48
CA VAL D 728 31.07 20.68 -11.72
C VAL D 728 29.86 20.32 -12.58
N LYS D 729 29.33 21.29 -13.33
CA LYS D 729 28.20 21.02 -14.20
C LYS D 729 28.57 20.03 -15.30
N GLU D 730 29.76 20.17 -15.88
CA GLU D 730 30.18 19.27 -16.94
C GLU D 730 30.34 17.84 -16.44
N SER D 731 30.89 17.68 -15.23
CA SER D 731 31.19 16.34 -14.72
C SER D 731 29.96 15.51 -14.41
N ARG D 732 28.77 16.11 -14.35
CA ARG D 732 27.58 15.40 -13.93
C ARG D 732 26.76 14.80 -15.07
N ARG D 733 27.23 14.90 -16.31
CA ARG D 733 26.51 14.31 -17.42
C ARG D 733 26.72 12.80 -17.46
N GLY D 734 25.62 12.06 -17.58
CA GLY D 734 25.70 10.61 -17.62
C GLY D 734 25.89 9.93 -16.28
N LEU D 735 25.74 10.66 -15.17
CA LEU D 735 25.95 10.10 -13.85
C LEU D 735 24.66 9.50 -13.31
N SER D 736 24.79 8.35 -12.67
CA SER D 736 23.65 7.66 -12.06
C SER D 736 23.96 7.39 -10.60
N ILE D 737 22.98 7.62 -9.73
CA ILE D 737 23.11 7.46 -8.29
C ILE D 737 22.00 6.55 -7.80
N GLN D 738 22.35 5.58 -6.95
CA GLN D 738 21.39 4.63 -6.41
C GLN D 738 21.55 4.58 -4.89
N ARG D 739 20.43 4.69 -4.18
CA ARG D 739 20.41 4.71 -2.72
C ARG D 739 19.70 3.48 -2.19
N TYR D 740 20.28 2.87 -1.16
CA TYR D 740 19.74 1.65 -0.57
C TYR D 740 19.00 2.01 0.71
N LYS D 741 17.67 1.84 0.69
CA LYS D 741 16.87 2.08 1.89
C LYS D 741 17.20 1.04 2.97
N GLY D 742 17.37 -0.22 2.57
CA GLY D 742 17.71 -1.28 3.49
C GLY D 742 18.46 -2.38 2.77
N LEU D 743 18.83 -3.41 3.53
CA LEU D 743 19.55 -4.54 2.94
C LEU D 743 18.68 -5.34 1.99
N GLY D 744 17.37 -5.21 2.06
CA GLY D 744 16.49 -5.89 1.14
C GLY D 744 16.44 -5.32 -0.26
N GLU D 745 17.08 -4.16 -0.46
CA GLU D 745 17.17 -3.54 -1.77
C GLU D 745 18.41 -3.97 -2.55
N MET D 746 19.32 -4.71 -1.91
CA MET D 746 20.56 -5.15 -2.54
C MET D 746 20.43 -6.60 -2.98
N ASN D 747 21.14 -6.93 -4.06
CA ASN D 747 21.22 -8.31 -4.50
C ASN D 747 22.17 -9.10 -3.59
N PRO D 748 21.93 -10.40 -3.42
CA PRO D 748 22.77 -11.19 -2.50
C PRO D 748 24.25 -11.17 -2.84
N GLU D 749 24.59 -11.21 -4.13
CA GLU D 749 26.00 -11.21 -4.52
C GLU D 749 26.68 -9.91 -4.12
N GLN D 750 25.99 -8.78 -4.31
CA GLN D 750 26.55 -7.49 -3.91
C GLN D 750 26.79 -7.45 -2.41
N LEU D 751 25.80 -7.90 -1.63
CA LEU D 751 25.95 -7.89 -0.18
C LEU D 751 27.11 -8.77 0.26
N TRP D 752 27.23 -9.96 -0.33
CA TRP D 752 28.36 -10.83 -0.04
C TRP D 752 29.68 -10.12 -0.32
N GLU D 753 29.89 -9.73 -1.58
CA GLU D 753 31.18 -9.17 -1.98
C GLU D 753 31.49 -7.84 -1.29
N THR D 754 30.50 -7.16 -0.73
CA THR D 754 30.75 -5.89 -0.07
C THR D 754 30.91 -5.99 1.44
N THR D 755 30.26 -6.96 2.09
CA THR D 755 30.27 -6.96 3.55
C THR D 755 30.67 -8.32 4.14
N MET D 756 30.31 -9.42 3.47
CA MET D 756 30.39 -10.73 4.09
C MET D 756 31.62 -11.54 3.67
N ASP D 757 32.32 -11.13 2.62
CA ASP D 757 33.51 -11.87 2.19
C ASP D 757 34.66 -11.57 3.14
N PRO D 758 35.24 -12.58 3.79
CA PRO D 758 36.35 -12.31 4.73
C PRO D 758 37.57 -11.68 4.09
N GLU D 759 37.71 -11.79 2.76
CA GLU D 759 38.89 -11.26 2.08
C GLU D 759 38.77 -9.77 1.77
N SER D 760 37.56 -9.24 1.63
CA SER D 760 37.34 -7.86 1.20
C SER D 760 36.31 -7.17 2.08
N ARG D 761 36.48 -7.28 3.39
CA ARG D 761 35.56 -6.64 4.33
C ARG D 761 36.34 -5.85 5.37
N ARG D 762 35.69 -4.83 5.92
CA ARG D 762 36.25 -3.99 6.97
C ARG D 762 35.29 -3.99 8.15
N MET D 763 35.80 -4.27 9.35
CA MET D 763 34.99 -4.32 10.55
C MET D 763 35.71 -3.62 11.69
N LEU D 764 34.98 -3.46 12.80
CA LEU D 764 35.50 -2.80 13.99
C LEU D 764 35.31 -3.72 15.19
N ARG D 765 36.23 -3.61 16.15
CA ARG D 765 36.17 -4.36 17.40
C ARG D 765 35.93 -3.39 18.55
N VAL D 766 34.99 -3.76 19.42
CA VAL D 766 34.57 -2.87 20.51
C VAL D 766 35.41 -3.15 21.74
N THR D 767 35.95 -2.09 22.34
CA THR D 767 36.73 -2.17 23.57
C THR D 767 36.27 -1.08 24.53
N VAL D 768 36.68 -1.22 25.78
CA VAL D 768 36.33 -0.27 26.84
C VAL D 768 37.62 0.37 27.36
N LYS D 769 37.66 1.70 27.34
CA LYS D 769 38.82 2.43 27.84
C LYS D 769 38.71 2.71 29.34
N ASP D 770 37.64 3.39 29.75
CA ASP D 770 37.42 3.73 31.15
C ASP D 770 36.00 3.33 31.54
N ALA D 771 35.89 2.62 32.68
CA ALA D 771 34.59 2.12 33.10
C ALA D 771 33.71 3.24 33.66
N ILE D 772 34.30 4.15 34.43
CA ILE D 772 33.52 5.21 35.07
C ILE D 772 32.90 6.13 34.03
N ALA D 773 33.71 6.56 33.06
CA ALA D 773 33.20 7.44 32.01
C ALA D 773 32.12 6.75 31.19
N ALA D 774 32.31 5.47 30.86
CA ALA D 774 31.32 4.74 30.10
C ALA D 774 30.01 4.63 30.87
N ASP D 775 30.08 4.32 32.17
CA ASP D 775 28.88 4.21 32.97
C ASP D 775 28.15 5.55 33.06
N GLN D 776 28.90 6.63 33.28
CA GLN D 776 28.27 7.95 33.35
C GLN D 776 27.61 8.32 32.03
N LEU D 777 28.28 8.05 30.90
CA LEU D 777 27.72 8.38 29.60
C LEU D 777 26.46 7.56 29.33
N PHE D 778 26.48 6.27 29.64
CA PHE D 778 25.29 5.45 29.45
C PHE D 778 24.13 5.95 30.30
N THR D 779 24.40 6.27 31.56
CA THR D 779 23.34 6.78 32.44
C THR D 779 22.79 8.10 31.91
N THR D 780 23.66 8.99 31.43
CA THR D 780 23.21 10.29 30.94
C THR D 780 22.38 10.15 29.68
N LEU D 781 22.83 9.31 28.73
CA LEU D 781 22.17 9.28 27.43
C LEU D 781 20.93 8.41 27.43
N MET D 782 20.99 7.22 28.04
CA MET D 782 19.89 6.26 27.97
C MET D 782 19.01 6.28 29.21
N GLY D 783 19.24 7.20 30.14
CA GLY D 783 18.50 7.23 31.38
C GLY D 783 17.12 7.84 31.24
N ASP D 784 16.43 7.93 32.37
CA ASP D 784 15.07 8.42 32.41
C ASP D 784 14.99 9.95 32.50
N ALA D 785 15.92 10.58 33.21
CA ALA D 785 15.90 12.03 33.34
C ALA D 785 16.14 12.69 31.98
N VAL D 786 15.44 13.79 31.76
CA VAL D 786 15.46 14.48 30.46
C VAL D 786 16.40 15.67 30.47
N GLU D 787 16.46 16.41 31.58
CA GLU D 787 17.25 17.64 31.62
C GLU D 787 18.73 17.42 31.34
N PRO D 788 19.42 16.44 31.96
CA PRO D 788 20.83 16.23 31.58
C PRO D 788 21.00 15.87 30.11
N ARG D 789 20.10 15.07 29.55
CA ARG D 789 20.19 14.72 28.14
C ARG D 789 20.03 15.95 27.24
N ARG D 790 19.05 16.80 27.57
CA ARG D 790 18.85 18.02 26.78
C ARG D 790 20.06 18.94 26.88
N ALA D 791 20.63 19.08 28.08
CA ALA D 791 21.80 19.92 28.25
C ALA D 791 22.98 19.37 27.45
N PHE D 792 23.19 18.05 27.48
CA PHE D 792 24.26 17.44 26.72
C PHE D 792 24.08 17.67 25.22
N ILE D 793 22.85 17.49 24.73
CA ILE D 793 22.58 17.70 23.31
C ILE D 793 22.83 19.15 22.92
N GLU D 794 22.35 20.09 23.74
CA GLU D 794 22.54 21.50 23.44
C GLU D 794 24.01 21.88 23.44
N GLU D 795 24.78 21.35 24.39
CA GLU D 795 26.20 21.70 24.47
C GLU D 795 26.97 21.11 23.31
N ASN D 796 26.78 19.83 23.00
CA ASN D 796 27.60 19.17 21.99
C ASN D 796 27.18 19.56 20.58
N ALA D 797 25.88 19.71 20.32
CA ALA D 797 25.38 19.90 18.97
C ALA D 797 25.18 21.38 18.63
N LEU D 798 24.36 22.09 19.41
CA LEU D 798 24.12 23.50 19.12
C LEU D 798 25.39 24.32 19.22
N LYS D 799 26.20 24.07 20.24
CA LYS D 799 27.47 24.75 20.42
C LYS D 799 28.60 23.86 19.91
N ALA D 800 29.83 24.34 20.10
CA ALA D 800 31.04 23.62 19.71
C ALA D 800 31.12 23.41 18.20
N ALA D 801 30.17 23.97 17.45
CA ALA D 801 30.19 23.90 16.00
C ALA D 801 30.83 25.13 15.36
N ASN D 802 30.84 26.26 16.07
CA ASN D 802 31.49 27.48 15.58
C ASN D 802 32.96 27.44 16.01
N ILE D 803 33.72 26.62 15.29
CA ILE D 803 35.15 26.44 15.59
C ILE D 803 35.89 27.67 15.07
N ASP D 804 36.39 28.50 15.99
CA ASP D 804 37.09 29.72 15.66
C ASP D 804 38.60 29.54 15.67
N ILE D 805 39.09 28.34 15.35
CA ILE D 805 40.52 28.07 15.31
C ILE D 805 41.12 28.44 13.96
N GLU D 806 40.52 27.92 12.88
CA GLU D 806 41.00 28.15 11.51
C GLU D 806 42.48 27.76 11.37
N ASN D 807 42.85 26.66 12.00
CA ASN D 807 44.22 26.17 11.94
C ASN D 807 44.29 24.67 12.23
MG MG G . 15.12 1.26 6.87
MG MG H . -15.88 -5.29 -1.96
#